data_5US6
#
_entry.id   5US6
#
_cell.length_a   111.906
_cell.length_b   115.845
_cell.length_c   148.127
_cell.angle_alpha   90.00
_cell.angle_beta   96.10
_cell.angle_gamma   90.00
#
_symmetry.space_group_name_H-M   'P 1 21 1'
#
loop_
_entity.id
_entity.type
_entity.pdbx_description
1 polymer '4-hydroxy-tetrahydrodipicolinate reductase'
2 non-polymer NICOTINAMIDE-ADENINE-DINUCLEOTIDE
3 non-polymer 'PYRIDINE-2,6-DICARBOXYLIC ACID'
4 non-polymer 'SULFATE ION'
5 water water
#
_entity_poly.entity_id   1
_entity_poly.type   'polypeptide(L)'
_entity_poly.pdbx_seq_one_letter_code
;MHHHHHHSSGVDLGTENLYFQSGSGMVRIAVAGAAGRMGRNLVKAAHHNPVAKVAAGSERPESSLVGVDLGELCGEGKFD
VVVCDDLAKQIDQFDVIIDFTAPASTLNNLALCQQYGKSIVIGTTGFTEEQREQIDLVAQQVPVVMAPNYSVGVNLVFKL
LEKAAKVMGDYCDIEIVEAHHRHKVDAPSGTAIGMGEAIAGAMGNKLSDVAVYAREGITGERTKDEIGFATIRAGDIVGE
HTAMFADIGERVEITHKATDRMTFANGAVKAAVWLHEKPAGFYTMTDVLGLNDL
;
_entity_poly.pdbx_strand_id   A,B,C,D,E,F,G,H,I,J,K,L
#
loop_
_chem_comp.id
_chem_comp.type
_chem_comp.name
_chem_comp.formula
NAD non-polymer NICOTINAMIDE-ADENINE-DINUCLEOTIDE 'C21 H27 N7 O14 P2'
PDC non-polymer 'PYRIDINE-2,6-DICARBOXYLIC ACID' 'C7 H5 N O4'
SO4 non-polymer 'SULFATE ION' 'O4 S -2'
#
# COMPACT_ATOMS: atom_id res chain seq x y z
N MET A 26 25.81 25.10 -16.29
CA MET A 26 24.38 25.28 -16.47
C MET A 26 24.13 26.18 -17.65
N VAL A 27 23.09 25.89 -18.44
CA VAL A 27 22.82 26.73 -19.62
C VAL A 27 21.91 27.91 -19.33
N ARG A 28 22.35 29.05 -19.81
CA ARG A 28 21.68 30.35 -19.56
C ARG A 28 20.86 30.71 -20.81
N ILE A 29 19.54 30.77 -20.65
CA ILE A 29 18.63 30.83 -21.75
C ILE A 29 18.02 32.22 -21.90
N ALA A 30 18.04 32.75 -23.12
CA ALA A 30 17.24 33.97 -23.44
C ALA A 30 16.02 33.58 -24.19
N VAL A 31 14.88 34.02 -23.70
CA VAL A 31 13.61 33.69 -24.31
C VAL A 31 13.17 34.84 -25.11
N ALA A 32 13.30 34.72 -26.41
CA ALA A 32 12.70 35.73 -27.32
C ALA A 32 11.19 35.68 -27.25
N GLY A 33 10.60 36.87 -27.27
CA GLY A 33 9.16 37.03 -27.33
C GLY A 33 8.47 36.50 -26.11
N ALA A 34 8.88 36.98 -24.96
CA ALA A 34 8.55 36.25 -23.71
C ALA A 34 7.08 36.36 -23.31
N ALA A 35 6.39 37.33 -23.85
CA ALA A 35 4.97 37.52 -23.52
C ALA A 35 4.06 36.70 -24.38
N GLY A 36 4.63 36.10 -25.43
CA GLY A 36 3.88 35.24 -26.33
C GLY A 36 3.33 33.96 -25.73
N ARG A 37 2.56 33.23 -26.53
CA ARG A 37 2.02 31.96 -26.08
C ARG A 37 3.12 30.98 -25.80
N MET A 38 4.05 30.84 -26.71
CA MET A 38 5.17 29.99 -26.49
C MET A 38 6.17 30.57 -25.53
N GLY A 39 6.42 31.85 -25.65
CA GLY A 39 7.29 32.55 -24.72
C GLY A 39 6.98 32.32 -23.27
N ARG A 40 5.74 32.53 -22.88
CA ARG A 40 5.30 32.27 -21.49
C ARG A 40 5.58 30.84 -21.06
N ASN A 41 5.25 29.88 -21.93
CA ASN A 41 5.53 28.48 -21.68
C ASN A 41 7.02 28.15 -21.65
N LEU A 42 7.78 28.83 -22.48
CA LEU A 42 9.22 28.61 -22.49
C LEU A 42 9.87 29.08 -21.21
N VAL A 43 9.44 30.25 -20.70
CA VAL A 43 9.94 30.78 -19.45
C VAL A 43 9.65 29.73 -18.34
N LYS A 44 8.38 29.34 -18.18
CA LYS A 44 7.96 28.28 -17.24
C LYS A 44 8.79 26.99 -17.39
N ALA A 45 9.00 26.54 -18.62
CA ALA A 45 9.73 25.29 -18.84
C ALA A 45 11.20 25.42 -18.45
N ALA A 46 11.85 26.52 -18.85
CA ALA A 46 13.28 26.69 -18.60
C ALA A 46 13.56 26.87 -17.12
N HIS A 47 12.65 27.58 -16.47
CA HIS A 47 12.70 27.80 -15.03
C HIS A 47 12.72 26.44 -14.30
N HIS A 48 11.77 25.60 -14.65
CA HIS A 48 11.53 24.29 -14.02
C HIS A 48 12.53 23.23 -14.38
N ASN A 49 13.26 23.40 -15.48
CA ASN A 49 14.37 22.51 -15.77
C ASN A 49 15.53 22.92 -14.86
N PRO A 50 16.00 22.00 -13.99
CA PRO A 50 17.12 22.29 -13.09
C PRO A 50 18.53 22.38 -13.74
N VAL A 51 18.72 21.94 -14.98
CA VAL A 51 19.96 22.15 -15.73
C VAL A 51 19.93 23.46 -16.58
N ALA A 52 18.89 24.28 -16.39
CA ALA A 52 18.74 25.53 -17.12
C ALA A 52 18.31 26.72 -16.23
N LYS A 53 18.81 27.91 -16.57
CA LYS A 53 18.42 29.18 -15.95
C LYS A 53 17.81 30.13 -17.00
N VAL A 54 16.71 30.76 -16.61
CA VAL A 54 16.14 31.86 -17.38
C VAL A 54 17.01 33.08 -17.08
N ALA A 55 17.78 33.48 -18.07
CA ALA A 55 18.76 34.58 -17.93
C ALA A 55 18.28 35.90 -18.54
N ALA A 56 17.39 35.83 -19.52
CA ALA A 56 16.96 37.00 -20.27
C ALA A 56 15.66 36.79 -21.01
N GLY A 57 15.01 37.88 -21.39
CA GLY A 57 13.80 37.77 -22.17
C GLY A 57 13.53 39.02 -22.96
N SER A 58 12.98 38.88 -24.17
CA SER A 58 12.74 40.03 -25.03
C SER A 58 11.28 40.17 -25.42
N GLU A 59 10.93 41.37 -25.86
CA GLU A 59 9.64 41.61 -26.52
C GLU A 59 9.79 42.67 -27.61
N ARG A 60 8.71 42.93 -28.31
CA ARG A 60 8.74 43.94 -29.35
C ARG A 60 9.02 45.29 -28.74
N PRO A 61 9.86 46.09 -29.37
CA PRO A 61 10.14 47.41 -28.79
C PRO A 61 8.92 48.25 -28.36
N GLU A 62 7.88 48.25 -29.18
CA GLU A 62 6.62 48.92 -28.86
C GLU A 62 5.81 48.27 -27.69
N SER A 63 6.20 47.08 -27.25
CA SER A 63 5.37 46.27 -26.36
C SER A 63 5.09 46.88 -25.00
N SER A 64 3.85 46.71 -24.57
CA SER A 64 3.40 47.00 -23.21
C SER A 64 4.22 46.35 -22.06
N LEU A 65 4.81 45.17 -22.30
CA LEU A 65 5.45 44.38 -21.24
C LEU A 65 6.99 44.52 -21.12
N VAL A 66 7.56 45.51 -21.81
CA VAL A 66 8.98 45.84 -21.66
C VAL A 66 9.18 46.52 -20.32
N GLY A 67 10.31 46.23 -19.68
CA GLY A 67 10.61 46.75 -18.33
C GLY A 67 10.09 45.87 -17.18
N VAL A 68 9.25 44.86 -17.48
CA VAL A 68 8.56 44.10 -16.44
C VAL A 68 9.43 42.88 -16.09
N ASP A 69 9.32 42.41 -14.85
CA ASP A 69 10.04 41.21 -14.42
C ASP A 69 9.44 39.91 -15.00
N LEU A 70 10.30 38.99 -15.45
CA LEU A 70 9.82 37.72 -16.09
C LEU A 70 8.96 36.84 -15.19
N GLY A 71 9.20 36.91 -13.89
CA GLY A 71 8.32 36.29 -12.91
C GLY A 71 6.91 36.89 -12.85
N GLU A 72 6.84 38.22 -12.89
CA GLU A 72 5.59 38.98 -12.85
C GLU A 72 4.67 38.82 -14.04
N LEU A 73 5.22 38.83 -15.26
CA LEU A 73 4.35 38.70 -16.42
C LEU A 73 3.73 37.33 -16.31
N CYS A 74 4.57 36.37 -15.97
CA CYS A 74 4.15 35.01 -15.76
C CYS A 74 3.26 34.98 -14.55
N GLY A 75 3.56 35.88 -13.62
CA GLY A 75 2.83 36.02 -12.37
C GLY A 75 3.39 35.15 -11.27
N GLU A 76 4.37 34.32 -11.62
CA GLU A 76 4.96 33.39 -10.65
C GLU A 76 6.17 33.87 -9.85
N GLY A 77 5.95 34.79 -8.93
CA GLY A 77 7.04 35.29 -8.12
C GLY A 77 7.92 36.20 -8.93
N LYS A 78 9.08 36.56 -8.40
CA LYS A 78 9.97 37.43 -9.15
C LYS A 78 11.40 36.92 -9.27
N PHE A 79 11.87 36.87 -10.52
CA PHE A 79 13.28 36.46 -10.82
C PHE A 79 14.02 37.77 -10.84
N ASP A 80 15.34 37.77 -11.01
CA ASP A 80 16.02 39.05 -11.03
C ASP A 80 16.20 39.61 -12.44
N VAL A 81 15.29 39.23 -13.37
CA VAL A 81 15.42 39.58 -14.80
C VAL A 81 14.20 40.30 -15.39
N VAL A 82 14.52 41.27 -16.24
CA VAL A 82 13.55 42.15 -16.88
C VAL A 82 13.42 41.89 -18.39
N VAL A 83 12.20 42.07 -18.89
CA VAL A 83 11.93 41.97 -20.33
C VAL A 83 12.62 43.15 -21.02
N CYS A 84 13.57 42.83 -21.89
CA CYS A 84 14.29 43.80 -22.70
C CYS A 84 13.60 44.05 -24.05
N ASP A 85 13.82 45.23 -24.62
CA ASP A 85 13.35 45.57 -25.98
C ASP A 85 14.37 45.14 -27.07
N ASP A 86 15.51 44.63 -26.65
CA ASP A 86 16.55 44.21 -27.56
C ASP A 86 17.52 43.33 -26.84
N LEU A 87 17.74 42.13 -27.37
CA LEU A 87 18.59 41.13 -26.66
C LEU A 87 20.07 41.48 -26.72
N ALA A 88 20.46 42.31 -27.66
CA ALA A 88 21.83 42.82 -27.72
C ALA A 88 22.30 43.52 -26.43
N LYS A 89 21.40 44.25 -25.79
CA LYS A 89 21.62 44.85 -24.47
C LYS A 89 22.00 43.88 -23.36
N GLN A 90 21.66 42.61 -23.50
CA GLN A 90 21.78 41.60 -22.42
C GLN A 90 22.69 40.44 -22.85
N ILE A 91 23.44 40.61 -23.95
CA ILE A 91 24.22 39.49 -24.53
C ILE A 91 25.18 38.79 -23.60
N ASP A 92 25.65 39.48 -22.55
CA ASP A 92 26.58 38.88 -21.57
C ASP A 92 25.90 37.99 -20.52
N GLN A 93 24.59 38.14 -20.34
CA GLN A 93 23.78 37.26 -19.48
C GLN A 93 23.37 35.84 -20.01
N PHE A 94 23.51 35.56 -21.32
CA PHE A 94 22.99 34.30 -21.90
C PHE A 94 23.87 33.64 -22.93
N ASP A 95 23.66 32.33 -23.07
CA ASP A 95 24.40 31.45 -24.01
C ASP A 95 23.56 31.05 -25.24
N VAL A 96 22.25 30.83 -25.02
CA VAL A 96 21.33 30.27 -26.02
C VAL A 96 20.07 31.05 -26.05
N ILE A 97 19.68 31.46 -27.24
CA ILE A 97 18.34 32.03 -27.45
C ILE A 97 17.34 30.94 -27.84
N ILE A 98 16.20 30.92 -27.19
CA ILE A 98 15.07 30.13 -27.69
C ILE A 98 14.06 31.06 -28.34
N ASP A 99 13.90 30.91 -29.63
CA ASP A 99 13.11 31.86 -30.48
C ASP A 99 11.90 31.28 -31.17
N PHE A 100 10.75 31.66 -30.66
CA PHE A 100 9.48 31.29 -31.23
C PHE A 100 8.76 32.61 -31.42
N THR A 101 9.14 33.36 -32.45
CA THR A 101 8.58 34.68 -32.73
C THR A 101 7.97 34.91 -34.13
N ALA A 102 8.60 35.76 -34.93
CA ALA A 102 8.15 36.06 -36.29
C ALA A 102 9.39 35.91 -37.13
N PRO A 103 9.28 35.60 -38.41
CA PRO A 103 10.50 35.33 -39.21
C PRO A 103 11.54 36.48 -39.16
N ALA A 104 11.07 37.71 -39.29
CA ALA A 104 11.99 38.88 -39.28
C ALA A 104 12.79 39.03 -37.97
N SER A 105 12.08 38.99 -36.85
CA SER A 105 12.67 38.96 -35.51
C SER A 105 13.70 37.81 -35.27
N THR A 106 13.41 36.65 -35.82
CA THR A 106 14.30 35.51 -35.70
C THR A 106 15.53 35.67 -36.55
N LEU A 107 15.39 36.21 -37.75
CA LEU A 107 16.59 36.51 -38.51
C LEU A 107 17.52 37.51 -37.81
N ASN A 108 16.94 38.50 -37.13
CA ASN A 108 17.71 39.44 -36.28
C ASN A 108 18.48 38.72 -35.17
N ASN A 109 17.79 37.85 -34.43
CA ASN A 109 18.43 37.09 -33.39
C ASN A 109 19.48 36.11 -33.91
N LEU A 110 19.28 35.69 -35.15
CA LEU A 110 20.25 34.82 -35.78
C LEU A 110 21.53 35.57 -36.08
N ALA A 111 21.36 36.80 -36.55
CA ALA A 111 22.49 37.74 -36.79
C ALA A 111 23.28 38.04 -35.49
N LEU A 112 22.53 38.39 -34.46
CA LEU A 112 23.02 38.59 -33.14
C LEU A 112 23.86 37.42 -32.66
N CYS A 113 23.44 36.21 -33.00
CA CYS A 113 24.19 35.01 -32.59
C CYS A 113 25.51 34.91 -33.29
N GLN A 114 25.49 35.29 -34.56
CA GLN A 114 26.68 35.30 -35.33
C GLN A 114 27.69 36.34 -34.83
N GLN A 115 27.22 37.55 -34.61
CA GLN A 115 28.05 38.64 -34.12
C GLN A 115 28.70 38.39 -32.77
N TYR A 116 27.99 37.76 -31.84
CA TYR A 116 28.47 37.59 -30.47
C TYR A 116 28.71 36.13 -30.03
N GLY A 117 28.86 35.22 -30.98
CA GLY A 117 29.14 33.81 -30.70
C GLY A 117 28.10 33.13 -29.79
N LYS A 118 26.82 33.30 -30.09
CA LYS A 118 25.75 32.61 -29.34
C LYS A 118 25.11 31.54 -30.17
N SER A 119 24.33 30.71 -29.48
CA SER A 119 23.49 29.66 -30.09
C SER A 119 21.99 29.99 -30.05
N ILE A 120 21.25 29.32 -30.93
CA ILE A 120 19.83 29.58 -31.09
C ILE A 120 19.03 28.33 -31.43
N VAL A 121 17.94 28.22 -30.72
CA VAL A 121 16.92 27.22 -30.95
C VAL A 121 15.76 27.95 -31.60
N ILE A 122 15.44 27.56 -32.82
CA ILE A 122 14.35 28.20 -33.55
C ILE A 122 13.11 27.35 -33.68
N GLY A 123 12.00 27.90 -33.25
CA GLY A 123 10.73 27.21 -33.36
C GLY A 123 9.78 27.97 -34.24
N THR A 124 10.20 29.15 -34.67
CA THR A 124 9.39 30.00 -35.50
C THR A 124 9.15 29.33 -36.83
N THR A 125 7.95 29.52 -37.35
CA THR A 125 7.59 28.94 -38.64
C THR A 125 7.10 30.06 -39.56
N GLY A 126 6.93 29.71 -40.82
CA GLY A 126 6.44 30.64 -41.82
C GLY A 126 7.55 31.34 -42.61
N PHE A 127 8.78 30.82 -42.56
CA PHE A 127 9.89 31.36 -43.34
C PHE A 127 9.67 31.12 -44.80
N THR A 128 10.03 32.08 -45.63
CA THR A 128 10.15 31.87 -47.07
C THR A 128 11.35 30.99 -47.45
N GLU A 129 11.36 30.54 -48.71
CA GLU A 129 12.41 29.66 -49.21
C GLU A 129 13.75 30.32 -49.15
N GLU A 130 13.80 31.61 -49.45
CA GLU A 130 15.07 32.35 -49.38
C GLU A 130 15.56 32.58 -47.93
N GLN A 131 14.64 32.84 -47.03
CA GLN A 131 15.00 33.00 -45.64
C GLN A 131 15.58 31.70 -45.08
N ARG A 132 15.03 30.57 -45.50
CA ARG A 132 15.53 29.29 -45.04
C ARG A 132 16.96 29.10 -45.46
N GLU A 133 17.27 29.46 -46.69
CA GLU A 133 18.61 29.30 -47.18
C GLU A 133 19.54 30.15 -46.38
N GLN A 134 19.07 31.33 -46.04
CA GLN A 134 19.87 32.23 -45.26
C GLN A 134 20.18 31.59 -43.93
N ILE A 135 19.21 30.89 -43.35
CA ILE A 135 19.44 30.22 -42.07
C ILE A 135 20.50 29.13 -42.20
N ASP A 136 20.44 28.37 -43.28
CA ASP A 136 21.45 27.31 -43.54
C ASP A 136 22.85 27.89 -43.60
N LEU A 137 22.95 29.06 -44.22
CA LEU A 137 24.22 29.80 -44.30
C LEU A 137 24.80 30.18 -42.93
N VAL A 138 24.02 30.91 -42.15
CA VAL A 138 24.43 31.32 -40.81
C VAL A 138 24.75 30.08 -39.95
N ALA A 139 24.04 28.99 -40.20
CA ALA A 139 24.25 27.73 -39.47
C ALA A 139 25.60 27.06 -39.73
N GLN A 140 26.34 27.50 -40.74
CA GLN A 140 27.73 27.06 -40.93
C GLN A 140 28.65 27.61 -39.84
N GLN A 141 28.31 28.78 -39.33
CA GLN A 141 29.10 29.51 -38.31
C GLN A 141 28.51 29.53 -36.91
N VAL A 142 27.20 29.30 -36.80
CA VAL A 142 26.50 29.39 -35.53
C VAL A 142 25.88 28.02 -35.20
N PRO A 143 25.87 27.62 -33.91
CA PRO A 143 25.15 26.38 -33.59
C PRO A 143 23.64 26.65 -33.54
N VAL A 144 22.91 26.00 -34.43
CA VAL A 144 21.49 26.26 -34.63
C VAL A 144 20.67 24.96 -34.51
N VAL A 145 19.71 24.93 -33.62
CA VAL A 145 18.65 23.93 -33.69
C VAL A 145 17.42 24.54 -34.35
N MET A 146 16.90 23.86 -35.37
CA MET A 146 15.65 24.26 -36.02
C MET A 146 14.73 23.12 -36.41
N ALA A 147 13.46 23.29 -36.06
CA ALA A 147 12.46 22.30 -36.26
C ALA A 147 11.09 22.93 -36.27
N PRO A 148 10.20 22.43 -37.11
CA PRO A 148 8.80 22.91 -37.02
C PRO A 148 7.99 22.34 -35.87
N ASN A 149 8.50 21.33 -35.15
CA ASN A 149 7.80 20.83 -33.98
C ASN A 149 8.77 20.25 -32.98
N TYR A 150 8.68 20.71 -31.73
CA TYR A 150 9.60 20.28 -30.68
C TYR A 150 9.08 19.12 -29.77
N SER A 151 7.93 18.57 -30.11
CA SER A 151 7.39 17.39 -29.43
C SER A 151 8.04 16.05 -29.91
N VAL A 152 8.09 15.07 -29.04
CA VAL A 152 8.66 13.80 -29.40
C VAL A 152 7.79 13.09 -30.44
N GLY A 153 6.50 13.14 -30.24
CA GLY A 153 5.60 12.44 -31.11
C GLY A 153 5.78 12.79 -32.56
N VAL A 154 5.91 14.07 -32.83
CA VAL A 154 6.03 14.51 -34.21
C VAL A 154 7.29 13.99 -34.85
N ASN A 155 8.36 13.97 -34.10
CA ASN A 155 9.59 13.47 -34.66
C ASN A 155 9.48 11.99 -35.00
N LEU A 156 8.74 11.25 -34.20
CA LEU A 156 8.49 9.85 -34.49
C LEU A 156 7.63 9.77 -35.73
N VAL A 157 6.59 10.58 -35.77
CA VAL A 157 5.71 10.63 -36.94
C VAL A 157 6.47 10.87 -38.24
N PHE A 158 7.41 11.81 -38.28
CA PHE A 158 8.24 11.97 -39.50
C PHE A 158 8.88 10.61 -39.95
N LYS A 159 9.45 9.85 -39.03
CA LYS A 159 10.02 8.57 -39.34
C LYS A 159 8.99 7.60 -39.85
N LEU A 160 7.82 7.57 -39.22
CA LEU A 160 6.73 6.69 -39.67
C LEU A 160 6.26 7.06 -41.07
N LEU A 161 6.21 8.34 -41.36
CA LEU A 161 5.80 8.77 -42.68
C LEU A 161 6.75 8.30 -43.76
N GLU A 162 8.04 8.32 -43.45
CA GLU A 162 9.03 7.87 -44.40
C GLU A 162 8.81 6.41 -44.75
N LYS A 163 8.61 5.59 -43.74
CA LYS A 163 8.37 4.18 -43.99
C LYS A 163 7.06 4.00 -44.80
N ALA A 164 6.00 4.77 -44.49
CA ALA A 164 4.74 4.61 -45.22
C ALA A 164 4.95 5.04 -46.65
N ALA A 165 5.71 6.08 -46.85
CA ALA A 165 5.85 6.58 -48.19
C ALA A 165 6.66 5.63 -49.12
N LYS A 166 7.70 5.02 -48.58
CA LYS A 166 8.45 4.01 -49.27
C LYS A 166 7.57 2.85 -49.70
N VAL A 167 6.64 2.41 -48.88
CA VAL A 167 5.83 1.25 -49.21
C VAL A 167 4.58 1.61 -50.02
N MET A 168 3.89 2.70 -49.69
CA MET A 168 2.61 2.99 -50.33
C MET A 168 2.63 4.20 -51.24
N GLY A 169 3.62 5.08 -51.12
CA GLY A 169 3.56 6.38 -51.76
C GLY A 169 3.32 6.32 -53.26
N ASP A 170 3.90 5.32 -53.90
CA ASP A 170 3.94 5.25 -55.36
C ASP A 170 2.58 4.95 -55.93
N TYR A 171 1.82 4.16 -55.19
CA TYR A 171 0.46 3.74 -55.54
C TYR A 171 -0.68 4.49 -54.86
N CYS A 172 -0.39 5.42 -53.98
CA CYS A 172 -1.44 6.09 -53.23
C CYS A 172 -1.56 7.60 -53.39
N ASP A 173 -2.75 8.15 -53.15
CA ASP A 173 -2.94 9.60 -53.02
C ASP A 173 -2.55 10.03 -51.62
N ILE A 174 -1.76 11.09 -51.51
CA ILE A 174 -1.25 11.51 -50.26
C ILE A 174 -1.80 12.88 -49.91
N GLU A 175 -2.38 12.99 -48.73
CA GLU A 175 -3.01 14.24 -48.29
C GLU A 175 -2.64 14.51 -46.90
N ILE A 176 -2.37 15.79 -46.63
CA ILE A 176 -2.09 16.25 -45.28
C ILE A 176 -3.15 17.23 -44.78
N VAL A 177 -3.61 17.00 -43.55
CA VAL A 177 -4.64 17.84 -42.92
C VAL A 177 -4.15 18.27 -41.57
N GLU A 178 -4.30 19.54 -41.30
CA GLU A 178 -3.88 20.07 -40.02
C GLU A 178 -4.90 21.04 -39.47
N ALA A 179 -5.00 21.06 -38.15
CA ALA A 179 -5.81 22.04 -37.44
C ALA A 179 -5.07 22.75 -36.34
N HIS A 180 -5.28 24.07 -36.23
CA HIS A 180 -4.73 24.89 -35.16
C HIS A 180 -5.71 25.96 -34.72
N HIS A 181 -5.39 26.53 -33.58
CA HIS A 181 -6.12 27.61 -33.02
C HIS A 181 -6.27 28.86 -33.92
N ARG A 182 -7.22 29.70 -33.54
CA ARG A 182 -7.64 30.90 -34.33
C ARG A 182 -6.56 31.94 -34.58
N HIS A 183 -5.61 32.05 -33.66
CA HIS A 183 -4.53 33.02 -33.76
C HIS A 183 -3.36 32.64 -34.64
N LYS A 184 -3.27 31.42 -35.09
CA LYS A 184 -2.10 31.07 -35.90
C LYS A 184 -2.11 31.83 -37.26
N VAL A 185 -1.02 32.55 -37.51
CA VAL A 185 -0.95 33.43 -38.71
C VAL A 185 -0.50 32.77 -40.04
N ASP A 186 0.17 31.62 -39.97
CA ASP A 186 0.72 30.95 -41.16
C ASP A 186 -0.06 29.64 -41.52
N ALA A 187 -0.13 29.35 -42.81
CA ALA A 187 -0.83 28.19 -43.29
C ALA A 187 -0.17 27.66 -44.56
N PRO A 188 0.02 26.35 -44.69
CA PRO A 188 -0.25 25.39 -43.63
C PRO A 188 0.86 25.49 -42.60
N SER A 189 0.72 24.73 -41.54
CA SER A 189 1.68 24.74 -40.43
C SER A 189 3.02 24.32 -40.90
N GLY A 190 4.03 24.78 -40.16
CA GLY A 190 5.40 24.37 -40.43
C GLY A 190 5.56 22.85 -40.32
N THR A 191 4.93 22.26 -39.30
CA THR A 191 4.88 20.86 -39.15
C THR A 191 4.24 20.13 -40.41
N ALA A 192 3.18 20.69 -40.97
CA ALA A 192 2.53 20.09 -42.10
C ALA A 192 3.47 20.06 -43.27
N ILE A 193 4.19 21.15 -43.45
CA ILE A 193 5.15 21.25 -44.52
C ILE A 193 6.27 20.26 -44.29
N GLY A 194 6.67 20.13 -43.04
CA GLY A 194 7.71 19.22 -42.69
C GLY A 194 7.27 17.81 -43.01
N MET A 195 6.01 17.52 -42.78
CA MET A 195 5.50 16.22 -43.05
C MET A 195 5.58 15.94 -44.52
N GLY A 196 5.25 16.92 -45.31
CA GLY A 196 5.30 16.79 -46.74
C GLY A 196 6.71 16.59 -47.21
N GLU A 197 7.62 17.30 -46.60
CA GLU A 197 9.05 17.21 -46.98
C GLU A 197 9.57 15.80 -46.72
N ALA A 198 9.23 15.26 -45.56
CA ALA A 198 9.66 13.93 -45.22
C ALA A 198 9.10 12.91 -46.23
N ILE A 199 7.81 13.05 -46.58
CA ILE A 199 7.15 12.17 -47.50
C ILE A 199 7.81 12.28 -48.87
N ALA A 200 7.88 13.51 -49.38
CA ALA A 200 8.45 13.73 -50.71
C ALA A 200 9.89 13.23 -50.82
N GLY A 201 10.67 13.60 -49.82
CA GLY A 201 12.09 13.15 -49.72
C GLY A 201 12.26 11.64 -49.76
N ALA A 202 11.46 10.90 -49.03
CA ALA A 202 11.60 9.46 -49.02
C ALA A 202 11.21 8.81 -50.35
N MET A 203 10.40 9.50 -51.15
CA MET A 203 10.04 9.08 -52.51
C MET A 203 10.96 9.67 -53.60
N GLY A 204 12.04 10.35 -53.22
CA GLY A 204 12.95 11.01 -54.18
C GLY A 204 12.39 12.21 -54.90
N ASN A 205 11.40 12.92 -54.33
CA ASN A 205 10.86 14.15 -54.94
C ASN A 205 11.12 15.39 -54.08
N LYS A 206 10.83 16.56 -54.65
CA LYS A 206 10.90 17.83 -53.95
C LYS A 206 9.44 18.26 -53.70
N LEU A 207 9.12 18.65 -52.47
CA LEU A 207 7.75 19.00 -52.10
C LEU A 207 7.11 20.06 -52.98
N SER A 208 7.88 21.09 -53.34
CA SER A 208 7.36 22.19 -54.17
C SER A 208 6.94 21.75 -55.56
N ASP A 209 7.50 20.65 -56.07
CA ASP A 209 7.04 20.06 -57.35
C ASP A 209 5.63 19.46 -57.28
N VAL A 210 5.26 18.93 -56.10
CA VAL A 210 4.02 18.13 -55.93
C VAL A 210 2.94 18.79 -55.06
N ALA A 211 3.27 19.78 -54.24
CA ALA A 211 2.35 20.28 -53.27
C ALA A 211 1.21 21.03 -53.90
N VAL A 212 0.02 20.84 -53.36
CA VAL A 212 -1.15 21.62 -53.77
C VAL A 212 -1.71 22.20 -52.46
N TYR A 213 -1.71 23.53 -52.36
CA TYR A 213 -2.08 24.21 -51.10
C TYR A 213 -3.51 24.73 -51.06
N ALA A 214 -4.19 24.72 -52.19
CA ALA A 214 -5.54 25.21 -52.21
C ALA A 214 -6.30 24.48 -53.27
N ARG A 215 -7.56 24.19 -53.00
CA ARG A 215 -8.46 23.66 -54.01
C ARG A 215 -9.71 24.49 -54.04
N GLU A 216 -9.92 25.18 -55.14
CA GLU A 216 -11.04 26.10 -55.21
C GLU A 216 -11.63 26.08 -56.59
N GLY A 217 -12.97 26.06 -56.68
CA GLY A 217 -13.68 25.95 -57.95
C GLY A 217 -13.45 24.63 -58.68
N ILE A 218 -13.34 24.70 -60.00
CA ILE A 218 -13.16 23.54 -60.85
C ILE A 218 -11.68 23.23 -60.90
N THR A 219 -11.25 22.25 -60.13
CA THR A 219 -9.85 21.85 -60.08
C THR A 219 -9.51 20.74 -61.11
N GLY A 220 -10.53 20.15 -61.71
CA GLY A 220 -10.36 18.96 -62.52
C GLY A 220 -9.97 17.78 -61.64
N GLU A 221 -9.67 16.66 -62.30
CA GLU A 221 -9.22 15.44 -61.63
C GLU A 221 -7.88 15.65 -60.96
N ARG A 222 -7.74 15.01 -59.80
CA ARG A 222 -6.54 15.06 -58.99
C ARG A 222 -5.40 14.45 -59.86
N THR A 223 -4.21 15.01 -59.80
CA THR A 223 -3.04 14.39 -60.42
C THR A 223 -2.61 13.18 -59.53
N LYS A 224 -1.80 12.26 -60.10
CA LYS A 224 -1.31 11.07 -59.36
C LYS A 224 -0.27 11.43 -58.30
N ASP A 225 0.55 12.46 -58.58
CA ASP A 225 1.71 12.77 -57.73
C ASP A 225 1.52 13.82 -56.63
N GLU A 226 0.42 14.62 -56.72
CA GLU A 226 0.20 15.73 -55.80
C GLU A 226 0.12 15.28 -54.34
N ILE A 227 0.60 16.15 -53.47
CA ILE A 227 0.38 16.11 -52.07
C ILE A 227 -0.51 17.30 -51.73
N GLY A 228 -1.75 17.03 -51.45
CA GLY A 228 -2.73 18.05 -51.06
C GLY A 228 -2.60 18.48 -49.61
N PHE A 229 -2.87 19.75 -49.35
CA PHE A 229 -2.84 20.28 -47.99
C PHE A 229 -4.19 20.90 -47.67
N ALA A 230 -4.77 20.51 -46.57
CA ALA A 230 -5.92 21.21 -46.06
C ALA A 230 -5.68 21.77 -44.65
N THR A 231 -6.27 22.92 -44.37
CA THR A 231 -5.96 23.71 -43.16
C THR A 231 -7.20 24.17 -42.44
N ILE A 232 -7.26 23.86 -41.17
CA ILE A 232 -8.34 24.26 -40.29
C ILE A 232 -7.84 25.22 -39.24
N ARG A 233 -8.52 26.33 -39.05
CA ARG A 233 -8.09 27.26 -38.03
C ARG A 233 -9.27 27.50 -37.14
N ALA A 234 -9.19 27.09 -35.88
CA ALA A 234 -10.30 27.31 -34.99
C ALA A 234 -10.02 27.16 -33.53
N GLY A 235 -10.74 27.93 -32.73
CA GLY A 235 -10.64 27.86 -31.29
C GLY A 235 -9.27 27.96 -30.70
N ASP A 236 -9.01 27.05 -29.78
CA ASP A 236 -7.74 27.00 -29.10
C ASP A 236 -6.96 25.73 -29.38
N ILE A 237 -7.28 25.06 -30.48
CA ILE A 237 -6.61 23.81 -30.77
C ILE A 237 -5.11 24.02 -30.77
N VAL A 238 -4.44 23.23 -29.97
CA VAL A 238 -2.99 23.31 -29.85
C VAL A 238 -2.30 22.78 -31.05
N GLY A 239 -2.88 21.79 -31.71
CA GLY A 239 -2.32 21.27 -32.95
C GLY A 239 -2.63 19.82 -33.24
N GLU A 240 -3.37 19.58 -34.33
CA GLU A 240 -3.58 18.23 -34.89
C GLU A 240 -3.06 18.15 -36.30
N HIS A 241 -2.40 17.05 -36.60
CA HIS A 241 -1.91 16.77 -37.94
C HIS A 241 -2.22 15.36 -38.33
N THR A 242 -2.61 15.18 -39.59
CA THR A 242 -2.85 13.86 -40.14
C THR A 242 -2.32 13.73 -41.51
N ALA A 243 -1.58 12.65 -41.78
CA ALA A 243 -1.14 12.32 -43.13
C ALA A 243 -1.94 11.12 -43.48
N MET A 244 -2.59 11.19 -44.65
CA MET A 244 -3.39 10.15 -45.18
C MET A 244 -2.71 9.58 -46.43
N PHE A 245 -2.68 8.24 -46.54
CA PHE A 245 -2.23 7.55 -47.73
C PHE A 245 -3.40 6.74 -48.21
N ALA A 246 -4.00 7.12 -49.33
CA ALA A 246 -5.26 6.49 -49.78
C ALA A 246 -5.08 5.70 -51.10
N ASP A 247 -5.45 4.42 -51.06
CA ASP A 247 -5.54 3.55 -52.21
C ASP A 247 -7.02 3.30 -52.53
N ILE A 248 -7.25 2.36 -53.43
CA ILE A 248 -8.57 2.03 -53.82
C ILE A 248 -8.86 0.87 -52.93
N GLY A 249 -9.84 1.06 -52.08
CA GLY A 249 -10.26 0.03 -51.14
C GLY A 249 -9.69 0.13 -49.71
N GLU A 250 -8.68 0.92 -49.49
CA GLU A 250 -8.15 1.06 -48.17
C GLU A 250 -7.34 2.30 -47.98
N ARG A 251 -7.16 2.73 -46.76
CA ARG A 251 -6.34 3.88 -46.47
C ARG A 251 -5.67 3.87 -45.12
N VAL A 252 -4.53 4.52 -45.05
CA VAL A 252 -3.78 4.58 -43.85
C VAL A 252 -3.61 6.00 -43.43
N GLU A 253 -3.91 6.25 -42.18
CA GLU A 253 -3.79 7.60 -41.60
C GLU A 253 -2.85 7.62 -40.38
N ILE A 254 -1.91 8.56 -40.36
CA ILE A 254 -0.97 8.71 -39.27
C ILE A 254 -1.18 10.09 -38.73
N THR A 255 -1.49 10.20 -37.44
CA THR A 255 -2.04 11.42 -36.82
C THR A 255 -1.27 11.74 -35.57
N HIS A 256 -1.01 13.01 -35.37
CA HIS A 256 -0.41 13.49 -34.11
C HIS A 256 -1.32 14.57 -33.54
N LYS A 257 -1.55 14.53 -32.24
CA LYS A 257 -2.32 15.55 -31.53
C LYS A 257 -1.55 16.06 -30.33
N ALA A 258 -1.32 17.33 -30.30
CA ALA A 258 -0.72 17.96 -29.14
C ALA A 258 -1.81 18.55 -28.30
N THR A 259 -1.73 18.41 -27.00
CA THR A 259 -2.73 19.00 -26.16
C THR A 259 -2.32 20.08 -25.22
N ASP A 260 -1.03 20.26 -25.06
CA ASP A 260 -0.50 21.26 -24.19
C ASP A 260 0.75 21.84 -24.78
N ARG A 261 0.88 23.16 -24.78
CA ARG A 261 2.07 23.76 -25.35
C ARG A 261 3.32 23.42 -24.67
N MET A 262 3.20 23.00 -23.41
CA MET A 262 4.35 22.72 -22.56
C MET A 262 5.14 21.56 -23.18
N THR A 263 4.47 20.72 -23.95
CA THR A 263 5.09 19.64 -24.70
C THR A 263 6.20 20.21 -25.61
N PHE A 264 5.88 21.34 -26.27
CA PHE A 264 6.80 21.98 -27.16
C PHE A 264 7.91 22.67 -26.37
N ALA A 265 7.47 23.42 -25.37
CA ALA A 265 8.36 24.25 -24.62
C ALA A 265 9.44 23.35 -23.96
N ASN A 266 9.00 22.28 -23.31
CA ASN A 266 9.92 21.35 -22.69
C ASN A 266 10.87 20.80 -23.72
N GLY A 267 10.39 20.44 -24.89
CA GLY A 267 11.30 19.93 -25.93
C GLY A 267 12.31 20.96 -26.43
N ALA A 268 11.93 22.23 -26.42
CA ALA A 268 12.79 23.32 -26.90
C ALA A 268 13.91 23.55 -25.93
N VAL A 269 13.54 23.54 -24.67
CA VAL A 269 14.49 23.70 -23.54
C VAL A 269 15.48 22.53 -23.47
N LYS A 270 14.99 21.33 -23.66
CA LYS A 270 15.85 20.19 -23.88
C LYS A 270 16.82 20.43 -25.04
N ALA A 271 16.31 20.98 -26.14
CA ALA A 271 17.16 21.24 -27.31
C ALA A 271 18.25 22.24 -26.94
N ALA A 272 17.87 23.29 -26.18
CA ALA A 272 18.80 24.33 -25.73
C ALA A 272 19.91 23.76 -24.89
N VAL A 273 19.53 22.90 -23.93
CA VAL A 273 20.49 22.16 -23.08
C VAL A 273 21.47 21.30 -23.89
N TRP A 274 20.94 20.53 -24.83
CA TRP A 274 21.73 19.72 -25.76
C TRP A 274 22.66 20.57 -26.62
N LEU A 275 22.17 21.72 -27.07
CA LEU A 275 22.90 22.57 -28.01
C LEU A 275 24.08 23.25 -27.35
N HIS A 276 24.01 23.46 -26.04
CA HIS A 276 25.05 24.22 -25.34
C HIS A 276 26.40 23.51 -25.47
N GLU A 277 27.40 24.31 -25.82
CA GLU A 277 28.75 23.78 -26.15
C GLU A 277 28.69 22.67 -27.24
N LYS A 278 27.95 22.92 -28.31
CA LYS A 278 27.91 22.04 -29.48
C LYS A 278 28.52 22.86 -30.63
N PRO A 279 29.29 22.21 -31.48
CA PRO A 279 29.91 22.89 -32.60
C PRO A 279 28.83 23.41 -33.52
N ALA A 280 29.13 24.49 -34.20
CA ALA A 280 28.19 25.12 -35.09
C ALA A 280 27.76 24.18 -36.17
N GLY A 281 26.50 24.29 -36.56
CA GLY A 281 25.93 23.49 -37.62
C GLY A 281 24.43 23.61 -37.57
N PHE A 282 23.77 22.99 -38.54
CA PHE A 282 22.28 22.97 -38.61
C PHE A 282 21.80 21.65 -37.96
N TYR A 283 21.22 21.73 -36.77
CA TYR A 283 20.67 20.58 -36.09
C TYR A 283 19.15 20.60 -36.01
N THR A 284 18.55 19.42 -35.98
CA THR A 284 17.09 19.23 -35.98
C THR A 284 16.76 18.46 -34.72
N MET A 285 15.48 18.25 -34.42
CA MET A 285 15.13 17.50 -33.22
C MET A 285 15.51 16.07 -33.32
N THR A 286 15.53 15.54 -34.53
CA THR A 286 16.10 14.23 -34.80
C THR A 286 17.50 14.07 -34.22
N ASP A 287 18.34 15.07 -34.39
CA ASP A 287 19.68 15.06 -33.80
C ASP A 287 19.62 15.13 -32.25
N VAL A 288 18.91 16.12 -31.72
CA VAL A 288 18.76 16.31 -30.26
C VAL A 288 18.32 15.01 -29.56
N LEU A 289 17.37 14.29 -30.17
CA LEU A 289 16.74 13.07 -29.60
C LEU A 289 17.46 11.74 -29.94
N GLY A 290 18.21 11.71 -31.03
CA GLY A 290 18.84 10.48 -31.50
C GLY A 290 17.84 9.62 -32.24
N LEU A 291 17.02 10.25 -33.09
CA LEU A 291 15.98 9.54 -33.85
C LEU A 291 16.23 9.21 -35.33
N ASN A 292 17.40 9.57 -35.86
CA ASN A 292 17.67 9.28 -37.27
C ASN A 292 17.66 7.79 -37.58
N GLY B 25 1.88 -24.89 -63.62
CA GLY B 25 0.51 -25.30 -63.35
C GLY B 25 -0.20 -24.27 -62.49
N MET B 26 -1.37 -23.84 -62.94
CA MET B 26 -2.16 -22.85 -62.23
C MET B 26 -2.67 -23.44 -60.95
N VAL B 27 -2.82 -22.60 -59.93
CA VAL B 27 -3.33 -23.06 -58.66
C VAL B 27 -4.83 -23.15 -58.69
N ARG B 28 -5.31 -24.30 -58.27
CA ARG B 28 -6.71 -24.69 -58.20
C ARG B 28 -7.23 -24.48 -56.77
N ILE B 29 -8.22 -23.61 -56.63
CA ILE B 29 -8.62 -23.09 -55.37
C ILE B 29 -9.94 -23.64 -54.97
N ALA B 30 -10.02 -24.10 -53.72
CA ALA B 30 -11.30 -24.40 -53.11
C ALA B 30 -11.67 -23.31 -52.16
N VAL B 31 -12.85 -22.76 -52.36
CA VAL B 31 -13.34 -21.69 -51.51
C VAL B 31 -14.26 -22.30 -50.49
N ALA B 32 -13.80 -22.42 -49.25
CA ALA B 32 -14.69 -22.76 -48.12
C ALA B 32 -15.67 -21.63 -47.84
N GLY B 33 -16.90 -22.04 -47.59
CA GLY B 33 -17.95 -21.11 -47.21
C GLY B 33 -18.25 -20.12 -48.31
N ALA B 34 -18.54 -20.66 -49.47
CA ALA B 34 -18.63 -19.83 -50.65
C ALA B 34 -19.84 -18.83 -50.71
N ALA B 35 -20.88 -19.06 -49.93
CA ALA B 35 -22.01 -18.17 -49.91
C ALA B 35 -21.85 -17.04 -48.93
N GLY B 36 -20.82 -17.14 -48.10
CA GLY B 36 -20.48 -16.04 -47.16
C GLY B 36 -20.08 -14.66 -47.76
N ARG B 37 -19.93 -13.66 -46.89
CA ARG B 37 -19.52 -12.32 -47.32
C ARG B 37 -18.15 -12.36 -47.95
N MET B 38 -17.22 -13.00 -47.28
CA MET B 38 -15.89 -13.24 -47.85
C MET B 38 -15.88 -14.29 -48.98
N GLY B 39 -16.59 -15.38 -48.77
CA GLY B 39 -16.71 -16.47 -49.80
C GLY B 39 -17.11 -15.99 -51.19
N ARG B 40 -18.15 -15.17 -51.26
CA ARG B 40 -18.56 -14.59 -52.52
C ARG B 40 -17.47 -13.72 -53.13
N ASN B 41 -16.81 -12.90 -52.33
CA ASN B 41 -15.72 -12.10 -52.82
C ASN B 41 -14.53 -12.96 -53.23
N LEU B 42 -14.29 -14.04 -52.50
CA LEU B 42 -13.13 -14.90 -52.79
C LEU B 42 -13.30 -15.61 -54.12
N VAL B 43 -14.53 -16.05 -54.41
CA VAL B 43 -14.89 -16.65 -55.71
C VAL B 43 -14.65 -15.67 -56.85
N LYS B 44 -15.25 -14.51 -56.75
CA LYS B 44 -14.98 -13.38 -57.70
C LYS B 44 -13.46 -13.09 -57.86
N ALA B 45 -12.72 -13.01 -56.77
CA ALA B 45 -11.31 -12.65 -56.84
C ALA B 45 -10.49 -13.73 -57.52
N ALA B 46 -10.74 -14.98 -57.17
CA ALA B 46 -9.98 -16.11 -57.70
C ALA B 46 -10.26 -16.30 -59.18
N HIS B 47 -11.51 -16.09 -59.54
CA HIS B 47 -11.93 -16.14 -60.92
C HIS B 47 -11.19 -15.15 -61.80
N HIS B 48 -11.18 -13.92 -61.35
CA HIS B 48 -10.55 -12.78 -62.03
C HIS B 48 -9.00 -12.82 -62.02
N ASN B 49 -8.39 -13.52 -61.09
CA ASN B 49 -6.95 -13.70 -61.12
C ASN B 49 -6.67 -14.72 -62.21
N PRO B 50 -5.89 -14.33 -63.23
CA PRO B 50 -5.57 -15.25 -64.31
C PRO B 50 -4.52 -16.36 -64.01
N VAL B 51 -3.81 -16.31 -62.89
CA VAL B 51 -2.96 -17.40 -62.42
C VAL B 51 -3.71 -18.33 -61.44
N ALA B 52 -5.04 -18.18 -61.32
CA ALA B 52 -5.85 -19.03 -60.47
C ALA B 52 -7.18 -19.45 -61.08
N LYS B 53 -7.63 -20.67 -60.72
CA LYS B 53 -8.92 -21.26 -61.15
C LYS B 53 -9.76 -21.57 -59.90
N VAL B 54 -11.04 -21.23 -59.98
CA VAL B 54 -12.01 -21.61 -58.97
C VAL B 54 -12.39 -23.08 -59.28
N ALA B 55 -11.96 -23.99 -58.44
CA ALA B 55 -12.06 -25.46 -58.70
C ALA B 55 -13.15 -26.09 -57.87
N ALA B 56 -13.45 -25.49 -56.72
CA ALA B 56 -14.41 -26.08 -55.77
C ALA B 56 -14.96 -25.06 -54.83
N GLY B 57 -16.07 -25.39 -54.23
CA GLY B 57 -16.61 -24.53 -53.16
C GLY B 57 -17.44 -25.30 -52.16
N SER B 58 -17.42 -24.90 -50.91
CA SER B 58 -18.22 -25.59 -49.86
C SER B 58 -19.22 -24.66 -49.16
N GLU B 59 -20.21 -25.27 -48.53
CA GLU B 59 -21.09 -24.56 -47.56
C GLU B 59 -21.46 -25.47 -46.43
N ARG B 60 -22.14 -24.90 -45.44
CA ARG B 60 -22.66 -25.70 -44.33
C ARG B 60 -23.59 -26.83 -44.89
N PRO B 61 -23.50 -28.06 -44.35
CA PRO B 61 -24.35 -29.14 -44.88
C PRO B 61 -25.84 -28.80 -44.95
N GLU B 62 -26.32 -28.14 -43.93
CA GLU B 62 -27.72 -27.68 -43.87
C GLU B 62 -28.07 -26.57 -44.89
N SER B 63 -27.07 -25.98 -45.55
CA SER B 63 -27.23 -24.72 -46.30
C SER B 63 -28.18 -24.83 -47.49
N SER B 64 -29.00 -23.80 -47.63
CA SER B 64 -29.84 -23.58 -48.81
C SER B 64 -29.11 -23.61 -50.18
N LEU B 65 -27.83 -23.24 -50.21
CA LEU B 65 -27.08 -23.07 -51.48
C LEU B 65 -26.18 -24.25 -51.93
N VAL B 66 -26.33 -25.40 -51.29
CA VAL B 66 -25.65 -26.59 -51.70
C VAL B 66 -26.30 -27.06 -53.00
N GLY B 67 -25.47 -27.60 -53.91
CA GLY B 67 -25.95 -28.10 -55.20
C GLY B 67 -25.98 -27.04 -56.29
N VAL B 68 -25.77 -25.77 -55.91
CA VAL B 68 -25.92 -24.64 -56.84
C VAL B 68 -24.56 -24.34 -57.47
N ASP B 69 -24.58 -23.84 -58.71
CA ASP B 69 -23.35 -23.52 -59.45
C ASP B 69 -22.68 -22.24 -58.90
N LEU B 70 -21.35 -22.26 -58.74
CA LEU B 70 -20.63 -21.10 -58.16
C LEU B 70 -20.78 -19.80 -58.94
N GLY B 71 -20.99 -19.90 -60.24
CA GLY B 71 -21.34 -18.77 -61.08
C GLY B 71 -22.70 -18.16 -60.79
N GLU B 72 -23.72 -19.00 -60.54
CA GLU B 72 -25.07 -18.51 -60.13
C GLU B 72 -25.03 -17.73 -58.82
N LEU B 73 -24.04 -18.07 -57.98
CA LEU B 73 -23.81 -17.38 -56.70
C LEU B 73 -23.37 -15.95 -56.89
N CYS B 74 -22.42 -15.78 -57.80
CA CYS B 74 -21.90 -14.44 -58.23
C CYS B 74 -22.68 -13.72 -59.34
N GLY B 75 -23.49 -14.49 -60.08
CA GLY B 75 -24.19 -14.01 -61.29
C GLY B 75 -23.37 -14.13 -62.57
N GLU B 76 -22.06 -14.32 -62.43
CA GLU B 76 -21.08 -14.30 -63.53
C GLU B 76 -21.05 -15.53 -64.47
N GLY B 77 -22.09 -15.69 -65.30
CA GLY B 77 -22.27 -16.88 -66.15
C GLY B 77 -22.46 -18.14 -65.33
N LYS B 78 -22.03 -19.29 -65.85
CA LYS B 78 -22.00 -20.55 -65.08
C LYS B 78 -20.64 -21.28 -65.24
N PHE B 79 -19.93 -21.54 -64.13
CA PHE B 79 -18.63 -22.29 -64.19
C PHE B 79 -19.10 -23.74 -64.21
N ASP B 80 -18.20 -24.69 -64.32
CA ASP B 80 -18.68 -26.07 -64.29
C ASP B 80 -18.64 -26.70 -62.89
N VAL B 81 -18.73 -25.86 -61.83
CA VAL B 81 -18.54 -26.32 -60.44
C VAL B 81 -19.75 -26.02 -59.55
N VAL B 82 -20.06 -27.00 -58.70
CA VAL B 82 -21.15 -26.87 -57.71
C VAL B 82 -20.65 -26.72 -56.24
N VAL B 83 -21.45 -26.00 -55.44
CA VAL B 83 -21.23 -25.89 -54.01
C VAL B 83 -21.49 -27.26 -53.35
N CYS B 84 -20.43 -27.81 -52.76
CA CYS B 84 -20.46 -29.08 -52.07
C CYS B 84 -20.77 -28.90 -50.58
N ASP B 85 -21.32 -29.92 -49.95
CA ASP B 85 -21.58 -29.91 -48.53
C ASP B 85 -20.34 -30.39 -47.75
N ASP B 86 -19.31 -30.81 -48.47
CA ASP B 86 -18.10 -31.35 -47.85
C ASP B 86 -16.99 -31.33 -48.90
N LEU B 87 -15.87 -30.69 -48.60
CA LEU B 87 -14.78 -30.59 -49.53
C LEU B 87 -14.07 -31.91 -49.77
N ALA B 88 -14.15 -32.87 -48.84
CA ALA B 88 -13.54 -34.22 -49.03
C ALA B 88 -14.01 -34.94 -50.31
N LYS B 89 -15.28 -34.72 -50.66
CA LYS B 89 -15.89 -35.16 -51.92
C LYS B 89 -15.27 -34.63 -53.20
N GLN B 90 -14.55 -33.52 -53.11
CA GLN B 90 -13.95 -32.86 -54.26
C GLN B 90 -12.41 -32.74 -54.18
N ILE B 91 -11.79 -33.48 -53.27
CA ILE B 91 -10.34 -33.39 -52.94
C ILE B 91 -9.38 -33.51 -54.12
N ASP B 92 -9.81 -34.22 -55.17
CA ASP B 92 -9.00 -34.32 -56.39
C ASP B 92 -9.05 -33.09 -57.35
N GLN B 93 -10.10 -32.27 -57.23
CA GLN B 93 -10.22 -31.01 -58.01
C GLN B 93 -9.38 -29.77 -57.57
N PHE B 94 -8.78 -29.79 -56.37
CA PHE B 94 -8.07 -28.59 -55.84
C PHE B 94 -6.74 -28.85 -55.14
N ASP B 95 -5.92 -27.81 -55.12
CA ASP B 95 -4.62 -27.79 -54.42
C ASP B 95 -4.64 -27.01 -53.06
N VAL B 96 -5.41 -25.93 -53.00
CA VAL B 96 -5.39 -24.97 -51.88
C VAL B 96 -6.80 -24.62 -51.50
N ILE B 97 -7.07 -24.70 -50.20
CA ILE B 97 -8.31 -24.18 -49.65
C ILE B 97 -8.13 -22.76 -49.14
N ILE B 98 -9.07 -21.88 -49.49
CA ILE B 98 -9.12 -20.55 -48.86
C ILE B 98 -10.28 -20.52 -47.94
N ASP B 99 -9.98 -20.37 -46.65
CA ASP B 99 -10.97 -20.57 -45.58
C ASP B 99 -11.22 -19.33 -44.69
N PHE B 100 -12.37 -18.73 -44.90
CA PHE B 100 -12.87 -17.59 -44.17
C PHE B 100 -14.24 -18.04 -43.71
N THR B 101 -14.25 -18.94 -42.73
CA THR B 101 -15.48 -19.52 -42.20
C THR B 101 -15.70 -19.34 -40.70
N ALA B 102 -15.57 -20.42 -39.94
CA ALA B 102 -15.73 -20.42 -38.48
C ALA B 102 -14.59 -21.25 -37.92
N PRO B 103 -14.20 -21.05 -36.67
CA PRO B 103 -13.07 -21.85 -36.15
C PRO B 103 -13.21 -23.37 -36.27
N ALA B 104 -14.38 -23.90 -35.95
CA ALA B 104 -14.59 -25.37 -36.04
C ALA B 104 -14.43 -25.90 -37.45
N SER B 105 -15.16 -25.28 -38.37
CA SER B 105 -15.08 -25.63 -39.79
C SER B 105 -13.63 -25.59 -40.33
N THR B 106 -12.87 -24.61 -39.85
CA THR B 106 -11.51 -24.40 -40.35
C THR B 106 -10.60 -25.48 -39.81
N LEU B 107 -10.78 -25.84 -38.56
CA LEU B 107 -10.03 -26.98 -38.01
C LEU B 107 -10.31 -28.28 -38.79
N ASN B 108 -11.56 -28.49 -39.20
CA ASN B 108 -11.91 -29.62 -40.12
C ASN B 108 -11.15 -29.57 -41.44
N ASN B 109 -11.18 -28.42 -42.10
CA ASN B 109 -10.44 -28.25 -43.34
C ASN B 109 -8.94 -28.40 -43.18
N LEU B 110 -8.46 -28.04 -42.01
CA LEU B 110 -7.06 -28.19 -41.71
C LEU B 110 -6.68 -29.68 -41.64
N ALA B 111 -7.54 -30.46 -41.01
CA ALA B 111 -7.39 -31.92 -40.90
C ALA B 111 -7.42 -32.60 -42.26
N LEU B 112 -8.41 -32.21 -43.05
CA LEU B 112 -8.51 -32.57 -44.45
C LEU B 112 -7.21 -32.31 -45.22
N CYS B 113 -6.57 -31.19 -44.92
CA CYS B 113 -5.34 -30.84 -45.60
C CYS B 113 -4.23 -31.77 -45.23
N GLN B 114 -4.18 -32.11 -43.95
CA GLN B 114 -3.20 -33.04 -43.44
C GLN B 114 -3.36 -34.47 -44.01
N GLN B 115 -4.59 -34.98 -43.98
CA GLN B 115 -4.93 -36.28 -44.55
C GLN B 115 -4.62 -36.44 -46.04
N TYR B 116 -4.87 -35.40 -46.86
CA TYR B 116 -4.74 -35.52 -48.33
C TYR B 116 -3.63 -34.65 -48.97
N GLY B 117 -2.68 -34.17 -48.15
CA GLY B 117 -1.57 -33.32 -48.64
C GLY B 117 -1.98 -32.04 -49.36
N LYS B 118 -2.92 -31.30 -48.81
CA LYS B 118 -3.32 -30.02 -49.39
C LYS B 118 -2.76 -28.88 -48.57
N SER B 119 -2.86 -27.69 -49.14
CA SER B 119 -2.57 -26.42 -48.49
C SER B 119 -3.80 -25.56 -48.16
N ILE B 120 -3.61 -24.64 -47.22
CA ILE B 120 -4.71 -23.82 -46.74
C ILE B 120 -4.30 -22.40 -46.40
N VAL B 121 -5.15 -21.47 -46.87
CA VAL B 121 -5.06 -20.08 -46.51
C VAL B 121 -6.19 -19.81 -45.53
N ILE B 122 -5.82 -19.41 -44.33
CA ILE B 122 -6.81 -19.15 -43.31
C ILE B 122 -7.05 -17.68 -43.08
N GLY B 123 -8.31 -17.30 -43.20
CA GLY B 123 -8.70 -15.94 -42.97
C GLY B 123 -9.58 -15.85 -41.75
N THR B 124 -9.98 -17.00 -41.24
CA THR B 124 -10.85 -17.06 -40.08
C THR B 124 -10.26 -16.48 -38.82
N THR B 125 -11.09 -15.80 -38.05
CA THR B 125 -10.61 -15.27 -36.77
C THR B 125 -11.50 -15.77 -35.63
N GLY B 126 -11.09 -15.50 -34.39
CA GLY B 126 -11.83 -15.88 -33.21
C GLY B 126 -11.45 -17.22 -32.66
N PHE B 127 -10.30 -17.74 -33.06
CA PHE B 127 -9.73 -18.96 -32.45
C PHE B 127 -9.35 -18.76 -31.00
N THR B 128 -9.62 -19.75 -30.15
CA THR B 128 -9.05 -19.79 -28.78
C THR B 128 -7.54 -20.04 -28.80
N GLU B 129 -6.92 -19.80 -27.65
CA GLU B 129 -5.47 -20.02 -27.44
C GLU B 129 -5.03 -21.46 -27.75
N GLU B 130 -5.87 -22.43 -27.34
CA GLU B 130 -5.58 -23.84 -27.62
C GLU B 130 -5.76 -24.21 -29.11
N GLN B 131 -6.81 -23.66 -29.74
CA GLN B 131 -7.11 -23.90 -31.13
C GLN B 131 -5.96 -23.40 -31.99
N ARG B 132 -5.42 -22.25 -31.62
CA ARG B 132 -4.31 -21.69 -32.35
C ARG B 132 -3.09 -22.57 -32.26
N GLU B 133 -2.86 -23.16 -31.10
CA GLU B 133 -1.70 -24.02 -30.93
C GLU B 133 -1.84 -25.19 -31.87
N GLN B 134 -3.04 -25.73 -31.92
CA GLN B 134 -3.36 -26.83 -32.78
C GLN B 134 -2.95 -26.49 -34.19
N ILE B 135 -3.25 -25.27 -34.60
CA ILE B 135 -2.91 -24.83 -35.93
C ILE B 135 -1.40 -24.86 -36.14
N ASP B 136 -0.62 -24.35 -35.18
CA ASP B 136 0.86 -24.37 -35.26
C ASP B 136 1.42 -25.80 -35.43
N LEU B 137 0.81 -26.73 -34.71
CA LEU B 137 1.14 -28.12 -34.83
C LEU B 137 0.92 -28.67 -36.26
N VAL B 138 -0.31 -28.55 -36.77
CA VAL B 138 -0.65 -29.05 -38.12
C VAL B 138 0.24 -28.36 -39.17
N ALA B 139 0.60 -27.11 -38.89
CA ALA B 139 1.46 -26.35 -39.77
C ALA B 139 2.91 -26.88 -39.89
N GLN B 140 3.33 -27.77 -38.99
CA GLN B 140 4.62 -28.51 -39.17
C GLN B 140 4.60 -29.46 -40.39
N GLN B 141 3.43 -30.00 -40.68
CA GLN B 141 3.20 -30.97 -41.77
C GLN B 141 2.47 -30.42 -42.97
N VAL B 142 1.72 -29.34 -42.81
CA VAL B 142 0.86 -28.77 -43.88
C VAL B 142 1.38 -27.36 -44.22
N PRO B 143 1.45 -26.99 -45.50
CA PRO B 143 1.68 -25.58 -45.82
C PRO B 143 0.45 -24.71 -45.50
N VAL B 144 0.65 -23.78 -44.57
CA VAL B 144 -0.44 -22.95 -44.02
C VAL B 144 -0.11 -21.46 -44.07
N VAL B 145 -0.98 -20.68 -44.72
CA VAL B 145 -0.93 -19.26 -44.55
C VAL B 145 -2.01 -18.88 -43.61
N MET B 146 -1.63 -18.08 -42.61
CA MET B 146 -2.59 -17.52 -41.69
C MET B 146 -2.28 -16.09 -41.29
N ALA B 147 -3.33 -15.27 -41.33
CA ALA B 147 -3.24 -13.86 -40.98
C ALA B 147 -4.59 -13.32 -40.59
N PRO B 148 -4.62 -12.37 -39.64
CA PRO B 148 -5.90 -11.75 -39.33
C PRO B 148 -6.38 -10.74 -40.36
N ASN B 149 -5.49 -10.31 -41.25
CA ASN B 149 -5.87 -9.32 -42.26
C ASN B 149 -5.04 -9.53 -43.53
N TYR B 150 -5.73 -9.70 -44.66
CA TYR B 150 -5.07 -10.00 -45.94
C TYR B 150 -4.87 -8.76 -46.79
N SER B 151 -5.16 -7.58 -46.25
CA SER B 151 -4.84 -6.30 -46.94
C SER B 151 -3.36 -5.83 -46.78
N VAL B 152 -2.84 -5.11 -47.76
CA VAL B 152 -1.44 -4.65 -47.69
C VAL B 152 -1.26 -3.58 -46.59
N GLY B 153 -2.23 -2.69 -46.48
CA GLY B 153 -2.10 -1.63 -45.52
C GLY B 153 -1.96 -2.07 -44.09
N VAL B 154 -2.72 -3.06 -43.69
CA VAL B 154 -2.65 -3.52 -42.32
C VAL B 154 -1.26 -4.03 -42.04
N ASN B 155 -0.70 -4.71 -43.02
CA ASN B 155 0.62 -5.25 -42.88
C ASN B 155 1.67 -4.18 -42.71
N LEU B 156 1.51 -3.06 -43.41
CA LEU B 156 2.42 -1.93 -43.26
C LEU B 156 2.23 -1.41 -41.85
N VAL B 157 0.97 -1.31 -41.44
CA VAL B 157 0.64 -0.88 -40.08
C VAL B 157 1.34 -1.68 -39.01
N PHE B 158 1.32 -2.99 -39.11
CA PHE B 158 2.03 -3.79 -38.05
C PHE B 158 3.48 -3.31 -37.92
N LYS B 159 4.12 -3.06 -39.04
CA LYS B 159 5.52 -2.61 -39.04
C LYS B 159 5.66 -1.24 -38.41
N LEU B 160 4.71 -0.37 -38.71
CA LEU B 160 4.71 0.97 -38.13
C LEU B 160 4.48 0.94 -36.62
N LEU B 161 3.63 0.02 -36.17
CA LEU B 161 3.37 -0.12 -34.77
C LEU B 161 4.60 -0.56 -34.00
N GLU B 162 5.38 -1.46 -34.59
CA GLU B 162 6.63 -1.89 -33.97
C GLU B 162 7.59 -0.72 -33.77
N LYS B 163 7.80 0.10 -34.81
CA LYS B 163 8.67 1.33 -34.68
C LYS B 163 8.09 2.30 -33.61
N ALA B 164 6.77 2.49 -33.56
CA ALA B 164 6.19 3.38 -32.55
C ALA B 164 6.36 2.81 -31.12
N ALA B 165 6.14 1.52 -30.98
CA ALA B 165 6.25 0.91 -29.67
C ALA B 165 7.69 0.95 -29.09
N LYS B 166 8.66 0.72 -29.95
CA LYS B 166 10.07 0.88 -29.56
C LYS B 166 10.37 2.25 -29.02
N VAL B 167 9.82 3.28 -29.63
CA VAL B 167 10.16 4.66 -29.26
C VAL B 167 9.28 5.21 -28.15
N MET B 168 7.98 4.93 -28.18
CA MET B 168 7.05 5.53 -27.22
C MET B 168 6.41 4.59 -26.24
N GLY B 169 6.46 3.29 -26.52
CA GLY B 169 5.73 2.28 -25.70
C GLY B 169 5.99 2.28 -24.19
N ASP B 170 7.24 2.53 -23.83
CA ASP B 170 7.66 2.45 -22.46
C ASP B 170 7.04 3.50 -21.58
N TYR B 171 6.87 4.69 -22.11
CA TYR B 171 6.31 5.76 -21.30
C TYR B 171 4.84 6.14 -21.65
N CYS B 172 4.20 5.46 -22.60
CA CYS B 172 2.89 5.86 -23.06
C CYS B 172 1.82 4.87 -22.76
N ASP B 173 0.59 5.33 -22.68
CA ASP B 173 -0.55 4.46 -22.62
C ASP B 173 -0.91 4.02 -23.99
N ILE B 174 -1.16 2.71 -24.17
CA ILE B 174 -1.42 2.13 -25.48
C ILE B 174 -2.81 1.60 -25.57
N GLU B 175 -3.56 2.06 -26.55
CA GLU B 175 -4.95 1.68 -26.67
C GLU B 175 -5.20 1.31 -28.11
N ILE B 176 -6.03 0.29 -28.32
CA ILE B 176 -6.48 -0.12 -29.63
C ILE B 176 -8.01 -0.08 -29.75
N VAL B 177 -8.49 0.45 -30.85
CA VAL B 177 -9.88 0.69 -31.04
C VAL B 177 -10.17 0.15 -32.38
N GLU B 178 -11.26 -0.57 -32.48
CA GLU B 178 -11.64 -1.15 -33.79
C GLU B 178 -13.12 -1.12 -33.98
N ALA B 179 -13.53 -1.01 -35.25
CA ALA B 179 -14.96 -0.94 -35.58
C ALA B 179 -15.24 -1.84 -36.74
N HIS B 180 -16.35 -2.57 -36.68
CA HIS B 180 -16.80 -3.42 -37.76
C HIS B 180 -18.27 -3.44 -37.80
N HIS B 181 -18.74 -3.97 -38.91
CA HIS B 181 -20.16 -4.21 -39.19
C HIS B 181 -20.92 -5.04 -38.17
N ARG B 182 -22.22 -4.90 -38.15
CA ARG B 182 -23.03 -5.54 -37.14
C ARG B 182 -22.91 -7.05 -37.06
N HIS B 183 -22.65 -7.68 -38.17
CA HIS B 183 -22.65 -9.14 -38.26
C HIS B 183 -21.44 -9.80 -37.72
N LYS B 184 -20.41 -9.06 -37.41
CA LYS B 184 -19.19 -9.70 -36.93
C LYS B 184 -19.36 -10.35 -35.55
N VAL B 185 -19.07 -11.65 -35.48
CA VAL B 185 -19.38 -12.41 -34.27
C VAL B 185 -18.32 -12.38 -33.16
N ASP B 186 -17.08 -12.05 -33.52
CA ASP B 186 -15.93 -12.08 -32.57
C ASP B 186 -15.39 -10.67 -32.17
N ALA B 187 -14.92 -10.54 -30.94
CA ALA B 187 -14.48 -9.23 -30.42
C ALA B 187 -13.41 -9.42 -29.41
N PRO B 188 -12.34 -8.64 -29.47
CA PRO B 188 -12.08 -7.73 -30.55
C PRO B 188 -11.66 -8.50 -31.84
N SER B 189 -11.52 -7.78 -32.93
CA SER B 189 -11.16 -8.33 -34.18
C SER B 189 -9.81 -9.04 -34.06
N GLY B 190 -9.59 -9.96 -34.99
CA GLY B 190 -8.34 -10.67 -35.06
C GLY B 190 -7.23 -9.69 -35.35
N THR B 191 -7.53 -8.73 -36.22
CA THR B 191 -6.54 -7.70 -36.58
C THR B 191 -6.14 -6.87 -35.34
N ALA B 192 -7.10 -6.53 -34.51
CA ALA B 192 -6.80 -5.73 -33.34
C ALA B 192 -5.85 -6.50 -32.45
N ILE B 193 -6.13 -7.78 -32.29
CA ILE B 193 -5.29 -8.62 -31.47
C ILE B 193 -3.91 -8.69 -32.06
N GLY B 194 -3.83 -8.78 -33.38
CA GLY B 194 -2.56 -8.83 -34.04
C GLY B 194 -1.80 -7.56 -33.76
N MET B 195 -2.50 -6.44 -33.77
CA MET B 195 -1.87 -5.15 -33.51
C MET B 195 -1.31 -5.14 -32.11
N GLY B 196 -2.10 -5.65 -31.19
CA GLY B 196 -1.60 -5.84 -29.84
C GLY B 196 -0.34 -6.73 -29.73
N GLU B 197 -0.34 -7.82 -30.48
CA GLU B 197 0.76 -8.77 -30.43
C GLU B 197 2.02 -8.10 -30.94
N ALA B 198 1.88 -7.38 -32.04
CA ALA B 198 3.03 -6.70 -32.63
C ALA B 198 3.60 -5.67 -31.66
N ILE B 199 2.72 -4.93 -31.02
CA ILE B 199 3.13 -3.94 -30.05
C ILE B 199 3.83 -4.59 -28.85
N ALA B 200 3.13 -5.53 -28.22
CA ALA B 200 3.68 -6.22 -27.08
C ALA B 200 5.03 -6.88 -27.40
N GLY B 201 5.04 -7.62 -28.50
CA GLY B 201 6.27 -8.27 -28.98
C GLY B 201 7.46 -7.33 -29.15
N ALA B 202 7.25 -6.17 -29.76
CA ALA B 202 8.36 -5.22 -29.96
C ALA B 202 8.86 -4.62 -28.66
N MET B 203 8.03 -4.65 -27.62
CA MET B 203 8.41 -4.23 -26.25
C MET B 203 8.91 -5.41 -25.35
N GLY B 204 9.10 -6.60 -25.92
CA GLY B 204 9.47 -7.81 -25.17
C GLY B 204 8.41 -8.40 -24.21
N ASN B 205 7.11 -8.13 -24.43
CA ASN B 205 6.02 -8.65 -23.57
C ASN B 205 5.12 -9.60 -24.33
N LYS B 206 4.25 -10.26 -23.58
CA LYS B 206 3.25 -11.18 -24.12
C LYS B 206 1.91 -10.44 -23.93
N LEU B 207 1.12 -10.38 -25.01
CA LEU B 207 -0.14 -9.61 -24.99
C LEU B 207 -1.09 -10.00 -23.89
N SER B 208 -1.22 -11.31 -23.65
CA SER B 208 -2.14 -11.78 -22.61
C SER B 208 -1.76 -11.31 -21.19
N ASP B 209 -0.49 -10.99 -20.95
CA ASP B 209 -0.08 -10.35 -19.68
C ASP B 209 -0.58 -8.91 -19.47
N VAL B 210 -0.78 -8.17 -20.56
CA VAL B 210 -1.12 -6.74 -20.50
C VAL B 210 -2.52 -6.36 -21.02
N ALA B 211 -3.17 -7.21 -21.78
CA ALA B 211 -4.40 -6.84 -22.44
C ALA B 211 -5.54 -6.65 -21.48
N VAL B 212 -6.34 -5.61 -21.72
CA VAL B 212 -7.57 -5.38 -20.98
C VAL B 212 -8.66 -5.27 -22.01
N TYR B 213 -9.61 -6.18 -21.96
CA TYR B 213 -10.65 -6.30 -23.06
C TYR B 213 -11.99 -5.65 -22.73
N ALA B 214 -12.18 -5.26 -21.49
CA ALA B 214 -13.45 -4.70 -21.13
C ALA B 214 -13.23 -3.76 -20.00
N ARG B 215 -13.98 -2.68 -20.01
CA ARG B 215 -13.95 -1.75 -18.90
C ARG B 215 -15.36 -1.45 -18.51
N GLU B 216 -15.71 -1.84 -17.29
CA GLU B 216 -17.07 -1.75 -16.86
C GLU B 216 -17.11 -1.43 -15.39
N GLY B 217 -18.01 -0.53 -14.99
CA GLY B 217 -18.12 -0.08 -13.61
C GLY B 217 -16.87 0.64 -13.09
N ILE B 218 -16.55 0.39 -11.83
CA ILE B 218 -15.41 1.01 -11.17
C ILE B 218 -14.17 0.16 -11.52
N THR B 219 -13.37 0.63 -12.46
CA THR B 219 -12.17 -0.10 -12.87
C THR B 219 -10.93 0.32 -12.04
N GLY B 220 -11.05 1.41 -11.28
CA GLY B 220 -9.89 2.07 -10.70
C GLY B 220 -9.02 2.72 -11.77
N GLU B 221 -7.90 3.27 -11.34
CA GLU B 221 -6.92 3.93 -12.25
C GLU B 221 -6.32 2.93 -13.21
N ARG B 222 -6.07 3.38 -14.43
CA ARG B 222 -5.46 2.58 -15.47
C ARG B 222 -4.05 2.13 -14.96
N THR B 223 -3.66 0.90 -15.24
CA THR B 223 -2.27 0.48 -14.97
C THR B 223 -1.34 1.06 -16.05
N LYS B 224 -0.05 1.10 -15.78
CA LYS B 224 0.93 1.67 -16.72
C LYS B 224 1.10 0.79 -17.96
N ASP B 225 1.01 -0.52 -17.79
CA ASP B 225 1.46 -1.48 -18.80
C ASP B 225 0.36 -1.98 -19.69
N GLU B 226 -0.90 -1.78 -19.27
CA GLU B 226 -2.05 -2.35 -19.99
C GLU B 226 -2.17 -1.83 -21.42
N ILE B 227 -2.67 -2.73 -22.26
CA ILE B 227 -3.10 -2.38 -23.59
C ILE B 227 -4.61 -2.57 -23.61
N GLY B 228 -5.33 -1.47 -23.60
CA GLY B 228 -6.79 -1.52 -23.62
C GLY B 228 -7.34 -1.79 -25.02
N PHE B 229 -8.45 -2.51 -25.09
CA PHE B 229 -9.17 -2.74 -26.36
C PHE B 229 -10.60 -2.21 -26.26
N ALA B 230 -10.99 -1.40 -27.22
CA ALA B 230 -12.35 -1.00 -27.36
C ALA B 230 -12.91 -1.45 -28.70
N THR B 231 -14.17 -1.84 -28.71
CA THR B 231 -14.79 -2.47 -29.84
C THR B 231 -16.15 -1.86 -30.17
N ILE B 232 -16.30 -1.50 -31.43
CA ILE B 232 -17.52 -0.92 -31.96
C ILE B 232 -18.11 -1.88 -32.99
N ARG B 233 -19.39 -2.19 -32.91
CA ARG B 233 -19.94 -3.02 -33.94
C ARG B 233 -21.13 -2.28 -34.45
N ALA B 234 -21.10 -1.86 -35.71
CA ALA B 234 -22.24 -1.15 -36.25
C ALA B 234 -22.30 -1.09 -37.76
N GLY B 235 -23.50 -1.01 -38.27
CA GLY B 235 -23.71 -0.90 -39.69
C GLY B 235 -23.04 -1.93 -40.55
N ASP B 236 -22.44 -1.43 -41.62
CA ASP B 236 -21.76 -2.23 -42.60
C ASP B 236 -20.29 -1.88 -42.66
N ILE B 237 -19.73 -1.37 -41.59
CA ILE B 237 -18.35 -0.96 -41.61
C ILE B 237 -17.51 -2.16 -42.00
N VAL B 238 -16.69 -1.98 -43.02
CA VAL B 238 -15.84 -3.03 -43.45
C VAL B 238 -14.68 -3.28 -42.48
N GLY B 239 -14.22 -2.23 -41.82
CA GLY B 239 -13.13 -2.40 -40.83
C GLY B 239 -12.19 -1.21 -40.61
N GLU B 240 -12.24 -0.60 -39.43
CA GLU B 240 -11.37 0.45 -39.01
C GLU B 240 -10.63 -0.02 -37.83
N HIS B 241 -9.34 0.24 -37.80
CA HIS B 241 -8.49 -0.02 -36.64
C HIS B 241 -7.60 1.15 -36.34
N THR B 242 -7.44 1.43 -35.07
CA THR B 242 -6.58 2.50 -34.64
C THR B 242 -5.77 2.09 -33.46
N ALA B 243 -4.46 2.31 -33.50
CA ALA B 243 -3.63 2.15 -32.32
C ALA B 243 -3.20 3.51 -31.89
N MET B 244 -3.38 3.80 -30.62
CA MET B 244 -3.12 5.12 -30.02
C MET B 244 -2.00 4.96 -29.02
N PHE B 245 -1.05 5.86 -29.08
CA PHE B 245 0.02 5.92 -28.12
C PHE B 245 -0.09 7.28 -27.46
N ALA B 246 -0.49 7.33 -26.20
CA ALA B 246 -0.76 8.58 -25.50
C ALA B 246 0.19 8.89 -24.36
N ASP B 247 0.79 10.06 -24.43
CA ASP B 247 1.59 10.59 -23.37
C ASP B 247 0.79 11.70 -22.68
N ILE B 248 1.43 12.39 -21.74
CA ILE B 248 0.92 13.64 -21.21
C ILE B 248 1.29 14.77 -22.15
N GLY B 249 0.29 15.38 -22.78
CA GLY B 249 0.50 16.52 -23.67
C GLY B 249 0.55 16.21 -25.14
N GLU B 250 0.69 14.96 -25.52
CA GLU B 250 0.62 14.61 -26.94
C GLU B 250 0.19 13.17 -27.13
N ARG B 251 -0.27 12.83 -28.32
CA ARG B 251 -0.61 11.47 -28.63
C ARG B 251 -0.44 11.17 -30.10
N VAL B 252 -0.04 9.93 -30.42
CA VAL B 252 0.16 9.50 -31.80
C VAL B 252 -0.85 8.42 -32.10
N GLU B 253 -1.52 8.55 -33.23
CA GLU B 253 -2.47 7.55 -33.67
C GLU B 253 -2.13 6.98 -35.05
N ILE B 254 -2.16 5.66 -35.18
CA ILE B 254 -1.94 5.00 -36.47
C ILE B 254 -3.18 4.22 -36.79
N THR B 255 -3.74 4.48 -37.94
CA THR B 255 -5.10 4.04 -38.27
C THR B 255 -5.11 3.34 -39.64
N HIS B 256 -5.90 2.27 -39.77
CA HIS B 256 -6.13 1.64 -41.07
C HIS B 256 -7.63 1.60 -41.29
N LYS B 257 -8.07 1.85 -42.50
CA LYS B 257 -9.46 1.70 -42.86
C LYS B 257 -9.58 0.89 -44.13
N ALA B 258 -10.38 -0.15 -44.08
CA ALA B 258 -10.72 -0.93 -45.25
C ALA B 258 -12.08 -0.52 -45.73
N THR B 259 -12.27 -0.35 -47.02
CA THR B 259 -13.56 0.07 -47.55
C THR B 259 -14.25 -0.90 -48.46
N ASP B 260 -13.53 -1.90 -48.93
CA ASP B 260 -14.10 -2.95 -49.78
C ASP B 260 -13.51 -4.29 -49.37
N ARG B 261 -14.33 -5.31 -49.27
CA ARG B 261 -13.84 -6.62 -48.91
C ARG B 261 -12.88 -7.20 -49.95
N MET B 262 -13.03 -6.76 -51.19
CA MET B 262 -12.22 -7.30 -52.28
C MET B 262 -10.77 -7.12 -52.00
N THR B 263 -10.43 -6.11 -51.21
CA THR B 263 -9.09 -5.93 -50.76
C THR B 263 -8.55 -7.19 -50.07
N PHE B 264 -9.37 -7.78 -49.21
CA PHE B 264 -8.98 -8.92 -48.41
C PHE B 264 -8.98 -10.16 -49.33
N ALA B 265 -10.01 -10.28 -50.15
CA ALA B 265 -10.14 -11.39 -51.04
C ALA B 265 -8.98 -11.47 -52.03
N ASN B 266 -8.68 -10.35 -52.66
CA ASN B 266 -7.54 -10.31 -53.53
C ASN B 266 -6.29 -10.74 -52.80
N GLY B 267 -6.09 -10.28 -51.56
CA GLY B 267 -4.83 -10.60 -50.88
C GLY B 267 -4.74 -12.06 -50.52
N ALA B 268 -5.89 -12.65 -50.30
CA ALA B 268 -5.97 -14.05 -49.91
C ALA B 268 -5.64 -14.96 -51.09
N VAL B 269 -6.18 -14.60 -52.25
CA VAL B 269 -5.92 -15.29 -53.50
C VAL B 269 -4.45 -15.14 -53.87
N LYS B 270 -3.88 -13.95 -53.71
CA LYS B 270 -2.42 -13.73 -53.85
C LYS B 270 -1.67 -14.70 -52.88
N ALA B 271 -2.17 -14.89 -51.66
CA ALA B 271 -1.54 -15.80 -50.69
C ALA B 271 -1.60 -17.24 -51.15
N ALA B 272 -2.76 -17.62 -51.70
CA ALA B 272 -2.98 -18.97 -52.26
C ALA B 272 -2.02 -19.30 -53.41
N VAL B 273 -1.88 -18.36 -54.33
CA VAL B 273 -0.94 -18.46 -55.44
C VAL B 273 0.50 -18.64 -54.93
N TRP B 274 0.90 -17.82 -53.97
CA TRP B 274 2.24 -17.87 -53.36
C TRP B 274 2.47 -19.17 -52.63
N LEU B 275 1.43 -19.66 -51.99
CA LEU B 275 1.54 -20.86 -51.16
C LEU B 275 1.66 -22.15 -51.95
N HIS B 276 1.15 -22.14 -53.17
CA HIS B 276 1.18 -23.33 -54.00
C HIS B 276 2.62 -23.83 -54.18
N GLU B 277 2.77 -25.13 -53.94
CA GLU B 277 4.07 -25.84 -54.00
C GLU B 277 5.13 -25.18 -53.12
N LYS B 278 4.69 -24.74 -51.95
CA LYS B 278 5.60 -24.30 -50.90
C LYS B 278 5.69 -25.47 -49.98
N PRO B 279 6.77 -25.56 -49.23
CA PRO B 279 6.97 -26.61 -48.24
C PRO B 279 6.07 -26.34 -47.06
N ALA B 280 5.80 -27.35 -46.25
CA ALA B 280 4.94 -27.19 -45.09
C ALA B 280 5.51 -26.23 -44.07
N GLY B 281 4.64 -25.45 -43.43
CA GLY B 281 5.05 -24.51 -42.40
C GLY B 281 3.99 -23.49 -42.03
N PHE B 282 4.29 -22.62 -41.08
CA PHE B 282 3.33 -21.56 -40.69
C PHE B 282 3.76 -20.25 -41.32
N TYR B 283 3.03 -19.81 -42.34
CA TYR B 283 3.36 -18.55 -43.05
C TYR B 283 2.31 -17.46 -42.78
N THR B 284 2.74 -16.21 -42.86
CA THR B 284 1.91 -15.04 -42.59
C THR B 284 1.91 -14.17 -43.82
N MET B 285 1.14 -13.07 -43.84
CA MET B 285 1.18 -12.18 -45.01
C MET B 285 2.50 -11.50 -45.19
N THR B 286 3.20 -11.28 -44.07
CA THR B 286 4.56 -10.75 -44.09
C THR B 286 5.44 -11.60 -45.00
N ASP B 287 5.31 -12.92 -44.90
CA ASP B 287 6.08 -13.85 -45.76
C ASP B 287 5.63 -13.77 -47.22
N VAL B 288 4.31 -13.87 -47.46
CA VAL B 288 3.71 -13.75 -48.82
C VAL B 288 4.16 -12.47 -49.56
N LEU B 289 4.18 -11.36 -48.86
CA LEU B 289 4.60 -10.10 -49.44
C LEU B 289 6.11 -9.94 -49.35
N GLY B 290 6.60 -9.62 -48.16
CA GLY B 290 8.01 -9.44 -47.93
C GLY B 290 8.28 -8.27 -47.01
N MET C 26 -46.73 3.69 -61.65
CA MET C 26 -45.30 3.44 -61.75
C MET C 26 -44.59 4.54 -62.54
N VAL C 27 -43.43 4.95 -62.05
CA VAL C 27 -42.62 6.01 -62.64
C VAL C 27 -41.55 5.51 -63.60
N ARG C 28 -41.46 6.18 -64.75
CA ARG C 28 -40.54 5.79 -65.81
C ARG C 28 -39.39 6.76 -65.82
N ILE C 29 -38.21 6.22 -65.57
CA ILE C 29 -37.05 7.03 -65.23
C ILE C 29 -36.07 7.04 -66.38
N ALA C 30 -35.60 8.23 -66.75
CA ALA C 30 -34.45 8.35 -67.62
C ALA C 30 -33.24 8.69 -66.77
N VAL C 31 -32.17 7.90 -66.93
CA VAL C 31 -30.92 8.10 -66.21
C VAL C 31 -29.98 8.82 -67.16
N ALA C 32 -29.77 10.12 -66.92
CA ALA C 32 -28.69 10.86 -67.60
C ALA C 32 -27.32 10.38 -67.13
N GLY C 33 -26.41 10.27 -68.10
CA GLY C 33 -25.02 9.87 -67.87
C GLY C 33 -24.91 8.48 -67.28
N ALA C 34 -25.47 7.49 -67.95
CA ALA C 34 -25.69 6.19 -67.33
C ALA C 34 -24.40 5.39 -67.10
N ALA C 35 -23.34 5.72 -67.81
CA ALA C 35 -22.04 5.02 -67.65
C ALA C 35 -21.21 5.58 -66.51
N GLY C 36 -21.62 6.73 -65.97
CA GLY C 36 -20.96 7.33 -64.84
C GLY C 36 -21.01 6.56 -63.54
N ARG C 37 -20.23 7.05 -62.57
CA ARG C 37 -20.24 6.45 -61.24
C ARG C 37 -21.62 6.42 -60.63
N MET C 38 -22.29 7.56 -60.65
CA MET C 38 -23.65 7.63 -60.17
C MET C 38 -24.63 7.00 -61.12
N GLY C 39 -24.48 7.29 -62.39
CA GLY C 39 -25.35 6.68 -63.39
C GLY C 39 -25.51 5.18 -63.26
N ARG C 40 -24.40 4.44 -63.18
CA ARG C 40 -24.42 2.99 -62.98
C ARG C 40 -25.21 2.57 -61.73
N ASN C 41 -24.96 3.25 -60.61
CA ASN C 41 -25.73 3.04 -59.38
C ASN C 41 -27.21 3.42 -59.51
N LEU C 42 -27.51 4.47 -60.29
CA LEU C 42 -28.88 4.91 -60.47
C LEU C 42 -29.70 3.92 -61.25
N VAL C 43 -29.10 3.38 -62.29
CA VAL C 43 -29.73 2.31 -63.08
C VAL C 43 -30.06 1.15 -62.17
N LYS C 44 -29.05 0.62 -61.48
CA LYS C 44 -29.24 -0.46 -60.45
C LYS C 44 -30.34 -0.12 -59.41
N ALA C 45 -30.34 1.09 -58.88
CA ALA C 45 -31.31 1.48 -57.87
C ALA C 45 -32.73 1.55 -58.41
N ALA C 46 -32.89 2.20 -59.56
CA ALA C 46 -34.21 2.35 -60.19
C ALA C 46 -34.81 0.99 -60.61
N HIS C 47 -33.95 0.12 -61.12
CA HIS C 47 -34.34 -1.22 -61.46
C HIS C 47 -34.92 -1.97 -60.27
N HIS C 48 -34.16 -1.98 -59.18
CA HIS C 48 -34.44 -2.72 -57.93
C HIS C 48 -35.62 -2.07 -57.12
N ASN C 49 -35.94 -0.81 -57.34
CA ASN C 49 -37.17 -0.21 -56.79
C ASN C 49 -38.36 -0.72 -57.59
N PRO C 50 -39.31 -1.40 -56.91
CA PRO C 50 -40.45 -1.97 -57.65
C PRO C 50 -41.54 -0.95 -58.09
N VAL C 51 -41.51 0.28 -57.57
CA VAL C 51 -42.41 1.35 -58.02
C VAL C 51 -41.78 2.19 -59.15
N ALA C 52 -40.65 1.71 -59.68
CA ALA C 52 -39.93 2.41 -60.72
C ALA C 52 -39.36 1.50 -61.83
N LYS C 53 -39.37 2.04 -63.07
CA LYS C 53 -38.86 1.35 -64.27
C LYS C 53 -37.77 2.17 -64.89
N VAL C 54 -36.69 1.49 -65.28
CA VAL C 54 -35.62 2.10 -66.05
C VAL C 54 -36.10 2.16 -67.48
N ALA C 55 -36.43 3.34 -67.95
CA ALA C 55 -37.07 3.54 -69.27
C ALA C 55 -36.10 4.04 -70.31
N ALA C 56 -35.07 4.74 -69.88
CA ALA C 56 -34.13 5.36 -70.82
C ALA C 56 -32.80 5.70 -70.16
N GLY C 57 -31.78 5.91 -70.97
CA GLY C 57 -30.47 6.31 -70.46
C GLY C 57 -29.63 7.04 -71.48
N SER C 58 -28.85 8.02 -71.05
CA SER C 58 -28.04 8.83 -71.97
C SER C 58 -26.56 8.78 -71.67
N GLU C 59 -25.77 9.31 -72.58
CA GLU C 59 -24.33 9.42 -72.43
C GLU C 59 -23.85 10.50 -73.36
N ARG C 60 -22.60 10.89 -73.23
CA ARG C 60 -22.03 11.92 -74.08
C ARG C 60 -22.11 11.39 -75.50
N PRO C 61 -22.38 12.33 -76.48
CA PRO C 61 -22.47 11.77 -77.84
C PRO C 61 -21.20 11.06 -78.25
N GLU C 62 -20.05 11.64 -77.98
CA GLU C 62 -18.76 11.00 -78.29
C GLU C 62 -18.56 9.61 -77.64
N SER C 63 -19.39 9.25 -76.66
CA SER C 63 -19.11 8.12 -75.74
C SER C 63 -19.03 6.76 -76.41
N SER C 64 -18.04 5.98 -75.96
CA SER C 64 -17.90 4.58 -76.29
C SER C 64 -19.14 3.69 -76.03
N LEU C 65 -19.95 4.04 -75.02
CA LEU C 65 -21.07 3.20 -74.58
C LEU C 65 -22.46 3.55 -75.15
N VAL C 66 -22.51 4.41 -76.17
CA VAL C 66 -23.78 4.68 -76.88
C VAL C 66 -24.14 3.47 -77.73
N GLY C 67 -25.44 3.17 -77.82
CA GLY C 67 -25.93 2.01 -78.56
C GLY C 67 -26.01 0.73 -77.73
N VAL C 68 -25.44 0.74 -76.52
CA VAL C 68 -25.30 -0.49 -75.71
C VAL C 68 -26.54 -0.62 -74.78
N ASP C 69 -26.91 -1.85 -74.44
CA ASP C 69 -28.06 -2.12 -73.57
C ASP C 69 -27.74 -1.77 -72.11
N LEU C 70 -28.67 -1.11 -71.43
CA LEU C 70 -28.43 -0.68 -70.03
C LEU C 70 -28.15 -1.81 -69.03
N GLY C 71 -28.71 -2.99 -69.32
CA GLY C 71 -28.38 -4.21 -68.60
C GLY C 71 -26.92 -4.64 -68.74
N GLU C 72 -26.38 -4.58 -69.97
CA GLU C 72 -24.95 -4.91 -70.23
C GLU C 72 -24.01 -4.01 -69.46
N LEU C 73 -24.41 -2.75 -69.37
CA LEU C 73 -23.68 -1.70 -68.69
C LEU C 73 -23.68 -1.91 -67.20
N CYS C 74 -24.85 -2.27 -66.70
CA CYS C 74 -25.03 -2.55 -65.32
C CYS C 74 -24.35 -3.95 -65.07
N GLY C 75 -24.25 -4.82 -66.10
CA GLY C 75 -23.74 -6.19 -65.92
C GLY C 75 -24.84 -7.10 -65.29
N GLU C 76 -26.05 -6.58 -65.07
CA GLU C 76 -27.26 -7.28 -64.65
C GLU C 76 -28.24 -7.48 -65.80
N GLY C 77 -28.16 -8.66 -66.42
CA GLY C 77 -29.03 -9.10 -67.48
C GLY C 77 -29.15 -8.22 -68.70
N LYS C 78 -30.38 -8.00 -69.11
CA LYS C 78 -30.65 -7.15 -70.26
C LYS C 78 -31.96 -6.46 -70.00
N PHE C 79 -32.13 -5.30 -70.59
CA PHE C 79 -33.34 -4.54 -70.47
C PHE C 79 -33.61 -4.21 -71.90
N ASP C 80 -34.85 -3.96 -72.25
CA ASP C 80 -35.08 -3.69 -73.67
C ASP C 80 -34.69 -2.27 -74.07
N VAL C 81 -33.75 -1.67 -73.34
CA VAL C 81 -33.38 -0.24 -73.52
C VAL C 81 -31.89 -0.01 -73.83
N VAL C 82 -31.64 0.92 -74.76
CA VAL C 82 -30.28 1.31 -75.17
C VAL C 82 -29.87 2.70 -74.67
N VAL C 83 -28.57 2.85 -74.43
CA VAL C 83 -27.98 4.16 -74.12
C VAL C 83 -28.06 5.06 -75.37
N CYS C 84 -28.79 6.15 -75.22
CA CYS C 84 -28.94 7.13 -76.28
C CYS C 84 -27.89 8.23 -76.18
N ASP C 85 -27.60 8.88 -77.28
CA ASP C 85 -26.72 10.04 -77.31
C ASP C 85 -27.46 11.36 -77.02
N ASP C 86 -28.78 11.28 -76.92
CA ASP C 86 -29.63 12.45 -76.70
C ASP C 86 -30.97 11.96 -76.17
N LEU C 87 -31.40 12.49 -75.03
CA LEU C 87 -32.65 12.05 -74.41
C LEU C 87 -33.88 12.54 -75.17
N ALA C 88 -33.74 13.60 -75.96
CA ALA C 88 -34.84 14.09 -76.83
C ALA C 88 -35.43 13.01 -77.77
N LYS C 89 -34.55 12.14 -78.26
CA LYS C 89 -34.91 10.97 -79.06
C LYS C 89 -35.80 9.95 -78.38
N GLN C 90 -35.81 9.97 -77.05
CA GLN C 90 -36.63 9.06 -76.25
C GLN C 90 -37.61 9.70 -75.25
N ILE C 91 -37.99 10.95 -75.48
CA ILE C 91 -38.85 11.66 -74.53
C ILE C 91 -40.19 11.03 -74.20
N ASP C 92 -40.83 10.44 -75.20
CA ASP C 92 -42.14 9.81 -74.99
C ASP C 92 -42.02 8.66 -74.01
N GLN C 93 -40.86 8.02 -74.02
CA GLN C 93 -40.59 6.90 -73.11
C GLN C 93 -40.56 7.15 -71.59
N PHE C 94 -40.10 8.31 -71.14
CA PHE C 94 -39.99 8.55 -69.70
C PHE C 94 -40.66 9.81 -69.15
N ASP C 95 -40.96 9.75 -67.85
CA ASP C 95 -41.59 10.84 -67.10
C ASP C 95 -40.58 11.76 -66.34
N VAL C 96 -39.51 11.16 -65.80
CA VAL C 96 -38.57 11.85 -64.88
C VAL C 96 -37.16 11.53 -65.27
N ILE C 97 -36.35 12.59 -65.41
CA ILE C 97 -34.90 12.45 -65.60
C ILE C 97 -34.18 12.50 -64.25
N ILE C 98 -33.30 11.54 -63.99
CA ILE C 98 -32.40 11.65 -62.86
C ILE C 98 -31.05 12.01 -63.38
N ASP C 99 -30.58 13.20 -63.01
CA ASP C 99 -29.36 13.81 -63.60
C ASP C 99 -28.25 14.08 -62.59
N PHE C 100 -27.22 13.25 -62.66
CA PHE C 100 -26.02 13.39 -61.87
C PHE C 100 -24.90 13.39 -62.92
N THR C 101 -24.79 14.49 -63.63
CA THR C 101 -23.79 14.65 -64.70
C THR C 101 -22.86 15.87 -64.54
N ALA C 102 -22.95 16.82 -65.48
CA ALA C 102 -22.13 18.01 -65.44
C ALA C 102 -23.06 19.19 -65.57
N PRO C 103 -22.70 20.36 -65.03
CA PRO C 103 -23.64 21.48 -65.11
C PRO C 103 -24.24 21.81 -66.52
N ALA C 104 -23.41 21.86 -67.55
CA ALA C 104 -23.90 22.17 -68.89
C ALA C 104 -24.96 21.15 -69.38
N SER C 105 -24.61 19.86 -69.28
CA SER C 105 -25.52 18.75 -69.63
C SER C 105 -26.86 18.78 -68.88
N THR C 106 -26.78 19.18 -67.62
CA THR C 106 -27.97 19.26 -66.78
C THR C 106 -28.85 20.44 -67.21
N LEU C 107 -28.25 21.57 -67.56
CA LEU C 107 -29.05 22.70 -68.08
C LEU C 107 -29.81 22.33 -69.36
N ASN C 108 -29.15 21.53 -70.22
CA ASN C 108 -29.81 20.95 -71.42
C ASN C 108 -31.00 20.08 -71.10
N ASN C 109 -30.80 19.14 -70.19
CA ASN C 109 -31.90 18.28 -69.71
C ASN C 109 -33.04 19.06 -69.00
N LEU C 110 -32.68 20.16 -68.39
CA LEU C 110 -33.64 21.03 -67.77
C LEU C 110 -34.51 21.73 -68.83
N ALA C 111 -33.86 22.18 -69.90
CA ALA C 111 -34.54 22.80 -71.07
C ALA C 111 -35.51 21.80 -71.73
N LEU C 112 -34.98 20.59 -71.94
CA LEU C 112 -35.73 19.45 -72.43
C LEU C 112 -36.99 19.17 -71.61
N CYS C 113 -36.86 19.33 -70.30
CA CYS C 113 -38.01 19.13 -69.42
C CYS C 113 -39.06 20.18 -69.61
N GLN C 114 -38.62 21.42 -69.78
CA GLN C 114 -39.55 22.50 -69.97
C GLN C 114 -40.28 22.37 -71.28
N GLN C 115 -39.54 21.97 -72.30
CA GLN C 115 -40.10 21.81 -73.63
C GLN C 115 -41.13 20.71 -73.76
N TYR C 116 -40.88 19.57 -73.15
CA TYR C 116 -41.76 18.41 -73.27
C TYR C 116 -42.57 18.05 -72.04
N GLY C 117 -42.65 18.98 -71.09
CA GLY C 117 -43.41 18.73 -69.84
C GLY C 117 -42.92 17.55 -69.02
N LYS C 118 -41.61 17.47 -68.78
CA LYS C 118 -41.07 16.36 -67.98
C LYS C 118 -40.29 16.80 -66.73
N SER C 119 -40.59 16.16 -65.60
CA SER C 119 -39.92 16.45 -64.32
C SER C 119 -38.49 15.91 -64.19
N ILE C 120 -37.67 16.55 -63.35
CA ILE C 120 -36.29 16.13 -63.16
C ILE C 120 -35.70 16.20 -61.73
N VAL C 121 -34.87 15.22 -61.41
CA VAL C 121 -34.12 15.13 -60.17
C VAL C 121 -32.69 15.50 -60.49
N ILE C 122 -32.23 16.61 -59.92
CA ILE C 122 -30.84 17.08 -60.11
C ILE C 122 -29.97 16.70 -58.91
N GLY C 123 -28.91 15.95 -59.21
CA GLY C 123 -27.79 15.67 -58.28
C GLY C 123 -26.47 16.37 -58.57
N THR C 124 -26.31 16.81 -59.81
CA THR C 124 -25.14 17.51 -60.26
C THR C 124 -24.80 18.67 -59.32
N THR C 125 -23.51 18.88 -59.12
CA THR C 125 -23.01 19.99 -58.27
C THR C 125 -22.03 20.76 -59.10
N GLY C 126 -21.63 21.90 -58.55
CA GLY C 126 -20.63 22.74 -59.16
C GLY C 126 -21.22 23.76 -60.13
N PHE C 127 -22.51 24.03 -60.00
CA PHE C 127 -23.15 25.15 -60.69
C PHE C 127 -22.64 26.50 -60.24
N THR C 128 -22.47 27.43 -61.20
CA THR C 128 -22.24 28.86 -60.86
C THR C 128 -23.51 29.55 -60.31
N GLU C 129 -23.30 30.73 -59.73
CA GLU C 129 -24.39 31.50 -59.13
C GLU C 129 -25.46 31.84 -60.16
N GLU C 130 -25.04 32.18 -61.39
CA GLU C 130 -26.00 32.51 -62.47
C GLU C 130 -26.77 31.27 -62.98
N GLN C 131 -26.05 30.14 -63.10
CA GLN C 131 -26.69 28.85 -63.44
C GLN C 131 -27.76 28.42 -62.39
N ARG C 132 -27.49 28.62 -61.09
CA ARG C 132 -28.46 28.25 -60.01
C ARG C 132 -29.69 29.17 -60.13
N GLU C 133 -29.51 30.42 -60.59
CA GLU C 133 -30.65 31.37 -60.85
C GLU C 133 -31.53 30.94 -62.02
N GLN C 134 -30.88 30.54 -63.09
CA GLN C 134 -31.51 29.84 -64.19
C GLN C 134 -32.34 28.63 -63.82
N ILE C 135 -31.80 27.81 -62.92
CA ILE C 135 -32.54 26.64 -62.41
C ILE C 135 -33.81 27.03 -61.63
N ASP C 136 -33.72 28.02 -60.72
CA ASP C 136 -34.90 28.55 -60.00
C ASP C 136 -35.99 29.08 -60.94
N LEU C 137 -35.58 29.75 -62.02
CA LEU C 137 -36.48 30.21 -63.10
C LEU C 137 -37.27 29.09 -63.82
N VAL C 138 -36.56 28.15 -64.39
CA VAL C 138 -37.18 26.97 -65.01
C VAL C 138 -38.08 26.21 -63.99
N ALA C 139 -37.67 26.19 -62.72
CA ALA C 139 -38.44 25.50 -61.65
C ALA C 139 -39.80 26.13 -61.33
N GLN C 140 -40.06 27.35 -61.82
CA GLN C 140 -41.44 27.88 -61.82
C GLN C 140 -42.40 27.10 -62.69
N GLN C 141 -41.87 26.58 -63.81
CA GLN C 141 -42.64 25.87 -64.84
C GLN C 141 -42.46 24.33 -64.83
N VAL C 142 -41.36 23.84 -64.27
CA VAL C 142 -41.02 22.42 -64.31
C VAL C 142 -40.95 21.88 -62.87
N PRO C 143 -41.43 20.63 -62.64
CA PRO C 143 -41.21 20.05 -61.31
C PRO C 143 -39.75 19.56 -61.15
N VAL C 144 -39.02 20.18 -60.21
CA VAL C 144 -37.59 20.01 -60.04
C VAL C 144 -37.28 19.61 -58.61
N VAL C 145 -36.62 18.46 -58.44
CA VAL C 145 -35.93 18.17 -57.17
C VAL C 145 -34.45 18.45 -57.34
N MET C 146 -33.90 19.23 -56.40
CA MET C 146 -32.48 19.52 -56.38
C MET C 146 -31.89 19.56 -54.96
N ALA C 147 -30.77 18.86 -54.81
CA ALA C 147 -30.09 18.74 -53.55
C ALA C 147 -28.63 18.38 -53.76
N PRO C 148 -27.75 18.92 -52.91
CA PRO C 148 -26.37 18.46 -52.99
C PRO C 148 -26.11 17.07 -52.45
N ASN C 149 -27.06 16.49 -51.73
CA ASN C 149 -26.84 15.17 -51.17
C ASN C 149 -28.19 14.46 -51.02
N TYR C 150 -28.30 13.26 -51.59
CA TYR C 150 -29.58 12.49 -51.55
C TYR C 150 -29.67 11.45 -50.44
N SER C 151 -28.69 11.44 -49.55
CA SER C 151 -28.72 10.54 -48.39
C SER C 151 -29.57 11.12 -47.24
N VAL C 152 -30.17 10.25 -46.48
CA VAL C 152 -30.98 10.69 -45.35
C VAL C 152 -30.11 11.37 -44.29
N GLY C 153 -28.98 10.79 -44.01
CA GLY C 153 -28.09 11.30 -42.95
C GLY C 153 -27.70 12.74 -43.13
N VAL C 154 -27.35 13.11 -44.34
CA VAL C 154 -26.94 14.47 -44.62
C VAL C 154 -28.05 15.46 -44.34
N ASN C 155 -29.25 15.13 -44.74
CA ASN C 155 -30.36 16.01 -44.51
C ASN C 155 -30.63 16.23 -43.04
N LEU C 156 -30.50 15.16 -42.25
CA LEU C 156 -30.67 15.26 -40.82
C LEU C 156 -29.56 16.15 -40.30
N VAL C 157 -28.35 15.93 -40.80
CA VAL C 157 -27.25 16.78 -40.42
C VAL C 157 -27.55 18.25 -40.65
N PHE C 158 -28.13 18.63 -41.80
CA PHE C 158 -28.49 20.06 -42.02
C PHE C 158 -29.33 20.59 -40.85
N LYS C 159 -30.32 19.82 -40.43
CA LYS C 159 -31.13 20.19 -39.29
C LYS C 159 -30.36 20.30 -37.99
N LEU C 160 -29.49 19.35 -37.74
CA LEU C 160 -28.64 19.41 -36.56
C LEU C 160 -27.77 20.65 -36.57
N LEU C 161 -27.25 21.00 -37.74
CA LEU C 161 -26.32 22.15 -37.85
C LEU C 161 -27.03 23.44 -37.52
N GLU C 162 -28.28 23.55 -37.92
CA GLU C 162 -29.08 24.70 -37.56
C GLU C 162 -29.17 24.84 -36.06
N LYS C 163 -29.49 23.76 -35.36
CA LYS C 163 -29.66 23.80 -33.88
C LYS C 163 -28.31 24.18 -33.22
N ALA C 164 -27.21 23.63 -33.70
CA ALA C 164 -25.90 23.94 -33.15
C ALA C 164 -25.54 25.40 -33.44
N ALA C 165 -25.83 25.88 -34.64
CA ALA C 165 -25.51 27.26 -34.95
C ALA C 165 -26.28 28.28 -34.08
N LYS C 166 -27.56 28.01 -33.85
CA LYS C 166 -28.37 28.86 -32.98
C LYS C 166 -27.79 28.97 -31.59
N VAL C 167 -27.27 27.89 -31.06
CA VAL C 167 -26.77 27.85 -29.67
C VAL C 167 -25.33 28.27 -29.55
N MET C 168 -24.47 27.88 -30.49
CA MET C 168 -23.03 28.12 -30.37
C MET C 168 -22.44 29.06 -31.39
N GLY C 169 -23.13 29.28 -32.49
CA GLY C 169 -22.55 29.98 -33.63
C GLY C 169 -21.96 31.36 -33.35
N ASP C 170 -22.64 32.09 -32.47
CA ASP C 170 -22.28 33.48 -32.18
C ASP C 170 -20.95 33.62 -31.49
N TYR C 171 -20.63 32.71 -30.60
CA TYR C 171 -19.37 32.76 -29.90
C TYR C 171 -18.29 31.75 -30.36
N CYS C 172 -18.55 30.94 -31.37
CA CYS C 172 -17.61 29.89 -31.80
C CYS C 172 -17.06 30.05 -33.16
N ASP C 173 -15.90 29.47 -33.39
CA ASP C 173 -15.34 29.42 -34.73
C ASP C 173 -15.98 28.24 -35.42
N ILE C 174 -16.41 28.46 -36.66
CA ILE C 174 -17.08 27.44 -37.46
C ILE C 174 -16.29 26.98 -38.67
N GLU C 175 -16.04 25.68 -38.79
CA GLU C 175 -15.15 25.15 -39.83
C GLU C 175 -15.80 23.97 -40.42
N ILE C 176 -15.73 23.85 -41.77
CA ILE C 176 -16.21 22.71 -42.48
C ILE C 176 -15.05 22.01 -43.22
N VAL C 177 -15.02 20.69 -43.09
CA VAL C 177 -14.00 19.85 -43.68
C VAL C 177 -14.72 18.80 -44.45
N GLU C 178 -14.29 18.57 -45.66
CA GLU C 178 -14.83 17.47 -46.43
C GLU C 178 -13.75 16.69 -47.16
N ALA C 179 -13.98 15.41 -47.39
CA ALA C 179 -13.07 14.57 -48.17
C ALA C 179 -13.83 13.79 -49.18
N HIS C 180 -13.25 13.71 -50.38
CA HIS C 180 -13.80 12.88 -51.46
C HIS C 180 -12.71 12.23 -52.32
N HIS C 181 -13.14 11.26 -53.10
CA HIS C 181 -12.31 10.56 -54.05
C HIS C 181 -11.56 11.47 -55.08
N ARG C 182 -10.52 10.90 -55.66
CA ARG C 182 -9.62 11.63 -56.53
C ARG C 182 -10.27 12.27 -57.76
N HIS C 183 -11.36 11.69 -58.23
CA HIS C 183 -12.00 12.13 -59.49
C HIS C 183 -12.90 13.31 -59.36
N LYS C 184 -13.22 13.73 -58.14
CA LYS C 184 -14.23 14.78 -58.00
C LYS C 184 -13.68 16.09 -58.49
N VAL C 185 -14.39 16.66 -59.46
CA VAL C 185 -13.90 17.87 -60.14
C VAL C 185 -14.16 19.24 -59.46
N ASP C 186 -15.15 19.31 -58.58
CA ASP C 186 -15.50 20.58 -57.88
C ASP C 186 -15.09 20.63 -56.34
N ALA C 187 -14.77 21.83 -55.85
CA ALA C 187 -14.34 22.02 -54.49
C ALA C 187 -14.71 23.40 -53.97
N PRO C 188 -15.17 23.51 -52.74
CA PRO C 188 -15.56 22.32 -51.93
C PRO C 188 -16.81 21.62 -52.51
N SER C 189 -17.16 20.51 -51.93
CA SER C 189 -18.34 19.78 -52.35
C SER C 189 -19.60 20.63 -52.27
N GLY C 190 -20.61 20.25 -53.05
CA GLY C 190 -21.93 20.85 -52.95
C GLY C 190 -22.53 20.70 -51.58
N THR C 191 -22.38 19.51 -50.99
CA THR C 191 -22.81 19.23 -49.62
C THR C 191 -22.14 20.16 -48.56
N ALA C 192 -20.86 20.40 -48.72
CA ALA C 192 -20.17 21.33 -47.79
C ALA C 192 -20.77 22.74 -47.91
N ILE C 193 -21.02 23.21 -49.15
CA ILE C 193 -21.61 24.52 -49.33
C ILE C 193 -22.96 24.54 -48.71
N GLY C 194 -23.75 23.51 -48.96
CA GLY C 194 -25.04 23.37 -48.29
C GLY C 194 -24.96 23.42 -46.75
N MET C 195 -23.93 22.78 -46.18
CA MET C 195 -23.74 22.83 -44.72
C MET C 195 -23.48 24.29 -44.29
N GLY C 196 -22.64 24.99 -45.05
CA GLY C 196 -22.36 26.37 -44.77
C GLY C 196 -23.61 27.25 -44.88
N GLU C 197 -24.42 26.98 -45.90
CA GLU C 197 -25.68 27.74 -46.12
C GLU C 197 -26.67 27.58 -45.00
N ALA C 198 -26.85 26.34 -44.58
CA ALA C 198 -27.66 26.04 -43.42
C ALA C 198 -27.16 26.72 -42.12
N ILE C 199 -25.84 26.65 -41.85
CA ILE C 199 -25.27 27.33 -40.71
C ILE C 199 -25.49 28.86 -40.82
N ALA C 200 -25.05 29.46 -41.94
CA ALA C 200 -25.14 30.91 -42.11
C ALA C 200 -26.59 31.39 -41.99
N GLY C 201 -27.47 30.71 -42.72
CA GLY C 201 -28.90 30.97 -42.66
C GLY C 201 -29.51 30.98 -41.28
N ALA C 202 -29.21 29.99 -40.46
CA ALA C 202 -29.77 29.92 -39.10
C ALA C 202 -29.24 31.03 -38.18
N MET C 203 -28.09 31.61 -38.52
CA MET C 203 -27.51 32.78 -37.83
C MET C 203 -27.90 34.14 -38.49
N GLY C 204 -28.81 34.12 -39.48
CA GLY C 204 -29.19 35.30 -40.21
C GLY C 204 -28.14 35.90 -41.12
N ASN C 205 -27.18 35.13 -41.59
CA ASN C 205 -26.14 35.65 -42.51
C ASN C 205 -26.22 34.99 -43.88
N LYS C 206 -25.46 35.55 -44.84
CA LYS C 206 -25.31 35.00 -46.20
C LYS C 206 -23.90 34.30 -46.22
N LEU C 207 -23.83 33.05 -46.69
CA LEU C 207 -22.56 32.31 -46.72
C LEU C 207 -21.41 33.02 -47.45
N SER C 208 -21.70 33.65 -48.60
CA SER C 208 -20.66 34.37 -49.38
C SER C 208 -20.04 35.57 -48.64
N ASP C 209 -20.74 36.15 -47.66
CA ASP C 209 -20.15 37.17 -46.77
C ASP C 209 -19.08 36.65 -45.80
N VAL C 210 -19.20 35.40 -45.37
CA VAL C 210 -18.33 34.81 -44.31
C VAL C 210 -17.39 33.67 -44.74
N ALA C 211 -17.62 33.05 -45.89
CA ALA C 211 -16.87 31.87 -46.29
C ALA C 211 -15.43 32.20 -46.63
N VAL C 212 -14.53 31.35 -46.17
CA VAL C 212 -13.12 31.42 -46.54
C VAL C 212 -12.80 30.08 -47.17
N TYR C 213 -12.41 30.06 -48.44
CA TYR C 213 -12.22 28.80 -49.16
C TYR C 213 -10.77 28.34 -49.29
N ALA C 214 -9.83 29.17 -48.90
CA ALA C 214 -8.44 28.80 -49.07
C ALA C 214 -7.65 29.55 -48.06
N ARG C 215 -6.67 28.88 -47.52
CA ARG C 215 -5.79 29.48 -46.60
C ARG C 215 -4.39 29.15 -47.06
N GLU C 216 -3.64 30.17 -47.45
CA GLU C 216 -2.32 29.98 -48.04
C GLU C 216 -1.39 31.09 -47.63
N GLY C 217 -0.18 30.75 -47.25
CA GLY C 217 0.79 31.74 -46.72
C GLY C 217 0.38 32.41 -45.41
N ILE C 218 0.71 33.70 -45.27
CA ILE C 218 0.43 34.49 -44.08
C ILE C 218 -1.01 35.00 -44.16
N THR C 219 -1.93 34.35 -43.49
CA THR C 219 -3.31 34.71 -43.51
C THR C 219 -3.66 35.73 -42.43
N GLY C 220 -2.75 35.95 -41.51
CA GLY C 220 -3.07 36.67 -40.27
C GLY C 220 -4.04 35.89 -39.40
N GLU C 221 -4.45 36.50 -38.31
CA GLU C 221 -5.41 35.91 -37.37
C GLU C 221 -6.76 35.68 -38.00
N ARG C 222 -7.39 34.59 -37.58
CA ARG C 222 -8.70 34.21 -38.05
C ARG C 222 -9.74 35.35 -37.67
N THR C 223 -10.66 35.68 -38.56
CA THR C 223 -11.75 36.61 -38.20
C THR C 223 -12.74 35.86 -37.32
N LYS C 224 -13.59 36.59 -36.60
CA LYS C 224 -14.58 35.99 -35.71
C LYS C 224 -15.72 35.28 -36.48
N ASP C 225 -16.07 35.83 -37.64
CA ASP C 225 -17.28 35.45 -38.35
C ASP C 225 -17.11 34.42 -39.42
N GLU C 226 -15.87 34.23 -39.85
CA GLU C 226 -15.59 33.38 -41.00
C GLU C 226 -16.00 31.94 -40.77
N ILE C 227 -16.42 31.33 -41.87
CA ILE C 227 -16.63 29.90 -41.96
C ILE C 227 -15.58 29.37 -42.91
N GLY C 228 -14.57 28.69 -42.36
CA GLY C 228 -13.43 28.11 -43.14
C GLY C 228 -13.79 26.81 -43.78
N PHE C 229 -13.29 26.58 -45.00
CA PHE C 229 -13.56 25.31 -45.72
C PHE C 229 -12.27 24.66 -46.06
N ALA C 230 -12.15 23.40 -45.71
CA ALA C 230 -11.00 22.63 -46.08
C ALA C 230 -11.44 21.39 -46.88
N THR C 231 -10.64 21.03 -47.87
CA THR C 231 -10.99 20.07 -48.87
C THR C 231 -9.89 19.05 -49.09
N ILE C 232 -10.25 17.80 -48.97
CA ILE C 232 -9.33 16.67 -49.19
C ILE C 232 -9.79 15.88 -50.39
N ARG C 233 -8.87 15.57 -51.29
CA ARG C 233 -9.23 14.78 -52.45
C ARG C 233 -8.32 13.58 -52.55
N ALA C 234 -8.82 12.38 -52.33
CA ALA C 234 -7.97 11.22 -52.41
C ALA C 234 -8.67 9.88 -52.53
N GLY C 235 -8.00 8.94 -53.17
CA GLY C 235 -8.49 7.58 -53.32
C GLY C 235 -9.86 7.41 -53.92
N ASP C 236 -10.62 6.50 -53.32
CA ASP C 236 -11.96 6.20 -53.76
C ASP C 236 -12.98 6.60 -52.71
N ILE C 237 -12.62 7.55 -51.86
CA ILE C 237 -13.50 7.96 -50.79
C ILE C 237 -14.85 8.41 -51.33
N VAL C 238 -15.91 7.86 -50.78
CA VAL C 238 -17.25 8.17 -51.22
C VAL C 238 -17.75 9.50 -50.69
N GLY C 239 -17.38 9.89 -49.47
CA GLY C 239 -17.74 11.24 -48.97
C GLY C 239 -17.78 11.34 -47.45
N GLU C 240 -16.87 12.12 -46.86
CA GLU C 240 -16.93 12.50 -45.47
C GLU C 240 -17.11 14.01 -45.35
N HIS C 241 -17.99 14.45 -44.46
CA HIS C 241 -18.20 15.86 -44.11
C HIS C 241 -18.25 16.08 -42.60
N THR C 242 -17.61 17.13 -42.14
CA THR C 242 -17.59 17.44 -40.75
C THR C 242 -17.78 18.92 -40.61
N ALA C 243 -18.72 19.33 -39.77
CA ALA C 243 -18.85 20.73 -39.33
C ALA C 243 -18.33 20.75 -37.88
N MET C 244 -17.43 21.66 -37.59
CA MET C 244 -16.85 21.83 -36.29
C MET C 244 -17.30 23.20 -35.72
N PHE C 245 -17.69 23.24 -34.43
CA PHE C 245 -18.02 24.47 -33.71
C PHE C 245 -17.10 24.55 -32.53
N ALA C 246 -16.13 25.46 -32.59
CA ALA C 246 -15.00 25.46 -31.62
C ALA C 246 -15.01 26.69 -30.75
N ASP C 247 -15.03 26.44 -29.45
CA ASP C 247 -14.87 27.49 -28.43
C ASP C 247 -13.50 27.37 -27.79
N ILE C 248 -13.24 28.22 -26.81
CA ILE C 248 -12.07 28.06 -25.97
C ILE C 248 -12.35 27.00 -24.88
N GLY C 249 -11.70 25.85 -24.98
CA GLY C 249 -11.87 24.76 -24.02
C GLY C 249 -12.76 23.62 -24.43
N GLU C 250 -13.55 23.80 -25.47
CA GLU C 250 -14.36 22.70 -25.97
C GLU C 250 -14.73 22.86 -27.42
N ARG C 251 -15.12 21.76 -28.06
CA ARG C 251 -15.58 21.83 -29.41
C ARG C 251 -16.59 20.76 -29.73
N VAL C 252 -17.50 21.06 -30.65
CA VAL C 252 -18.55 20.13 -31.07
C VAL C 252 -18.45 19.86 -32.55
N GLU C 253 -18.47 18.58 -32.90
CA GLU C 253 -18.27 18.16 -34.27
C GLU C 253 -19.47 17.31 -34.68
N ILE C 254 -20.05 17.64 -35.80
CA ILE C 254 -21.06 16.85 -36.39
C ILE C 254 -20.54 16.34 -37.75
N THR C 255 -20.56 15.03 -37.93
CA THR C 255 -19.90 14.34 -39.03
C THR C 255 -20.82 13.40 -39.73
N HIS C 256 -20.72 13.38 -41.04
CA HIS C 256 -21.45 12.41 -41.85
C HIS C 256 -20.41 11.65 -42.67
N LYS C 257 -20.57 10.34 -42.79
CA LYS C 257 -19.78 9.53 -43.71
C LYS C 257 -20.67 8.68 -44.59
N ALA C 258 -20.53 8.82 -45.90
CA ALA C 258 -21.19 7.93 -46.85
C ALA C 258 -20.21 6.85 -47.25
N THR C 259 -20.64 5.61 -47.27
CA THR C 259 -19.73 4.51 -47.62
C THR C 259 -20.05 3.78 -48.89
N ASP C 260 -21.22 4.03 -49.44
CA ASP C 260 -21.63 3.41 -50.65
C ASP C 260 -22.44 4.41 -51.42
N ARG C 261 -22.15 4.51 -52.70
CA ARG C 261 -22.96 5.38 -53.54
C ARG C 261 -24.41 5.05 -53.69
N MET C 262 -24.73 3.80 -53.43
CA MET C 262 -26.09 3.35 -53.52
C MET C 262 -26.99 4.17 -52.60
N THR C 263 -26.42 4.67 -51.50
CA THR C 263 -27.14 5.50 -50.52
C THR C 263 -27.76 6.73 -51.22
N PHE C 264 -26.98 7.31 -52.15
CA PHE C 264 -27.39 8.47 -52.89
C PHE C 264 -28.37 8.08 -53.95
N ALA C 265 -28.02 6.99 -54.64
CA ALA C 265 -28.81 6.52 -55.76
C ALA C 265 -30.22 6.16 -55.29
N ASN C 266 -30.31 5.35 -54.23
CA ASN C 266 -31.62 5.00 -53.67
C ASN C 266 -32.39 6.23 -53.31
N GLY C 267 -31.74 7.23 -52.71
CA GLY C 267 -32.46 8.44 -52.32
C GLY C 267 -32.95 9.27 -53.51
N ALA C 268 -32.20 9.23 -54.61
CA ALA C 268 -32.52 9.99 -55.82
C ALA C 268 -33.74 9.38 -56.48
N VAL C 269 -33.74 8.05 -56.53
CA VAL C 269 -34.87 7.28 -57.06
C VAL C 269 -36.14 7.48 -56.20
N LYS C 270 -36.01 7.44 -54.86
CA LYS C 270 -37.12 7.83 -53.92
C LYS C 270 -37.60 9.27 -54.27
N ALA C 271 -36.67 10.18 -54.59
CA ALA C 271 -37.05 11.56 -54.99
C ALA C 271 -37.85 11.56 -56.30
N ALA C 272 -37.40 10.77 -57.27
CA ALA C 272 -38.06 10.65 -58.58
C ALA C 272 -39.50 10.15 -58.43
N VAL C 273 -39.67 9.11 -57.61
CA VAL C 273 -41.01 8.50 -57.27
C VAL C 273 -41.95 9.50 -56.61
N TRP C 274 -41.45 10.22 -55.62
CA TRP C 274 -42.14 11.33 -54.97
C TRP C 274 -42.50 12.46 -55.94
N LEU C 275 -41.57 12.80 -56.84
CA LEU C 275 -41.74 13.94 -57.76
C LEU C 275 -42.77 13.70 -58.85
N HIS C 276 -42.98 12.43 -59.19
CA HIS C 276 -43.93 12.10 -60.25
C HIS C 276 -45.36 12.61 -59.93
N GLU C 277 -45.95 13.25 -60.94
CA GLU C 277 -47.26 13.92 -60.81
C GLU C 277 -47.28 14.91 -59.63
N LYS C 278 -46.16 15.62 -59.40
CA LYS C 278 -46.14 16.78 -58.52
C LYS C 278 -46.26 17.99 -59.41
N PRO C 279 -46.77 19.10 -58.87
CA PRO C 279 -46.88 20.37 -59.59
C PRO C 279 -45.49 20.95 -59.74
N ALA C 280 -45.29 21.85 -60.70
CA ALA C 280 -43.97 22.42 -60.88
C ALA C 280 -43.52 23.29 -59.72
N GLY C 281 -42.32 23.02 -59.22
CA GLY C 281 -41.74 23.80 -58.15
C GLY C 281 -40.31 23.42 -57.85
N PHE C 282 -39.58 24.27 -57.12
CA PHE C 282 -38.24 23.91 -56.69
C PHE C 282 -38.36 23.13 -55.39
N TYR C 283 -38.09 21.83 -55.45
CA TYR C 283 -38.12 20.97 -54.26
C TYR C 283 -36.72 20.51 -53.86
N THR C 284 -36.56 20.23 -52.58
CA THR C 284 -35.31 19.72 -52.01
C THR C 284 -35.54 18.35 -51.40
N MET C 285 -34.50 17.69 -50.90
CA MET C 285 -34.74 16.45 -50.18
C MET C 285 -35.51 16.58 -48.87
N THR C 286 -35.36 17.73 -48.20
CA THR C 286 -36.22 18.10 -47.05
C THR C 286 -37.72 17.93 -47.39
N ASP C 287 -38.12 18.37 -48.58
CA ASP C 287 -39.52 18.21 -49.04
C ASP C 287 -39.84 16.74 -49.27
N VAL C 288 -39.01 16.05 -50.04
CA VAL C 288 -39.19 14.63 -50.37
C VAL C 288 -39.39 13.77 -49.10
N LEU C 289 -38.60 14.04 -48.08
CA LEU C 289 -38.57 13.25 -46.83
C LEU C 289 -39.53 13.76 -45.73
N GLY C 290 -39.96 15.03 -45.82
CA GLY C 290 -40.80 15.79 -44.84
C GLY C 290 -40.16 16.55 -43.68
N LEU C 291 -39.02 16.07 -43.20
CA LEU C 291 -38.20 16.86 -42.24
C LEU C 291 -37.88 18.29 -42.69
N MET D 26 -25.20 42.86 -12.27
CA MET D 26 -23.85 42.40 -12.00
C MET D 26 -23.82 41.42 -10.84
N VAL D 27 -23.97 40.14 -11.16
CA VAL D 27 -23.96 39.06 -10.17
C VAL D 27 -22.71 38.89 -9.33
N ARG D 28 -22.92 38.67 -8.04
CA ARG D 28 -21.82 38.55 -7.09
C ARG D 28 -21.77 37.10 -6.71
N ILE D 29 -20.66 36.48 -7.03
CA ILE D 29 -20.51 35.02 -6.93
C ILE D 29 -19.60 34.61 -5.77
N ALA D 30 -20.08 33.65 -4.98
CA ALA D 30 -19.23 33.00 -4.00
C ALA D 30 -18.82 31.65 -4.52
N VAL D 31 -17.52 31.39 -4.52
CA VAL D 31 -17.00 30.13 -5.02
C VAL D 31 -16.71 29.30 -3.83
N ALA D 32 -17.55 28.32 -3.56
CA ALA D 32 -17.23 27.26 -2.58
C ALA D 32 -16.06 26.40 -3.06
N GLY D 33 -15.19 26.09 -2.11
CA GLY D 33 -14.03 25.24 -2.35
C GLY D 33 -13.06 25.84 -3.36
N ALA D 34 -12.58 27.06 -3.09
CA ALA D 34 -11.89 27.85 -4.13
C ALA D 34 -10.48 27.35 -4.48
N ALA D 35 -9.89 26.54 -3.62
CA ALA D 35 -8.60 25.92 -3.89
C ALA D 35 -8.66 24.63 -4.72
N GLY D 36 -9.86 24.09 -4.90
CA GLY D 36 -10.07 22.90 -5.70
C GLY D 36 -9.77 23.02 -7.19
N ARG D 37 -9.75 21.87 -7.86
CA ARG D 37 -9.57 21.77 -9.31
C ARG D 37 -10.63 22.71 -9.99
N MET D 38 -11.91 22.52 -9.63
CA MET D 38 -12.96 23.32 -10.21
C MET D 38 -12.96 24.74 -9.61
N GLY D 39 -12.76 24.83 -8.31
CA GLY D 39 -12.76 26.12 -7.61
C GLY D 39 -11.83 27.11 -8.24
N ARG D 40 -10.59 26.71 -8.50
CA ARG D 40 -9.61 27.57 -9.18
C ARG D 40 -10.13 28.03 -10.53
N ASN D 41 -10.66 27.10 -11.33
CA ASN D 41 -11.25 27.42 -12.66
C ASN D 41 -12.49 28.31 -12.58
N LEU D 42 -13.29 28.11 -11.56
CA LEU D 42 -14.50 28.91 -11.35
C LEU D 42 -14.19 30.36 -11.00
N VAL D 43 -13.19 30.55 -10.15
CA VAL D 43 -12.67 31.89 -9.85
C VAL D 43 -12.20 32.57 -11.16
N LYS D 44 -11.24 31.94 -11.88
CA LYS D 44 -10.80 32.43 -13.22
C LYS D 44 -12.04 32.78 -14.11
N ALA D 45 -13.03 31.88 -14.18
CA ALA D 45 -14.12 32.04 -15.13
C ALA D 45 -15.05 33.17 -14.76
N ALA D 46 -15.38 33.25 -13.48
CA ALA D 46 -16.21 34.32 -12.99
C ALA D 46 -15.54 35.68 -13.17
N HIS D 47 -14.25 35.71 -12.90
CA HIS D 47 -13.48 36.94 -13.01
C HIS D 47 -13.61 37.49 -14.44
N HIS D 48 -13.38 36.59 -15.39
CA HIS D 48 -13.35 36.79 -16.83
C HIS D 48 -14.67 37.23 -17.40
N ASN D 49 -15.72 36.68 -16.87
CA ASN D 49 -17.06 37.05 -17.31
C ASN D 49 -17.37 38.48 -16.82
N PRO D 50 -17.71 39.37 -17.79
CA PRO D 50 -17.81 40.83 -17.42
C PRO D 50 -19.17 41.21 -16.80
N VAL D 51 -20.13 40.29 -16.84
CA VAL D 51 -21.39 40.41 -16.10
C VAL D 51 -21.34 39.70 -14.70
N ALA D 52 -20.15 39.28 -14.25
CA ALA D 52 -19.97 38.66 -12.93
C ALA D 52 -18.73 39.15 -12.15
N LYS D 53 -18.88 39.23 -10.81
CA LYS D 53 -17.83 39.62 -9.85
C LYS D 53 -17.57 38.46 -8.90
N VAL D 54 -16.29 38.16 -8.72
CA VAL D 54 -15.88 37.23 -7.69
C VAL D 54 -16.00 38.01 -6.39
N ALA D 55 -16.97 37.64 -5.57
CA ALA D 55 -17.24 38.36 -4.31
C ALA D 55 -16.70 37.65 -3.06
N ALA D 56 -16.57 36.35 -3.14
CA ALA D 56 -16.24 35.54 -1.97
C ALA D 56 -15.69 34.18 -2.36
N GLY D 57 -15.01 33.53 -1.42
CA GLY D 57 -14.56 32.16 -1.64
C GLY D 57 -14.35 31.40 -0.35
N SER D 58 -14.63 30.10 -0.35
CA SER D 58 -14.49 29.30 0.87
C SER D 58 -13.50 28.16 0.70
N GLU D 59 -13.04 27.64 1.82
CA GLU D 59 -12.31 26.35 1.85
C GLU D 59 -12.64 25.59 3.13
N ARG D 60 -12.15 24.35 3.21
CA ARG D 60 -12.29 23.52 4.41
C ARG D 60 -11.68 24.32 5.61
N PRO D 61 -12.36 24.37 6.77
CA PRO D 61 -11.80 25.05 7.95
C PRO D 61 -10.33 24.73 8.31
N GLU D 62 -9.93 23.49 8.17
CA GLU D 62 -8.55 23.10 8.39
C GLU D 62 -7.62 23.54 7.25
N SER D 63 -8.20 24.03 6.14
CA SER D 63 -7.42 24.44 4.96
C SER D 63 -6.39 25.57 5.02
N SER D 64 -5.32 25.35 4.27
CA SER D 64 -4.19 26.27 4.12
C SER D 64 -4.57 27.58 3.43
N LEU D 65 -5.44 27.45 2.44
CA LEU D 65 -5.89 28.59 1.64
C LEU D 65 -6.57 29.65 2.46
N VAL D 66 -7.20 29.24 3.54
CA VAL D 66 -7.91 30.19 4.36
C VAL D 66 -6.99 31.32 4.76
N GLY D 67 -7.53 32.52 4.66
CA GLY D 67 -6.87 33.80 4.93
C GLY D 67 -6.18 34.41 3.71
N VAL D 68 -6.06 33.64 2.63
CA VAL D 68 -5.24 34.05 1.47
C VAL D 68 -6.15 34.78 0.48
N ASP D 69 -5.64 35.75 -0.26
CA ASP D 69 -6.48 36.45 -1.22
C ASP D 69 -6.75 35.59 -2.44
N LEU D 70 -7.92 35.77 -3.07
CA LEU D 70 -8.26 35.00 -4.24
C LEU D 70 -7.33 35.30 -5.39
N GLY D 71 -6.42 36.25 -5.18
CA GLY D 71 -5.46 36.64 -6.19
C GLY D 71 -4.55 35.51 -6.58
N GLU D 72 -4.14 34.72 -5.60
CA GLU D 72 -3.26 33.60 -5.86
C GLU D 72 -3.76 32.78 -7.04
N ASP D 80 -10.17 43.82 -1.73
CA ASP D 80 -10.31 42.61 -2.55
C ASP D 80 -10.73 41.56 -1.60
N VAL D 81 -10.56 40.27 -1.94
CA VAL D 81 -11.27 39.18 -1.23
C VAL D 81 -10.35 38.06 -0.71
N VAL D 82 -10.67 37.58 0.50
CA VAL D 82 -9.96 36.45 1.13
C VAL D 82 -10.79 35.16 1.19
N VAL D 83 -10.07 34.04 1.12
CA VAL D 83 -10.68 32.73 1.30
C VAL D 83 -11.14 32.65 2.77
N CYS D 84 -12.44 32.49 2.95
CA CYS D 84 -13.06 32.27 4.24
C CYS D 84 -13.18 30.77 4.62
N ASP D 85 -13.26 30.47 5.92
CA ASP D 85 -13.52 29.09 6.39
C ASP D 85 -14.97 28.75 6.41
N ASP D 86 -15.79 29.77 6.21
CA ASP D 86 -17.23 29.63 6.35
C ASP D 86 -17.88 30.77 5.60
N LEU D 87 -18.75 30.43 4.66
CA LEU D 87 -19.42 31.45 3.82
C LEU D 87 -20.43 32.27 4.56
N ALA D 88 -20.94 31.74 5.67
CA ALA D 88 -21.87 32.51 6.54
C ALA D 88 -21.29 33.87 6.99
N LYS D 89 -19.98 33.90 7.24
CA LYS D 89 -19.27 35.15 7.57
C LYS D 89 -19.30 36.22 6.54
N GLN D 90 -19.55 35.84 5.29
CA GLN D 90 -19.45 36.74 4.14
C GLN D 90 -20.77 36.89 3.39
N ILE D 91 -21.89 36.47 3.97
CA ILE D 91 -23.14 36.44 3.23
C ILE D 91 -23.56 37.72 2.60
N ASP D 92 -23.23 38.84 3.22
CA ASP D 92 -23.59 40.12 2.64
C ASP D 92 -22.93 40.39 1.30
N GLN D 93 -21.73 39.86 1.12
CA GLN D 93 -20.94 40.13 -0.09
C GLN D 93 -21.40 39.42 -1.37
N PHE D 94 -22.32 38.45 -1.27
CA PHE D 94 -22.70 37.62 -2.45
C PHE D 94 -24.18 37.31 -2.59
N ASP D 95 -24.55 37.02 -3.83
CA ASP D 95 -25.90 36.62 -4.22
C ASP D 95 -26.05 35.11 -4.56
N VAL D 96 -25.00 34.53 -5.17
CA VAL D 96 -25.04 33.15 -5.71
C VAL D 96 -23.81 32.40 -5.34
N ILE D 97 -24.00 31.21 -4.79
CA ILE D 97 -22.89 30.28 -4.53
C ILE D 97 -22.71 29.33 -5.70
N ILE D 98 -21.48 29.20 -6.18
CA ILE D 98 -21.17 28.11 -7.13
C ILE D 98 -20.42 27.02 -6.37
N ASP D 99 -21.03 25.83 -6.28
CA ASP D 99 -20.56 24.78 -5.44
C ASP D 99 -20.21 23.51 -6.18
N PHE D 100 -18.92 23.24 -6.26
CA PHE D 100 -18.37 22.02 -6.83
C PHE D 100 -17.48 21.45 -5.72
N THR D 101 -18.08 20.91 -4.67
CA THR D 101 -17.33 20.38 -3.53
C THR D 101 -17.62 18.91 -3.16
N ALA D 102 -18.18 18.69 -1.98
CA ALA D 102 -18.52 17.35 -1.51
C ALA D 102 -19.99 17.35 -1.14
N PRO D 103 -20.66 16.23 -1.26
CA PRO D 103 -22.09 16.26 -0.96
C PRO D 103 -22.43 16.90 0.37
N ALA D 104 -21.69 16.58 1.42
CA ALA D 104 -21.97 17.14 2.77
C ALA D 104 -21.83 18.67 2.84
N SER D 105 -20.68 19.16 2.37
CA SER D 105 -20.43 20.61 2.21
C SER D 105 -21.54 21.37 1.39
N THR D 106 -22.02 20.73 0.32
CA THR D 106 -23.01 21.31 -0.57
C THR D 106 -24.39 21.35 0.10
N LEU D 107 -24.74 20.30 0.85
CA LEU D 107 -25.94 20.37 1.70
C LEU D 107 -25.91 21.55 2.75
N ASN D 108 -24.74 21.79 3.38
CA ASN D 108 -24.50 22.97 4.26
C ASN D 108 -24.71 24.30 3.55
N ASN D 109 -24.07 24.48 2.40
CA ASN D 109 -24.33 25.67 1.59
C ASN D 109 -25.78 25.84 1.09
N LEU D 110 -26.46 24.73 0.91
CA LEU D 110 -27.82 24.72 0.50
C LEU D 110 -28.67 25.25 1.65
N ALA D 111 -28.34 24.81 2.87
CA ALA D 111 -29.02 25.29 4.13
C ALA D 111 -28.80 26.81 4.40
N LEU D 112 -27.54 27.22 4.26
CA LEU D 112 -27.15 28.62 4.20
C LEU D 112 -27.96 29.45 3.20
N CYS D 113 -28.26 28.89 2.03
CA CYS D 113 -29.01 29.57 1.03
C CYS D 113 -30.44 29.75 1.46
N GLN D 114 -30.96 28.73 2.10
CA GLN D 114 -32.33 28.78 2.64
C GLN D 114 -32.51 29.80 3.80
N GLN D 115 -31.58 29.75 4.76
CA GLN D 115 -31.55 30.69 5.88
C GLN D 115 -31.44 32.18 5.50
N TYR D 116 -30.60 32.51 4.50
CA TYR D 116 -30.32 33.91 4.15
C TYR D 116 -30.82 34.36 2.75
N GLY D 117 -31.72 33.60 2.14
CA GLY D 117 -32.27 33.93 0.81
C GLY D 117 -31.24 34.07 -0.30
N LYS D 118 -30.35 33.08 -0.41
CA LYS D 118 -29.36 33.04 -1.51
C LYS D 118 -29.67 31.95 -2.47
N SER D 119 -29.02 32.04 -3.62
CA SER D 119 -29.09 31.06 -4.68
C SER D 119 -27.82 30.22 -4.77
N ILE D 120 -27.96 29.07 -5.44
CA ILE D 120 -26.83 28.10 -5.56
C ILE D 120 -26.81 27.29 -6.86
N VAL D 121 -25.61 27.25 -7.44
CA VAL D 121 -25.35 26.47 -8.64
C VAL D 121 -24.59 25.28 -8.13
N ILE D 122 -25.21 24.11 -8.24
CA ILE D 122 -24.61 22.85 -7.78
C ILE D 122 -24.01 22.02 -8.92
N GLY D 123 -22.72 21.74 -8.76
CA GLY D 123 -21.93 20.96 -9.68
C GLY D 123 -21.38 19.74 -8.99
N THR D 124 -21.62 19.65 -7.70
CA THR D 124 -21.17 18.54 -6.89
C THR D 124 -21.91 17.33 -7.39
N THR D 125 -21.26 16.18 -7.32
CA THR D 125 -21.83 14.93 -7.79
C THR D 125 -21.57 13.80 -6.80
N GLY D 126 -22.33 12.71 -6.90
CA GLY D 126 -22.17 11.60 -6.00
C GLY D 126 -23.17 11.54 -4.86
N PHE D 127 -24.18 12.38 -4.95
CA PHE D 127 -25.25 12.44 -3.94
C PHE D 127 -26.00 11.12 -3.87
N THR D 128 -26.38 10.69 -2.67
CA THR D 128 -27.31 9.55 -2.51
C THR D 128 -28.74 9.94 -2.93
N GLU D 129 -29.59 8.90 -3.08
CA GLU D 129 -31.00 9.08 -3.49
C GLU D 129 -31.73 9.97 -2.48
N GLU D 130 -31.48 9.76 -1.19
CA GLU D 130 -32.11 10.56 -0.16
C GLU D 130 -31.64 12.01 -0.21
N GLN D 131 -30.35 12.22 -0.43
CA GLN D 131 -29.80 13.57 -0.49
C GLN D 131 -30.42 14.38 -1.61
N ARG D 132 -30.63 13.75 -2.76
CA ARG D 132 -31.22 14.43 -3.88
C ARG D 132 -32.61 14.88 -3.53
N GLU D 133 -33.32 14.05 -2.79
CA GLU D 133 -34.69 14.39 -2.38
C GLU D 133 -34.65 15.61 -1.51
N GLN D 134 -33.65 15.67 -0.65
CA GLN D 134 -33.50 16.79 0.23
C GLN D 134 -33.32 18.03 -0.61
N ILE D 135 -32.53 17.90 -1.67
CA ILE D 135 -32.30 19.02 -2.55
C ILE D 135 -33.59 19.43 -3.21
N ASP D 136 -34.41 18.48 -3.58
CA ASP D 136 -35.67 18.80 -4.22
C ASP D 136 -36.50 19.62 -3.29
N LEU D 137 -36.49 19.25 -2.00
CA LEU D 137 -37.28 19.98 -1.01
C LEU D 137 -36.83 21.42 -0.80
N VAL D 138 -35.53 21.62 -0.64
CA VAL D 138 -34.98 22.97 -0.46
C VAL D 138 -35.24 23.83 -1.72
N ALA D 139 -35.23 23.18 -2.88
CA ALA D 139 -35.43 23.87 -4.15
C ALA D 139 -36.84 24.43 -4.36
N GLN D 140 -37.78 24.02 -3.53
CA GLN D 140 -39.10 24.69 -3.48
C GLN D 140 -39.03 26.12 -2.94
N GLN D 141 -38.06 26.36 -2.05
CA GLN D 141 -37.84 27.65 -1.39
C GLN D 141 -36.62 28.44 -1.88
N VAL D 142 -35.65 27.76 -2.49
CA VAL D 142 -34.36 28.38 -2.89
C VAL D 142 -34.21 28.25 -4.39
N PRO D 143 -33.69 29.29 -5.04
CA PRO D 143 -33.40 29.10 -6.49
C PRO D 143 -32.12 28.28 -6.69
N VAL D 144 -32.26 27.12 -7.34
CA VAL D 144 -31.21 26.13 -7.43
C VAL D 144 -31.00 25.73 -8.89
N VAL D 145 -29.77 25.90 -9.37
CA VAL D 145 -29.37 25.21 -10.59
C VAL D 145 -28.58 23.94 -10.18
N MET D 146 -28.98 22.80 -10.72
CA MET D 146 -28.22 21.59 -10.63
C MET D 146 -28.15 20.74 -11.91
N ALA D 147 -26.95 20.30 -12.24
CA ALA D 147 -26.69 19.53 -13.47
C ALA D 147 -25.43 18.71 -13.33
N PRO D 148 -25.43 17.54 -13.99
CA PRO D 148 -24.19 16.70 -13.89
C PRO D 148 -23.11 17.13 -14.89
N ASN D 149 -23.45 18.01 -15.83
CA ASN D 149 -22.41 18.56 -16.73
C ASN D 149 -22.80 19.98 -17.10
N TYR D 150 -21.89 20.90 -16.90
CA TYR D 150 -22.13 22.29 -17.19
C TYR D 150 -21.50 22.74 -18.47
N SER D 151 -20.87 21.86 -19.23
CA SER D 151 -20.30 22.39 -20.40
C SER D 151 -21.48 22.65 -21.35
N VAL D 152 -21.44 23.77 -22.03
CA VAL D 152 -22.51 24.12 -22.94
C VAL D 152 -22.58 23.19 -24.13
N GLY D 153 -21.46 22.84 -24.70
CA GLY D 153 -21.42 21.83 -25.75
C GLY D 153 -22.14 20.54 -25.50
N VAL D 154 -21.89 19.95 -24.32
CA VAL D 154 -22.48 18.64 -23.99
C VAL D 154 -23.95 18.72 -23.86
N ASN D 155 -24.39 19.82 -23.29
CA ASN D 155 -25.81 20.01 -23.16
C ASN D 155 -26.50 20.18 -24.52
N LEU D 156 -25.84 20.86 -25.45
CA LEU D 156 -26.36 20.95 -26.80
C LEU D 156 -26.38 19.58 -27.43
N VAL D 157 -25.29 18.85 -27.29
CA VAL D 157 -25.16 17.47 -27.81
C VAL D 157 -26.28 16.55 -27.35
N PHE D 158 -26.66 16.57 -26.06
CA PHE D 158 -27.88 15.83 -25.62
C PHE D 158 -29.13 16.16 -26.49
N LYS D 159 -29.38 17.45 -26.79
CA LYS D 159 -30.50 17.85 -27.67
C LYS D 159 -30.35 17.35 -29.07
N LEU D 160 -29.14 17.42 -29.60
CA LEU D 160 -28.86 16.91 -30.95
C LEU D 160 -29.03 15.42 -31.04
N LEU D 161 -28.60 14.71 -30.00
CA LEU D 161 -28.81 13.25 -29.96
C LEU D 161 -30.30 12.83 -29.96
N GLU D 162 -31.14 13.56 -29.26
CA GLU D 162 -32.58 13.34 -29.29
C GLU D 162 -33.15 13.48 -30.71
N LYS D 163 -32.79 14.55 -31.41
CA LYS D 163 -33.26 14.71 -32.76
C LYS D 163 -32.75 13.57 -33.69
N ALA D 164 -31.49 13.19 -33.58
CA ALA D 164 -30.93 12.10 -34.41
C ALA D 164 -31.61 10.77 -34.08
N ALA D 165 -31.87 10.51 -32.80
CA ALA D 165 -32.53 9.28 -32.39
C ALA D 165 -34.01 9.15 -32.93
N LYS D 166 -34.75 10.25 -32.92
CA LYS D 166 -36.10 10.29 -33.46
C LYS D 166 -36.10 9.99 -34.92
N VAL D 167 -35.13 10.50 -35.67
CA VAL D 167 -35.11 10.28 -37.12
C VAL D 167 -34.46 8.95 -37.56
N MET D 168 -33.36 8.57 -36.93
CA MET D 168 -32.55 7.41 -37.40
C MET D 168 -32.51 6.22 -36.45
N GLY D 169 -32.88 6.43 -35.18
CA GLY D 169 -32.68 5.43 -34.14
C GLY D 169 -33.32 4.07 -34.41
N ASP D 170 -34.50 4.11 -35.04
CA ASP D 170 -35.26 2.91 -35.26
C ASP D 170 -34.59 1.95 -36.22
N TYR D 171 -33.93 2.46 -37.24
CA TYR D 171 -33.30 1.61 -38.24
C TYR D 171 -31.78 1.57 -38.15
N CYS D 172 -31.15 2.29 -37.21
CA CYS D 172 -29.69 2.35 -37.13
C CYS D 172 -29.09 1.69 -35.93
N ASP D 173 -27.88 1.23 -36.07
CA ASP D 173 -27.11 0.76 -34.92
C ASP D 173 -26.53 1.97 -34.19
N ILE D 174 -26.66 1.99 -32.87
CA ILE D 174 -26.25 3.13 -32.06
C ILE D 174 -25.10 2.73 -31.19
N GLU D 175 -24.00 3.46 -31.31
CA GLU D 175 -22.81 3.16 -30.50
C GLU D 175 -22.28 4.45 -29.88
N ILE D 176 -21.79 4.34 -28.66
CA ILE D 176 -21.22 5.47 -27.95
C ILE D 176 -19.78 5.19 -27.61
N VAL D 177 -18.91 6.12 -27.95
CA VAL D 177 -17.49 5.96 -27.68
C VAL D 177 -16.97 7.13 -26.88
N GLU D 178 -16.19 6.84 -25.86
CA GLU D 178 -15.64 7.88 -25.02
C GLU D 178 -14.18 7.62 -24.69
N ALA D 179 -13.43 8.69 -24.49
CA ALA D 179 -12.03 8.59 -24.15
C ALA D 179 -11.73 9.51 -22.98
N HIS D 180 -10.89 9.05 -22.06
CA HIS D 180 -10.54 9.85 -20.90
C HIS D 180 -9.15 9.56 -20.42
N HIS D 181 -8.63 10.45 -19.61
CA HIS D 181 -7.31 10.30 -19.04
C HIS D 181 -7.14 9.03 -18.20
N ARG D 182 -5.88 8.67 -17.98
CA ARG D 182 -5.53 7.46 -17.27
C ARG D 182 -6.07 7.29 -15.84
N HIS D 183 -6.28 8.40 -15.15
CA HIS D 183 -6.73 8.40 -13.74
C HIS D 183 -8.24 8.22 -13.56
N LYS D 184 -9.04 8.27 -14.62
CA LYS D 184 -10.48 8.14 -14.41
C LYS D 184 -10.89 6.73 -13.93
N VAL D 185 -11.57 6.68 -12.78
CA VAL D 185 -11.86 5.38 -12.12
C VAL D 185 -13.11 4.65 -12.62
N ASP D 186 -14.05 5.39 -13.23
CA ASP D 186 -15.36 4.84 -13.61
C ASP D 186 -15.51 4.71 -15.12
N ALA D 187 -16.25 3.69 -15.54
CA ALA D 187 -16.41 3.39 -16.97
C ALA D 187 -17.74 2.71 -17.26
N PRO D 188 -18.47 3.15 -18.28
CA PRO D 188 -18.14 4.33 -19.07
C PRO D 188 -18.38 5.56 -18.26
N SER D 189 -18.00 6.67 -18.83
CA SER D 189 -18.19 7.98 -18.19
C SER D 189 -19.67 8.19 -17.83
N GLY D 190 -19.88 9.04 -16.84
CA GLY D 190 -21.23 9.62 -16.57
C GLY D 190 -21.92 10.36 -17.76
N THR D 191 -21.16 11.16 -18.48
CA THR D 191 -21.62 11.75 -19.70
C THR D 191 -22.03 10.73 -20.78
N ALA D 192 -21.24 9.67 -20.91
CA ALA D 192 -21.55 8.65 -21.88
C ALA D 192 -22.88 8.05 -21.52
N ILE D 193 -23.07 7.82 -20.24
CA ILE D 193 -24.32 7.26 -19.76
C ILE D 193 -25.45 8.22 -20.05
N GLY D 194 -25.19 9.51 -19.85
CA GLY D 194 -26.18 10.52 -20.10
C GLY D 194 -26.58 10.53 -21.55
N MET D 195 -25.60 10.37 -22.44
CA MET D 195 -25.87 10.33 -23.90
C MET D 195 -26.76 9.15 -24.26
N GLY D 196 -26.48 8.00 -23.63
CA GLY D 196 -27.35 6.81 -23.79
C GLY D 196 -28.78 6.99 -23.27
N GLU D 197 -28.90 7.63 -22.13
CA GLU D 197 -30.21 7.95 -21.54
C GLU D 197 -31.05 8.89 -22.44
N ALA D 198 -30.41 9.93 -22.98
CA ALA D 198 -31.08 10.85 -23.90
C ALA D 198 -31.52 10.15 -25.18
N ILE D 199 -30.65 9.34 -25.72
CA ILE D 199 -31.00 8.56 -26.89
C ILE D 199 -32.17 7.56 -26.60
N ALA D 200 -31.99 6.71 -25.58
CA ALA D 200 -33.03 5.70 -25.20
C ALA D 200 -34.39 6.33 -24.90
N GLY D 201 -34.33 7.37 -24.06
CA GLY D 201 -35.50 8.21 -23.76
C GLY D 201 -36.24 8.79 -24.97
N ALA D 202 -35.54 9.37 -25.95
CA ALA D 202 -36.22 9.91 -27.11
C ALA D 202 -36.86 8.84 -28.00
N MET D 203 -36.38 7.60 -27.90
CA MET D 203 -36.98 6.42 -28.57
C MET D 203 -38.04 5.64 -27.72
N GLY D 204 -38.43 6.17 -26.55
CA GLY D 204 -39.30 5.51 -25.62
C GLY D 204 -38.76 4.29 -24.90
N ASN D 205 -37.45 4.16 -24.72
CA ASN D 205 -36.86 2.99 -24.05
C ASN D 205 -36.12 3.38 -22.81
N LYS D 206 -35.70 2.36 -22.05
CA LYS D 206 -34.88 2.52 -20.82
C LYS D 206 -33.49 2.01 -21.20
N LEU D 207 -32.49 2.82 -20.91
CA LEU D 207 -31.10 2.48 -21.28
C LEU D 207 -30.63 1.09 -20.80
N SER D 208 -30.97 0.72 -19.57
CA SER D 208 -30.55 -0.58 -18.99
C SER D 208 -31.13 -1.80 -19.75
N ASP D 209 -32.26 -1.62 -20.46
CA ASP D 209 -32.81 -2.66 -21.36
C ASP D 209 -31.96 -2.92 -22.62
N VAL D 210 -31.27 -1.90 -23.13
CA VAL D 210 -30.54 -1.97 -24.39
C VAL D 210 -29.02 -1.90 -24.27
N ALA D 211 -28.48 -1.42 -23.17
CA ALA D 211 -27.03 -1.11 -23.10
C ALA D 211 -26.17 -2.37 -23.13
N VAL D 212 -25.07 -2.32 -23.85
CA VAL D 212 -24.07 -3.37 -23.83
C VAL D 212 -22.73 -2.69 -23.51
N TYR D 213 -22.10 -3.09 -22.41
CA TYR D 213 -20.96 -2.37 -21.88
C TYR D 213 -19.68 -3.05 -22.15
N ALA D 214 -19.73 -4.26 -22.65
CA ALA D 214 -18.48 -5.00 -22.91
C ALA D 214 -18.72 -5.99 -24.00
N ARG D 215 -17.73 -6.16 -24.84
CA ARG D 215 -17.80 -7.16 -25.88
C ARG D 215 -16.54 -7.93 -25.87
N GLU D 216 -16.64 -9.20 -25.56
CA GLU D 216 -15.45 -10.00 -25.34
C GLU D 216 -15.69 -11.41 -25.84
N GLY D 217 -14.72 -11.98 -26.52
CA GLY D 217 -14.87 -13.29 -27.13
C GLY D 217 -15.92 -13.34 -28.22
N ILE D 218 -16.60 -14.46 -28.29
CA ILE D 218 -17.66 -14.71 -29.30
C ILE D 218 -18.97 -14.10 -28.77
N THR D 219 -19.33 -12.95 -29.27
CA THR D 219 -20.52 -12.28 -28.84
C THR D 219 -21.74 -12.63 -29.66
N GLY D 220 -21.51 -13.28 -30.78
CA GLY D 220 -22.54 -13.45 -31.79
C GLY D 220 -22.88 -12.10 -32.47
N GLU D 221 -23.86 -12.14 -33.37
CA GLU D 221 -24.30 -10.98 -34.11
C GLU D 221 -24.90 -9.97 -33.19
N ARG D 222 -24.66 -8.73 -33.52
CA ARG D 222 -25.16 -7.61 -32.80
C ARG D 222 -26.72 -7.69 -32.84
N THR D 223 -27.36 -7.34 -31.74
CA THR D 223 -28.84 -7.17 -31.75
C THR D 223 -29.22 -5.85 -32.43
N LYS D 224 -30.47 -5.70 -32.87
CA LYS D 224 -30.95 -4.48 -33.55
C LYS D 224 -31.05 -3.31 -32.59
N ASP D 225 -31.40 -3.58 -31.33
CA ASP D 225 -31.76 -2.51 -30.36
C ASP D 225 -30.67 -2.04 -29.41
N GLU D 226 -29.58 -2.82 -29.30
CA GLU D 226 -28.51 -2.49 -28.37
C GLU D 226 -27.86 -1.14 -28.65
N ILE D 227 -27.40 -0.53 -27.56
CA ILE D 227 -26.54 0.63 -27.57
C ILE D 227 -25.21 0.22 -26.94
N GLY D 228 -24.18 0.08 -27.78
CA GLY D 228 -22.86 -0.39 -27.40
C GLY D 228 -22.05 0.74 -26.84
N PHE D 229 -21.22 0.44 -25.83
CA PHE D 229 -20.35 1.43 -25.22
C PHE D 229 -18.96 0.95 -25.33
N ALA D 230 -18.10 1.81 -25.89
CA ALA D 230 -16.68 1.55 -25.88
C ALA D 230 -15.89 2.64 -25.14
N THR D 231 -14.87 2.23 -24.41
CA THR D 231 -14.22 3.07 -23.45
C THR D 231 -12.68 3.06 -23.64
N ILE D 232 -12.09 4.26 -23.79
CA ILE D 232 -10.66 4.44 -23.92
C ILE D 232 -10.10 5.19 -22.75
N ARG D 233 -9.00 4.70 -22.21
CA ARG D 233 -8.39 5.36 -21.09
C ARG D 233 -6.97 5.60 -21.44
N ALA D 234 -6.58 6.85 -21.64
CA ALA D 234 -5.20 7.11 -21.98
C ALA D 234 -4.75 8.53 -21.71
N GLY D 235 -3.50 8.66 -21.31
CA GLY D 235 -2.87 9.94 -21.09
C GLY D 235 -3.55 10.92 -20.18
N ASP D 236 -3.64 12.15 -20.69
CA ASP D 236 -4.24 13.28 -20.00
C ASP D 236 -5.49 13.77 -20.69
N ILE D 237 -6.11 12.94 -21.51
CA ILE D 237 -7.29 13.38 -22.22
C ILE D 237 -8.34 13.89 -21.27
N VAL D 238 -8.81 15.10 -21.50
CA VAL D 238 -9.83 15.71 -20.64
C VAL D 238 -11.18 15.07 -20.87
N GLY D 239 -11.49 14.69 -22.10
CA GLY D 239 -12.80 14.08 -22.38
C GLY D 239 -13.36 14.21 -23.78
N GLU D 240 -13.44 13.07 -24.50
CA GLU D 240 -14.07 13.01 -25.82
C GLU D 240 -15.21 12.06 -25.75
N HIS D 241 -16.34 12.46 -26.33
CA HIS D 241 -17.52 11.59 -26.48
C HIS D 241 -18.10 11.63 -27.89
N THR D 242 -18.48 10.46 -28.40
CA THR D 242 -19.00 10.36 -29.73
C THR D 242 -20.14 9.44 -29.70
N ALA D 243 -21.25 9.86 -30.28
CA ALA D 243 -22.37 8.97 -30.51
C ALA D 243 -22.46 8.77 -31.98
N MET D 244 -22.61 7.53 -32.38
CA MET D 244 -22.62 7.14 -33.78
C MET D 244 -23.97 6.54 -34.05
N PHE D 245 -24.54 6.91 -35.21
CA PHE D 245 -25.76 6.30 -35.72
C PHE D 245 -25.46 5.71 -37.07
N ALA D 246 -25.43 4.38 -37.18
CA ALA D 246 -24.91 3.71 -38.39
C ALA D 246 -25.95 2.92 -39.11
N ASP D 247 -26.09 3.23 -40.37
CA ASP D 247 -26.94 2.49 -41.25
C ASP D 247 -26.06 1.68 -42.19
N ILE D 248 -26.69 1.02 -43.17
CA ILE D 248 -25.98 0.41 -44.32
C ILE D 248 -25.74 1.49 -45.36
N GLY D 249 -24.49 1.84 -45.54
CA GLY D 249 -24.12 2.80 -46.54
C GLY D 249 -23.84 4.20 -46.05
N GLU D 250 -24.24 4.52 -44.83
CA GLU D 250 -23.93 5.83 -44.28
C GLU D 250 -23.93 5.81 -42.78
N ARG D 251 -23.27 6.79 -42.20
CA ARG D 251 -23.30 6.93 -40.75
C ARG D 251 -23.14 8.34 -40.29
N VAL D 252 -23.80 8.66 -39.16
CA VAL D 252 -23.80 10.04 -38.60
C VAL D 252 -23.14 10.00 -37.25
N GLU D 253 -22.17 10.89 -37.04
CA GLU D 253 -21.44 10.93 -35.77
C GLU D 253 -21.54 12.29 -35.12
N ILE D 254 -21.89 12.33 -33.86
CA ILE D 254 -21.99 13.58 -33.13
C ILE D 254 -21.04 13.49 -31.95
N THR D 255 -20.14 14.46 -31.87
CA THR D 255 -18.92 14.35 -31.05
C THR D 255 -18.75 15.63 -30.20
N HIS D 256 -18.32 15.46 -28.94
CA HIS D 256 -17.96 16.55 -28.09
C HIS D 256 -16.57 16.34 -27.55
N LYS D 257 -15.77 17.38 -27.53
CA LYS D 257 -14.42 17.31 -27.01
C LYS D 257 -14.21 18.44 -26.03
N ALA D 258 -13.85 18.10 -24.83
CA ALA D 258 -13.47 19.07 -23.84
C ALA D 258 -12.00 19.14 -23.82
N THR D 259 -11.46 20.35 -23.84
CA THR D 259 -9.97 20.50 -23.79
C THR D 259 -9.41 21.11 -22.55
N ASP D 260 -10.26 21.76 -21.78
CA ASP D 260 -9.87 22.37 -20.53
C ASP D 260 -11.08 22.22 -19.67
N ARG D 261 -10.90 22.18 -18.37
CA ARG D 261 -12.03 22.04 -17.47
C ARG D 261 -12.71 23.38 -17.29
N MET D 262 -12.16 24.40 -17.92
CA MET D 262 -12.70 25.74 -17.91
C MET D 262 -14.05 25.74 -18.58
N THR D 263 -14.27 24.80 -19.48
CA THR D 263 -15.51 24.71 -20.19
C THR D 263 -16.66 24.49 -19.21
N PHE D 264 -16.42 23.67 -18.20
CA PHE D 264 -17.44 23.39 -17.12
C PHE D 264 -17.60 24.61 -16.22
N ALA D 265 -16.46 25.21 -15.89
CA ALA D 265 -16.48 26.48 -15.13
C ALA D 265 -17.29 27.61 -15.88
N ASN D 266 -16.99 27.84 -17.16
CA ASN D 266 -17.66 28.86 -17.93
C ASN D 266 -19.11 28.63 -17.98
N GLY D 267 -19.51 27.38 -18.15
CA GLY D 267 -20.92 27.10 -18.13
C GLY D 267 -21.61 27.29 -16.78
N ALA D 268 -20.89 27.06 -15.68
CA ALA D 268 -21.44 27.19 -14.31
C ALA D 268 -21.67 28.66 -14.00
N VAL D 269 -20.70 29.47 -14.42
CA VAL D 269 -20.78 30.91 -14.27
C VAL D 269 -21.95 31.50 -15.10
N LYS D 270 -22.10 31.03 -16.32
CA LYS D 270 -23.26 31.32 -17.16
C LYS D 270 -24.57 30.94 -16.45
N ALA D 271 -24.59 29.80 -15.78
CA ALA D 271 -25.75 29.39 -14.93
C ALA D 271 -26.03 30.29 -13.73
N ALA D 272 -24.96 30.67 -13.01
CA ALA D 272 -25.04 31.68 -11.94
C ALA D 272 -25.64 33.05 -12.39
N VAL D 273 -25.15 33.59 -13.51
CA VAL D 273 -25.68 34.80 -14.15
C VAL D 273 -27.17 34.71 -14.50
N TRP D 274 -27.55 33.62 -15.12
CA TRP D 274 -28.94 33.33 -15.40
C TRP D 274 -29.85 33.17 -14.17
N LEU D 275 -29.30 32.52 -13.14
CA LEU D 275 -30.06 32.20 -11.92
C LEU D 275 -30.32 33.45 -11.09
N HIS D 276 -29.48 34.47 -11.21
CA HIS D 276 -29.65 35.68 -10.41
C HIS D 276 -31.05 36.34 -10.62
N GLU D 277 -31.70 36.64 -9.50
CA GLU D 277 -33.08 37.17 -9.47
C GLU D 277 -34.07 36.30 -10.24
N LYS D 278 -33.88 34.98 -10.13
CA LYS D 278 -34.89 34.04 -10.60
C LYS D 278 -35.66 33.66 -9.36
N PRO D 279 -36.90 33.26 -9.54
CA PRO D 279 -37.73 32.78 -8.46
C PRO D 279 -37.20 31.42 -8.04
N ALA D 280 -37.55 30.96 -6.85
CA ALA D 280 -37.11 29.67 -6.35
C ALA D 280 -37.62 28.48 -7.16
N GLY D 281 -36.76 27.47 -7.32
CA GLY D 281 -37.10 26.25 -8.04
C GLY D 281 -35.91 25.39 -8.40
N PHE D 282 -36.18 24.22 -8.96
CA PHE D 282 -35.13 23.33 -9.38
C PHE D 282 -34.90 23.54 -10.88
N TYR D 283 -33.77 24.18 -11.24
CA TYR D 283 -33.41 24.43 -12.63
C TYR D 283 -32.20 23.61 -13.07
N THR D 284 -32.15 23.32 -14.36
CA THR D 284 -31.10 22.47 -14.94
C THR D 284 -30.41 23.28 -16.00
N MET D 285 -29.36 22.76 -16.63
CA MET D 285 -28.75 23.52 -17.72
C MET D 285 -29.65 23.71 -18.93
N THR D 286 -30.51 22.74 -19.18
CA THR D 286 -31.55 22.85 -20.22
C THR D 286 -32.36 24.13 -20.06
N ASP D 287 -32.72 24.47 -18.83
CA ASP D 287 -33.41 25.73 -18.53
C ASP D 287 -32.52 26.95 -18.77
N VAL D 288 -31.32 26.94 -18.19
CA VAL D 288 -30.29 28.03 -18.39
C VAL D 288 -29.99 28.36 -19.89
N LEU D 289 -29.80 27.32 -20.69
CA LEU D 289 -29.50 27.46 -22.11
C LEU D 289 -30.76 27.70 -23.03
N GLY D 290 -31.96 27.40 -22.53
CA GLY D 290 -33.19 27.60 -23.26
C GLY D 290 -33.37 26.52 -24.32
N LEU D 291 -32.97 25.26 -24.04
CA LEU D 291 -32.95 24.21 -25.08
C LEU D 291 -34.27 23.63 -25.51
N ASN D 292 -35.27 23.70 -24.62
CA ASN D 292 -36.69 23.61 -25.02
C ASN D 292 -37.28 24.88 -25.66
N MET E 26 14.17 -16.31 33.54
CA MET E 26 13.00 -16.66 32.75
C MET E 26 12.93 -15.74 31.54
N VAL E 27 11.88 -15.85 30.75
CA VAL E 27 11.72 -15.03 29.54
C VAL E 27 10.96 -13.74 29.81
N ARG E 28 11.49 -12.64 29.30
CA ARG E 28 10.86 -11.35 29.51
C ARG E 28 10.12 -11.02 28.26
N ILE E 29 8.83 -10.85 28.41
CA ILE E 29 7.92 -10.71 27.25
C ILE E 29 7.41 -9.28 27.09
N ALA E 30 7.51 -8.74 25.88
CA ALA E 30 6.74 -7.53 25.54
C ALA E 30 5.47 -7.92 24.77
N VAL E 31 4.33 -7.42 25.21
CA VAL E 31 3.07 -7.69 24.54
C VAL E 31 2.71 -6.52 23.74
N ALA E 32 2.85 -6.64 22.43
CA ALA E 32 2.33 -5.63 21.50
C ALA E 32 0.82 -5.62 21.52
N GLY E 33 0.26 -4.41 21.44
CA GLY E 33 -1.18 -4.19 21.36
C GLY E 33 -1.93 -4.70 22.58
N ALA E 34 -1.54 -4.27 23.75
CA ALA E 34 -1.92 -4.97 25.01
C ALA E 34 -3.39 -4.81 25.37
N ALA E 35 -4.04 -3.79 24.82
CA ALA E 35 -5.45 -3.56 25.08
C ALA E 35 -6.36 -4.36 24.16
N GLY E 36 -5.79 -4.95 23.12
CA GLY E 36 -6.55 -5.79 22.24
C GLY E 36 -7.14 -7.07 22.81
N ARG E 37 -7.98 -7.72 22.03
CA ARG E 37 -8.57 -8.96 22.38
C ARG E 37 -7.50 -10.00 22.75
N MET E 38 -6.57 -10.21 21.84
CA MET E 38 -5.48 -11.10 22.10
C MET E 38 -4.49 -10.53 23.14
N GLY E 39 -4.17 -9.27 23.01
CA GLY E 39 -3.29 -8.61 23.95
C GLY E 39 -3.64 -8.81 25.40
N ARG E 40 -4.90 -8.60 25.74
CA ARG E 40 -5.32 -8.79 27.12
C ARG E 40 -5.12 -10.23 27.54
N ASN E 41 -5.46 -11.17 26.68
CA ASN E 41 -5.26 -12.58 26.95
C ASN E 41 -3.80 -12.96 27.03
N LEU E 42 -2.98 -12.32 26.21
CA LEU E 42 -1.57 -12.57 26.24
C LEU E 42 -0.92 -12.12 27.54
N VAL E 43 -1.34 -10.93 28.02
CA VAL E 43 -0.85 -10.42 29.28
C VAL E 43 -1.19 -11.42 30.39
N LYS E 44 -2.46 -11.75 30.51
CA LYS E 44 -2.91 -12.78 31.46
C LYS E 44 -2.10 -14.09 31.35
N ALA E 45 -1.89 -14.57 30.13
CA ALA E 45 -1.24 -15.86 29.93
C ALA E 45 0.21 -15.80 30.36
N ALA E 46 0.90 -14.75 29.95
CA ALA E 46 2.34 -14.61 30.26
C ALA E 46 2.56 -14.42 31.76
N HIS E 47 1.66 -13.69 32.38
CA HIS E 47 1.67 -13.46 33.80
C HIS E 47 1.60 -14.78 34.59
N HIS E 48 0.62 -15.58 34.24
CA HIS E 48 0.35 -16.86 34.86
C HIS E 48 1.38 -17.95 34.55
N ASN E 49 2.13 -17.83 33.46
CA ASN E 49 3.19 -18.82 33.17
C ASN E 49 4.32 -18.44 34.09
N PRO E 50 4.73 -19.36 34.97
CA PRO E 50 5.83 -19.09 35.90
C PRO E 50 7.25 -19.06 35.29
N VAL E 51 7.46 -19.53 34.06
CA VAL E 51 8.75 -19.38 33.34
C VAL E 51 8.79 -18.09 32.49
N ALA E 52 7.76 -17.24 32.64
CA ALA E 52 7.66 -15.96 31.88
C ALA E 52 7.19 -14.74 32.71
N LYS E 53 7.75 -13.57 32.37
CA LYS E 53 7.44 -12.30 33.04
C LYS E 53 6.90 -11.35 31.98
N VAL E 54 5.84 -10.64 32.35
CA VAL E 54 5.32 -9.55 31.56
C VAL E 54 6.20 -8.36 31.86
N ALA E 55 7.01 -8.00 30.89
CA ALA E 55 8.04 -6.96 31.07
C ALA E 55 7.63 -5.63 30.45
N ALA E 56 6.78 -5.68 29.44
CA ALA E 56 6.42 -4.51 28.67
C ALA E 56 5.14 -4.66 27.90
N GLY E 57 4.54 -3.56 27.52
CA GLY E 57 3.33 -3.60 26.69
C GLY E 57 3.09 -2.33 25.88
N SER E 58 2.58 -2.48 24.67
CA SER E 58 2.43 -1.31 23.79
C SER E 58 0.98 -1.11 23.37
N GLU E 59 0.67 0.06 22.88
CA GLU E 59 -0.56 0.34 22.20
C GLU E 59 -0.35 1.36 21.13
N ARG E 60 -1.41 1.65 20.40
CA ARG E 60 -1.32 2.66 19.38
C ARG E 60 -1.04 3.97 20.09
N PRO E 61 -0.13 4.80 19.46
CA PRO E 61 0.14 6.06 20.16
C PRO E 61 -1.09 6.91 20.41
N GLU E 62 -2.02 6.93 19.48
CA GLU E 62 -3.23 7.70 19.63
C GLU E 62 -4.12 7.17 20.76
N SER E 63 -3.85 5.93 21.18
CA SER E 63 -4.65 5.25 22.18
C SER E 63 -4.80 5.83 23.57
N SER E 64 -6.02 5.67 24.06
CA SER E 64 -6.45 6.11 25.37
C SER E 64 -5.73 5.43 26.51
N LEU E 65 -5.44 4.14 26.36
CA LEU E 65 -4.77 3.36 27.39
C LEU E 65 -3.28 3.58 27.64
N VAL E 66 -2.63 4.36 26.79
CA VAL E 66 -1.19 4.64 26.99
C VAL E 66 -1.00 5.31 28.34
N GLY E 67 0.09 4.95 29.02
CA GLY E 67 0.37 5.47 30.37
C GLY E 67 -0.22 4.64 31.52
N VAL E 68 -1.09 3.70 31.20
CA VAL E 68 -1.84 2.95 32.22
C VAL E 68 -1.05 1.70 32.58
N ASP E 69 -1.21 1.23 33.82
CA ASP E 69 -0.54 0.01 34.29
C ASP E 69 -1.15 -1.26 33.69
N LEU E 70 -0.32 -2.20 33.25
CA LEU E 70 -0.83 -3.45 32.63
C LEU E 70 -1.76 -4.27 33.50
N GLY E 71 -1.56 -4.20 34.81
CA GLY E 71 -2.46 -4.82 35.77
C GLY E 71 -3.85 -4.18 35.80
N GLU E 72 -3.89 -2.86 35.78
CA GLU E 72 -5.13 -2.11 35.84
C GLU E 72 -6.00 -2.39 34.66
N LEU E 73 -5.39 -2.45 33.49
CA LEU E 73 -6.16 -2.71 32.31
C LEU E 73 -6.72 -4.10 32.49
N CYS E 74 -5.87 -5.02 32.91
CA CYS E 74 -6.24 -6.41 33.18
C CYS E 74 -7.13 -6.57 34.41
N GLY E 75 -6.85 -5.76 35.42
CA GLY E 75 -7.56 -5.79 36.69
C GLY E 75 -6.91 -6.68 37.72
N GLU E 76 -5.80 -7.30 37.37
CA GLU E 76 -5.09 -8.17 38.30
C GLU E 76 -4.05 -7.38 39.09
N GLY E 77 -4.47 -6.81 40.21
CA GLY E 77 -3.52 -6.01 41.02
C GLY E 77 -2.86 -4.94 40.17
N LYS E 78 -1.60 -4.67 40.49
CA LYS E 78 -0.80 -3.73 39.73
C LYS E 78 0.61 -4.28 39.50
N PHE E 79 1.05 -4.39 38.26
CA PHE E 79 2.46 -4.83 38.00
C PHE E 79 3.24 -3.53 37.99
N ASP E 80 4.55 -3.56 37.85
CA ASP E 80 5.27 -2.29 37.86
C ASP E 80 5.49 -1.73 36.46
N VAL E 81 4.63 -2.10 35.51
CA VAL E 81 4.81 -1.79 34.08
C VAL E 81 3.64 -1.02 33.43
N VAL E 82 4.00 -0.06 32.59
CA VAL E 82 3.04 0.80 31.87
C VAL E 82 2.98 0.52 30.40
N VAL E 83 1.77 0.73 29.84
CA VAL E 83 1.54 0.65 28.41
C VAL E 83 2.28 1.82 27.73
N CYS E 84 3.27 1.46 26.91
CA CYS E 84 4.05 2.41 26.15
C CYS E 84 3.42 2.67 24.76
N ASP E 85 3.71 3.81 24.18
CA ASP E 85 3.28 4.16 22.82
C ASP E 85 4.29 3.67 21.76
N ASP E 86 5.42 3.15 22.21
CA ASP E 86 6.47 2.69 21.32
C ASP E 86 7.39 1.76 22.10
N LEU E 87 7.58 0.54 21.60
CA LEU E 87 8.36 -0.48 22.33
C LEU E 87 9.85 -0.16 22.32
N ALA E 88 10.30 0.65 21.38
CA ALA E 88 11.70 1.08 21.37
C ALA E 88 12.17 1.74 22.70
N LYS E 89 11.26 2.49 23.32
CA LYS E 89 11.46 3.13 24.59
C LYS E 89 11.71 2.18 25.74
N GLN E 90 11.36 0.92 25.57
CA GLN E 90 11.43 -0.09 26.63
C GLN E 90 12.27 -1.31 26.20
N ILE E 91 13.08 -1.17 25.14
CA ILE E 91 13.87 -2.31 24.62
C ILE E 91 14.75 -3.05 25.60
N ASP E 92 15.22 -2.37 26.66
CA ASP E 92 16.11 -2.99 27.65
C ASP E 92 15.37 -3.86 28.65
N GLN E 93 14.08 -3.65 28.80
CA GLN E 93 13.23 -4.49 29.66
C GLN E 93 12.82 -5.90 29.13
N PHE E 94 13.00 -6.19 27.83
CA PHE E 94 12.47 -7.42 27.24
C PHE E 94 13.38 -8.13 26.30
N ASP E 95 13.11 -9.42 26.14
CA ASP E 95 13.77 -10.30 25.17
C ASP E 95 12.93 -10.68 23.91
N VAL E 96 11.63 -10.89 24.12
CA VAL E 96 10.72 -11.42 23.08
C VAL E 96 9.47 -10.58 23.01
N ILE E 97 9.14 -10.12 21.81
CA ILE E 97 7.83 -9.50 21.53
C ILE E 97 6.78 -10.56 21.11
N ILE E 98 5.61 -10.56 21.74
CA ILE E 98 4.48 -11.30 21.22
C ILE E 98 3.55 -10.33 20.55
N ASP E 99 3.42 -10.50 19.23
CA ASP E 99 2.68 -9.55 18.37
C ASP E 99 1.47 -10.07 17.65
N PHE E 100 0.32 -9.65 18.15
CA PHE E 100 -0.95 -9.97 17.56
C PHE E 100 -1.63 -8.63 17.36
N THR E 101 -1.17 -7.88 16.36
CA THR E 101 -1.70 -6.55 16.07
C THR E 101 -2.26 -6.36 14.65
N ALA E 102 -1.57 -5.57 13.82
CA ALA E 102 -1.98 -5.29 12.46
C ALA E 102 -0.72 -5.49 11.63
N PRO E 103 -0.83 -5.76 10.33
CA PRO E 103 0.40 -6.04 9.59
C PRO E 103 1.45 -4.94 9.67
N ALA E 104 1.04 -3.70 9.58
CA ALA E 104 2.01 -2.58 9.57
C ALA E 104 2.79 -2.45 10.87
N SER E 105 2.03 -2.45 11.96
CA SER E 105 2.60 -2.46 13.30
C SER E 105 3.61 -3.63 13.54
N THR E 106 3.30 -4.77 12.98
CA THR E 106 4.12 -5.96 13.16
C THR E 106 5.40 -5.86 12.33
N LEU E 107 5.32 -5.34 11.15
CA LEU E 107 6.54 -5.07 10.43
C LEU E 107 7.49 -4.09 11.18
N ASN E 108 6.94 -3.07 11.82
CA ASN E 108 7.70 -2.18 12.69
C ASN E 108 8.42 -2.92 13.83
N ASN E 109 7.69 -3.72 14.58
CA ASN E 109 8.23 -4.51 15.62
C ASN E 109 9.25 -5.55 15.12
N LEU E 110 9.08 -5.98 13.89
CA LEU E 110 10.05 -6.86 13.28
C LEU E 110 11.39 -6.13 13.03
N ALA E 111 11.28 -4.90 12.57
CA ALA E 111 12.43 -4.01 12.34
C ALA E 111 13.18 -3.72 13.65
N LEU E 112 12.41 -3.38 14.68
CA LEU E 112 12.87 -3.16 15.99
C LEU E 112 13.65 -4.36 16.51
N CYS E 113 13.19 -5.55 16.18
CA CYS E 113 13.88 -6.76 16.59
C CYS E 113 15.22 -6.89 15.93
N GLN E 114 15.26 -6.53 14.64
CA GLN E 114 16.48 -6.58 13.88
C GLN E 114 17.52 -5.57 14.41
N GLN E 115 17.09 -4.33 14.61
CA GLN E 115 17.94 -3.28 15.10
C GLN E 115 18.54 -3.56 16.48
N TYR E 116 17.79 -4.16 17.41
CA TYR E 116 18.24 -4.33 18.78
C TYR E 116 18.45 -5.81 19.22
N GLY E 117 18.57 -6.75 18.27
CA GLY E 117 18.75 -8.17 18.57
C GLY E 117 17.67 -8.79 19.46
N LYS E 118 16.41 -8.57 19.16
CA LYS E 118 15.32 -9.23 19.88
C LYS E 118 14.66 -10.30 19.02
N SER E 119 13.83 -11.09 19.68
CA SER E 119 12.99 -12.07 19.06
C SER E 119 11.49 -11.69 19.03
N ILE E 120 10.75 -12.35 18.12
CA ILE E 120 9.34 -12.08 17.94
C ILE E 120 8.51 -13.33 17.62
N VAL E 121 7.41 -13.40 18.32
CA VAL E 121 6.35 -14.31 18.03
C VAL E 121 5.25 -13.51 17.33
N ILE E 122 4.99 -13.86 16.08
CA ILE E 122 3.97 -13.20 15.29
C ILE E 122 2.68 -13.99 15.17
N GLY E 123 1.58 -13.40 15.59
CA GLY E 123 0.28 -14.05 15.48
C GLY E 123 -0.64 -13.30 14.56
N THR E 124 -0.19 -12.16 14.10
CA THR E 124 -0.95 -11.30 13.22
C THR E 124 -1.22 -11.96 11.89
N THR E 125 -2.42 -11.73 11.35
CA THR E 125 -2.80 -12.30 10.07
C THR E 125 -3.14 -11.18 9.12
N GLY E 126 -3.28 -11.53 7.84
CA GLY E 126 -3.77 -10.57 6.82
C GLY E 126 -2.61 -9.89 6.10
N PHE E 127 -1.40 -10.42 6.22
CA PHE E 127 -0.28 -9.96 5.48
C PHE E 127 -0.46 -10.22 3.97
N THR E 128 -0.02 -9.29 3.14
CA THR E 128 0.13 -9.53 1.70
C THR E 128 1.29 -10.45 1.39
N GLU E 129 1.31 -10.91 0.14
CA GLU E 129 2.38 -11.81 -0.33
C GLU E 129 3.76 -11.16 -0.20
N GLU E 130 3.87 -9.88 -0.50
CA GLU E 130 5.15 -9.19 -0.44
C GLU E 130 5.61 -8.98 1.01
N GLN E 131 4.65 -8.63 1.90
CA GLN E 131 4.94 -8.51 3.33
C GLN E 131 5.44 -9.83 3.91
N ARG E 132 4.86 -10.95 3.49
CA ARG E 132 5.35 -12.24 3.98
C ARG E 132 6.79 -12.49 3.54
N GLU E 133 7.16 -12.04 2.37
CA GLU E 133 8.50 -12.23 1.88
C GLU E 133 9.45 -11.43 2.73
N GLN E 134 9.02 -10.24 3.10
CA GLN E 134 9.84 -9.39 3.90
C GLN E 134 10.09 -10.07 5.21
N ILE E 135 9.07 -10.76 5.71
CA ILE E 135 9.22 -11.43 6.99
C ILE E 135 10.27 -12.53 6.86
N ASP E 136 10.23 -13.30 5.77
CA ASP E 136 11.20 -14.38 5.54
C ASP E 136 12.61 -13.85 5.57
N LEU E 137 12.76 -12.68 4.96
CA LEU E 137 14.07 -12.00 4.89
C LEU E 137 14.63 -11.63 6.27
N VAL E 138 13.85 -10.88 7.03
CA VAL E 138 14.26 -10.49 8.37
C VAL E 138 14.50 -11.73 9.23
N ALA E 139 13.75 -12.79 8.97
CA ALA E 139 13.92 -14.05 9.70
C ALA E 139 15.26 -14.77 9.49
N GLN E 140 16.01 -14.38 8.48
CA GLN E 140 17.41 -14.85 8.32
C GLN E 140 18.33 -14.34 9.43
N GLN E 141 18.02 -13.16 9.94
CA GLN E 141 18.78 -12.45 10.96
C GLN E 141 18.16 -12.45 12.36
N VAL E 142 16.85 -12.66 12.44
CA VAL E 142 16.10 -12.51 13.70
C VAL E 142 15.44 -13.86 14.01
N PRO E 143 15.40 -14.24 15.29
CA PRO E 143 14.61 -15.45 15.60
C PRO E 143 13.10 -15.13 15.62
N VAL E 144 12.35 -15.80 14.75
CA VAL E 144 10.94 -15.48 14.47
C VAL E 144 10.11 -16.75 14.60
N VAL E 145 9.10 -16.73 15.47
CA VAL E 145 8.03 -17.66 15.36
C VAL E 145 6.81 -17.00 14.65
N MET E 146 6.28 -17.66 13.60
CA MET E 146 5.09 -17.23 12.93
C MET E 146 4.14 -18.34 12.51
N ALA E 147 2.89 -18.12 12.83
CA ALA E 147 1.85 -19.06 12.59
C ALA E 147 0.48 -18.35 12.52
N PRO E 148 -0.41 -18.80 11.65
CA PRO E 148 -1.77 -18.29 11.77
C PRO E 148 -2.57 -18.76 13.00
N ASN E 149 -2.14 -19.80 13.70
CA ASN E 149 -2.97 -20.31 14.79
C ASN E 149 -2.05 -20.95 15.83
N TYR E 150 -2.13 -20.48 17.06
CA TYR E 150 -1.25 -20.98 18.13
C TYR E 150 -1.83 -22.11 19.01
N SER E 151 -2.97 -22.63 18.65
CA SER E 151 -3.56 -23.74 19.31
C SER E 151 -2.94 -25.11 18.87
N VAL E 152 -2.94 -26.10 19.75
CA VAL E 152 -2.43 -27.37 19.38
C VAL E 152 -3.31 -28.06 18.33
N GLY E 153 -4.61 -28.00 18.52
CA GLY E 153 -5.51 -28.65 17.60
C GLY E 153 -5.28 -28.32 16.16
N VAL E 154 -5.11 -27.05 15.86
CA VAL E 154 -4.98 -26.63 14.49
C VAL E 154 -3.75 -27.19 13.82
N ASN E 155 -2.66 -27.18 14.55
CA ASN E 155 -1.43 -27.71 14.00
C ASN E 155 -1.56 -29.18 13.70
N LEU E 156 -2.27 -29.90 14.55
CA LEU E 156 -2.54 -31.29 14.30
C LEU E 156 -3.41 -31.37 13.05
N VAL E 157 -4.43 -30.54 12.98
CA VAL E 157 -5.29 -30.49 11.81
C VAL E 157 -4.52 -30.28 10.48
N PHE E 158 -3.55 -29.37 10.46
CA PHE E 158 -2.68 -29.25 9.29
C PHE E 158 -2.08 -30.63 8.86
N LYS E 159 -1.59 -31.42 9.83
CA LYS E 159 -1.03 -32.74 9.53
C LYS E 159 -2.06 -33.73 9.02
N LEU E 160 -3.24 -33.71 9.62
CA LEU E 160 -4.34 -34.50 9.15
C LEU E 160 -4.78 -34.13 7.75
N LEU E 161 -4.80 -32.84 7.44
CA LEU E 161 -5.14 -32.42 6.12
C LEU E 161 -4.20 -32.96 5.08
N GLU E 162 -2.94 -32.94 5.37
CA GLU E 162 -1.95 -33.43 4.43
C GLU E 162 -2.15 -34.90 4.10
N LYS E 163 -2.41 -35.68 5.11
CA LYS E 163 -2.71 -37.07 4.90
C LYS E 163 -4.00 -37.24 4.09
N ALA E 164 -5.02 -36.40 4.31
CA ALA E 164 -6.28 -36.54 3.61
C ALA E 164 -6.08 -36.12 2.16
N ALA E 165 -5.33 -35.11 1.96
CA ALA E 165 -5.11 -34.66 0.63
C ALA E 165 -4.33 -35.65 -0.28
N LYS E 166 -3.30 -36.27 0.29
CA LYS E 166 -2.53 -37.31 -0.39
C LYS E 166 -3.43 -38.48 -0.83
N VAL E 167 -4.41 -38.88 -0.02
CA VAL E 167 -5.23 -39.98 -0.36
C VAL E 167 -6.44 -39.58 -1.20
N MET E 168 -7.12 -38.46 -0.90
CA MET E 168 -8.42 -38.15 -1.52
C MET E 168 -8.38 -36.94 -2.44
N GLY E 169 -7.37 -36.10 -2.31
CA GLY E 169 -7.35 -34.84 -2.99
C GLY E 169 -7.56 -34.87 -4.49
N ASP E 170 -6.99 -35.88 -5.12
CA ASP E 170 -6.94 -35.94 -6.57
C ASP E 170 -8.31 -36.21 -7.14
N TYR E 171 -9.12 -36.96 -6.39
CA TYR E 171 -10.48 -37.34 -6.76
C TYR E 171 -11.62 -36.57 -6.13
N CYS E 172 -11.32 -35.64 -5.26
CA CYS E 172 -12.37 -34.95 -4.53
C CYS E 172 -12.46 -33.45 -4.74
N ASP E 173 -13.62 -32.85 -4.54
CA ASP E 173 -13.71 -31.44 -4.40
C ASP E 173 -13.31 -31.04 -3.01
N ILE E 174 -12.50 -30.01 -2.91
CA ILE E 174 -12.03 -29.52 -1.63
C ILE E 174 -12.55 -28.15 -1.28
N GLU E 175 -13.12 -28.01 -0.11
CA GLU E 175 -13.73 -26.74 0.30
C GLU E 175 -13.37 -26.44 1.73
N ILE E 176 -13.11 -25.16 2.02
CA ILE E 176 -12.80 -24.70 3.33
C ILE E 176 -13.81 -23.68 3.79
N VAL E 177 -14.29 -23.87 5.01
CA VAL E 177 -15.32 -23.02 5.62
C VAL E 177 -14.86 -22.59 6.95
N GLU E 178 -15.00 -21.32 7.22
CA GLU E 178 -14.57 -20.80 8.49
C GLU E 178 -15.55 -19.80 9.02
N ALA E 179 -15.66 -19.75 10.34
CA ALA E 179 -16.49 -18.74 10.97
C ALA E 179 -15.73 -18.06 12.08
N HIS E 180 -15.93 -16.73 12.19
CA HIS E 180 -15.39 -15.91 13.30
C HIS E 180 -16.31 -14.79 13.71
N HIS E 181 -15.98 -14.20 14.84
CA HIS E 181 -16.70 -13.12 15.41
C HIS E 181 -16.79 -11.85 14.50
N ARG E 182 -17.72 -10.99 14.86
CA ARG E 182 -18.09 -9.82 14.04
C ARG E 182 -17.00 -8.79 13.84
N HIS E 183 -16.04 -8.73 14.77
CA HIS E 183 -14.91 -7.83 14.70
C HIS E 183 -13.75 -8.24 13.84
N LYS E 184 -13.68 -9.48 13.37
CA LYS E 184 -12.52 -9.83 12.57
C LYS E 184 -12.48 -9.08 11.22
N VAL E 185 -11.38 -8.42 10.97
CA VAL E 185 -11.25 -7.58 9.75
C VAL E 185 -10.83 -8.29 8.44
N ASP E 186 -10.15 -9.44 8.55
CA ASP E 186 -9.56 -10.14 7.38
C ASP E 186 -10.32 -11.43 7.00
N ALA E 187 -10.42 -11.72 5.69
CA ALA E 187 -11.17 -12.82 5.20
C ALA E 187 -10.53 -13.36 3.96
N PRO E 188 -10.42 -14.68 3.81
CA PRO E 188 -10.72 -15.63 4.89
C PRO E 188 -9.60 -15.57 5.98
N SER E 189 -9.79 -16.30 7.05
CA SER E 189 -8.88 -16.27 8.12
C SER E 189 -7.51 -16.70 7.68
N GLY E 190 -6.49 -16.30 8.43
CA GLY E 190 -5.14 -16.79 8.20
C GLY E 190 -5.07 -18.30 8.30
N THR E 191 -5.78 -18.84 9.28
CA THR E 191 -5.81 -20.28 9.48
C THR E 191 -6.41 -20.98 8.25
N ALA E 192 -7.46 -20.40 7.67
CA ALA E 192 -8.09 -21.01 6.50
C ALA E 192 -7.12 -21.02 5.35
N ILE E 193 -6.38 -19.94 5.20
CA ILE E 193 -5.35 -19.90 4.17
C ILE E 193 -4.30 -20.95 4.44
N GLY E 194 -3.86 -21.03 5.67
CA GLY E 194 -2.92 -22.07 6.03
C GLY E 194 -3.42 -23.48 5.70
N MET E 195 -4.71 -23.73 5.98
CA MET E 195 -5.30 -25.04 5.68
C MET E 195 -5.21 -25.30 4.19
N GLY E 196 -5.48 -24.28 3.41
CA GLY E 196 -5.37 -24.39 1.98
C GLY E 196 -3.94 -24.68 1.54
N GLU E 197 -3.00 -23.98 2.13
CA GLU E 197 -1.58 -24.11 1.77
C GLU E 197 -1.09 -25.54 2.05
N ALA E 198 -1.49 -26.09 3.19
CA ALA E 198 -1.15 -27.40 3.52
C ALA E 198 -1.71 -28.40 2.57
N ILE E 199 -2.98 -28.25 2.24
CA ILE E 199 -3.65 -29.12 1.29
C ILE E 199 -3.00 -29.01 -0.10
N ALA E 200 -2.89 -27.79 -0.63
CA ALA E 200 -2.25 -27.61 -1.94
C ALA E 200 -0.80 -28.15 -2.02
N GLY E 201 0.00 -27.79 -1.02
CA GLY E 201 1.34 -28.25 -0.89
C GLY E 201 1.44 -29.76 -0.95
N ALA E 202 0.61 -30.49 -0.21
CA ALA E 202 0.74 -31.94 -0.15
C ALA E 202 0.35 -32.59 -1.47
N MET E 203 -0.42 -31.87 -2.29
CA MET E 203 -0.76 -32.29 -3.65
C MET E 203 0.17 -31.74 -4.75
N GLY E 204 1.27 -31.10 -4.36
CA GLY E 204 2.20 -30.47 -5.31
C GLY E 204 1.70 -29.24 -6.05
N ASN E 205 0.75 -28.51 -5.49
CA ASN E 205 0.23 -27.32 -6.12
C ASN E 205 0.38 -26.07 -5.27
N LYS E 206 0.24 -24.92 -5.89
CA LYS E 206 0.31 -23.64 -5.21
C LYS E 206 -1.13 -23.23 -4.98
N LEU E 207 -1.44 -22.75 -3.78
CA LEU E 207 -2.80 -22.38 -3.45
C LEU E 207 -3.38 -21.30 -4.32
N SER E 208 -2.60 -20.27 -4.60
CA SER E 208 -3.08 -19.16 -5.46
C SER E 208 -3.51 -19.61 -6.85
N ASP E 209 -2.98 -20.73 -7.34
CA ASP E 209 -3.42 -21.31 -8.65
C ASP E 209 -4.83 -21.90 -8.59
N VAL E 210 -5.24 -22.38 -7.41
CA VAL E 210 -6.50 -23.13 -7.25
C VAL E 210 -7.57 -22.45 -6.37
N ALA E 211 -7.21 -21.46 -5.57
CA ALA E 211 -8.14 -20.91 -4.67
C ALA E 211 -9.27 -20.10 -5.32
N VAL E 212 -10.47 -20.23 -4.78
CA VAL E 212 -11.59 -19.45 -5.18
C VAL E 212 -12.16 -18.83 -3.93
N TYR E 213 -12.15 -17.50 -3.83
CA TYR E 213 -12.50 -16.80 -2.59
C TYR E 213 -13.91 -16.25 -2.55
N ALA E 214 -14.58 -16.27 -3.66
CA ALA E 214 -15.93 -15.74 -3.69
C ALA E 214 -16.71 -16.42 -4.76
N ARG E 215 -17.97 -16.63 -4.47
CA ARG E 215 -18.87 -17.15 -5.46
C ARG E 215 -20.11 -16.30 -5.50
N GLU E 216 -20.32 -15.65 -6.60
CA GLU E 216 -21.44 -14.73 -6.70
C GLU E 216 -22.02 -14.78 -8.10
N GLY E 217 -23.35 -14.77 -8.20
CA GLY E 217 -24.05 -14.84 -9.50
C GLY E 217 -23.85 -16.16 -10.23
N ILE E 218 -23.74 -16.11 -11.54
CA ILE E 218 -23.58 -17.27 -12.38
C ILE E 218 -22.10 -17.60 -12.40
N THR E 219 -21.70 -18.58 -11.63
CA THR E 219 -20.30 -18.98 -11.56
C THR E 219 -19.97 -20.05 -12.61
N GLY E 220 -20.98 -20.64 -13.21
CA GLY E 220 -20.84 -21.87 -13.97
C GLY E 220 -20.52 -23.07 -13.06
N GLU E 221 -20.24 -24.21 -13.69
CA GLU E 221 -19.82 -25.43 -13.02
C GLU E 221 -18.46 -25.27 -12.37
N ARG E 222 -18.33 -25.93 -11.22
CA ARG E 222 -17.11 -25.89 -10.40
C ARG E 222 -15.99 -26.53 -11.26
N THR E 223 -14.78 -26.01 -11.20
CA THR E 223 -13.65 -26.69 -11.78
C THR E 223 -13.26 -27.90 -10.89
N LYS E 224 -12.48 -28.86 -11.45
CA LYS E 224 -12.00 -30.06 -10.66
C LYS E 224 -10.96 -29.73 -9.60
N ASP E 225 -10.09 -28.75 -9.86
CA ASP E 225 -8.95 -28.46 -9.01
C ASP E 225 -9.15 -27.40 -7.88
N GLU E 226 -10.21 -26.58 -7.97
CA GLU E 226 -10.35 -25.45 -7.12
C GLU E 226 -10.45 -25.89 -5.66
N ILE E 227 -9.98 -25.00 -4.79
CA ILE E 227 -10.25 -25.02 -3.42
C ILE E 227 -11.12 -23.77 -3.10
N GLY E 228 -12.39 -23.98 -2.83
CA GLY E 228 -13.33 -22.94 -2.49
C GLY E 228 -13.20 -22.50 -1.00
N PHE E 229 -13.41 -21.20 -0.73
CA PHE E 229 -13.39 -20.68 0.61
C PHE E 229 -14.72 -20.01 0.88
N ALA E 230 -15.36 -20.35 1.98
CA ALA E 230 -16.51 -19.64 2.45
C ALA E 230 -16.33 -19.12 3.86
N THR E 231 -16.88 -17.95 4.12
CA THR E 231 -16.49 -17.14 5.27
C THR E 231 -17.74 -16.61 5.97
N ILE E 232 -17.85 -16.91 7.27
CA ILE E 232 -18.95 -16.50 8.11
C ILE E 232 -18.45 -15.54 9.18
N ARG E 233 -19.15 -14.44 9.34
CA ARG E 233 -18.75 -13.47 10.33
C ARG E 233 -19.95 -13.20 11.20
N ALA E 234 -19.88 -13.60 12.46
CA ALA E 234 -21.00 -13.37 13.33
C ALA E 234 -20.72 -13.49 14.80
N GLY E 235 -21.42 -12.68 15.57
CA GLY E 235 -21.32 -12.73 17.01
C GLY E 235 -19.97 -12.66 17.64
N ASP E 236 -19.76 -13.58 18.56
CA ASP E 236 -18.52 -13.68 19.29
C ASP E 236 -17.78 -14.98 19.04
N ILE E 237 -18.01 -15.62 17.90
CA ILE E 237 -17.37 -16.88 17.63
C ILE E 237 -15.86 -16.73 17.69
N VAL E 238 -15.21 -17.59 18.44
CA VAL E 238 -13.77 -17.52 18.64
C VAL E 238 -13.06 -18.10 17.49
N GLY E 239 -13.67 -19.09 16.83
CA GLY E 239 -13.06 -19.63 15.57
C GLY E 239 -13.39 -21.07 15.26
N GLU E 240 -14.09 -21.31 14.16
CA GLU E 240 -14.37 -22.64 13.64
C GLU E 240 -13.88 -22.75 12.25
N HIS E 241 -13.22 -23.85 11.97
CA HIS E 241 -12.68 -24.14 10.64
C HIS E 241 -13.01 -25.56 10.24
N THR E 242 -13.40 -25.73 8.98
CA THR E 242 -13.69 -27.05 8.46
C THR E 242 -13.14 -27.22 7.09
N ALA E 243 -12.40 -28.30 6.85
CA ALA E 243 -11.96 -28.63 5.51
C ALA E 243 -12.77 -29.85 5.12
N MET E 244 -13.42 -29.77 3.96
CA MET E 244 -14.30 -30.78 3.44
C MET E 244 -13.65 -31.42 2.20
N PHE E 245 -13.61 -32.74 2.13
CA PHE E 245 -13.15 -33.45 0.94
C PHE E 245 -14.36 -34.26 0.44
N ALA E 246 -14.94 -33.88 -0.69
CA ALA E 246 -16.20 -34.46 -1.16
C ALA E 246 -16.08 -35.22 -2.46
N ASP E 247 -16.58 -36.43 -2.41
CA ASP E 247 -16.56 -37.34 -3.52
C ASP E 247 -18.00 -37.69 -3.83
N ILE E 248 -18.19 -38.58 -4.77
CA ILE E 248 -19.54 -38.99 -5.11
C ILE E 248 -19.90 -40.08 -4.13
N GLY E 249 -20.93 -39.83 -3.34
CA GLY E 249 -21.38 -40.78 -2.36
C GLY E 249 -20.82 -40.68 -0.95
N GLU E 250 -19.77 -39.89 -0.76
CA GLU E 250 -19.25 -39.73 0.54
C GLU E 250 -18.50 -38.45 0.66
N ARG E 251 -18.32 -38.00 1.89
CA ARG E 251 -17.49 -36.84 2.14
C ARG E 251 -16.80 -36.93 3.50
N VAL E 252 -15.60 -36.39 3.58
CA VAL E 252 -14.81 -36.38 4.84
C VAL E 252 -14.64 -34.95 5.25
N GLU E 253 -14.95 -34.66 6.48
CA GLU E 253 -14.78 -33.32 7.06
C GLU E 253 -13.83 -33.36 8.27
N ILE E 254 -12.87 -32.44 8.29
CA ILE E 254 -12.00 -32.25 9.38
C ILE E 254 -12.21 -30.85 9.90
N THR E 255 -12.52 -30.75 11.19
CA THR E 255 -13.01 -29.54 11.81
C THR E 255 -12.23 -29.22 13.07
N HIS E 256 -11.97 -27.94 13.26
CA HIS E 256 -11.40 -27.46 14.53
C HIS E 256 -12.29 -26.36 15.07
N LYS E 257 -12.53 -26.37 16.35
CA LYS E 257 -13.26 -25.30 17.01
C LYS E 257 -12.49 -24.80 18.22
N ALA E 258 -12.26 -23.52 18.27
CA ALA E 258 -11.64 -22.90 19.43
C ALA E 258 -12.73 -22.27 20.23
N THR E 259 -12.66 -22.39 21.55
CA THR E 259 -13.69 -21.78 22.38
C THR E 259 -13.29 -20.69 23.30
N ASP E 260 -12.02 -20.54 23.48
CA ASP E 260 -11.50 -19.57 24.34
C ASP E 260 -10.21 -19.04 23.74
N ARG E 261 -10.02 -17.74 23.74
CA ARG E 261 -8.80 -17.17 23.21
C ARG E 261 -7.56 -17.56 23.97
N MET E 262 -7.74 -18.00 25.20
CA MET E 262 -6.63 -18.31 26.07
C MET E 262 -5.85 -19.48 25.48
N THR E 263 -6.53 -20.28 24.66
CA THR E 263 -5.93 -21.37 23.94
C THR E 263 -4.79 -20.86 23.07
N PHE E 264 -5.05 -19.72 22.41
CA PHE E 264 -4.10 -19.14 21.54
C PHE E 264 -3.00 -18.43 22.33
N ALA E 265 -3.43 -17.68 23.33
CA ALA E 265 -2.52 -16.92 24.14
C ALA E 265 -1.48 -17.85 24.85
N ASN E 266 -1.96 -18.92 25.46
CA ASN E 266 -1.09 -19.88 26.11
C ASN E 266 -0.14 -20.47 25.11
N GLY E 267 -0.60 -20.81 23.92
CA GLY E 267 0.32 -21.38 22.94
C GLY E 267 1.38 -20.38 22.45
N ALA E 268 1.05 -19.07 22.44
CA ALA E 268 1.96 -18.04 21.97
C ALA E 268 3.07 -17.86 22.96
N VAL E 269 2.67 -17.85 24.24
CA VAL E 269 3.58 -17.69 25.37
C VAL E 269 4.52 -18.89 25.44
N LYS E 270 3.98 -20.08 25.29
CA LYS E 270 4.80 -21.25 25.09
C LYS E 270 5.81 -21.03 23.94
N ALA E 271 5.36 -20.47 22.82
CA ALA E 271 6.25 -20.24 21.66
C ALA E 271 7.35 -19.29 22.04
N ALA E 272 6.98 -18.24 22.79
CA ALA E 272 7.97 -17.23 23.30
C ALA E 272 9.04 -17.85 24.18
N VAL E 273 8.61 -18.67 25.12
CA VAL E 273 9.49 -19.44 26.00
C VAL E 273 10.46 -20.35 25.21
N TRP E 274 9.93 -21.11 24.24
CA TRP E 274 10.71 -21.95 23.32
C TRP E 274 11.70 -21.15 22.46
N LEU E 275 11.27 -19.99 22.02
CA LEU E 275 12.05 -19.19 21.14
C LEU E 275 13.26 -18.57 21.82
N HIS E 276 13.15 -18.35 23.12
CA HIS E 276 14.19 -17.59 23.83
C HIS E 276 15.52 -18.32 23.74
N GLU E 277 16.53 -17.54 23.40
CA GLU E 277 17.86 -18.07 23.09
C GLU E 277 17.84 -19.22 22.04
N LYS E 278 17.04 -19.04 21.01
CA LYS E 278 17.13 -19.83 19.81
C LYS E 278 17.89 -18.99 18.79
N PRO E 279 18.49 -19.63 17.82
CA PRO E 279 19.20 -18.92 16.77
C PRO E 279 18.18 -18.29 15.85
N ALA E 280 18.64 -17.38 15.01
CA ALA E 280 17.78 -16.73 14.07
C ALA E 280 17.21 -17.72 13.08
N GLY E 281 16.00 -17.44 12.58
CA GLY E 281 15.35 -18.29 11.61
C GLY E 281 13.85 -18.19 11.59
N PHE E 282 13.20 -18.79 10.60
CA PHE E 282 11.76 -18.77 10.48
C PHE E 282 11.24 -20.06 11.12
N TYR E 283 10.65 -19.94 12.31
CA TYR E 283 10.00 -21.06 12.95
C TYR E 283 8.43 -20.99 12.89
N THR E 284 7.79 -22.16 12.94
CA THR E 284 6.33 -22.29 12.99
C THR E 284 5.94 -23.03 14.25
N MET E 285 4.64 -23.16 14.51
CA MET E 285 4.24 -23.91 15.68
C MET E 285 4.59 -25.39 15.60
N THR E 286 4.65 -25.92 14.39
CA THR E 286 5.17 -27.26 14.14
C THR E 286 6.53 -27.48 14.71
N ASP E 287 7.40 -26.50 14.58
CA ASP E 287 8.69 -26.54 15.25
C ASP E 287 8.56 -26.47 16.77
N VAL E 288 7.86 -25.47 17.29
CA VAL E 288 7.71 -25.25 18.75
C VAL E 288 7.22 -26.54 19.45
N LEU E 289 6.32 -27.22 18.75
CA LEU E 289 5.64 -28.45 19.16
C LEU E 289 6.18 -29.77 18.58
N GLY E 290 7.07 -29.71 17.62
CA GLY E 290 7.60 -30.92 17.01
C GLY E 290 6.56 -31.83 16.41
N LEU E 291 5.65 -31.27 15.64
CA LEU E 291 4.59 -32.02 15.00
C LEU E 291 4.85 -32.50 13.58
N ASN E 292 5.91 -32.00 12.94
CA ASN E 292 6.18 -32.42 11.57
C ASN E 292 6.94 -33.73 11.47
N GLY F 25 -9.52 -66.95 -14.08
CA GLY F 25 -10.97 -66.72 -14.31
C GLY F 25 -11.49 -65.53 -13.44
N MET F 26 -12.61 -65.00 -13.91
CA MET F 26 -13.41 -63.96 -13.31
C MET F 26 -14.03 -64.52 -12.03
N VAL F 27 -14.18 -63.71 -10.99
CA VAL F 27 -14.79 -64.18 -9.74
C VAL F 27 -16.30 -64.35 -9.85
N ARG F 28 -16.83 -65.40 -9.24
CA ARG F 28 -18.26 -65.67 -9.24
C ARG F 28 -18.70 -65.28 -7.85
N ILE F 29 -19.72 -64.45 -7.75
CA ILE F 29 -20.13 -63.91 -6.50
C ILE F 29 -21.48 -64.49 -6.12
N ALA F 30 -21.60 -64.97 -4.87
CA ALA F 30 -22.89 -65.20 -4.27
C ALA F 30 -23.26 -64.06 -3.32
N VAL F 31 -24.45 -63.50 -3.49
CA VAL F 31 -24.91 -62.38 -2.69
C VAL F 31 -25.89 -62.89 -1.69
N ALA F 32 -25.43 -63.02 -0.45
CA ALA F 32 -26.34 -63.38 0.65
C ALA F 32 -27.30 -62.25 0.88
N GLY F 33 -28.52 -62.64 1.15
CA GLY F 33 -29.58 -61.68 1.52
C GLY F 33 -29.90 -60.70 0.39
N ALA F 34 -30.19 -61.24 -0.78
CA ALA F 34 -30.19 -60.43 -1.99
C ALA F 34 -31.38 -59.39 -2.08
N ALA F 35 -32.43 -59.61 -1.33
CA ALA F 35 -33.54 -58.70 -1.33
C ALA F 35 -33.35 -57.54 -0.33
N GLY F 36 -32.32 -57.63 0.53
CA GLY F 36 -32.00 -56.56 1.44
C GLY F 36 -31.56 -55.22 0.81
N ARG F 37 -31.41 -54.22 1.68
CA ARG F 37 -30.96 -52.90 1.25
C ARG F 37 -29.59 -52.98 0.66
N MET F 38 -28.69 -53.67 1.33
CA MET F 38 -27.37 -53.88 0.77
C MET F 38 -27.38 -54.91 -0.34
N GLY F 39 -28.11 -55.96 -0.15
CA GLY F 39 -28.19 -57.07 -1.14
C GLY F 39 -28.53 -56.59 -2.52
N ARG F 40 -29.59 -55.77 -2.62
CA ARG F 40 -29.99 -55.16 -3.88
C ARG F 40 -28.85 -54.36 -4.51
N ASN F 41 -28.19 -53.54 -3.70
CA ASN F 41 -27.06 -52.76 -4.18
C ASN F 41 -25.87 -53.63 -4.51
N LEU F 42 -25.65 -54.71 -3.76
CA LEU F 42 -24.54 -55.60 -4.09
C LEU F 42 -24.72 -56.27 -5.42
N VAL F 43 -25.96 -56.73 -5.69
CA VAL F 43 -26.27 -57.38 -6.97
C VAL F 43 -25.96 -56.41 -8.11
N LYS F 44 -26.54 -55.25 -8.04
CA LYS F 44 -26.23 -54.15 -9.00
C LYS F 44 -24.72 -53.90 -9.19
N ALA F 45 -24.00 -53.79 -8.09
CA ALA F 45 -22.60 -53.46 -8.14
C ALA F 45 -21.79 -54.55 -8.77
N ALA F 46 -22.05 -55.78 -8.39
CA ALA F 46 -21.32 -56.93 -8.93
C ALA F 46 -21.59 -57.14 -10.42
N HIS F 47 -22.83 -56.94 -10.81
CA HIS F 47 -23.24 -57.01 -12.18
C HIS F 47 -22.50 -56.02 -13.10
N HIS F 48 -22.46 -54.78 -12.66
CA HIS F 48 -21.79 -53.69 -13.32
C HIS F 48 -20.23 -53.78 -13.31
N ASN F 49 -19.63 -54.50 -12.34
CA ASN F 49 -18.19 -54.67 -12.32
C ASN F 49 -17.86 -55.73 -13.38
N PRO F 50 -17.04 -55.36 -14.39
CA PRO F 50 -16.75 -56.29 -15.50
C PRO F 50 -15.72 -57.38 -15.19
N VAL F 51 -15.05 -57.32 -14.06
CA VAL F 51 -14.26 -58.45 -13.54
C VAL F 51 -15.04 -59.37 -12.57
N ALA F 52 -16.36 -59.18 -12.47
CA ALA F 52 -17.20 -59.99 -11.62
C ALA F 52 -18.52 -60.40 -12.23
N LYS F 53 -18.99 -61.56 -11.83
CA LYS F 53 -20.28 -62.16 -12.25
C LYS F 53 -21.16 -62.44 -11.01
N VAL F 54 -22.43 -62.06 -11.12
CA VAL F 54 -23.42 -62.44 -10.13
C VAL F 54 -23.79 -63.89 -10.46
N ALA F 55 -23.39 -64.81 -9.60
CA ALA F 55 -23.54 -66.26 -9.86
C ALA F 55 -24.66 -66.87 -9.03
N ALA F 56 -24.99 -66.23 -7.90
CA ALA F 56 -25.96 -66.81 -6.95
C ALA F 56 -26.49 -65.79 -5.99
N GLY F 57 -27.62 -66.09 -5.38
CA GLY F 57 -28.18 -65.19 -4.38
C GLY F 57 -29.08 -65.90 -3.40
N SER F 58 -29.09 -65.50 -2.14
CA SER F 58 -29.91 -66.17 -1.11
C SER F 58 -30.88 -65.23 -0.43
N GLU F 59 -31.89 -65.80 0.20
CA GLU F 59 -32.77 -65.07 1.13
C GLU F 59 -33.20 -65.99 2.24
N ARG F 60 -33.93 -65.44 3.19
CA ARG F 60 -34.40 -66.25 4.29
C ARG F 60 -35.34 -67.29 3.76
N PRO F 61 -35.23 -68.52 4.24
CA PRO F 61 -36.15 -69.57 3.76
C PRO F 61 -37.65 -69.20 3.67
N GLU F 62 -38.19 -68.46 4.61
CA GLU F 62 -39.59 -68.11 4.50
C GLU F 62 -39.85 -66.90 3.62
N SER F 63 -38.80 -66.34 3.06
CA SER F 63 -38.92 -65.10 2.28
C SER F 63 -39.85 -65.20 1.06
N SER F 64 -40.62 -64.16 0.88
CA SER F 64 -41.45 -63.95 -0.30
C SER F 64 -40.69 -64.04 -1.64
N LEU F 65 -39.42 -63.69 -1.66
CA LEU F 65 -38.66 -63.53 -2.93
C LEU F 65 -37.78 -64.73 -3.34
N VAL F 66 -37.96 -65.86 -2.68
CA VAL F 66 -37.28 -67.09 -3.07
C VAL F 66 -37.91 -67.56 -4.37
N GLY F 67 -37.09 -68.12 -5.25
CA GLY F 67 -37.55 -68.61 -6.57
C GLY F 67 -37.53 -67.56 -7.67
N VAL F 68 -37.31 -66.30 -7.32
CA VAL F 68 -37.42 -65.17 -8.26
C VAL F 68 -36.05 -64.91 -8.86
N ASP F 69 -36.03 -64.43 -10.10
CA ASP F 69 -34.78 -64.12 -10.82
C ASP F 69 -34.10 -62.87 -10.27
N LEU F 70 -32.79 -62.91 -10.07
CA LEU F 70 -32.07 -61.76 -9.51
C LEU F 70 -32.17 -60.46 -10.31
N GLY F 71 -32.34 -60.57 -11.62
CA GLY F 71 -32.65 -59.43 -12.48
C GLY F 71 -34.01 -58.80 -12.21
N GLU F 72 -35.04 -59.62 -11.97
CA GLU F 72 -36.40 -59.11 -11.59
C GLU F 72 -36.36 -58.30 -10.28
N LEU F 73 -35.42 -58.65 -9.41
CA LEU F 73 -35.22 -57.96 -8.14
C LEU F 73 -34.74 -56.53 -8.38
N CYS F 74 -33.74 -56.41 -9.22
CA CYS F 74 -33.20 -55.09 -9.67
C CYS F 74 -33.97 -54.37 -10.80
N GLY F 75 -34.78 -55.14 -11.56
CA GLY F 75 -35.47 -54.66 -12.79
C GLY F 75 -34.63 -54.82 -14.06
N GLU F 76 -33.33 -55.03 -13.89
CA GLU F 76 -32.32 -55.02 -14.97
C GLU F 76 -32.29 -56.26 -15.89
N GLY F 77 -33.31 -56.40 -16.74
CA GLY F 77 -33.47 -57.59 -17.58
C GLY F 77 -33.69 -58.85 -16.75
N LYS F 78 -33.26 -60.00 -17.24
CA LYS F 78 -33.28 -61.26 -16.48
C LYS F 78 -31.93 -62.01 -16.58
N PHE F 79 -31.25 -62.27 -15.46
CA PHE F 79 -29.96 -63.05 -15.48
C PHE F 79 -30.44 -64.48 -15.49
N ASP F 80 -29.55 -65.45 -15.58
CA ASP F 80 -30.05 -66.82 -15.54
C ASP F 80 -30.04 -67.43 -14.13
N VAL F 81 -30.15 -66.59 -13.09
CA VAL F 81 -30.01 -67.04 -11.70
C VAL F 81 -31.24 -66.70 -10.81
N VAL F 82 -31.58 -67.65 -9.95
CA VAL F 82 -32.69 -67.50 -8.98
C VAL F 82 -32.23 -67.35 -7.54
N VAL F 83 -33.02 -66.61 -6.77
CA VAL F 83 -32.82 -66.49 -5.34
C VAL F 83 -33.09 -67.86 -4.68
N CYS F 84 -32.07 -68.41 -4.03
CA CYS F 84 -32.14 -69.64 -3.33
C CYS F 84 -32.48 -69.43 -1.86
N ASP F 85 -33.05 -70.45 -1.22
CA ASP F 85 -33.32 -70.44 0.22
C ASP F 85 -32.10 -70.94 1.03
N ASP F 86 -31.06 -71.39 0.34
CA ASP F 86 -29.87 -71.93 0.96
C ASP F 86 -28.74 -71.96 -0.06
N LEU F 87 -27.61 -71.35 0.27
CA LEU F 87 -26.51 -71.26 -0.65
C LEU F 87 -25.81 -72.59 -0.85
N ALA F 88 -25.92 -73.52 0.09
CA ALA F 88 -25.35 -74.88 -0.08
C ALA F 88 -25.81 -75.59 -1.36
N LYS F 89 -27.06 -75.33 -1.74
CA LYS F 89 -27.67 -75.82 -3.00
C LYS F 89 -27.00 -75.35 -4.27
N GLN F 90 -26.26 -74.26 -4.20
CA GLN F 90 -25.66 -73.60 -5.35
C GLN F 90 -24.13 -73.51 -5.25
N ILE F 91 -23.52 -74.24 -4.32
CA ILE F 91 -22.07 -74.09 -4.02
C ILE F 91 -21.13 -74.25 -5.19
N ASP F 92 -21.55 -74.97 -6.23
CA ASP F 92 -20.72 -75.14 -7.42
C ASP F 92 -20.72 -73.93 -8.38
N GLN F 93 -21.75 -73.07 -8.27
CA GLN F 93 -21.84 -71.82 -9.07
C GLN F 93 -20.99 -70.63 -8.62
N PHE F 94 -20.39 -70.66 -7.42
CA PHE F 94 -19.68 -69.46 -6.88
C PHE F 94 -18.38 -69.72 -6.13
N ASP F 95 -17.55 -68.68 -6.10
CA ASP F 95 -16.28 -68.67 -5.39
C ASP F 95 -16.26 -67.87 -4.08
N VAL F 96 -17.02 -66.78 -4.05
CA VAL F 96 -16.98 -65.81 -2.93
C VAL F 96 -18.40 -65.40 -2.58
N ILE F 97 -18.71 -65.49 -1.31
CA ILE F 97 -19.94 -64.94 -0.79
C ILE F 97 -19.74 -63.51 -0.30
N ILE F 98 -20.61 -62.63 -0.68
CA ILE F 98 -20.67 -61.29 -0.05
C ILE F 98 -21.86 -61.27 0.87
N ASP F 99 -21.59 -61.16 2.17
CA ASP F 99 -22.62 -61.27 3.22
C ASP F 99 -22.84 -60.01 4.07
N PHE F 100 -23.98 -59.38 3.84
CA PHE F 100 -24.40 -58.21 4.56
C PHE F 100 -25.78 -58.61 5.03
N THR F 101 -25.81 -59.50 6.00
CA THR F 101 -27.07 -60.01 6.51
C THR F 101 -27.34 -59.77 7.96
N ALA F 102 -27.22 -60.84 8.73
CA ALA F 102 -27.44 -60.85 10.19
C ALA F 102 -26.43 -61.82 10.82
N PRO F 103 -26.00 -61.58 12.07
CA PRO F 103 -24.89 -62.37 12.61
C PRO F 103 -25.04 -63.90 12.55
N ALA F 104 -26.21 -64.39 12.89
CA ALA F 104 -26.44 -65.85 12.79
C ALA F 104 -26.29 -66.41 11.37
N SER F 105 -27.01 -65.80 10.44
CA SER F 105 -26.91 -66.15 8.98
C SER F 105 -25.45 -66.16 8.48
N THR F 106 -24.66 -65.23 8.98
CA THR F 106 -23.29 -65.01 8.50
C THR F 106 -22.42 -66.12 9.05
N LEU F 107 -22.62 -66.45 10.30
CA LEU F 107 -21.89 -67.56 10.87
C LEU F 107 -22.16 -68.85 10.09
N ASN F 108 -23.42 -69.04 9.66
CA ASN F 108 -23.75 -70.18 8.75
C ASN F 108 -22.99 -70.19 7.45
N ASN F 109 -23.00 -69.05 6.76
CA ASN F 109 -22.25 -68.90 5.55
C ASN F 109 -20.75 -69.08 5.74
N LEU F 110 -20.28 -68.71 6.92
CA LEU F 110 -18.88 -68.87 7.25
C LEU F 110 -18.51 -70.37 7.34
N ALA F 111 -19.41 -71.13 7.96
CA ALA F 111 -19.30 -72.58 8.09
C ALA F 111 -19.31 -73.28 6.74
N LEU F 112 -20.27 -72.86 5.93
CA LEU F 112 -20.37 -73.24 4.52
C LEU F 112 -19.07 -73.02 3.75
N CYS F 113 -18.41 -71.91 4.06
CA CYS F 113 -17.15 -71.61 3.40
C CYS F 113 -16.06 -72.56 3.80
N GLN F 114 -16.05 -72.90 5.10
CA GLN F 114 -15.09 -73.82 5.64
C GLN F 114 -15.28 -75.24 5.08
N GLN F 115 -16.51 -75.72 5.09
CA GLN F 115 -16.84 -77.02 4.52
C GLN F 115 -16.49 -77.21 3.03
N TYR F 116 -16.74 -76.20 2.19
CA TYR F 116 -16.60 -76.35 0.73
C TYR F 116 -15.47 -75.53 0.10
N GLY F 117 -14.54 -75.03 0.92
CA GLY F 117 -13.40 -74.20 0.43
C GLY F 117 -13.76 -72.90 -0.29
N LYS F 118 -14.69 -72.14 0.26
CA LYS F 118 -15.06 -70.87 -0.34
C LYS F 118 -14.53 -69.71 0.49
N SER F 119 -14.58 -68.54 -0.11
CA SER F 119 -14.25 -67.28 0.55
C SER F 119 -15.49 -66.41 0.85
N ILE F 120 -15.30 -65.47 1.75
CA ILE F 120 -16.41 -64.60 2.21
C ILE F 120 -15.97 -63.19 2.55
N VAL F 121 -16.73 -62.25 2.03
CA VAL F 121 -16.64 -60.85 2.36
C VAL F 121 -17.79 -60.53 3.32
N ILE F 122 -17.45 -60.12 4.53
CA ILE F 122 -18.46 -59.86 5.54
C ILE F 122 -18.72 -58.39 5.78
N GLY F 123 -19.97 -57.99 5.63
CA GLY F 123 -20.35 -56.63 5.87
C GLY F 123 -21.26 -56.52 7.06
N THR F 124 -21.69 -57.66 7.56
CA THR F 124 -22.59 -57.71 8.68
C THR F 124 -21.97 -57.12 9.93
N THR F 125 -22.77 -56.41 10.70
CA THR F 125 -22.32 -55.83 11.95
C THR F 125 -23.26 -56.26 13.08
N GLY F 126 -22.85 -55.98 14.31
CA GLY F 126 -23.59 -56.35 15.48
C GLY F 126 -23.22 -57.69 16.08
N PHE F 127 -22.08 -58.22 15.68
CA PHE F 127 -21.58 -59.45 16.32
C PHE F 127 -21.24 -59.22 17.80
N THR F 128 -21.52 -60.22 18.64
CA THR F 128 -20.95 -60.28 20.01
C THR F 128 -19.44 -60.55 20.01
N GLU F 129 -18.84 -60.28 21.16
CA GLU F 129 -17.38 -60.50 21.40
C GLU F 129 -16.99 -61.95 21.11
N GLU F 130 -17.85 -62.89 21.52
CA GLU F 130 -17.56 -64.32 21.26
C GLU F 130 -17.72 -64.71 19.79
N GLN F 131 -18.76 -64.19 19.14
CA GLN F 131 -18.96 -64.41 17.68
C GLN F 131 -17.78 -63.89 16.86
N ARG F 132 -17.21 -62.76 17.24
CA ARG F 132 -16.04 -62.25 16.52
C ARG F 132 -14.88 -63.18 16.70
N GLU F 133 -14.76 -63.82 17.88
CA GLU F 133 -13.63 -64.73 18.15
C GLU F 133 -13.74 -65.91 17.26
N GLN F 134 -14.97 -66.37 17.14
CA GLN F 134 -15.34 -67.43 16.21
C GLN F 134 -14.94 -67.15 14.77
N ILE F 135 -15.13 -65.92 14.37
CA ILE F 135 -14.77 -65.53 13.04
C ILE F 135 -13.27 -65.57 12.85
N ASP F 136 -12.51 -65.07 13.84
CA ASP F 136 -11.02 -65.12 13.78
C ASP F 136 -10.47 -66.55 13.62
N LEU F 137 -11.13 -67.46 14.31
CA LEU F 137 -10.83 -68.84 14.23
C LEU F 137 -11.01 -69.42 12.82
N VAL F 138 -12.23 -69.33 12.30
CA VAL F 138 -12.56 -69.83 10.95
C VAL F 138 -11.69 -69.14 9.88
N ALA F 139 -11.31 -67.89 10.14
CA ALA F 139 -10.37 -67.16 9.28
C ALA F 139 -8.92 -67.69 9.22
N GLN F 140 -8.52 -68.57 10.14
CA GLN F 140 -7.26 -69.32 9.96
C GLN F 140 -7.28 -70.28 8.75
N GLN F 141 -8.47 -70.81 8.46
CA GLN F 141 -8.70 -71.82 7.39
C GLN F 141 -9.41 -71.30 6.17
N VAL F 142 -10.15 -70.18 6.29
CA VAL F 142 -10.95 -69.63 5.20
C VAL F 142 -10.44 -68.21 4.86
N PRO F 143 -10.38 -67.85 3.58
CA PRO F 143 -10.05 -66.47 3.26
C PRO F 143 -11.26 -65.58 3.52
N VAL F 144 -11.08 -64.65 4.44
CA VAL F 144 -12.14 -63.78 4.95
C VAL F 144 -11.75 -62.32 4.86
N VAL F 145 -12.59 -61.53 4.20
CA VAL F 145 -12.52 -60.09 4.38
C VAL F 145 -13.64 -59.67 5.31
N MET F 146 -13.26 -58.88 6.29
CA MET F 146 -14.24 -58.28 7.17
C MET F 146 -13.90 -56.85 7.54
N ALA F 147 -14.91 -56.03 7.51
CA ALA F 147 -14.80 -54.62 7.87
C ALA F 147 -16.16 -54.06 8.22
N PRO F 148 -16.18 -53.11 9.13
CA PRO F 148 -17.45 -52.47 9.38
C PRO F 148 -17.87 -51.46 8.35
N ASN F 149 -16.98 -51.06 7.48
CA ASN F 149 -17.32 -50.09 6.47
C ASN F 149 -16.49 -50.28 5.24
N TYR F 150 -17.16 -50.43 4.11
CA TYR F 150 -16.48 -50.74 2.83
C TYR F 150 -16.24 -49.54 1.96
N SER F 151 -16.51 -48.35 2.46
CA SER F 151 -16.16 -47.14 1.78
C SER F 151 -14.68 -46.74 1.94
N VAL F 152 -14.13 -46.04 0.97
CA VAL F 152 -12.74 -45.55 1.08
C VAL F 152 -12.55 -44.47 2.19
N GLY F 153 -13.48 -43.56 2.27
CA GLY F 153 -13.38 -42.53 3.21
C GLY F 153 -13.18 -43.00 4.61
N VAL F 154 -13.93 -44.01 4.98
CA VAL F 154 -13.86 -44.48 6.34
C VAL F 154 -12.50 -45.06 6.67
N ASN F 155 -11.95 -45.77 5.72
CA ASN F 155 -10.65 -46.35 5.93
C ASN F 155 -9.64 -45.28 6.13
N LEU F 156 -9.76 -44.21 5.38
CA LEU F 156 -8.86 -43.06 5.61
C LEU F 156 -9.08 -42.47 7.01
N VAL F 157 -10.33 -42.27 7.38
CA VAL F 157 -10.66 -41.77 8.68
C VAL F 157 -10.01 -42.60 9.77
N PHE F 158 -10.05 -43.92 9.68
CA PHE F 158 -9.39 -44.72 10.75
C PHE F 158 -7.91 -44.28 10.92
N LYS F 159 -7.24 -44.03 9.81
CA LYS F 159 -5.86 -43.60 9.83
C LYS F 159 -5.70 -42.26 10.45
N LEU F 160 -6.59 -41.35 10.10
CA LEU F 160 -6.58 -40.01 10.69
C LEU F 160 -6.84 -40.05 12.18
N LEU F 161 -7.74 -40.91 12.61
CA LEU F 161 -8.02 -41.05 14.03
C LEU F 161 -6.81 -41.52 14.84
N GLU F 162 -6.04 -42.43 14.26
CA GLU F 162 -4.82 -42.91 14.92
C GLU F 162 -3.88 -41.73 15.14
N LYS F 163 -3.70 -40.91 14.14
CA LYS F 163 -2.81 -39.77 14.26
C LYS F 163 -3.28 -38.79 15.30
N ALA F 164 -4.57 -38.56 15.36
CA ALA F 164 -5.13 -37.62 16.32
C ALA F 164 -4.98 -38.18 17.71
N ALA F 165 -5.24 -39.45 17.85
CA ALA F 165 -5.17 -40.05 19.17
C ALA F 165 -3.74 -40.04 19.79
N LYS F 166 -2.74 -40.31 18.94
CA LYS F 166 -1.33 -40.21 19.34
C LYS F 166 -1.01 -38.83 19.86
N VAL F 167 -1.52 -37.79 19.25
CA VAL F 167 -1.15 -36.42 19.64
C VAL F 167 -2.02 -35.85 20.74
N MET F 168 -3.33 -36.09 20.68
CA MET F 168 -4.27 -35.47 21.62
C MET F 168 -4.94 -36.40 22.62
N GLY F 169 -4.94 -37.69 22.35
CA GLY F 169 -5.74 -38.66 23.12
C GLY F 169 -5.49 -38.66 24.64
N ASP F 170 -4.24 -38.45 25.02
CA ASP F 170 -3.84 -38.52 26.41
C ASP F 170 -4.45 -37.44 27.27
N TYR F 171 -4.57 -36.25 26.75
CA TYR F 171 -5.13 -35.16 27.51
C TYR F 171 -6.57 -34.74 27.12
N CYS F 172 -7.21 -35.41 26.18
CA CYS F 172 -8.52 -34.99 25.72
C CYS F 172 -9.62 -35.95 26.04
N ASP F 173 -10.86 -35.46 26.07
CA ASP F 173 -12.04 -36.30 26.11
C ASP F 173 -12.37 -36.75 24.71
N ILE F 174 -12.61 -38.05 24.52
CA ILE F 174 -12.87 -38.63 23.24
C ILE F 174 -14.29 -39.14 23.11
N GLU F 175 -15.02 -38.68 22.10
CA GLU F 175 -16.43 -39.00 21.98
C GLU F 175 -16.73 -39.32 20.53
N ILE F 176 -17.55 -40.34 20.33
CA ILE F 176 -17.96 -40.76 19.04
C ILE F 176 -19.49 -40.65 18.89
N VAL F 177 -19.91 -40.12 17.75
CA VAL F 177 -21.30 -39.84 17.53
C VAL F 177 -21.63 -40.35 16.18
N GLU F 178 -22.74 -41.04 16.06
CA GLU F 178 -23.09 -41.64 14.76
C GLU F 178 -24.54 -41.57 14.56
N ALA F 179 -24.91 -41.48 13.29
CA ALA F 179 -26.34 -41.45 12.91
C ALA F 179 -26.58 -42.42 11.79
N HIS F 180 -27.72 -43.13 11.86
CA HIS F 180 -28.22 -43.92 10.79
C HIS F 180 -29.73 -43.93 10.73
N HIS F 181 -30.20 -44.39 9.58
CA HIS F 181 -31.61 -44.55 9.26
C HIS F 181 -32.39 -45.37 10.29
N ARG F 182 -33.70 -45.23 10.25
CA ARG F 182 -34.60 -45.83 11.23
C ARG F 182 -34.57 -47.36 11.33
N HIS F 183 -34.25 -48.01 10.26
CA HIS F 183 -34.24 -49.47 10.18
C HIS F 183 -33.02 -50.17 10.78
N LYS F 184 -31.99 -49.45 11.14
CA LYS F 184 -30.80 -50.10 11.60
C LYS F 184 -31.01 -50.72 12.97
N VAL F 185 -30.77 -52.03 13.05
CA VAL F 185 -31.08 -52.81 14.28
C VAL F 185 -30.02 -52.79 15.38
N ASP F 186 -28.78 -52.47 15.05
CA ASP F 186 -27.67 -52.51 16.03
C ASP F 186 -27.13 -51.08 16.41
N ALA F 187 -26.65 -50.95 17.66
CA ALA F 187 -26.16 -49.68 18.16
C ALA F 187 -25.07 -49.91 19.17
N PRO F 188 -23.99 -49.18 19.10
CA PRO F 188 -23.73 -48.21 18.05
C PRO F 188 -23.32 -49.01 16.79
N SER F 189 -23.13 -48.30 15.71
CA SER F 189 -22.76 -48.87 14.47
C SER F 189 -21.44 -49.61 14.61
N GLY F 190 -21.24 -50.55 13.69
CA GLY F 190 -19.97 -51.27 13.63
C GLY F 190 -18.83 -50.33 13.36
N THR F 191 -19.07 -49.38 12.45
CA THR F 191 -18.09 -48.40 12.09
C THR F 191 -17.71 -47.56 13.35
N ALA F 192 -18.70 -47.22 14.19
CA ALA F 192 -18.39 -46.45 15.37
C ALA F 192 -17.47 -47.26 16.30
N ILE F 193 -17.78 -48.54 16.48
CA ILE F 193 -16.91 -49.39 17.27
C ILE F 193 -15.56 -49.45 16.68
N GLY F 194 -15.49 -49.64 15.40
CA GLY F 194 -14.19 -49.61 14.74
C GLY F 194 -13.40 -48.32 14.97
N MET F 195 -14.09 -47.16 14.97
CA MET F 195 -13.44 -45.92 15.26
C MET F 195 -12.85 -45.96 16.67
N GLY F 196 -13.65 -46.45 17.59
CA GLY F 196 -13.22 -46.61 18.92
C GLY F 196 -12.02 -47.53 19.07
N GLU F 197 -12.04 -48.61 18.31
CA GLU F 197 -10.94 -49.60 18.38
C GLU F 197 -9.64 -49.00 17.86
N ALA F 198 -9.74 -48.25 16.78
CA ALA F 198 -8.57 -47.60 16.22
C ALA F 198 -8.00 -46.61 17.19
N ILE F 199 -8.87 -45.84 17.82
CA ILE F 199 -8.43 -44.83 18.77
C ILE F 199 -7.75 -45.54 19.96
N ALA F 200 -8.49 -46.45 20.59
CA ALA F 200 -7.97 -47.10 21.75
C ALA F 200 -6.63 -47.81 21.49
N GLY F 201 -6.63 -48.56 20.39
CA GLY F 201 -5.41 -49.24 19.95
C GLY F 201 -4.20 -48.35 19.81
N ALA F 202 -4.38 -47.18 19.19
CA ALA F 202 -3.23 -46.28 18.99
C ALA F 202 -2.72 -45.69 20.29
N MET F 203 -3.57 -45.69 21.30
CA MET F 203 -3.21 -45.26 22.64
C MET F 203 -2.75 -46.44 23.58
N GLY F 204 -2.61 -47.63 23.02
CA GLY F 204 -2.29 -48.84 23.79
C GLY F 204 -3.37 -49.37 24.73
N ASN F 205 -4.63 -49.07 24.49
CA ASN F 205 -5.73 -49.57 25.34
C ASN F 205 -6.65 -50.49 24.59
N LYS F 206 -7.56 -51.10 25.34
CA LYS F 206 -8.59 -52.00 24.79
C LYS F 206 -9.92 -51.21 24.91
N LEU F 207 -10.68 -51.15 23.82
CA LEU F 207 -11.93 -50.35 23.80
C LEU F 207 -12.92 -50.71 24.90
N SER F 208 -13.07 -52.02 25.19
CA SER F 208 -14.01 -52.47 26.21
C SER F 208 -13.65 -52.00 27.59
N ASP F 209 -12.36 -51.67 27.85
CA ASP F 209 -11.96 -51.03 29.14
C ASP F 209 -12.44 -49.59 29.34
N VAL F 210 -12.58 -48.83 28.24
CA VAL F 210 -12.88 -47.45 28.28
C VAL F 210 -14.26 -47.03 27.71
N ALA F 211 -14.93 -47.90 26.98
CA ALA F 211 -16.16 -47.46 26.30
C ALA F 211 -17.32 -47.20 27.26
N VAL F 212 -18.09 -46.17 27.00
CA VAL F 212 -19.32 -45.91 27.70
C VAL F 212 -20.40 -45.78 26.63
N TYR F 213 -21.39 -46.64 26.68
CA TYR F 213 -22.38 -46.73 25.56
C TYR F 213 -23.70 -46.05 25.85
N ALA F 214 -23.89 -45.63 27.08
CA ALA F 214 -25.17 -45.04 27.43
C ALA F 214 -24.95 -44.12 28.56
N ARG F 215 -25.67 -43.02 28.53
CA ARG F 215 -25.63 -42.10 29.62
C ARG F 215 -27.04 -41.74 29.97
N GLU F 216 -27.42 -42.11 31.19
CA GLU F 216 -28.79 -41.94 31.59
C GLU F 216 -28.84 -41.61 33.06
N GLY F 217 -29.70 -40.67 33.41
CA GLY F 217 -29.83 -40.22 34.80
C GLY F 217 -28.56 -39.56 35.34
N ILE F 218 -28.27 -39.80 36.60
CA ILE F 218 -27.13 -39.20 37.27
C ILE F 218 -25.93 -40.10 36.97
N THR F 219 -25.10 -39.67 36.05
CA THR F 219 -23.91 -40.43 35.67
C THR F 219 -22.67 -40.04 36.54
N GLY F 220 -22.77 -38.94 37.28
CA GLY F 220 -21.59 -38.29 37.84
C GLY F 220 -20.72 -37.63 36.77
N GLU F 221 -19.59 -37.08 37.20
CA GLU F 221 -18.60 -36.48 36.30
C GLU F 221 -17.99 -37.52 35.41
N ARG F 222 -17.68 -37.10 34.19
CA ARG F 222 -17.08 -37.94 33.17
C ARG F 222 -15.71 -38.41 33.68
N THR F 223 -15.34 -39.63 33.40
CA THR F 223 -13.99 -40.09 33.71
C THR F 223 -13.04 -39.54 32.65
N LYS F 224 -11.74 -39.56 32.95
CA LYS F 224 -10.73 -39.06 32.04
C LYS F 224 -10.54 -39.93 30.79
N ASP F 225 -10.68 -41.22 30.95
CA ASP F 225 -10.25 -42.20 29.95
C ASP F 225 -11.35 -42.71 29.05
N GLU F 226 -12.61 -42.49 29.46
CA GLU F 226 -13.75 -43.01 28.72
C GLU F 226 -13.86 -42.48 27.29
N ILE F 227 -14.35 -43.36 26.45
CA ILE F 227 -14.73 -43.03 25.10
C ILE F 227 -16.24 -43.20 25.03
N GLY F 228 -16.93 -42.07 25.01
CA GLY F 228 -18.42 -42.06 24.99
C GLY F 228 -18.94 -42.33 23.60
N PHE F 229 -20.07 -43.02 23.51
CA PHE F 229 -20.74 -43.25 22.25
C PHE F 229 -22.13 -42.66 22.34
N ALA F 230 -22.50 -41.87 21.37
CA ALA F 230 -23.87 -41.44 21.20
C ALA F 230 -24.44 -41.90 19.82
N THR F 231 -25.73 -42.23 19.78
CA THR F 231 -26.34 -42.87 18.68
C THR F 231 -27.64 -42.19 18.32
N ILE F 232 -27.74 -41.82 17.05
CA ILE F 232 -28.97 -41.26 16.49
C ILE F 232 -29.59 -42.23 15.48
N ARG F 233 -30.88 -42.47 15.58
CA ARG F 233 -31.52 -43.32 14.60
C ARG F 233 -32.65 -42.54 14.00
N ALA F 234 -32.56 -42.20 12.73
CA ALA F 234 -33.65 -41.46 12.10
C ALA F 234 -33.68 -41.46 10.59
N GLY F 235 -34.89 -41.39 10.05
CA GLY F 235 -35.09 -41.31 8.63
C GLY F 235 -34.45 -42.33 7.74
N ASP F 236 -33.86 -41.82 6.67
CA ASP F 236 -33.20 -42.61 5.66
C ASP F 236 -31.72 -42.35 5.63
N ILE F 237 -31.18 -41.84 6.71
CA ILE F 237 -29.77 -41.50 6.73
C ILE F 237 -28.92 -42.71 6.41
N VAL F 238 -28.01 -42.55 5.47
CA VAL F 238 -27.18 -43.62 5.06
C VAL F 238 -26.05 -43.87 6.05
N GLY F 239 -25.58 -42.83 6.70
CA GLY F 239 -24.51 -42.99 7.70
C GLY F 239 -23.55 -41.83 7.92
N GLU F 240 -23.60 -41.22 9.11
CA GLU F 240 -22.71 -40.16 9.53
C GLU F 240 -21.95 -40.67 10.76
N HIS F 241 -20.65 -40.40 10.81
CA HIS F 241 -19.84 -40.64 11.99
C HIS F 241 -18.92 -39.51 12.30
N THR F 242 -18.76 -39.21 13.56
CA THR F 242 -17.92 -38.16 13.98
C THR F 242 -17.12 -38.56 15.21
N ALA F 243 -15.81 -38.40 15.17
CA ALA F 243 -15.02 -38.58 16.35
C ALA F 243 -14.58 -37.21 16.76
N MET F 244 -14.74 -36.91 18.04
CA MET F 244 -14.43 -35.61 18.64
C MET F 244 -13.31 -35.81 19.66
N PHE F 245 -12.33 -34.95 19.62
CA PHE F 245 -11.26 -34.90 20.61
C PHE F 245 -11.35 -33.52 21.25
N ALA F 246 -11.77 -33.44 22.51
CA ALA F 246 -12.07 -32.16 23.18
C ALA F 246 -11.16 -31.84 24.36
N ASP F 247 -10.51 -30.71 24.29
CA ASP F 247 -9.69 -30.21 25.34
C ASP F 247 -10.44 -29.06 26.00
N ILE F 248 -9.81 -28.39 26.95
CA ILE F 248 -10.32 -27.15 27.48
C ILE F 248 -9.89 -26.01 26.55
N GLY F 249 -10.87 -25.41 25.90
CA GLY F 249 -10.61 -24.29 24.97
C GLY F 249 -10.58 -24.59 23.46
N GLU F 250 -10.46 -25.84 23.09
CA GLU F 250 -10.49 -26.20 21.71
C GLU F 250 -10.95 -27.66 21.53
N ARG F 251 -11.37 -28.00 20.34
CA ARG F 251 -11.71 -29.36 20.04
C ARG F 251 -11.53 -29.65 18.58
N VAL F 252 -11.24 -30.88 18.27
CA VAL F 252 -11.00 -31.34 16.91
C VAL F 252 -12.03 -32.39 16.58
N GLU F 253 -12.68 -32.27 15.43
CA GLU F 253 -13.67 -33.23 14.99
C GLU F 253 -13.32 -33.83 13.65
N ILE F 254 -13.39 -35.15 13.52
CA ILE F 254 -13.17 -35.82 12.24
C ILE F 254 -14.41 -36.57 11.86
N THR F 255 -14.94 -36.31 10.70
CA THR F 255 -16.30 -36.69 10.35
C THR F 255 -16.33 -37.40 9.01
N HIS F 256 -17.13 -38.47 8.88
CA HIS F 256 -17.37 -39.10 7.57
C HIS F 256 -18.87 -39.09 7.33
N LYS F 257 -19.30 -38.85 6.11
CA LYS F 257 -20.70 -38.98 5.72
C LYS F 257 -20.82 -39.82 4.45
N ALA F 258 -21.61 -40.88 4.50
CA ALA F 258 -21.97 -41.64 3.33
C ALA F 258 -23.31 -41.18 2.80
N THR F 259 -23.45 -41.01 1.51
CA THR F 259 -24.72 -40.59 0.94
C THR F 259 -25.41 -41.52 0.02
N ASP F 260 -24.66 -42.50 -0.47
CA ASP F 260 -25.16 -43.53 -1.36
C ASP F 260 -24.70 -44.90 -0.89
N ARG F 261 -25.61 -45.86 -0.85
CA ARG F 261 -25.28 -47.22 -0.45
C ARG F 261 -24.33 -47.91 -1.40
N MET F 262 -24.31 -47.47 -2.65
CA MET F 262 -23.46 -48.08 -3.65
C MET F 262 -22.01 -47.93 -3.23
N THR F 263 -21.70 -46.87 -2.52
CA THR F 263 -20.37 -46.66 -2.05
C THR F 263 -19.85 -47.95 -1.35
N PHE F 264 -20.69 -48.53 -0.52
CA PHE F 264 -20.35 -49.67 0.29
C PHE F 264 -20.35 -50.93 -0.59
N ALA F 265 -21.37 -51.04 -1.44
CA ALA F 265 -21.52 -52.16 -2.32
C ALA F 265 -20.32 -52.25 -3.28
N ASN F 266 -19.98 -51.14 -3.93
CA ASN F 266 -18.84 -51.15 -4.82
C ASN F 266 -17.58 -51.56 -4.09
N GLY F 267 -17.38 -51.09 -2.86
CA GLY F 267 -16.19 -51.45 -2.12
C GLY F 267 -16.14 -52.91 -1.73
N ALA F 268 -17.31 -53.48 -1.49
CA ALA F 268 -17.41 -54.87 -1.09
C ALA F 268 -17.08 -55.78 -2.26
N VAL F 269 -17.59 -55.40 -3.45
CA VAL F 269 -17.33 -56.14 -4.70
C VAL F 269 -15.86 -56.05 -5.05
N LYS F 270 -15.28 -54.88 -4.91
CA LYS F 270 -13.86 -54.75 -5.00
C LYS F 270 -13.13 -55.74 -4.02
N ALA F 271 -13.61 -55.85 -2.78
CA ALA F 271 -13.00 -56.71 -1.80
C ALA F 271 -13.08 -58.16 -2.24
N ALA F 272 -14.22 -58.52 -2.82
CA ALA F 272 -14.46 -59.86 -3.35
C ALA F 272 -13.51 -60.24 -4.50
N VAL F 273 -13.32 -59.31 -5.44
CA VAL F 273 -12.36 -59.44 -6.52
C VAL F 273 -10.94 -59.64 -6.00
N TRP F 274 -10.54 -58.81 -5.06
CA TRP F 274 -9.22 -58.91 -4.44
C TRP F 274 -9.02 -60.23 -3.70
N LEU F 275 -10.07 -60.68 -3.04
CA LEU F 275 -10.00 -61.85 -2.16
C LEU F 275 -9.87 -63.12 -2.92
N HIS F 276 -10.36 -63.11 -4.15
CA HIS F 276 -10.37 -64.32 -4.97
C HIS F 276 -8.95 -64.88 -5.16
N GLU F 277 -8.82 -66.17 -4.89
CA GLU F 277 -7.55 -66.89 -4.91
C GLU F 277 -6.49 -66.24 -4.02
N LYS F 278 -6.94 -65.76 -2.86
CA LYS F 278 -6.02 -65.34 -1.80
C LYS F 278 -5.97 -66.49 -0.85
N PRO F 279 -4.90 -66.58 -0.09
CA PRO F 279 -4.72 -67.62 0.92
C PRO F 279 -5.63 -67.36 2.10
N ALA F 280 -5.91 -68.39 2.90
CA ALA F 280 -6.77 -68.22 4.06
C ALA F 280 -6.19 -67.23 5.04
N GLY F 281 -7.05 -66.40 5.62
CA GLY F 281 -6.60 -65.42 6.59
C GLY F 281 -7.69 -64.43 6.94
N PHE F 282 -7.39 -63.49 7.82
CA PHE F 282 -8.36 -62.48 8.18
C PHE F 282 -7.86 -61.20 7.58
N TYR F 283 -8.62 -60.69 6.62
CA TYR F 283 -8.26 -59.45 5.94
C TYR F 283 -9.29 -58.35 6.19
N THR F 284 -8.84 -57.11 6.09
CA THR F 284 -9.66 -55.91 6.34
C THR F 284 -9.62 -55.06 5.10
N MET F 285 -10.33 -53.94 5.07
CA MET F 285 -10.26 -53.08 3.87
C MET F 285 -8.96 -52.43 3.71
N THR F 286 -8.29 -52.21 4.82
CA THR F 286 -6.91 -51.72 4.82
C THR F 286 -6.05 -52.60 3.92
N ASP F 287 -6.22 -53.90 4.03
CA ASP F 287 -5.45 -54.84 3.21
C ASP F 287 -5.87 -54.77 1.74
N VAL F 288 -7.16 -54.87 1.46
CA VAL F 288 -7.65 -54.78 0.10
C VAL F 288 -7.14 -53.50 -0.58
N LEU F 289 -7.39 -52.36 0.04
CA LEU F 289 -6.96 -51.08 -0.51
C LEU F 289 -5.45 -50.90 -0.61
N GLY F 290 -4.73 -51.33 0.43
CA GLY F 290 -3.30 -51.21 0.47
C GLY F 290 -2.85 -50.21 1.52
N MET G 26 -57.40 -36.17 -14.49
CA MET G 26 -55.98 -36.22 -14.16
C MET G 26 -55.25 -35.07 -14.81
N VAL G 27 -54.19 -34.62 -14.17
CA VAL G 27 -53.40 -33.52 -14.70
C VAL G 27 -52.37 -34.06 -15.66
N ARG G 28 -52.32 -33.45 -16.82
CA ARG G 28 -51.41 -33.87 -17.88
C ARG G 28 -50.23 -32.95 -17.84
N ILE G 29 -49.08 -33.52 -17.55
CA ILE G 29 -47.89 -32.74 -17.23
C ILE G 29 -46.87 -32.77 -18.36
N ALA G 30 -46.36 -31.60 -18.73
CA ALA G 30 -45.18 -31.49 -19.59
C ALA G 30 -43.96 -31.20 -18.73
N VAL G 31 -42.92 -32.05 -18.86
CA VAL G 31 -41.69 -31.88 -18.10
C VAL G 31 -40.67 -31.19 -18.99
N ALA G 32 -40.43 -29.90 -18.76
CA ALA G 32 -39.36 -29.19 -19.46
C ALA G 32 -38.01 -29.69 -18.97
N GLY G 33 -37.11 -29.85 -19.91
CA GLY G 33 -35.77 -30.32 -19.65
C GLY G 33 -35.73 -31.72 -19.07
N ALA G 34 -36.30 -32.68 -19.77
CA ALA G 34 -36.55 -33.96 -19.18
C ALA G 34 -35.28 -34.79 -18.90
N ALA G 35 -34.20 -34.49 -19.56
CA ALA G 35 -32.95 -35.25 -19.38
C ALA G 35 -32.11 -34.76 -18.22
N GLY G 36 -32.49 -33.60 -17.68
CA GLY G 36 -31.78 -33.01 -16.57
C GLY G 36 -31.88 -33.79 -15.28
N ARG G 37 -31.16 -33.32 -14.30
CA ARG G 37 -31.18 -33.91 -12.96
C ARG G 37 -32.55 -33.91 -12.34
N MET G 38 -33.16 -32.75 -12.34
CA MET G 38 -34.54 -32.64 -11.93
C MET G 38 -35.52 -33.25 -12.91
N GLY G 39 -35.33 -32.96 -14.18
CA GLY G 39 -36.20 -33.53 -15.23
C GLY G 39 -36.43 -35.02 -15.13
N ARG G 40 -35.35 -35.77 -14.99
CA ARG G 40 -35.44 -37.23 -14.79
C ARG G 40 -36.27 -37.60 -13.57
N ASN G 41 -36.04 -36.92 -12.46
CA ASN G 41 -36.81 -37.14 -11.23
C ASN G 41 -38.27 -36.69 -11.36
N LEU G 42 -38.50 -35.59 -12.08
CA LEU G 42 -39.87 -35.14 -12.33
C LEU G 42 -40.72 -36.10 -13.16
N VAL G 43 -40.12 -36.67 -14.19
CA VAL G 43 -40.77 -37.70 -14.96
C VAL G 43 -41.12 -38.88 -14.06
N LYS G 44 -40.14 -39.46 -13.39
CA LYS G 44 -40.40 -40.53 -12.39
C LYS G 44 -41.53 -40.15 -11.38
N ALA G 45 -41.50 -38.94 -10.84
CA ALA G 45 -42.47 -38.54 -9.84
C ALA G 45 -43.85 -38.42 -10.39
N ALA G 46 -43.97 -37.81 -11.52
CA ALA G 46 -45.27 -37.58 -12.17
C ALA G 46 -45.90 -38.89 -12.62
N HIS G 47 -45.05 -39.78 -13.11
CA HIS G 47 -45.49 -41.12 -13.45
C HIS G 47 -46.12 -41.87 -12.28
N HIS G 48 -45.40 -41.89 -11.19
CA HIS G 48 -45.77 -42.56 -9.95
C HIS G 48 -46.92 -41.92 -9.16
N ASN G 49 -47.21 -40.64 -9.40
CA ASN G 49 -48.40 -40.00 -8.84
C ASN G 49 -49.60 -40.45 -9.65
N PRO G 50 -50.57 -41.11 -8.97
CA PRO G 50 -51.71 -41.66 -9.71
C PRO G 50 -52.76 -40.62 -10.13
N VAL G 51 -52.69 -39.38 -9.63
CA VAL G 51 -53.54 -38.28 -10.09
C VAL G 51 -52.86 -37.47 -11.21
N ALA G 52 -51.71 -37.96 -11.73
CA ALA G 52 -50.99 -37.28 -12.80
C ALA G 52 -50.45 -38.21 -13.91
N LYS G 53 -50.40 -37.67 -15.13
CA LYS G 53 -49.90 -38.38 -16.30
C LYS G 53 -48.76 -37.58 -16.91
N VAL G 54 -47.70 -38.30 -17.28
CA VAL G 54 -46.61 -37.72 -18.04
C VAL G 54 -47.10 -37.66 -19.46
N ALA G 55 -47.37 -36.46 -19.93
CA ALA G 55 -47.98 -36.23 -21.27
C ALA G 55 -46.93 -35.77 -22.32
N ALA G 56 -45.86 -35.13 -21.87
CA ALA G 56 -44.90 -34.52 -22.78
C ALA G 56 -43.59 -34.22 -22.09
N GLY G 57 -42.55 -34.02 -22.89
CA GLY G 57 -41.24 -33.68 -22.36
C GLY G 57 -40.33 -33.00 -23.36
N SER G 58 -39.52 -32.07 -22.89
CA SER G 58 -38.68 -31.29 -23.80
C SER G 58 -37.22 -31.41 -23.49
N GLU G 59 -36.39 -31.08 -24.46
CA GLU G 59 -34.95 -30.84 -24.22
C GLU G 59 -34.45 -29.73 -25.13
N ARG G 60 -33.22 -29.33 -24.89
CA ARG G 60 -32.56 -28.35 -25.75
C ARG G 60 -32.61 -28.85 -27.23
N PRO G 61 -32.89 -27.96 -28.20
CA PRO G 61 -32.94 -28.39 -29.60
C PRO G 61 -31.71 -29.18 -30.04
N GLU G 62 -30.56 -28.74 -29.60
CA GLU G 62 -29.26 -29.40 -29.92
C GLU G 62 -29.11 -30.79 -29.28
N SER G 63 -29.97 -31.13 -28.32
CA SER G 63 -29.74 -32.24 -27.41
C SER G 63 -29.71 -33.61 -28.08
N SER G 64 -28.76 -34.41 -27.61
CA SER G 64 -28.65 -35.83 -27.98
C SER G 64 -29.93 -36.66 -27.75
N LEU G 65 -30.75 -36.28 -26.77
CA LEU G 65 -31.88 -37.11 -26.33
C LEU G 65 -33.26 -36.75 -26.93
N VAL G 66 -33.26 -35.89 -27.94
CA VAL G 66 -34.50 -35.57 -28.66
C VAL G 66 -34.87 -36.78 -29.46
N GLY G 67 -36.18 -37.02 -29.58
CA GLY G 67 -36.69 -38.15 -30.36
C GLY G 67 -36.82 -39.43 -29.54
N VAL G 68 -36.28 -39.43 -28.33
CA VAL G 68 -36.20 -40.64 -27.49
C VAL G 68 -37.43 -40.72 -26.59
N ASP G 69 -37.86 -41.93 -26.27
CA ASP G 69 -39.05 -42.15 -25.44
C ASP G 69 -38.76 -41.82 -23.98
N LEU G 70 -39.68 -41.13 -23.30
CA LEU G 70 -39.46 -40.73 -21.91
C LEU G 70 -39.22 -41.89 -20.94
N GLY G 71 -39.80 -43.05 -21.23
CA GLY G 71 -39.55 -44.28 -20.49
C GLY G 71 -38.11 -44.77 -20.63
N GLU G 72 -37.53 -44.65 -21.81
CA GLU G 72 -36.17 -45.12 -21.97
C GLU G 72 -35.19 -44.37 -21.06
N LEU G 73 -35.34 -43.06 -20.95
CA LEU G 73 -34.42 -42.32 -20.11
C LEU G 73 -34.56 -42.78 -18.67
N CYS G 74 -35.79 -42.99 -18.21
CA CYS G 74 -35.91 -43.54 -16.84
C CYS G 74 -35.62 -45.04 -16.73
N GLY G 75 -35.71 -45.75 -17.85
CA GLY G 75 -35.61 -47.22 -17.91
C GLY G 75 -36.94 -47.93 -17.71
N GLU G 76 -37.93 -47.19 -17.20
CA GLU G 76 -39.23 -47.74 -16.77
C GLU G 76 -40.23 -48.10 -17.89
N GLY G 77 -39.95 -49.19 -18.61
CA GLY G 77 -40.75 -49.61 -19.77
C GLY G 77 -40.67 -48.57 -20.87
N LYS G 78 -41.74 -48.45 -21.64
CA LYS G 78 -41.86 -47.39 -22.65
C LYS G 78 -43.26 -46.71 -22.58
N PHE G 79 -43.32 -45.39 -22.36
CA PHE G 79 -44.60 -44.64 -22.37
C PHE G 79 -44.84 -44.38 -23.85
N ASP G 80 -45.96 -43.80 -24.24
CA ASP G 80 -46.15 -43.52 -25.66
C ASP G 80 -45.69 -42.10 -26.05
N VAL G 81 -44.73 -41.53 -25.31
CA VAL G 81 -44.31 -40.12 -25.48
C VAL G 81 -42.82 -39.94 -25.74
N VAL G 82 -42.52 -39.01 -26.66
CA VAL G 82 -41.13 -38.67 -27.05
C VAL G 82 -40.68 -37.29 -26.55
N VAL G 83 -39.38 -37.20 -26.31
CA VAL G 83 -38.77 -35.92 -25.98
C VAL G 83 -38.80 -35.01 -27.23
N CYS G 84 -39.51 -33.89 -27.11
CA CYS G 84 -39.60 -32.89 -28.15
C CYS G 84 -38.50 -31.83 -28.02
N ASP G 85 -38.18 -31.19 -29.12
CA ASP G 85 -37.25 -30.06 -29.13
C ASP G 85 -37.96 -28.73 -28.84
N ASP G 86 -39.27 -28.78 -28.75
CA ASP G 86 -40.08 -27.57 -28.55
C ASP G 86 -41.46 -28.01 -28.05
N LEU G 87 -41.88 -27.48 -26.90
CA LEU G 87 -43.17 -27.86 -26.32
C LEU G 87 -44.37 -27.33 -27.09
N ALA G 88 -44.18 -26.27 -27.87
CA ALA G 88 -45.27 -25.75 -28.76
C ALA G 88 -45.86 -26.83 -29.70
N LYS G 89 -45.00 -27.73 -30.17
CA LYS G 89 -45.37 -28.88 -31.01
C LYS G 89 -46.28 -29.87 -30.33
N GLN G 90 -46.34 -29.86 -29.00
CA GLN G 90 -47.14 -30.82 -28.22
C GLN G 90 -48.19 -30.16 -27.31
N ILE G 91 -48.49 -28.87 -27.56
CA ILE G 91 -49.40 -28.05 -26.72
C ILE G 91 -50.76 -28.67 -26.43
N ASP G 92 -51.25 -29.53 -27.33
CA ASP G 92 -52.58 -30.19 -27.14
C ASP G 92 -52.55 -31.42 -26.20
N GLN G 93 -51.38 -32.02 -26.01
CA GLN G 93 -51.20 -33.12 -25.07
C GLN G 93 -51.09 -32.77 -23.57
N PHE G 94 -50.90 -31.49 -23.18
CA PHE G 94 -50.69 -31.14 -21.76
C PHE G 94 -51.42 -29.90 -21.24
N ASP G 95 -51.62 -29.88 -19.91
CA ASP G 95 -52.25 -28.76 -19.14
C ASP G 95 -51.25 -27.89 -18.35
N VAL G 96 -50.21 -28.52 -17.78
CA VAL G 96 -49.26 -27.88 -16.87
C VAL G 96 -47.84 -28.23 -17.27
N ILE G 97 -47.00 -27.21 -17.40
CA ILE G 97 -45.58 -27.41 -17.54
C ILE G 97 -44.89 -27.38 -16.17
N ILE G 98 -44.08 -28.38 -15.89
CA ILE G 98 -43.16 -28.30 -14.79
C ILE G 98 -41.79 -27.94 -15.34
N ASP G 99 -41.29 -26.75 -14.97
CA ASP G 99 -40.03 -26.21 -15.52
C ASP G 99 -38.89 -25.98 -14.49
N PHE G 100 -37.89 -26.85 -14.58
CA PHE G 100 -36.68 -26.78 -13.79
C PHE G 100 -35.57 -26.84 -14.82
N THR G 101 -35.35 -25.72 -15.50
CA THR G 101 -34.35 -25.61 -16.55
C THR G 101 -33.38 -24.44 -16.35
N ALA G 102 -33.47 -23.45 -17.22
CA ALA G 102 -32.62 -22.27 -17.13
C ALA G 102 -33.53 -21.07 -17.27
N PRO G 103 -33.17 -19.91 -16.75
CA PRO G 103 -34.07 -18.72 -16.88
C PRO G 103 -34.61 -18.37 -18.25
N ALA G 104 -33.76 -18.33 -19.27
CA ALA G 104 -34.25 -18.00 -20.65
C ALA G 104 -35.31 -19.00 -21.17
N SER G 105 -34.98 -20.29 -21.10
CA SER G 105 -35.92 -21.36 -21.46
C SER G 105 -37.30 -21.25 -20.72
N THR G 106 -37.23 -20.87 -19.44
CA THR G 106 -38.41 -20.81 -18.61
C THR G 106 -39.25 -19.58 -19.02
N LEU G 107 -38.61 -18.47 -19.33
CA LEU G 107 -39.36 -17.34 -19.87
C LEU G 107 -40.11 -17.71 -21.18
N ASN G 108 -39.48 -18.52 -22.03
CA ASN G 108 -40.12 -19.05 -23.25
C ASN G 108 -41.35 -19.86 -22.94
N ASN G 109 -41.20 -20.83 -22.03
CA ASN G 109 -42.33 -21.63 -21.61
C ASN G 109 -43.43 -20.82 -20.93
N LEU G 110 -43.04 -19.76 -20.25
CA LEU G 110 -44.00 -18.87 -19.65
C LEU G 110 -44.84 -18.14 -20.73
N ALA G 111 -44.17 -17.69 -21.80
CA ALA G 111 -44.81 -17.05 -22.96
C ALA G 111 -45.81 -18.03 -23.64
N LEU G 112 -45.33 -19.25 -23.88
CA LEU G 112 -46.09 -20.37 -24.39
C LEU G 112 -47.35 -20.60 -23.58
N CYS G 113 -47.23 -20.46 -22.28
CA CYS G 113 -48.39 -20.62 -21.40
C CYS G 113 -49.42 -19.54 -21.63
N GLN G 114 -48.92 -18.31 -21.81
CA GLN G 114 -49.78 -17.18 -22.04
C GLN G 114 -50.54 -17.31 -23.40
N GLN G 115 -49.83 -17.67 -24.43
CA GLN G 115 -50.37 -17.82 -25.75
C GLN G 115 -51.39 -18.90 -25.88
N TYR G 116 -51.21 -20.00 -25.18
CA TYR G 116 -52.12 -21.16 -25.34
C TYR G 116 -52.90 -21.55 -24.09
N GLY G 117 -53.02 -20.64 -23.14
CA GLY G 117 -53.81 -20.86 -21.90
C GLY G 117 -53.34 -22.07 -21.07
N LYS G 118 -52.04 -22.19 -20.83
CA LYS G 118 -51.54 -23.25 -19.97
C LYS G 118 -51.08 -22.70 -18.65
N SER G 119 -50.81 -23.62 -17.73
CA SER G 119 -50.19 -23.35 -16.45
C SER G 119 -48.75 -23.80 -16.36
N ILE G 120 -48.03 -23.23 -15.39
CA ILE G 120 -46.62 -23.56 -15.18
C ILE G 120 -46.17 -23.56 -13.72
N VAL G 121 -45.42 -24.60 -13.39
CA VAL G 121 -44.73 -24.75 -12.10
C VAL G 121 -43.27 -24.45 -12.36
N ILE G 122 -42.76 -23.39 -11.79
CA ILE G 122 -41.39 -22.99 -11.99
C ILE G 122 -40.50 -23.31 -10.81
N GLY G 123 -39.45 -24.06 -11.08
CA GLY G 123 -38.48 -24.42 -10.09
C GLY G 123 -37.15 -23.81 -10.39
N THR G 124 -37.02 -23.24 -11.57
CA THR G 124 -35.77 -22.65 -12.01
C THR G 124 -35.36 -21.52 -11.09
N THR G 125 -34.06 -21.40 -10.89
CA THR G 125 -33.51 -20.36 -10.04
C THR G 125 -32.41 -19.64 -10.78
N GLY G 126 -32.08 -18.47 -10.29
CA GLY G 126 -31.04 -17.63 -10.90
C GLY G 126 -31.59 -16.54 -11.80
N PHE G 127 -32.87 -16.23 -11.67
CA PHE G 127 -33.50 -15.11 -12.41
C PHE G 127 -32.98 -13.78 -11.95
N THR G 128 -32.77 -12.86 -12.89
CA THR G 128 -32.47 -11.44 -12.55
C THR G 128 -33.70 -10.75 -12.00
N GLU G 129 -33.46 -9.59 -11.38
CA GLU G 129 -34.54 -8.79 -10.78
C GLU G 129 -35.61 -8.37 -11.83
N GLU G 130 -35.15 -8.03 -13.04
CA GLU G 130 -36.06 -7.69 -14.13
C GLU G 130 -36.86 -8.92 -14.66
N GLN G 131 -36.18 -10.06 -14.78
CA GLN G 131 -36.86 -11.31 -15.17
C GLN G 131 -37.95 -11.70 -14.17
N ARG G 132 -37.72 -11.49 -12.87
CA ARG G 132 -38.74 -11.82 -11.88
C ARG G 132 -39.93 -10.91 -12.03
N GLU G 133 -39.70 -9.66 -12.40
CA GLU G 133 -40.79 -8.68 -12.62
C GLU G 133 -41.68 -9.09 -13.79
N GLN G 134 -41.02 -9.52 -14.85
CA GLN G 134 -41.64 -10.16 -15.98
C GLN G 134 -42.52 -11.33 -15.64
N ILE G 135 -42.05 -12.17 -14.75
CA ILE G 135 -42.82 -13.31 -14.29
C ILE G 135 -44.07 -12.88 -13.52
N ASP G 136 -43.95 -11.90 -12.61
CA ASP G 136 -45.12 -11.33 -11.88
C ASP G 136 -46.19 -10.79 -12.84
N LEU G 137 -45.74 -10.14 -13.90
CA LEU G 137 -46.61 -9.64 -14.96
C LEU G 137 -47.41 -10.74 -15.67
N VAL G 138 -46.69 -11.69 -16.25
CA VAL G 138 -47.35 -12.83 -16.91
C VAL G 138 -48.29 -13.58 -15.92
N ALA G 139 -47.93 -13.60 -14.64
CA ALA G 139 -48.72 -14.27 -13.61
C ALA G 139 -50.08 -13.62 -13.31
N GLN G 140 -50.29 -12.40 -13.80
CA GLN G 140 -51.63 -11.79 -13.79
C GLN G 140 -52.62 -12.48 -14.72
N GLN G 141 -52.10 -13.02 -15.81
CA GLN G 141 -52.88 -13.73 -16.84
C GLN G 141 -52.76 -15.26 -16.81
N VAL G 142 -51.69 -15.80 -16.23
CA VAL G 142 -51.36 -17.25 -16.29
C VAL G 142 -51.34 -17.80 -14.86
N PRO G 143 -51.88 -19.01 -14.63
CA PRO G 143 -51.69 -19.61 -13.32
C PRO G 143 -50.24 -20.13 -13.16
N VAL G 144 -49.52 -19.55 -12.20
CA VAL G 144 -48.10 -19.81 -12.00
C VAL G 144 -47.81 -20.21 -10.57
N VAL G 145 -47.18 -21.37 -10.41
CA VAL G 145 -46.54 -21.68 -9.13
C VAL G 145 -45.05 -21.44 -9.28
N MET G 146 -44.49 -20.68 -8.34
CA MET G 146 -43.05 -20.47 -8.29
C MET G 146 -42.49 -20.45 -6.88
N ALA G 147 -41.40 -21.20 -6.72
CA ALA G 147 -40.69 -21.30 -5.44
C ALA G 147 -39.24 -21.71 -5.64
N PRO G 148 -38.36 -21.21 -4.80
CA PRO G 148 -36.99 -21.74 -4.87
C PRO G 148 -36.78 -23.18 -4.30
N ASN G 149 -37.77 -23.72 -3.59
CA ASN G 149 -37.61 -25.00 -3.05
C ASN G 149 -38.99 -25.65 -2.93
N TYR G 150 -39.11 -26.88 -3.47
CA TYR G 150 -40.41 -27.62 -3.46
C TYR G 150 -40.55 -28.66 -2.36
N SER G 151 -39.59 -28.70 -1.46
CA SER G 151 -39.68 -29.56 -0.31
C SER G 151 -40.50 -28.96 0.87
N VAL G 152 -41.10 -29.81 1.68
CA VAL G 152 -41.92 -29.33 2.78
C VAL G 152 -41.07 -28.70 3.84
N GLY G 153 -39.96 -29.33 4.16
CA GLY G 153 -39.05 -28.84 5.20
C GLY G 153 -38.59 -27.40 5.02
N VAL G 154 -38.22 -27.07 3.81
CA VAL G 154 -37.83 -25.71 3.53
C VAL G 154 -38.97 -24.71 3.70
N ASN G 155 -40.14 -25.06 3.27
CA ASN G 155 -41.22 -24.13 3.48
C ASN G 155 -41.49 -23.92 4.97
N LEU G 156 -41.36 -24.97 5.76
CA LEU G 156 -41.54 -24.84 7.20
C LEU G 156 -40.45 -23.95 7.75
N VAL G 157 -39.22 -24.17 7.30
CA VAL G 157 -38.10 -23.36 7.70
C VAL G 157 -38.32 -21.86 7.45
N PHE G 158 -38.84 -21.49 6.29
CA PHE G 158 -39.18 -20.04 6.05
C PHE G 158 -40.06 -19.47 7.17
N LYS G 159 -41.08 -20.22 7.60
CA LYS G 159 -41.89 -19.80 8.73
C LYS G 159 -41.10 -19.69 10.02
N LEU G 160 -40.26 -20.68 10.30
CA LEU G 160 -39.44 -20.65 11.51
C LEU G 160 -38.48 -19.46 11.50
N LEU G 161 -37.93 -19.15 10.35
CA LEU G 161 -37.03 -18.02 10.23
C LEU G 161 -37.70 -16.71 10.54
N GLU G 162 -38.94 -16.58 10.13
CA GLU G 162 -39.73 -15.38 10.45
C GLU G 162 -39.88 -15.20 11.95
N LYS G 163 -40.24 -16.26 12.66
CA LYS G 163 -40.38 -16.18 14.10
C LYS G 163 -39.02 -15.83 14.76
N ALA G 164 -37.92 -16.43 14.30
CA ALA G 164 -36.64 -16.17 14.89
C ALA G 164 -36.23 -14.72 14.62
N ALA G 165 -36.47 -14.24 13.43
CA ALA G 165 -36.10 -12.91 13.11
C ALA G 165 -36.86 -11.85 13.95
N LYS G 166 -38.15 -12.08 14.16
CA LYS G 166 -38.97 -11.19 14.99
C LYS G 166 -38.41 -11.10 16.38
N VAL G 167 -37.93 -12.19 16.93
CA VAL G 167 -37.43 -12.23 18.33
C VAL G 167 -35.96 -11.83 18.49
N MET G 168 -35.11 -12.23 17.57
CA MET G 168 -33.68 -12.04 17.71
C MET G 168 -33.02 -11.13 16.67
N GLY G 169 -33.70 -10.89 15.56
CA GLY G 169 -33.08 -10.21 14.39
C GLY G 169 -32.50 -8.84 14.65
N ASP G 170 -33.17 -8.09 15.53
CA ASP G 170 -32.78 -6.74 15.84
C ASP G 170 -31.45 -6.63 16.55
N TYR G 171 -31.18 -7.53 17.45
CA TYR G 171 -29.89 -7.49 18.17
C TYR G 171 -28.82 -8.54 17.72
N CYS G 172 -29.09 -9.36 16.70
CA CYS G 172 -28.18 -10.46 16.32
C CYS G 172 -27.61 -10.34 14.98
N ASP G 173 -26.46 -10.96 14.78
CA ASP G 173 -25.87 -11.07 13.46
C ASP G 173 -26.56 -12.21 12.75
N ILE G 174 -26.97 -12.00 11.50
CA ILE G 174 -27.66 -13.01 10.71
C ILE G 174 -26.88 -13.50 9.52
N GLU G 175 -26.64 -14.81 9.46
CA GLU G 175 -25.75 -15.36 8.42
C GLU G 175 -26.41 -16.53 7.84
N ILE G 176 -26.28 -16.68 6.52
CA ILE G 176 -26.81 -17.81 5.80
C ILE G 176 -25.67 -18.55 5.10
N VAL G 177 -25.71 -19.87 5.21
CA VAL G 177 -24.70 -20.73 4.62
C VAL G 177 -25.41 -21.79 3.86
N GLU G 178 -24.93 -22.08 2.68
CA GLU G 178 -25.53 -23.13 1.86
C GLU G 178 -24.49 -23.92 1.08
N ALA G 179 -24.78 -25.22 0.87
CA ALA G 179 -23.86 -26.11 0.16
C ALA G 179 -24.66 -26.88 -0.86
N HIS G 180 -24.07 -27.04 -2.03
CA HIS G 180 -24.64 -27.83 -3.10
C HIS G 180 -23.57 -28.48 -3.92
N HIS G 181 -23.99 -29.44 -4.70
CA HIS G 181 -23.15 -30.17 -5.67
C HIS G 181 -22.37 -29.30 -6.69
N ARG G 182 -21.30 -29.88 -7.21
CA ARG G 182 -20.36 -29.21 -8.07
C ARG G 182 -20.98 -28.57 -9.34
N HIS G 183 -22.09 -29.11 -9.83
CA HIS G 183 -22.71 -28.66 -11.07
C HIS G 183 -23.59 -27.45 -10.94
N LYS G 184 -23.92 -27.00 -9.74
CA LYS G 184 -24.86 -25.90 -9.62
C LYS G 184 -24.26 -24.61 -10.12
N VAL G 185 -24.96 -23.99 -11.09
CA VAL G 185 -24.41 -22.85 -11.78
C VAL G 185 -24.64 -21.46 -11.10
N ASP G 186 -25.63 -21.36 -10.22
CA ASP G 186 -25.98 -20.07 -9.58
C ASP G 186 -25.60 -20.00 -8.08
N ALA G 187 -25.28 -18.80 -7.59
CA ALA G 187 -24.85 -18.65 -6.21
C ALA G 187 -25.22 -17.28 -5.73
N PRO G 188 -25.72 -17.16 -4.51
CA PRO G 188 -26.06 -18.29 -3.66
C PRO G 188 -27.33 -18.93 -4.23
N SER G 189 -27.73 -20.03 -3.64
CA SER G 189 -28.93 -20.71 -4.07
C SER G 189 -30.13 -19.82 -4.05
N GLY G 190 -31.14 -20.21 -4.82
CA GLY G 190 -32.45 -19.53 -4.78
C GLY G 190 -33.09 -19.65 -3.43
N THR G 191 -32.93 -20.84 -2.82
CA THR G 191 -33.41 -21.09 -1.44
C THR G 191 -32.76 -20.15 -0.42
N ALA G 192 -31.48 -19.91 -0.61
CA ALA G 192 -30.77 -19.01 0.27
C ALA G 192 -31.31 -17.60 0.16
N ILE G 193 -31.56 -17.15 -1.07
CA ILE G 193 -32.10 -15.80 -1.28
C ILE G 193 -33.44 -15.78 -0.63
N GLY G 194 -34.21 -16.82 -0.84
CA GLY G 194 -35.52 -16.94 -0.17
C GLY G 194 -35.49 -16.87 1.35
N MET G 195 -34.47 -17.54 1.97
CA MET G 195 -34.29 -17.46 3.44
C MET G 195 -33.98 -16.04 3.86
N GLY G 196 -33.14 -15.38 3.08
CA GLY G 196 -32.83 -13.96 3.32
C GLY G 196 -34.05 -13.05 3.21
N GLU G 197 -34.87 -13.32 2.18
CA GLU G 197 -36.07 -12.49 1.89
C GLU G 197 -37.08 -12.65 3.01
N ALA G 198 -37.28 -13.88 3.47
CA ALA G 198 -38.14 -14.11 4.58
C ALA G 198 -37.65 -13.41 5.86
N ILE G 199 -36.35 -13.51 6.15
CA ILE G 199 -35.77 -12.86 7.33
C ILE G 199 -35.93 -11.35 7.23
N ALA G 200 -35.45 -10.79 6.12
CA ALA G 200 -35.51 -9.32 5.92
C ALA G 200 -36.95 -8.76 5.99
N GLY G 201 -37.84 -9.43 5.28
CA GLY G 201 -39.25 -9.13 5.30
C GLY G 201 -39.89 -9.10 6.66
N ALA G 202 -39.58 -10.08 7.50
CA ALA G 202 -40.17 -10.11 8.83
C ALA G 202 -39.66 -8.99 9.73
N MET G 203 -38.49 -8.45 9.39
CA MET G 203 -37.89 -7.32 10.12
C MET G 203 -38.22 -5.97 9.45
N GLY G 204 -39.09 -5.97 8.43
CA GLY G 204 -39.43 -4.77 7.67
C GLY G 204 -38.35 -4.20 6.75
N ASN G 205 -37.40 -5.00 6.30
CA ASN G 205 -36.33 -4.55 5.40
C ASN G 205 -36.40 -5.23 4.03
N LYS G 206 -35.60 -4.72 3.09
CA LYS G 206 -35.48 -5.29 1.71
C LYS G 206 -34.09 -5.96 1.66
N LEU G 207 -34.05 -7.21 1.24
CA LEU G 207 -32.78 -8.05 1.30
C LEU G 207 -31.60 -7.40 0.60
N SER G 208 -31.86 -6.74 -0.53
CA SER G 208 -30.79 -6.05 -1.30
C SER G 208 -30.15 -4.90 -0.55
N ASP G 209 -30.85 -4.32 0.43
CA ASP G 209 -30.24 -3.30 1.31
C ASP G 209 -29.16 -3.84 2.29
N VAL G 210 -29.30 -5.09 2.73
CA VAL G 210 -28.55 -5.67 3.79
C VAL G 210 -27.67 -6.85 3.37
N ALA G 211 -27.87 -7.44 2.21
CA ALA G 211 -27.13 -8.65 1.87
C ALA G 211 -25.68 -8.38 1.56
N VAL G 212 -24.81 -9.25 2.02
CA VAL G 212 -23.38 -9.24 1.69
C VAL G 212 -23.07 -10.59 1.09
N TYR G 213 -22.65 -10.64 -0.16
CA TYR G 213 -22.51 -11.92 -0.87
C TYR G 213 -21.11 -12.41 -0.97
N ALA G 214 -20.17 -11.63 -0.56
CA ALA G 214 -18.81 -12.06 -0.66
C ALA G 214 -18.01 -11.37 0.35
N ARG G 215 -17.04 -12.06 0.89
CA ARG G 215 -16.14 -11.45 1.79
C ARG G 215 -14.76 -11.83 1.37
N GLU G 216 -13.97 -10.85 1.02
CA GLU G 216 -12.63 -11.10 0.48
C GLU G 216 -11.70 -9.98 0.88
N GLY G 217 -10.49 -10.34 1.30
CA GLY G 217 -9.53 -9.38 1.75
C GLY G 217 -9.95 -8.65 3.02
N ILE G 218 -9.59 -7.35 3.12
CA ILE G 218 -9.81 -6.54 4.33
C ILE G 218 -11.22 -6.02 4.24
N THR G 219 -12.15 -6.66 4.92
CA THR G 219 -13.53 -6.25 4.86
C THR G 219 -13.88 -5.19 5.91
N GLY G 220 -12.99 -5.03 6.87
CA GLY G 220 -13.30 -4.29 8.09
C GLY G 220 -14.30 -5.03 8.97
N GLU G 221 -14.73 -4.36 10.02
CA GLU G 221 -15.71 -4.89 10.93
C GLU G 221 -17.03 -5.07 10.27
N ARG G 222 -17.74 -6.10 10.71
CA ARG G 222 -19.04 -6.46 10.20
C ARG G 222 -20.01 -5.30 10.55
N THR G 223 -20.93 -4.97 9.66
CA THR G 223 -22.00 -4.02 10.02
C THR G 223 -23.03 -4.73 10.89
N LYS G 224 -23.85 -3.97 11.58
CA LYS G 224 -24.88 -4.54 12.43
C LYS G 224 -26.01 -5.21 11.64
N ASP G 225 -26.35 -4.67 10.48
CA ASP G 225 -27.60 -5.02 9.76
C ASP G 225 -27.43 -6.00 8.65
N GLU G 226 -26.17 -6.22 8.22
CA GLU G 226 -25.88 -7.12 7.11
C GLU G 226 -26.34 -8.58 7.39
N ILE G 227 -26.76 -9.19 6.28
CA ILE G 227 -27.06 -10.58 6.19
C ILE G 227 -26.01 -11.19 5.26
N GLY G 228 -25.04 -11.91 5.82
CA GLY G 228 -23.92 -12.50 5.06
C GLY G 228 -24.33 -13.79 4.44
N PHE G 229 -23.78 -14.05 3.26
CA PHE G 229 -24.05 -15.31 2.56
C PHE G 229 -22.76 -15.99 2.28
N ALA G 230 -22.68 -17.26 2.66
CA ALA G 230 -21.56 -18.06 2.27
C ALA G 230 -22.02 -19.28 1.45
N THR G 231 -21.21 -19.69 0.47
CA THR G 231 -21.58 -20.66 -0.50
C THR G 231 -20.49 -21.71 -0.68
N ILE G 232 -20.89 -22.96 -0.56
CA ILE G 232 -20.03 -24.11 -0.78
C ILE G 232 -20.51 -24.90 -1.99
N ARG G 233 -19.58 -25.26 -2.85
CA ARG G 233 -19.93 -26.06 -4.01
C ARG G 233 -19.02 -27.27 -4.06
N ALA G 234 -19.56 -28.46 -3.83
CA ALA G 234 -18.74 -29.66 -3.88
C ALA G 234 -19.50 -30.94 -4.04
N GLY G 235 -18.90 -31.91 -4.70
CA GLY G 235 -19.47 -33.22 -4.86
C GLY G 235 -20.85 -33.41 -5.45
N ASP G 236 -21.63 -34.24 -4.78
CA ASP G 236 -22.98 -34.55 -5.17
C ASP G 236 -24.01 -34.08 -4.16
N ILE G 237 -23.65 -33.10 -3.35
CA ILE G 237 -24.53 -32.63 -2.30
C ILE G 237 -25.82 -32.16 -2.89
N VAL G 238 -26.92 -32.68 -2.34
CA VAL G 238 -28.22 -32.32 -2.85
C VAL G 238 -28.67 -31.00 -2.37
N GLY G 239 -28.29 -30.63 -1.15
CA GLY G 239 -28.63 -29.27 -0.66
C GLY G 239 -28.71 -29.16 0.82
N GLU G 240 -27.81 -28.38 1.44
CA GLU G 240 -27.89 -28.00 2.82
C GLU G 240 -28.03 -26.49 2.92
N HIS G 241 -28.89 -26.03 3.81
CA HIS G 241 -28.99 -24.64 4.16
C HIS G 241 -29.01 -24.41 5.66
N THR G 242 -28.37 -23.36 6.11
CA THR G 242 -28.42 -23.00 7.51
C THR G 242 -28.57 -21.55 7.67
N ALA G 243 -29.48 -21.14 8.52
CA ALA G 243 -29.52 -19.73 8.91
C ALA G 243 -29.04 -19.71 10.36
N MET G 244 -28.15 -18.77 10.66
CA MET G 244 -27.64 -18.58 11.95
C MET G 244 -28.09 -17.20 12.48
N PHE G 245 -28.51 -17.13 13.73
CA PHE G 245 -28.75 -15.88 14.44
C PHE G 245 -27.83 -15.82 15.63
N ALA G 246 -26.83 -14.94 15.60
CA ALA G 246 -25.76 -14.96 16.60
C ALA G 246 -25.75 -13.72 17.46
N ASP G 247 -25.77 -13.96 18.76
CA ASP G 247 -25.55 -12.94 19.75
C ASP G 247 -24.19 -13.09 20.39
N ILE G 248 -23.89 -12.25 21.38
CA ILE G 248 -22.73 -12.47 22.26
C ILE G 248 -23.08 -13.46 23.34
N GLY G 249 -22.49 -14.63 23.27
CA GLY G 249 -22.73 -15.70 24.27
C GLY G 249 -23.69 -16.82 23.89
N GLU G 250 -24.45 -16.64 22.83
CA GLU G 250 -25.27 -17.72 22.30
C GLU G 250 -25.58 -17.54 20.82
N ARG G 251 -25.96 -18.63 20.19
CA ARG G 251 -26.41 -18.56 18.86
C ARG G 251 -27.47 -19.63 18.51
N VAL G 252 -28.36 -19.30 17.58
CA VAL G 252 -29.45 -20.20 17.15
C VAL G 252 -29.32 -20.50 15.70
N GLU G 253 -29.33 -21.78 15.36
CA GLU G 253 -29.15 -22.20 13.99
C GLU G 253 -30.34 -23.02 13.54
N ILE G 254 -30.88 -22.71 12.40
CA ILE G 254 -31.95 -23.47 11.80
C ILE G 254 -31.43 -23.98 10.47
N THR G 255 -31.50 -25.29 10.28
CA THR G 255 -30.83 -26.01 9.18
C THR G 255 -31.78 -26.97 8.48
N HIS G 256 -31.65 -27.04 7.20
CA HIS G 256 -32.44 -27.97 6.37
C HIS G 256 -31.47 -28.72 5.55
N LYS G 257 -31.70 -30.00 5.41
CA LYS G 257 -30.88 -30.85 4.53
C LYS G 257 -31.77 -31.67 3.65
N ALA G 258 -31.58 -31.57 2.36
CA ALA G 258 -32.26 -32.43 1.40
C ALA G 258 -31.33 -33.55 1.03
N THR G 259 -31.82 -34.77 0.99
CA THR G 259 -30.94 -35.94 0.66
C THR G 259 -31.27 -36.69 -0.57
N ASP G 260 -32.40 -36.38 -1.14
CA ASP G 260 -32.81 -36.95 -2.39
C ASP G 260 -33.59 -35.94 -3.18
N ARG G 261 -33.32 -35.87 -4.47
CA ARG G 261 -34.02 -34.94 -5.36
C ARG G 261 -35.51 -35.18 -5.48
N MET G 262 -35.89 -36.41 -5.25
CA MET G 262 -37.28 -36.83 -5.37
C MET G 262 -38.13 -35.99 -4.46
N THR G 263 -37.58 -35.52 -3.37
CA THR G 263 -38.31 -34.66 -2.47
C THR G 263 -38.83 -33.46 -3.18
N PHE G 264 -38.01 -32.90 -4.05
CA PHE G 264 -38.33 -31.69 -4.76
C PHE G 264 -39.28 -32.02 -5.88
N ALA G 265 -38.96 -33.13 -6.56
CA ALA G 265 -39.79 -33.56 -7.68
C ALA G 265 -41.22 -33.85 -7.19
N ASN G 266 -41.35 -34.65 -6.12
CA ASN G 266 -42.67 -34.95 -5.61
C ASN G 266 -43.42 -33.70 -5.26
N GLY G 267 -42.76 -32.74 -4.65
CA GLY G 267 -43.44 -31.54 -4.25
C GLY G 267 -43.92 -30.73 -5.45
N ALA G 268 -43.17 -30.80 -6.55
CA ALA G 268 -43.45 -30.01 -7.72
C ALA G 268 -44.67 -30.57 -8.40
N VAL G 269 -44.72 -31.90 -8.47
CA VAL G 269 -45.83 -32.61 -9.05
C VAL G 269 -47.10 -32.35 -8.21
N LYS G 270 -46.98 -32.40 -6.88
CA LYS G 270 -48.09 -31.99 -5.97
C LYS G 270 -48.51 -30.54 -6.29
N ALA G 271 -47.55 -29.65 -6.56
CA ALA G 271 -47.88 -28.27 -6.96
C ALA G 271 -48.65 -28.22 -8.29
N ALA G 272 -48.22 -29.02 -9.26
CA ALA G 272 -48.88 -29.12 -10.58
C ALA G 272 -50.34 -29.59 -10.47
N VAL G 273 -50.57 -30.64 -9.66
CA VAL G 273 -51.89 -31.18 -9.35
C VAL G 273 -52.78 -30.11 -8.72
N TRP G 274 -52.26 -29.43 -7.71
CA TRP G 274 -52.95 -28.33 -7.05
C TRP G 274 -53.28 -27.18 -8.01
N LEU G 275 -52.34 -26.88 -8.88
CA LEU G 275 -52.45 -25.72 -9.78
C LEU G 275 -53.48 -25.92 -10.86
N HIS G 276 -53.72 -27.19 -11.23
CA HIS G 276 -54.67 -27.49 -12.33
C HIS G 276 -56.07 -26.93 -12.02
N GLU G 277 -56.61 -26.24 -13.02
CA GLU G 277 -57.92 -25.57 -12.86
C GLU G 277 -57.91 -24.56 -11.70
N LYS G 278 -56.79 -23.89 -11.45
CA LYS G 278 -56.76 -22.74 -10.57
C LYS G 278 -56.80 -21.52 -11.46
N PRO G 279 -57.29 -20.43 -10.91
CA PRO G 279 -57.38 -19.16 -11.60
C PRO G 279 -55.99 -18.56 -11.72
N ALA G 280 -55.79 -17.64 -12.65
CA ALA G 280 -54.49 -17.04 -12.84
C ALA G 280 -54.01 -16.30 -11.62
N GLY G 281 -52.70 -16.32 -11.41
CA GLY G 281 -52.06 -15.65 -10.30
C GLY G 281 -50.68 -16.18 -9.97
N PHE G 282 -49.99 -15.49 -9.06
CA PHE G 282 -48.66 -15.88 -8.62
C PHE G 282 -48.82 -16.67 -7.35
N TYR G 283 -48.63 -17.98 -7.42
CA TYR G 283 -48.68 -18.82 -6.23
C TYR G 283 -47.30 -19.36 -5.83
N THR G 284 -47.16 -19.66 -4.55
CA THR G 284 -45.91 -20.17 -3.98
C THR G 284 -46.20 -21.54 -3.36
N MET G 285 -45.18 -22.24 -2.82
CA MET G 285 -45.48 -23.48 -2.11
C MET G 285 -46.26 -23.32 -0.82
N THR G 286 -46.09 -22.18 -0.17
CA THR G 286 -46.93 -21.78 0.98
C THR G 286 -48.41 -21.88 0.62
N ASP G 287 -48.78 -21.42 -0.56
CA ASP G 287 -50.15 -21.56 -1.00
C ASP G 287 -50.51 -23.03 -1.21
N VAL G 288 -49.71 -23.72 -2.00
CA VAL G 288 -49.96 -25.14 -2.36
C VAL G 288 -50.21 -26.00 -1.11
N LEU G 289 -49.42 -25.76 -0.08
CA LEU G 289 -49.44 -26.54 1.14
C LEU G 289 -50.43 -26.05 2.19
N GLY G 290 -50.89 -24.79 2.06
CA GLY G 290 -51.86 -24.17 3.00
C GLY G 290 -51.29 -23.55 4.26
N LEU G 291 -50.01 -23.18 4.24
CA LEU G 291 -49.28 -22.96 5.52
C LEU G 291 -49.57 -21.65 6.26
N MET H 26 -34.96 3.49 36.59
CA MET H 26 -34.66 2.15 36.12
C MET H 26 -34.66 1.17 37.28
N VAL H 27 -34.66 -0.11 36.96
CA VAL H 27 -34.68 -1.18 37.94
C VAL H 27 -33.41 -1.34 38.75
N ARG H 28 -33.59 -1.42 40.05
CA ARG H 28 -32.50 -1.58 41.01
C ARG H 28 -32.49 -3.04 41.39
N ILE H 29 -31.40 -3.69 41.07
CA ILE H 29 -31.28 -5.14 41.20
C ILE H 29 -30.41 -5.60 42.38
N ALA H 30 -30.92 -6.53 43.14
CA ALA H 30 -30.10 -7.20 44.15
C ALA H 30 -29.74 -8.55 43.65
N VAL H 31 -28.45 -8.84 43.69
CA VAL H 31 -27.94 -10.11 43.19
C VAL H 31 -27.69 -10.95 44.40
N ALA H 32 -28.55 -11.92 44.64
CA ALA H 32 -28.25 -12.98 45.59
C ALA H 32 -27.07 -13.83 45.11
N GLY H 33 -26.22 -14.16 46.07
CA GLY H 33 -25.10 -15.08 45.86
C GLY H 33 -24.09 -14.51 44.88
N ALA H 34 -23.61 -13.32 45.14
CA ALA H 34 -22.87 -12.52 44.13
C ALA H 34 -21.46 -13.02 43.83
N ALA H 35 -20.90 -13.87 44.69
CA ALA H 35 -19.63 -14.53 44.42
C ALA H 35 -19.72 -15.85 43.59
N GLY H 36 -20.93 -16.37 43.40
CA GLY H 36 -21.16 -17.54 42.57
C GLY H 36 -20.84 -17.41 41.09
N ARG H 37 -20.83 -18.57 40.41
CA ARG H 37 -20.65 -18.67 38.97
C ARG H 37 -21.66 -17.71 38.28
N MET H 38 -22.94 -17.85 38.62
CA MET H 38 -23.98 -17.02 38.03
C MET H 38 -23.96 -15.62 38.62
N GLY H 39 -23.80 -15.53 39.92
CA GLY H 39 -23.75 -14.25 40.61
C GLY H 39 -22.78 -13.26 40.01
N ARG H 40 -21.55 -13.70 39.78
CA ARG H 40 -20.55 -12.87 39.09
C ARG H 40 -21.01 -12.39 37.70
N ASN H 41 -21.54 -13.30 36.88
CA ASN H 41 -22.09 -12.98 35.58
C ASN H 41 -23.33 -12.05 35.67
N LEU H 42 -24.18 -12.24 36.68
CA LEU H 42 -25.36 -11.41 36.86
C LEU H 42 -25.00 -9.98 37.20
N VAL H 43 -24.01 -9.80 38.07
CA VAL H 43 -23.50 -8.49 38.39
C VAL H 43 -23.03 -7.84 37.10
N LYS H 44 -22.09 -8.48 36.42
CA LYS H 44 -21.61 -7.98 35.12
C LYS H 44 -22.80 -7.60 34.15
N ALA H 45 -23.81 -8.46 34.03
CA ALA H 45 -24.87 -8.27 33.06
C ALA H 45 -25.75 -7.14 33.43
N ALA H 46 -26.09 -7.06 34.71
CA ALA H 46 -26.91 -5.96 35.21
C ALA H 46 -26.21 -4.62 35.03
N HIS H 47 -24.93 -4.64 35.29
CA HIS H 47 -24.14 -3.46 35.19
C HIS H 47 -24.20 -2.87 33.76
N HIS H 48 -23.98 -3.80 32.83
CA HIS H 48 -23.92 -3.63 31.39
C HIS H 48 -25.21 -3.13 30.80
N ASN H 49 -26.30 -3.60 31.35
CA ASN H 49 -27.61 -3.19 30.87
C ASN H 49 -27.91 -1.77 31.36
N PRO H 50 -28.26 -0.88 30.40
CA PRO H 50 -28.31 0.57 30.77
C PRO H 50 -29.65 0.98 31.37
N VAL H 51 -30.62 0.08 31.34
CA VAL H 51 -31.89 0.24 32.03
C VAL H 51 -31.88 -0.47 33.41
N ALA H 52 -30.71 -0.91 33.86
CA ALA H 52 -30.55 -1.53 35.19
C ALA H 52 -29.30 -1.10 35.99
N LYS H 53 -29.47 -1.03 37.32
CA LYS H 53 -28.45 -0.65 38.28
C LYS H 53 -28.22 -1.83 39.26
N VAL H 54 -26.95 -2.13 39.48
CA VAL H 54 -26.56 -3.07 40.53
C VAL H 54 -26.67 -2.30 41.82
N ALA H 55 -27.65 -2.63 42.64
CA ALA H 55 -27.94 -1.91 43.90
C ALA H 55 -27.46 -2.63 45.15
N ALA H 56 -27.38 -3.95 45.09
CA ALA H 56 -27.08 -4.76 46.30
C ALA H 56 -26.58 -6.13 45.89
N GLY H 57 -25.92 -6.77 46.82
CA GLY H 57 -25.48 -8.14 46.59
C GLY H 57 -25.30 -8.93 47.88
N SER H 58 -25.60 -10.23 47.87
CA SER H 58 -25.49 -11.03 49.09
C SER H 58 -24.52 -12.17 48.92
N GLU H 59 -24.10 -12.73 50.05
CA GLU H 59 -23.44 -14.04 50.08
C GLU H 59 -23.80 -14.79 51.36
N ARG H 60 -23.35 -16.05 51.43
CA ARG H 60 -23.54 -16.88 52.63
C ARG H 60 -22.93 -16.11 53.85
N PRO H 61 -23.64 -16.03 54.99
CA PRO H 61 -23.08 -15.39 56.19
C PRO H 61 -21.74 -16.02 56.52
N GLU H 62 -20.67 -15.27 56.67
CA GLU H 62 -19.36 -15.94 56.97
C GLU H 62 -18.72 -16.57 55.70
N SER H 63 -19.29 -16.33 54.51
CA SER H 63 -18.52 -16.31 53.25
C SER H 63 -17.33 -15.37 53.42
N SER H 64 -16.20 -15.80 52.84
CA SER H 64 -14.99 -14.99 52.71
C SER H 64 -15.19 -13.59 52.05
N LEU H 65 -16.17 -13.46 51.13
CA LEU H 65 -16.36 -12.23 50.32
C LEU H 65 -17.38 -11.23 50.87
N VAL H 66 -17.87 -11.42 52.10
CA VAL H 66 -18.75 -10.43 52.75
C VAL H 66 -17.91 -9.20 53.10
N GLY H 67 -18.54 -8.03 53.02
CA GLY H 67 -17.87 -6.81 53.32
C GLY H 67 -16.90 -6.43 52.29
N VAL H 68 -17.06 -6.87 51.05
CA VAL H 68 -16.28 -6.43 49.92
C VAL H 68 -17.14 -5.72 48.87
N ASP H 69 -16.56 -4.76 48.16
CA ASP H 69 -17.29 -4.07 47.10
C ASP H 69 -17.53 -4.99 45.90
N LEU H 70 -18.70 -4.87 45.30
CA LEU H 70 -19.12 -5.70 44.13
C LEU H 70 -18.24 -5.52 42.86
N GLY H 71 -17.65 -4.34 42.71
CA GLY H 71 -16.66 -4.10 41.64
C GLY H 71 -15.36 -4.89 41.77
N GLU H 72 -14.88 -5.02 43.00
CA GLU H 72 -13.67 -5.79 43.24
C GLU H 72 -13.88 -7.18 42.67
N LEU H 73 -15.14 -7.62 42.64
CA LEU H 73 -15.44 -8.93 42.10
C LEU H 73 -14.99 -8.92 40.66
N CYS H 74 -15.28 -7.81 39.99
CA CYS H 74 -14.89 -7.62 38.59
C CYS H 74 -13.75 -6.61 38.50
N GLY H 75 -13.19 -6.26 39.65
CA GLY H 75 -12.09 -5.30 39.67
C GLY H 75 -12.37 -4.09 38.81
N ASP H 80 -19.85 1.21 43.69
CA ASP H 80 -19.28 0.37 44.74
C ASP H 80 -20.26 0.14 45.88
N VAL H 81 -20.62 -1.13 46.05
CA VAL H 81 -21.54 -1.57 47.08
C VAL H 81 -20.81 -2.67 47.80
N VAL H 82 -21.26 -3.03 49.00
CA VAL H 82 -20.59 -4.11 49.72
C VAL H 82 -21.43 -5.35 49.93
N VAL H 83 -20.94 -6.46 49.41
CA VAL H 83 -21.60 -7.73 49.58
C VAL H 83 -22.11 -7.80 51.04
N CYS H 84 -23.42 -7.94 51.19
CA CYS H 84 -24.04 -8.14 52.50
C CYS H 84 -24.23 -9.62 52.87
N ASP H 85 -24.33 -9.91 54.16
CA ASP H 85 -24.63 -11.29 54.64
C ASP H 85 -26.09 -11.58 54.64
N ASP H 86 -26.88 -10.54 54.43
CA ASP H 86 -28.34 -10.65 54.55
C ASP H 86 -28.95 -9.49 53.77
N LEU H 87 -29.81 -9.80 52.82
CA LEU H 87 -30.42 -8.77 51.95
C LEU H 87 -31.43 -7.92 52.70
N ALA H 88 -31.99 -8.43 53.80
CA ALA H 88 -32.90 -7.65 54.64
C ALA H 88 -32.29 -6.31 55.10
N LYS H 89 -30.99 -6.31 55.40
CA LYS H 89 -30.25 -5.08 55.76
C LYS H 89 -30.22 -4.02 54.70
N GLN H 90 -30.47 -4.38 53.44
CA GLN H 90 -30.34 -3.47 52.30
C GLN H 90 -31.67 -3.26 51.55
N ILE H 91 -32.80 -3.54 52.16
CA ILE H 91 -34.08 -3.45 51.44
C ILE H 91 -34.45 -2.15 50.78
N ASP H 92 -34.06 -1.02 51.35
CA ASP H 92 -34.38 0.26 50.74
C ASP H 92 -33.72 0.41 49.37
N GLN H 93 -32.51 -0.13 49.24
CA GLN H 93 -31.71 -0.04 48.02
C GLN H 93 -32.14 -0.76 46.74
N PHE H 94 -33.09 -1.68 46.81
CA PHE H 94 -33.48 -2.47 45.64
C PHE H 94 -34.95 -2.75 45.47
N ASP H 95 -35.31 -3.00 44.22
CA ASP H 95 -36.66 -3.39 43.80
C ASP H 95 -36.82 -4.92 43.50
N VAL H 96 -35.80 -5.54 42.90
CA VAL H 96 -35.89 -6.91 42.35
C VAL H 96 -34.66 -7.71 42.71
N ILE H 97 -34.90 -8.90 43.27
CA ILE H 97 -33.80 -9.84 43.57
C ILE H 97 -33.62 -10.79 42.40
N ILE H 98 -32.39 -10.96 41.94
CA ILE H 98 -32.11 -12.05 41.01
C ILE H 98 -31.38 -13.16 41.74
N ASP H 99 -32.02 -14.33 41.83
CA ASP H 99 -31.59 -15.41 42.71
C ASP H 99 -31.27 -16.71 42.01
N PHE H 100 -29.98 -17.01 41.96
CA PHE H 100 -29.45 -18.22 41.36
C PHE H 100 -28.57 -18.83 42.45
N THR H 101 -29.19 -19.39 43.47
CA THR H 101 -28.45 -19.98 44.58
C THR H 101 -28.86 -21.41 44.92
N ALA H 102 -29.34 -21.64 46.14
CA ALA H 102 -29.76 -22.95 46.59
C ALA H 102 -31.22 -22.88 46.95
N PRO H 103 -31.95 -23.98 46.84
CA PRO H 103 -33.39 -23.90 47.12
C PRO H 103 -33.76 -23.26 48.46
N ALA H 104 -33.03 -23.60 49.53
CA ALA H 104 -33.31 -23.01 50.85
C ALA H 104 -33.15 -21.47 50.90
N SER H 105 -31.98 -21.00 50.47
CA SER H 105 -31.69 -19.56 50.34
C SER H 105 -32.76 -18.79 49.51
N THR H 106 -33.24 -19.42 48.44
CA THR H 106 -34.21 -18.81 47.52
C THR H 106 -35.57 -18.74 48.19
N LEU H 107 -35.97 -19.76 48.93
CA LEU H 107 -37.19 -19.65 49.71
C LEU H 107 -37.13 -18.50 50.73
N ASN H 108 -35.96 -18.28 51.36
CA ASN H 108 -35.81 -17.09 52.26
C ASN H 108 -35.92 -15.78 51.58
N ASN H 109 -35.24 -15.63 50.46
CA ASN H 109 -35.43 -14.44 49.66
C ASN H 109 -36.88 -14.23 49.14
N LEU H 110 -37.57 -15.33 48.93
CA LEU H 110 -38.96 -15.28 48.52
C LEU H 110 -39.83 -14.74 49.66
N ALA H 111 -39.53 -15.18 50.87
CA ALA H 111 -40.19 -14.68 52.08
C ALA H 111 -39.93 -13.19 52.34
N LEU H 112 -38.67 -12.81 52.24
CA LEU H 112 -38.25 -11.43 52.22
C LEU H 112 -39.02 -10.57 51.22
N CYS H 113 -39.31 -11.14 50.05
CA CYS H 113 -40.05 -10.40 49.01
C CYS H 113 -41.48 -10.16 49.41
N GLN H 114 -42.04 -11.18 50.05
CA GLN H 114 -43.38 -11.09 50.57
C GLN H 114 -43.52 -10.05 51.70
N GLN H 115 -42.63 -10.14 52.68
CA GLN H 115 -42.60 -9.21 53.82
C GLN H 115 -42.44 -7.74 53.43
N TYR H 116 -41.58 -7.43 52.45
CA TYR H 116 -41.27 -6.04 52.11
C TYR H 116 -41.70 -5.59 50.67
N GLY H 117 -42.60 -6.34 50.04
CA GLY H 117 -43.17 -5.96 48.73
C GLY H 117 -42.15 -5.87 47.63
N LYS H 118 -41.26 -6.85 47.54
CA LYS H 118 -40.26 -6.88 46.47
C LYS H 118 -40.59 -7.97 45.47
N SER H 119 -39.92 -7.90 44.33
CA SER H 119 -39.98 -8.89 43.28
C SER H 119 -38.72 -9.75 43.18
N ILE H 120 -38.90 -10.91 42.57
CA ILE H 120 -37.80 -11.90 42.45
C ILE H 120 -37.79 -12.71 41.14
N VAL H 121 -36.60 -12.80 40.57
CA VAL H 121 -36.31 -13.60 39.40
C VAL H 121 -35.58 -14.80 39.93
N ILE H 122 -36.15 -15.98 39.80
CA ILE H 122 -35.52 -17.19 40.31
C ILE H 122 -34.87 -18.03 39.23
N GLY H 123 -33.58 -18.26 39.38
CA GLY H 123 -32.81 -19.08 38.48
C GLY H 123 -32.37 -20.35 39.17
N THR H 124 -32.67 -20.46 40.45
CA THR H 124 -32.30 -21.62 41.21
C THR H 124 -33.11 -22.78 40.70
N THR H 125 -32.51 -23.96 40.73
CA THR H 125 -33.21 -25.16 40.30
C THR H 125 -32.97 -26.28 41.30
N GLY H 126 -33.70 -27.39 41.15
CA GLY H 126 -33.55 -28.52 42.05
C GLY H 126 -34.53 -28.59 43.20
N PHE H 127 -35.53 -27.72 43.13
CA PHE H 127 -36.61 -27.63 44.13
C PHE H 127 -37.39 -28.92 44.16
N THR H 128 -37.80 -29.33 45.37
CA THR H 128 -38.76 -30.44 45.53
C THR H 128 -40.17 -30.03 45.08
N GLU H 129 -41.04 -31.04 44.92
CA GLU H 129 -42.46 -30.85 44.49
C GLU H 129 -43.19 -29.94 45.50
N GLU H 130 -42.91 -30.10 46.81
CA GLU H 130 -43.54 -29.25 47.85
C GLU H 130 -43.03 -27.83 47.85
N GLN H 131 -41.73 -27.68 47.69
CA GLN H 131 -41.15 -26.35 47.64
C GLN H 131 -41.72 -25.62 46.45
N ARG H 132 -41.92 -26.32 45.35
CA ARG H 132 -42.49 -25.70 44.18
C ARG H 132 -43.89 -25.20 44.48
N GLU H 133 -44.65 -25.97 45.24
CA GLU H 133 -46.00 -25.54 45.56
C GLU H 133 -45.92 -24.27 46.38
N GLN H 134 -44.93 -24.22 47.24
CA GLN H 134 -44.76 -23.06 48.09
C GLN H 134 -44.54 -21.84 47.24
N ILE H 135 -43.74 -22.00 46.20
CA ILE H 135 -43.41 -20.89 45.32
C ILE H 135 -44.70 -20.37 44.61
N ASP H 136 -45.56 -21.28 44.12
CA ASP H 136 -46.85 -20.90 43.47
C ASP H 136 -47.75 -20.12 44.43
N LEU H 137 -47.77 -20.53 45.70
CA LEU H 137 -48.48 -19.79 46.77
C LEU H 137 -48.01 -18.36 47.01
N VAL H 138 -46.73 -18.21 47.32
CA VAL H 138 -46.12 -16.87 47.46
C VAL H 138 -46.31 -15.99 46.18
N ALA H 139 -46.28 -16.63 45.01
CA ALA H 139 -46.49 -15.95 43.73
C ALA H 139 -47.89 -15.34 43.52
N GLN H 140 -48.87 -15.73 44.32
CA GLN H 140 -50.18 -15.03 44.35
C GLN H 140 -50.09 -13.60 44.89
N GLN H 141 -49.13 -13.39 45.80
CA GLN H 141 -48.87 -12.10 46.46
C GLN H 141 -47.62 -11.34 45.99
N VAL H 142 -46.66 -12.03 45.41
CA VAL H 142 -45.34 -11.46 45.04
C VAL H 142 -45.17 -11.58 43.52
N PRO H 143 -44.62 -10.54 42.86
CA PRO H 143 -44.30 -10.72 41.40
C PRO H 143 -43.04 -11.58 41.22
N VAL H 144 -43.22 -12.75 40.60
CA VAL H 144 -42.18 -13.79 40.52
C VAL H 144 -41.95 -14.19 39.08
N VAL H 145 -40.72 -14.06 38.61
CA VAL H 145 -40.33 -14.74 37.39
C VAL H 145 -39.55 -16.00 37.79
N MET H 146 -39.97 -17.12 37.22
CA MET H 146 -39.25 -18.37 37.36
C MET H 146 -39.19 -19.22 36.06
N ALA H 147 -37.99 -19.70 35.77
CA ALA H 147 -37.73 -20.47 34.56
C ALA H 147 -36.50 -21.32 34.70
N PRO H 148 -36.52 -22.45 34.00
CA PRO H 148 -35.30 -23.35 34.15
C PRO H 148 -34.23 -22.97 33.16
N ASN H 149 -34.53 -22.06 32.25
CA ASN H 149 -33.48 -21.56 31.35
C ASN H 149 -33.82 -20.12 30.98
N TYR H 150 -32.88 -19.24 31.26
CA TYR H 150 -33.07 -17.84 30.97
C TYR H 150 -32.41 -17.41 29.68
N SER H 151 -31.79 -18.30 28.90
CA SER H 151 -31.24 -17.78 27.73
C SER H 151 -32.42 -17.48 26.77
N VAL H 152 -32.31 -16.40 26.04
CA VAL H 152 -33.34 -16.03 25.14
C VAL H 152 -33.45 -17.02 24.01
N GLY H 153 -32.33 -17.40 23.48
CA GLY H 153 -32.33 -18.36 22.36
C GLY H 153 -33.04 -19.66 22.59
N VAL H 154 -32.82 -20.25 23.75
CA VAL H 154 -33.49 -21.51 24.09
C VAL H 154 -34.96 -21.35 24.18
N ASN H 155 -35.38 -20.22 24.72
CA ASN H 155 -36.80 -20.01 24.84
C ASN H 155 -37.46 -19.84 23.52
N LEU H 156 -36.76 -19.23 22.58
CA LEU H 156 -37.26 -19.11 21.22
C LEU H 156 -37.31 -20.47 20.60
N VAL H 157 -36.23 -21.22 20.75
CA VAL H 157 -36.19 -22.58 20.22
C VAL H 157 -37.36 -23.45 20.67
N PHE H 158 -37.75 -23.43 21.95
CA PHE H 158 -38.99 -24.15 22.36
C PHE H 158 -40.18 -23.81 21.48
N LYS H 159 -40.39 -22.53 21.21
CA LYS H 159 -41.47 -22.10 20.31
C LYS H 159 -41.33 -22.60 18.90
N LEU H 160 -40.12 -22.55 18.38
CA LEU H 160 -39.85 -23.08 17.05
C LEU H 160 -40.11 -24.56 17.01
N LEU H 161 -39.78 -25.27 18.09
CA LEU H 161 -39.98 -26.72 18.11
C LEU H 161 -41.45 -27.10 18.05
N GLU H 162 -42.27 -26.32 18.70
CA GLU H 162 -43.71 -26.52 18.65
C GLU H 162 -44.24 -26.38 17.27
N LYS H 163 -43.85 -25.35 16.59
CA LYS H 163 -44.29 -25.18 15.23
C LYS H 163 -43.80 -26.33 14.31
N ALA H 164 -42.57 -26.75 14.45
CA ALA H 164 -42.03 -27.86 13.65
C ALA H 164 -42.74 -29.16 13.97
N ALA H 165 -43.00 -29.40 15.23
CA ALA H 165 -43.71 -30.59 15.62
C ALA H 165 -45.18 -30.68 15.10
N LYS H 166 -45.89 -29.58 15.14
CA LYS H 166 -47.21 -29.51 14.53
C LYS H 166 -47.18 -29.87 13.03
N VAL H 167 -46.19 -29.41 12.28
CA VAL H 167 -46.18 -29.59 10.84
C VAL H 167 -45.54 -30.89 10.41
N MET H 168 -44.48 -31.32 11.07
CA MET H 168 -43.72 -32.50 10.64
C MET H 168 -43.76 -33.67 11.60
N GLY H 169 -44.13 -33.44 12.85
CA GLY H 169 -43.98 -34.45 13.91
C GLY H 169 -44.67 -35.79 13.65
N ASP H 170 -45.81 -35.71 13.00
CA ASP H 170 -46.61 -36.88 12.75
C ASP H 170 -45.96 -37.87 11.82
N TYR H 171 -45.27 -37.41 10.82
CA TYR H 171 -44.66 -38.29 9.83
C TYR H 171 -43.15 -38.36 9.92
N CYS H 172 -42.53 -37.71 10.90
CA CYS H 172 -41.05 -37.70 11.01
C CYS H 172 -40.49 -38.37 12.22
N ASP H 173 -39.27 -38.84 12.11
CA ASP H 173 -38.55 -39.30 13.28
C ASP H 173 -37.97 -38.11 14.00
N ILE H 174 -38.14 -38.04 15.32
CA ILE H 174 -37.67 -36.96 16.14
C ILE H 174 -36.54 -37.39 17.07
N GLU H 175 -35.42 -36.69 16.99
CA GLU H 175 -34.27 -36.99 17.81
C GLU H 175 -33.75 -35.70 18.41
N ILE H 176 -33.31 -35.80 19.66
CA ILE H 176 -32.62 -34.74 20.34
C ILE H 176 -31.18 -35.12 20.76
N VAL H 177 -30.27 -34.22 20.50
CA VAL H 177 -28.85 -34.41 20.71
C VAL H 177 -28.33 -33.25 21.50
N GLU H 178 -27.59 -33.52 22.56
CA GLU H 178 -27.07 -32.45 23.34
C GLU H 178 -25.66 -32.78 23.73
N ALA H 179 -24.86 -31.71 23.85
CA ALA H 179 -23.46 -31.83 24.32
C ALA H 179 -23.17 -30.84 25.43
N HIS H 180 -22.44 -31.33 26.45
CA HIS H 180 -21.99 -30.49 27.55
C HIS H 180 -20.62 -30.92 28.03
N HIS H 181 -20.04 -30.02 28.82
CA HIS H 181 -18.75 -30.18 29.44
C HIS H 181 -18.62 -31.47 30.34
N ARG H 182 -17.40 -31.86 30.58
CA ARG H 182 -17.08 -33.08 31.30
C ARG H 182 -17.63 -33.21 32.72
N HIS H 183 -17.86 -32.09 33.36
CA HIS H 183 -18.35 -32.06 34.73
C HIS H 183 -19.84 -32.19 34.91
N LYS H 184 -20.62 -32.14 33.85
CA LYS H 184 -22.08 -32.20 34.02
C LYS H 184 -22.58 -33.59 34.50
N VAL H 185 -23.30 -33.61 35.62
CA VAL H 185 -23.59 -34.91 36.30
C VAL H 185 -24.85 -35.60 35.80
N ASP H 186 -25.74 -34.83 35.20
CA ASP H 186 -27.05 -35.34 34.79
C ASP H 186 -27.17 -35.50 33.24
N ALA H 187 -27.93 -36.51 32.79
CA ALA H 187 -28.08 -36.84 31.39
C ALA H 187 -29.41 -37.49 31.10
N PRO H 188 -30.09 -37.08 30.05
CA PRO H 188 -29.73 -35.90 29.29
C PRO H 188 -29.92 -34.61 30.09
N SER H 189 -29.52 -33.51 29.51
CA SER H 189 -29.72 -32.17 30.11
C SER H 189 -31.17 -31.88 30.39
N GLY H 190 -31.38 -30.99 31.34
CA GLY H 190 -32.71 -30.46 31.62
C GLY H 190 -33.34 -29.74 30.45
N THR H 191 -32.52 -28.98 29.74
CA THR H 191 -32.96 -28.37 28.49
C THR H 191 -33.40 -29.38 27.43
N ALA H 192 -32.68 -30.49 27.33
CA ALA H 192 -33.06 -31.53 26.33
C ALA H 192 -34.38 -32.11 26.66
N ILE H 193 -34.60 -32.35 27.94
CA ILE H 193 -35.87 -32.87 28.39
C ILE H 193 -36.94 -31.84 28.06
N GLY H 194 -36.64 -30.57 28.30
CA GLY H 194 -37.60 -29.50 27.99
C GLY H 194 -37.95 -29.35 26.53
N MET H 195 -36.94 -29.58 25.67
CA MET H 195 -37.20 -29.69 24.22
C MET H 195 -38.15 -30.86 23.87
N GLY H 196 -37.92 -32.01 24.52
CA GLY H 196 -38.79 -33.14 24.34
C GLY H 196 -40.21 -32.90 24.79
N GLU H 197 -40.34 -32.24 25.95
CA GLU H 197 -41.66 -31.90 26.53
C GLU H 197 -42.43 -30.95 25.61
N ALA H 198 -41.74 -29.97 25.07
CA ALA H 198 -42.37 -29.03 24.15
C ALA H 198 -42.83 -29.72 22.90
N ILE H 199 -41.97 -30.60 22.39
CA ILE H 199 -42.30 -31.36 21.17
C ILE H 199 -43.50 -32.29 21.44
N ALA H 200 -43.39 -33.11 22.46
CA ALA H 200 -44.45 -34.05 22.79
C ALA H 200 -45.80 -33.34 23.03
N GLY H 201 -45.73 -32.28 23.84
CA GLY H 201 -46.88 -31.48 24.19
C GLY H 201 -47.59 -30.93 22.98
N ALA H 202 -46.84 -30.41 22.01
CA ALA H 202 -47.50 -29.85 20.85
C ALA H 202 -48.17 -30.87 19.95
N MET H 203 -47.71 -32.11 20.06
CA MET H 203 -48.32 -33.27 19.38
C MET H 203 -49.41 -34.04 20.23
N GLY H 204 -49.77 -33.49 21.40
CA GLY H 204 -50.73 -34.11 22.31
C GLY H 204 -50.25 -35.34 23.05
N ASN H 205 -48.95 -35.51 23.24
CA ASN H 205 -48.41 -36.69 23.91
C ASN H 205 -47.68 -36.32 25.18
N LYS H 206 -47.32 -37.34 25.95
CA LYS H 206 -46.53 -37.16 27.17
C LYS H 206 -45.12 -37.72 26.85
N LEU H 207 -44.09 -36.95 27.18
CA LEU H 207 -42.73 -37.34 26.85
C LEU H 207 -42.31 -38.73 27.34
N SER H 208 -42.68 -39.06 28.57
CA SER H 208 -42.31 -40.35 29.15
C SER H 208 -42.91 -41.54 28.39
N ASP H 209 -44.01 -41.36 27.66
CA ASP H 209 -44.56 -42.41 26.76
C ASP H 209 -43.69 -42.74 25.56
N VAL H 210 -42.93 -41.75 25.07
CA VAL H 210 -42.22 -41.86 23.78
C VAL H 210 -40.71 -41.82 23.92
N ALA H 211 -40.19 -41.34 25.04
CA ALA H 211 -38.74 -41.07 25.11
C ALA H 211 -37.92 -42.34 25.12
N VAL H 212 -36.81 -42.33 24.42
CA VAL H 212 -35.84 -43.40 24.47
C VAL H 212 -34.52 -42.76 24.84
N TYR H 213 -33.95 -43.16 25.98
CA TYR H 213 -32.75 -42.50 26.51
C TYR H 213 -31.45 -43.25 26.28
N ALA H 214 -31.53 -44.45 25.79
CA ALA H 214 -30.31 -45.19 25.53
C ALA H 214 -30.53 -46.16 24.44
N ARG H 215 -29.52 -46.37 23.63
CA ARG H 215 -29.58 -47.37 22.61
C ARG H 215 -28.34 -48.19 22.68
N GLU H 216 -28.50 -49.45 22.99
CA GLU H 216 -27.35 -50.31 23.18
C GLU H 216 -27.64 -51.72 22.70
N GLY H 217 -26.68 -52.33 22.03
CA GLY H 217 -26.85 -53.65 21.41
C GLY H 217 -27.89 -53.71 20.30
N ILE H 218 -28.62 -54.79 20.24
CA ILE H 218 -29.66 -55.02 19.27
C ILE H 218 -30.95 -54.35 19.77
N THR H 219 -31.26 -53.19 19.23
CA THR H 219 -32.45 -52.47 19.63
C THR H 219 -33.67 -52.84 18.78
N GLY H 220 -33.43 -53.51 17.67
CA GLY H 220 -34.45 -53.65 16.62
C GLY H 220 -34.69 -52.32 15.89
N GLU H 221 -35.63 -52.35 14.96
CA GLU H 221 -36.06 -51.16 14.25
C GLU H 221 -36.63 -50.11 15.19
N ARG H 222 -36.39 -48.88 14.82
CA ARG H 222 -36.91 -47.71 15.51
C ARG H 222 -38.46 -47.71 15.45
N THR H 223 -39.12 -47.33 16.54
CA THR H 223 -40.55 -47.16 16.50
C THR H 223 -40.87 -45.85 15.85
N LYS H 224 -42.12 -45.67 15.42
CA LYS H 224 -42.55 -44.43 14.69
C LYS H 224 -42.63 -43.25 15.62
N ASP H 225 -43.00 -43.50 16.87
CA ASP H 225 -43.37 -42.45 17.83
C ASP H 225 -42.28 -42.01 18.80
N GLU H 226 -41.20 -42.81 18.92
CA GLU H 226 -40.15 -42.50 19.84
C GLU H 226 -39.44 -41.16 19.53
N ILE H 227 -39.00 -40.55 20.62
CA ILE H 227 -38.11 -39.43 20.63
C ILE H 227 -36.82 -39.90 21.28
N GLY H 228 -35.82 -40.07 20.47
CA GLY H 228 -34.51 -40.54 20.93
C GLY H 228 -33.69 -39.42 21.52
N PHE H 229 -32.88 -39.75 22.53
CA PHE H 229 -31.97 -38.78 23.13
C PHE H 229 -30.56 -39.30 23.04
N ALA H 230 -29.65 -38.47 22.54
CA ALA H 230 -28.24 -38.78 22.55
C ALA H 230 -27.45 -37.70 23.30
N THR H 231 -26.43 -38.12 24.05
CA THR H 231 -25.79 -37.30 24.98
C THR H 231 -24.29 -37.38 24.79
N ILE H 232 -23.67 -36.19 24.62
CA ILE H 232 -22.20 -36.05 24.54
C ILE H 232 -21.64 -35.32 25.76
N ARG H 233 -20.59 -35.86 26.35
CA ARG H 233 -20.01 -35.22 27.50
C ARG H 233 -18.55 -35.03 27.21
N ALA H 234 -18.15 -33.79 26.95
CA ALA H 234 -16.75 -33.54 26.66
C ALA H 234 -16.28 -32.10 26.86
N GLY H 235 -15.01 -31.97 27.15
CA GLY H 235 -14.37 -30.68 27.30
C GLY H 235 -14.99 -29.70 28.24
N ASP H 236 -15.07 -28.48 27.76
CA ASP H 236 -15.62 -27.37 28.49
C ASP H 236 -16.83 -26.82 27.76
N ILE H 237 -17.48 -27.65 26.99
CA ILE H 237 -18.61 -27.19 26.22
C ILE H 237 -19.68 -26.65 27.14
N VAL H 238 -20.03 -25.41 26.92
CA VAL H 238 -21.05 -24.78 27.73
C VAL H 238 -22.41 -25.38 27.49
N GLY H 239 -22.72 -25.75 26.25
CA GLY H 239 -24.05 -26.32 25.96
C GLY H 239 -24.56 -26.20 24.55
N GLU H 240 -24.66 -27.33 23.85
CA GLU H 240 -25.27 -27.41 22.51
C GLU H 240 -26.47 -28.31 22.58
N HIS H 241 -27.57 -27.89 21.98
CA HIS H 241 -28.75 -28.72 21.79
C HIS H 241 -29.33 -28.65 20.38
N THR H 242 -29.71 -29.81 19.87
CA THR H 242 -30.20 -29.91 18.55
C THR H 242 -31.41 -30.80 18.58
N ALA H 243 -32.51 -30.35 17.98
CA ALA H 243 -33.63 -31.22 17.71
C ALA H 243 -33.68 -31.43 16.22
N MET H 244 -33.85 -32.65 15.82
CA MET H 244 -33.83 -33.07 14.43
C MET H 244 -35.21 -33.68 14.10
N PHE H 245 -35.75 -33.34 12.94
CA PHE H 245 -36.99 -33.89 12.45
C PHE H 245 -36.71 -34.46 11.11
N ALA H 246 -36.74 -35.77 11.01
CA ALA H 246 -36.23 -36.47 9.81
C ALA H 246 -37.28 -37.24 9.08
N ASP H 247 -37.40 -36.96 7.81
CA ASP H 247 -38.24 -37.68 6.90
C ASP H 247 -37.37 -38.46 5.97
N ILE H 248 -38.02 -39.14 5.02
CA ILE H 248 -37.32 -39.80 3.94
C ILE H 248 -37.00 -38.75 2.89
N GLY H 249 -35.71 -38.48 2.71
CA GLY H 249 -35.26 -37.52 1.74
C GLY H 249 -34.94 -36.12 2.23
N GLU H 250 -35.40 -35.76 3.40
CA GLU H 250 -35.06 -34.47 3.94
C GLU H 250 -35.05 -34.49 5.45
N ARG H 251 -34.37 -33.54 6.04
CA ARG H 251 -34.47 -33.37 7.47
C ARG H 251 -34.30 -31.92 7.89
N VAL H 252 -34.93 -31.57 9.00
CA VAL H 252 -34.85 -30.19 9.57
C VAL H 252 -34.22 -30.25 10.93
N GLU H 253 -33.25 -29.41 11.16
CA GLU H 253 -32.56 -29.38 12.41
C GLU H 253 -32.66 -27.98 13.03
N ILE H 254 -33.03 -27.91 14.30
CA ILE H 254 -33.05 -26.66 15.03
C ILE H 254 -32.06 -26.81 16.19
N THR H 255 -31.12 -25.89 16.26
CA THR H 255 -29.97 -25.98 17.15
C THR H 255 -29.83 -24.69 18.01
N HIS H 256 -29.46 -24.85 19.27
CA HIS H 256 -29.06 -23.74 20.13
C HIS H 256 -27.67 -24.01 20.72
N LYS H 257 -26.81 -22.99 20.74
CA LYS H 257 -25.47 -23.11 21.27
C LYS H 257 -25.32 -21.98 22.23
N ALA H 258 -24.96 -22.31 23.45
CA ALA H 258 -24.51 -21.35 24.40
C ALA H 258 -23.05 -21.32 24.43
N THR H 259 -22.46 -20.14 24.43
CA THR H 259 -20.98 -20.03 24.49
C THR H 259 -20.41 -19.44 25.74
N ASP H 260 -21.27 -18.78 26.50
CA ASP H 260 -20.90 -18.15 27.73
C ASP H 260 -22.11 -18.26 28.61
N ARG H 261 -21.91 -18.26 29.91
CA ARG H 261 -23.00 -18.34 30.84
C ARG H 261 -23.70 -17.01 30.96
N MET H 262 -23.13 -16.00 30.32
CA MET H 262 -23.71 -14.70 30.29
C MET H 262 -25.07 -14.79 29.61
N THR H 263 -25.18 -15.62 28.59
CA THR H 263 -26.39 -15.79 27.89
C THR H 263 -27.54 -15.83 28.93
N PHE H 264 -27.34 -16.58 30.01
CA PHE H 264 -28.36 -16.81 30.98
C PHE H 264 -28.50 -15.57 31.84
N ALA H 265 -27.36 -14.99 32.18
CA ALA H 265 -27.36 -13.76 33.00
C ALA H 265 -28.12 -12.64 32.30
N ASN H 266 -27.80 -12.45 31.02
CA ASN H 266 -28.42 -11.39 30.25
C ASN H 266 -29.91 -11.58 30.19
N GLY H 267 -30.36 -12.82 30.01
CA GLY H 267 -31.78 -13.07 29.97
C GLY H 267 -32.46 -12.87 31.32
N ALA H 268 -31.75 -13.13 32.42
CA ALA H 268 -32.29 -12.99 33.75
C ALA H 268 -32.52 -11.46 34.04
N VAL H 269 -31.53 -10.66 33.66
CA VAL H 269 -31.56 -9.22 33.85
C VAL H 269 -32.69 -8.59 32.99
N LYS H 270 -32.84 -9.06 31.76
CA LYS H 270 -33.98 -8.77 30.91
C LYS H 270 -35.29 -9.13 31.61
N ALA H 271 -35.33 -10.27 32.28
CA ALA H 271 -36.51 -10.61 33.07
C ALA H 271 -36.80 -9.65 34.22
N ALA H 272 -35.74 -9.26 34.93
CA ALA H 272 -35.83 -8.34 36.07
C ALA H 272 -36.41 -6.98 35.63
N VAL H 273 -35.89 -6.47 34.51
CA VAL H 273 -36.37 -5.24 33.88
C VAL H 273 -37.83 -5.29 33.51
N TRP H 274 -38.22 -6.35 32.85
CA TRP H 274 -39.60 -6.60 32.56
C TRP H 274 -40.53 -6.76 33.79
N LEU H 275 -40.02 -7.43 34.83
CA LEU H 275 -40.81 -7.72 36.06
C LEU H 275 -41.05 -6.47 36.90
N HIS H 276 -40.20 -5.45 36.78
CA HIS H 276 -40.34 -4.25 37.58
C HIS H 276 -41.71 -3.57 37.36
N GLU H 277 -42.36 -3.24 38.47
CA GLU H 277 -43.74 -2.68 38.50
C GLU H 277 -44.75 -3.52 37.70
N LYS H 278 -44.60 -4.85 37.82
CA LYS H 278 -45.62 -5.77 37.33
C LYS H 278 -46.41 -6.17 38.56
N PRO H 279 -47.67 -6.53 38.36
CA PRO H 279 -48.52 -6.98 39.46
C PRO H 279 -48.03 -8.35 39.85
N ALA H 280 -48.32 -8.80 41.06
CA ALA H 280 -47.84 -10.11 41.49
C ALA H 280 -48.45 -11.27 40.72
N GLY H 281 -47.62 -12.19 40.27
CA GLY H 281 -48.05 -13.39 39.58
C GLY H 281 -46.89 -14.34 39.30
N PHE H 282 -47.19 -15.58 38.91
CA PHE H 282 -46.14 -16.51 38.51
C PHE H 282 -45.85 -16.33 37.03
N TYR H 283 -44.73 -15.70 36.71
CA TYR H 283 -44.34 -15.45 35.30
C TYR H 283 -43.16 -16.33 34.89
N THR H 284 -43.11 -16.64 33.60
CA THR H 284 -42.08 -17.47 33.03
C THR H 284 -41.34 -16.67 31.97
N MET H 285 -40.29 -17.21 31.35
CA MET H 285 -39.63 -16.45 30.26
C MET H 285 -40.52 -16.24 29.04
N THR H 286 -41.44 -17.17 28.80
CA THR H 286 -42.45 -17.04 27.74
C THR H 286 -43.19 -15.72 27.88
N ASP H 287 -43.52 -15.37 29.12
CA ASP H 287 -44.22 -14.11 29.41
C ASP H 287 -43.28 -12.94 29.14
N VAL H 288 -42.08 -12.99 29.74
CA VAL H 288 -41.06 -11.91 29.58
C VAL H 288 -40.77 -11.57 28.09
N LEU H 289 -40.61 -12.60 27.28
CA LEU H 289 -40.27 -12.45 25.85
C LEU H 289 -41.47 -12.18 24.92
N GLY H 290 -42.67 -12.46 25.42
CA GLY H 290 -43.87 -12.23 24.66
C GLY H 290 -44.01 -13.29 23.58
N LEU H 291 -43.71 -14.57 23.87
CA LEU H 291 -43.74 -15.60 22.84
C LEU H 291 -45.05 -16.17 22.37
N ASN H 292 -46.07 -16.16 23.23
CA ASN H 292 -47.46 -16.39 22.73
C ASN H 292 -47.97 -15.32 21.65
N ASP H 293 -47.73 -14.01 21.86
CA ASP H 293 -48.18 -12.94 20.89
C ASP H 293 -47.46 -13.02 19.53
N MET I 26 16.34 52.83 45.96
CA MET I 26 17.02 51.65 45.46
C MET I 26 17.01 50.57 46.53
N VAL I 27 17.39 49.36 46.15
CA VAL I 27 17.41 48.24 47.09
C VAL I 27 18.63 48.26 47.96
N ARG I 28 18.41 47.99 49.23
CA ARG I 28 19.50 47.97 50.22
C ARG I 28 19.80 46.54 50.51
N ILE I 29 21.01 46.17 50.18
CA ILE I 29 21.41 44.76 50.18
C ILE I 29 22.35 44.42 51.38
N ALA I 30 22.03 43.33 52.07
CA ALA I 30 22.99 42.75 53.01
C ALA I 30 23.65 41.53 52.36
N VAL I 31 24.97 41.50 52.36
CA VAL I 31 25.69 40.42 51.79
C VAL I 31 26.12 39.52 52.89
N ALA I 32 25.50 38.36 52.97
CA ALA I 32 25.99 37.33 53.91
C ALA I 32 27.29 36.74 53.43
N GLY I 33 28.18 36.51 54.38
CA GLY I 33 29.47 35.89 54.13
C GLY I 33 30.36 36.71 53.21
N ALA I 34 30.64 37.95 53.59
CA ALA I 34 31.15 38.92 52.64
C ALA I 34 32.59 38.69 52.27
N ALA I 35 33.28 37.87 53.06
CA ALA I 35 34.68 37.55 52.81
C ALA I 35 34.89 36.35 51.90
N GLY I 36 33.80 35.70 51.51
CA GLY I 36 33.80 34.52 50.67
C GLY I 36 34.05 34.75 49.19
N ARG I 37 34.23 33.67 48.44
CA ARG I 37 34.49 33.74 47.02
C ARG I 37 33.35 34.48 46.33
N MET I 38 32.13 34.12 46.66
CA MET I 38 30.95 34.80 46.16
C MET I 38 30.70 36.13 46.88
N GLY I 39 30.84 36.14 48.19
CA GLY I 39 30.63 37.37 48.95
C GLY I 39 31.37 38.57 48.41
N ARG I 40 32.68 38.41 48.21
CA ARG I 40 33.51 39.45 47.63
C ARG I 40 32.96 39.94 46.28
N ASN I 41 32.60 39.00 45.42
CA ASN I 41 31.98 39.33 44.11
C ASN I 41 30.60 39.97 44.24
N LEU I 42 29.84 39.53 45.22
CA LEU I 42 28.55 40.12 45.46
C LEU I 42 28.63 41.57 45.92
N VAL I 43 29.55 41.84 46.83
CA VAL I 43 29.77 43.20 47.26
C VAL I 43 30.12 44.08 46.06
N LYS I 44 31.17 43.71 45.31
CA LYS I 44 31.53 44.38 44.07
C LYS I 44 30.32 44.59 43.13
N ALA I 45 29.52 43.54 42.91
CA ALA I 45 28.41 43.61 41.96
C ALA I 45 27.34 44.57 42.43
N ALA I 46 26.99 44.49 43.69
CA ALA I 46 25.91 45.31 44.27
C ALA I 46 26.31 46.77 44.32
N HIS I 47 27.56 47.01 44.62
CA HIS I 47 28.15 48.34 44.59
C HIS I 47 28.00 49.02 43.22
N HIS I 48 28.43 48.29 42.20
CA HIS I 48 28.44 48.76 40.83
C HIS I 48 27.06 48.87 40.20
N ASN I 49 26.07 48.15 40.73
CA ASN I 49 24.73 48.27 40.20
C ASN I 49 24.22 49.57 40.78
N PRO I 50 23.81 50.52 39.92
CA PRO I 50 23.30 51.81 40.38
C PRO I 50 21.87 51.81 40.97
N VAL I 51 21.10 50.75 40.77
CA VAL I 51 19.79 50.59 41.43
C VAL I 51 19.91 49.81 42.78
N ALA I 52 21.15 49.55 43.22
CA ALA I 52 21.44 48.84 44.49
C ALA I 52 22.59 49.45 45.35
N LYS I 53 22.37 49.42 46.68
CA LYS I 53 23.33 49.92 47.70
C LYS I 53 23.76 48.71 48.55
N VAL I 54 25.07 48.61 48.78
CA VAL I 54 25.64 47.72 49.76
C VAL I 54 25.40 48.36 51.11
N ALA I 55 24.48 47.79 51.87
CA ALA I 55 24.03 48.37 53.15
C ALA I 55 24.61 47.63 54.35
N ALA I 56 24.97 46.37 54.18
CA ALA I 56 25.44 45.55 55.28
C ALA I 56 26.21 44.33 54.81
N GLY I 57 26.99 43.77 55.71
CA GLY I 57 27.71 42.52 55.40
C GLY I 57 28.11 41.68 56.62
N SER I 58 28.08 40.36 56.51
CA SER I 58 28.29 39.51 57.64
C SER I 58 29.47 38.60 57.43
N GLU I 59 30.00 38.06 58.52
CA GLU I 59 30.88 36.90 58.47
C GLU I 59 30.68 36.02 59.68
N ARG I 60 31.33 34.87 59.64
CA ARG I 60 31.30 33.96 60.78
C ARG I 60 31.73 34.72 62.07
N PRO I 61 31.03 34.53 63.20
CA PRO I 61 31.45 35.21 64.43
C PRO I 61 32.95 35.12 64.80
N GLU I 62 33.50 33.94 64.61
CA GLU I 62 34.93 33.71 64.86
C GLU I 62 35.86 34.43 63.86
N SER I 63 35.32 34.96 62.77
CA SER I 63 36.11 35.37 61.61
C SER I 63 37.09 36.48 61.91
N SER I 64 38.26 36.34 61.32
CA SER I 64 39.28 37.41 61.26
C SER I 64 38.81 38.80 60.70
N LEU I 65 37.85 38.82 59.78
CA LEU I 65 37.44 40.02 59.06
C LEU I 65 36.20 40.76 59.62
N VAL I 66 35.77 40.39 60.82
CA VAL I 66 34.71 41.13 61.53
C VAL I 66 35.27 42.45 62.00
N GLY I 67 34.45 43.51 61.94
CA GLY I 67 34.89 44.85 62.32
C GLY I 67 35.52 45.66 61.19
N VAL I 68 35.80 45.02 60.06
CA VAL I 68 36.52 45.66 58.97
C VAL I 68 35.51 46.31 58.01
N ASP I 69 35.92 47.39 57.35
CA ASP I 69 35.08 48.08 56.35
C ASP I 69 34.93 47.27 55.05
N LEU I 70 33.72 47.18 54.49
CA LEU I 70 33.45 46.39 53.25
C LEU I 70 34.22 46.85 52.01
N GLY I 71 34.53 48.14 51.93
CA GLY I 71 35.50 48.65 50.97
C GLY I 71 36.95 48.12 51.12
N GLU I 72 37.44 48.07 52.35
CA GLU I 72 38.80 47.65 52.63
C GLU I 72 39.02 46.24 52.17
N LEU I 73 38.02 45.41 52.39
CA LEU I 73 38.12 44.04 51.98
C LEU I 73 38.24 43.93 50.46
N CYS I 74 37.48 44.74 49.72
CA CYS I 74 37.52 44.73 48.26
C CYS I 74 38.47 45.70 47.56
N GLY I 75 39.10 46.53 48.39
CA GLY I 75 40.12 47.56 48.06
C GLY I 75 39.53 48.89 47.58
N GLU I 76 38.26 48.86 47.19
CA GLU I 76 37.54 49.95 46.49
C GLU I 76 37.15 51.14 47.40
N GLY I 77 38.14 51.92 47.83
CA GLY I 77 37.92 53.04 48.77
C GLY I 77 37.43 52.54 50.12
N LYS I 78 36.63 53.36 50.83
CA LYS I 78 35.97 52.95 52.09
C LYS I 78 34.47 53.31 52.10
N PHE I 79 33.57 52.32 52.22
CA PHE I 79 32.11 52.61 52.28
C PHE I 79 31.92 52.97 53.74
N ASP I 80 30.72 53.37 54.15
CA ASP I 80 30.54 53.63 55.56
C ASP I 80 30.02 52.40 56.36
N VAL I 81 30.32 51.17 55.89
CA VAL I 81 29.77 49.93 56.47
C VAL I 81 30.82 48.91 56.91
N VAL I 82 30.54 48.26 58.04
CA VAL I 82 31.43 47.25 58.62
C VAL I 82 30.85 45.84 58.59
N VAL I 83 31.76 44.87 58.50
CA VAL I 83 31.40 43.47 58.52
C VAL I 83 30.93 43.14 59.94
N CYS I 84 29.67 42.73 60.06
CA CYS I 84 29.04 42.35 61.31
C CYS I 84 29.17 40.85 61.55
N ASP I 85 29.14 40.47 62.81
CA ASP I 85 29.16 39.06 63.18
C ASP I 85 27.73 38.48 63.20
N ASP I 86 26.74 39.32 63.01
CA ASP I 86 25.36 38.92 63.08
C ASP I 86 24.49 39.98 62.41
N LEU I 87 23.70 39.56 61.43
CA LEU I 87 22.96 40.50 60.64
C LEU I 87 21.79 41.08 61.41
N ALA I 88 21.35 40.40 62.43
CA ALA I 88 20.27 40.95 63.31
C ALA I 88 20.59 42.36 63.88
N LYS I 89 21.86 42.60 64.17
CA LYS I 89 22.38 43.87 64.63
C LYS I 89 22.19 44.99 63.69
N GLN I 90 22.04 44.69 62.43
CA GLN I 90 22.00 45.69 61.34
C GLN I 90 20.67 45.64 60.56
N ILE I 91 19.66 44.96 61.11
CA ILE I 91 18.37 44.75 60.39
C ILE I 91 17.68 45.99 59.85
N ASP I 92 17.91 47.15 60.46
CA ASP I 92 17.29 48.40 60.02
C ASP I 92 17.99 49.07 58.83
N GLN I 93 19.24 48.70 58.58
CA GLN I 93 19.98 49.14 57.36
C GLN I 93 19.66 48.45 56.01
N PHE I 94 18.93 47.32 55.99
CA PHE I 94 18.73 46.54 54.74
C PHE I 94 17.33 45.97 54.52
N ASP I 95 17.05 45.72 53.24
CA ASP I 95 15.80 45.11 52.77
C ASP I 95 15.93 43.63 52.32
N VAL I 96 17.05 43.28 51.69
CA VAL I 96 17.25 42.01 51.08
C VAL I 96 18.59 41.47 51.45
N ILE I 97 18.61 40.22 51.88
CA ILE I 97 19.89 39.47 52.10
C ILE I 97 20.24 38.67 50.82
N ILE I 98 21.48 38.80 50.36
CA ILE I 98 21.99 37.87 49.39
C ILE I 98 22.92 36.88 50.05
N ASP I 99 22.52 35.61 50.05
CA ASP I 99 23.18 34.57 50.85
C ASP I 99 23.77 33.42 50.05
N PHE I 100 25.09 33.41 49.97
CA PHE I 100 25.84 32.36 49.34
C PHE I 100 26.84 31.93 50.40
N THR I 101 26.34 31.21 51.41
CA THR I 101 27.16 30.76 52.54
C THR I 101 27.20 29.24 52.77
N ALA I 102 26.56 28.76 53.82
CA ALA I 102 26.53 27.35 54.14
C ALA I 102 25.10 27.06 54.49
N PRO I 103 24.64 25.83 54.40
CA PRO I 103 23.22 25.62 54.68
C PRO I 103 22.74 26.10 56.03
N ALA I 104 23.51 25.86 57.07
CA ALA I 104 23.08 26.24 58.43
C ALA I 104 22.91 27.76 58.57
N SER I 105 23.93 28.48 58.15
CA SER I 105 23.94 29.92 58.16
C SER I 105 22.79 30.57 57.35
N THR I 106 22.47 29.94 56.23
CA THR I 106 21.36 30.36 55.40
C THR I 106 20.00 30.09 56.04
N LEU I 107 19.81 28.93 56.68
CA LEU I 107 18.62 28.75 57.48
C LEU I 107 18.43 29.82 58.60
N ASN I 108 19.53 30.23 59.27
CA ASN I 108 19.50 31.35 60.24
C ASN I 108 19.05 32.68 59.62
N ASN I 109 19.64 33.06 58.50
CA ASN I 109 19.22 34.23 57.75
C ASN I 109 17.78 34.17 57.23
N LEU I 110 17.32 32.96 56.97
CA LEU I 110 15.94 32.77 56.55
C LEU I 110 14.98 33.04 57.68
N ALA I 111 15.37 32.57 58.88
CA ALA I 111 14.63 32.83 60.12
C ALA I 111 14.53 34.34 60.47
N LEU I 112 15.69 34.98 60.42
CA LEU I 112 15.82 36.39 60.53
C LEU I 112 14.89 37.14 59.59
N CYS I 113 14.74 36.63 58.38
CA CYS I 113 13.86 37.26 57.41
C CYS I 113 12.43 37.19 57.82
N GLN I 114 12.08 36.03 58.38
CA GLN I 114 10.73 35.80 58.85
C GLN I 114 10.39 36.70 60.05
N GLN I 115 11.30 36.74 61.03
CA GLN I 115 11.14 37.55 62.20
C GLN I 115 11.00 39.06 61.94
N TYR I 116 11.75 39.62 61.00
CA TYR I 116 11.79 41.06 60.77
C TYR I 116 11.25 41.53 59.41
N GLY I 117 10.48 40.67 58.72
CA GLY I 117 9.92 41.03 57.43
C GLY I 117 10.94 41.43 56.38
N LYS I 118 11.98 40.65 56.20
CA LYS I 118 12.95 40.87 55.10
C LYS I 118 12.84 39.82 54.02
N SER I 119 13.50 40.11 52.88
CA SER I 119 13.64 39.18 51.76
C SER I 119 15.03 38.57 51.66
N ILE I 120 15.10 37.45 50.93
CA ILE I 120 16.35 36.73 50.76
C ILE I 120 16.54 36.07 49.38
N VAL I 121 17.71 36.27 48.85
CA VAL I 121 18.16 35.63 47.68
C VAL I 121 19.15 34.56 48.11
N ILE I 122 18.82 33.31 47.85
CA ILE I 122 19.67 32.21 48.23
C ILE I 122 20.43 31.58 47.09
N GLY I 123 21.73 31.51 47.22
CA GLY I 123 22.57 30.90 46.22
C GLY I 123 23.25 29.68 46.77
N THR I 124 23.13 29.49 48.07
CA THR I 124 23.76 28.38 48.76
C THR I 124 23.29 27.04 48.27
N THR I 125 24.21 26.10 48.16
CA THR I 125 23.86 24.73 47.70
C THR I 125 24.23 23.73 48.78
N GLY I 126 23.80 22.52 48.61
CA GLY I 126 24.15 21.39 49.48
C GLY I 126 23.14 21.14 50.57
N PHE I 127 21.95 21.72 50.45
CA PHE I 127 20.86 21.49 51.38
C PHE I 127 20.38 20.06 51.31
N THR I 128 20.05 19.48 52.46
CA THR I 128 19.33 18.20 52.49
C THR I 128 17.87 18.37 52.03
N GLU I 129 17.23 17.25 51.76
CA GLU I 129 15.86 17.29 51.30
C GLU I 129 14.99 17.93 52.34
N GLU I 130 15.21 17.61 53.60
CA GLU I 130 14.41 18.21 54.66
C GLU I 130 14.61 19.71 54.80
N GLN I 131 15.85 20.16 54.63
CA GLN I 131 16.15 21.58 54.73
C GLN I 131 15.39 22.31 53.64
N ARG I 132 15.29 21.71 52.47
CA ARG I 132 14.58 22.32 51.39
C ARG I 132 13.11 22.51 51.70
N GLU I 133 12.51 21.54 52.38
CA GLU I 133 11.12 21.65 52.74
C GLU I 133 10.92 22.82 53.65
N GLN I 134 11.86 23.01 54.55
CA GLN I 134 11.81 24.09 55.48
C GLN I 134 11.86 25.39 54.74
N ILE I 135 12.67 25.44 53.68
CA ILE I 135 12.75 26.64 52.89
C ILE I 135 11.41 26.91 52.21
N ASP I 136 10.75 25.88 51.72
CA ASP I 136 9.43 26.04 51.07
C ASP I 136 8.41 26.59 52.03
N LEU I 137 8.48 26.10 53.24
CA LEU I 137 7.60 26.57 54.36
C LEU I 137 7.74 28.06 54.70
N VAL I 138 8.95 28.46 55.04
CA VAL I 138 9.25 29.86 55.29
C VAL I 138 8.91 30.73 54.09
N ALA I 139 9.09 30.19 52.89
CA ALA I 139 8.73 30.91 51.63
C ALA I 139 7.25 31.22 51.42
N GLN I 140 6.37 30.61 52.21
CA GLN I 140 4.95 31.00 52.27
C GLN I 140 4.73 32.39 52.89
N GLN I 141 5.61 32.75 53.81
CA GLN I 141 5.59 34.03 54.56
C GLN I 141 6.66 35.05 54.17
N VAL I 142 7.72 34.62 53.52
CA VAL I 142 8.85 35.47 53.20
C VAL I 142 9.06 35.47 51.67
N PRO I 143 9.42 36.61 51.07
CA PRO I 143 9.80 36.59 49.65
C PRO I 143 11.19 36.04 49.45
N VAL I 144 11.28 34.95 48.71
CA VAL I 144 12.52 34.17 48.60
C VAL I 144 12.81 33.90 47.15
N VAL I 145 13.98 34.28 46.72
CA VAL I 145 14.52 33.75 45.50
C VAL I 145 15.54 32.66 45.79
N MET I 146 15.41 31.51 45.13
CA MET I 146 16.35 30.43 45.27
C MET I 146 16.63 29.68 43.97
N ALA I 147 17.90 29.50 43.69
CA ALA I 147 18.35 28.83 42.51
C ALA I 147 19.76 28.26 42.69
N PRO I 148 20.05 27.13 42.06
CA PRO I 148 21.42 26.66 42.13
C PRO I 148 22.39 27.42 41.25
N ASN I 149 21.89 28.24 40.36
CA ASN I 149 22.79 28.93 39.46
C ASN I 149 22.14 30.26 39.03
N TYR I 150 22.82 31.37 39.26
CA TYR I 150 22.28 32.69 38.94
C TYR I 150 22.69 33.24 37.58
N SER I 151 23.35 32.41 36.76
CA SER I 151 23.74 32.82 35.44
C SER I 151 22.58 32.68 34.43
N VAL I 152 22.55 33.50 33.39
CA VAL I 152 21.49 33.33 32.40
C VAL I 152 21.60 32.01 31.61
N GLY I 153 22.82 31.69 31.26
CA GLY I 153 23.07 30.48 30.45
C GLY I 153 22.58 29.20 31.02
N VAL I 154 22.83 28.97 32.30
CA VAL I 154 22.35 27.77 32.94
C VAL I 154 20.84 27.69 32.95
N ASN I 155 20.17 28.80 33.20
CA ASN I 155 18.72 28.79 33.22
C ASN I 155 18.15 28.44 31.86
N LEU I 156 18.77 28.94 30.81
CA LEU I 156 18.36 28.59 29.49
C LEU I 156 18.61 27.10 29.30
N VAL I 157 19.77 26.63 29.73
CA VAL I 157 20.10 25.23 29.61
C VAL I 157 19.04 24.31 30.23
N PHE I 158 18.51 24.67 31.40
CA PHE I 158 17.41 23.89 32.03
C PHE I 158 16.26 23.76 31.00
N LYS I 159 15.90 24.84 30.28
CA LYS I 159 14.83 24.76 29.28
C LYS I 159 15.19 23.83 28.13
N LEU I 160 16.42 23.92 27.68
CA LEU I 160 16.90 23.11 26.60
C LEU I 160 16.92 21.65 26.99
N LEU I 161 17.30 21.37 28.23
CA LEU I 161 17.27 20.00 28.71
C LEU I 161 15.89 19.40 28.71
N GLU I 162 14.91 20.17 29.08
CA GLU I 162 13.55 19.69 29.04
C GLU I 162 13.09 19.29 27.67
N LYS I 163 13.37 20.11 26.71
CA LYS I 163 13.04 19.77 25.36
C LYS I 163 13.78 18.50 24.91
N ALA I 164 15.06 18.41 25.24
CA ALA I 164 15.86 17.28 24.82
C ALA I 164 15.27 16.01 25.48
N ALA I 165 14.90 16.11 26.71
CA ALA I 165 14.42 14.96 27.39
C ALA I 165 13.07 14.43 26.89
N LYS I 166 12.18 15.34 26.57
CA LYS I 166 10.93 14.98 25.93
C LYS I 166 11.14 14.21 24.61
N VAL I 167 12.13 14.59 23.80
CA VAL I 167 12.30 13.97 22.52
C VAL I 167 13.20 12.74 22.60
N MET I 168 14.27 12.76 23.39
CA MET I 168 15.25 11.70 23.37
C MET I 168 15.32 10.85 24.63
N GLY I 169 14.78 11.37 25.72
CA GLY I 169 15.02 10.77 27.02
C GLY I 169 14.64 9.30 27.13
N ASP I 170 13.58 8.95 26.45
CA ASP I 170 12.98 7.65 26.60
C ASP I 170 13.84 6.59 25.97
N TYR I 171 14.53 6.96 24.88
CA TYR I 171 15.42 6.11 24.13
C TYR I 171 16.90 6.27 24.37
N CYS I 172 17.32 7.15 25.25
CA CYS I 172 18.75 7.42 25.45
C CYS I 172 19.28 7.21 26.86
N ASP I 173 20.59 6.96 26.99
CA ASP I 173 21.23 7.05 28.23
C ASP I 173 21.53 8.49 28.54
N ILE I 174 21.25 8.89 29.77
CA ILE I 174 21.47 10.27 30.22
C ILE I 174 22.56 10.36 31.28
N GLU I 175 23.53 11.21 31.03
CA GLU I 175 24.64 11.37 31.99
C GLU I 175 24.87 12.87 32.17
N ILE I 176 25.20 13.24 33.42
CA ILE I 176 25.60 14.56 33.77
C ILE I 176 27.01 14.59 34.34
N VAL I 177 27.81 15.51 33.83
CA VAL I 177 29.22 15.68 34.19
C VAL I 177 29.46 17.09 34.55
N GLU I 178 30.06 17.31 35.67
CA GLU I 178 30.35 18.65 36.13
C GLU I 178 31.79 18.74 36.67
N ALA I 179 32.41 19.90 36.46
CA ALA I 179 33.70 20.15 37.06
C ALA I 179 33.66 21.51 37.82
N HIS I 180 34.32 21.53 38.96
CA HIS I 180 34.56 22.75 39.73
C HIS I 180 35.89 22.77 40.45
N HIS I 181 36.20 23.93 40.97
CA HIS I 181 37.48 24.20 41.64
C HIS I 181 37.66 23.35 42.91
N ARG I 182 38.90 23.31 43.38
CA ARG I 182 39.32 22.43 44.46
C ARG I 182 38.66 22.66 45.79
N HIS I 183 38.22 23.87 46.02
CA HIS I 183 37.53 24.25 47.25
C HIS I 183 36.07 23.92 47.40
N LYS I 184 35.39 23.48 46.33
CA LYS I 184 33.97 23.22 46.46
C LYS I 184 33.70 21.99 47.37
N VAL I 185 32.90 22.22 48.41
CA VAL I 185 32.69 21.16 49.43
C VAL I 185 31.59 20.12 49.12
N ASP I 186 30.66 20.45 48.23
CA ASP I 186 29.52 19.57 47.94
C ASP I 186 29.59 18.91 46.54
N ALA I 187 29.05 17.71 46.41
CA ALA I 187 29.13 16.98 45.17
C ALA I 187 27.94 16.08 45.04
N PRO I 188 27.28 16.05 43.86
CA PRO I 188 27.60 16.90 42.73
C PRO I 188 27.10 18.28 43.03
N SER I 189 27.38 19.19 42.13
CA SER I 189 26.99 20.51 42.27
C SER I 189 25.48 20.63 42.37
N GLY I 190 25.02 21.75 42.96
CA GLY I 190 23.58 22.08 42.98
C GLY I 190 23.01 22.18 41.60
N THR I 191 23.79 22.78 40.72
CA THR I 191 23.39 22.94 39.32
C THR I 191 23.20 21.58 38.64
N ALA I 192 24.10 20.66 38.92
CA ALA I 192 24.00 19.33 38.32
C ALA I 192 22.73 18.65 38.79
N ILE I 193 22.42 18.79 40.07
CA ILE I 193 21.20 18.25 40.58
C ILE I 193 20.01 18.91 39.92
N GLY I 194 20.03 20.22 39.82
CA GLY I 194 19.01 20.90 39.10
C GLY I 194 18.82 20.41 37.65
N MET I 195 19.95 20.12 36.95
CA MET I 195 19.88 19.60 35.57
C MET I 195 19.18 18.27 35.58
N GLY I 196 19.47 17.47 36.59
CA GLY I 196 18.84 16.19 36.72
C GLY I 196 17.37 16.30 36.99
N GLU I 197 17.03 17.21 37.86
CA GLU I 197 15.58 17.45 38.26
C GLU I 197 14.78 17.88 37.04
N ALA I 198 15.32 18.79 36.26
CA ALA I 198 14.67 19.24 35.07
C ALA I 198 14.46 18.10 34.10
N ILE I 199 15.49 17.30 33.86
CA ILE I 199 15.41 16.19 32.96
C ILE I 199 14.39 15.17 33.48
N ALA I 200 14.55 14.73 34.72
CA ALA I 200 13.61 13.75 35.29
C ALA I 200 12.15 14.23 35.29
N GLY I 201 11.95 15.47 35.74
CA GLY I 201 10.66 16.09 35.71
C GLY I 201 9.99 16.10 34.33
N ALA I 202 10.72 16.43 33.27
CA ALA I 202 10.11 16.51 31.97
C ALA I 202 9.74 15.14 31.42
N MET I 203 10.34 14.11 31.94
CA MET I 203 9.99 12.71 31.62
C MET I 203 8.96 12.08 32.60
N GLY I 204 8.40 12.86 33.51
CA GLY I 204 7.51 12.37 34.56
C GLY I 204 8.13 11.50 35.66
N ASN I 205 9.41 11.63 35.94
CA ASN I 205 10.05 10.89 36.99
C ASN I 205 10.56 11.77 38.12
N LYS I 206 11.00 11.13 39.20
CA LYS I 206 11.60 11.79 40.33
C LYS I 206 13.10 11.44 40.28
N LEU I 207 13.96 12.44 40.37
CA LEU I 207 15.41 12.25 40.24
C LEU I 207 15.98 11.19 41.16
N SER I 208 15.52 11.17 42.39
CA SER I 208 16.04 10.21 43.40
C SER I 208 15.73 8.77 43.07
N ASP I 209 14.68 8.52 42.28
CA ASP I 209 14.43 7.15 41.73
C ASP I 209 15.44 6.65 40.72
N VAL I 210 16.07 7.56 39.98
CA VAL I 210 16.95 7.23 38.85
C VAL I 210 18.41 7.62 39.04
N ALA I 211 18.75 8.52 39.96
CA ALA I 211 20.11 9.03 40.02
C ALA I 211 21.11 7.99 40.50
N VAL I 212 22.27 8.00 39.89
CA VAL I 212 23.39 7.18 40.31
C VAL I 212 24.57 8.11 40.52
N TYR I 213 25.06 8.22 41.75
CA TYR I 213 26.07 9.24 42.11
C TYR I 213 27.50 8.75 42.19
N ALA I 214 27.69 7.46 42.08
CA ALA I 214 29.00 6.92 42.16
C ALA I 214 29.04 5.63 41.43
N ARG I 215 30.17 5.38 40.79
CA ARG I 215 30.38 4.14 40.14
C ARG I 215 31.73 3.66 40.54
N GLU I 216 31.74 2.54 41.24
CA GLU I 216 32.99 2.02 41.78
C GLU I 216 32.99 0.48 41.76
N GLY I 217 34.10 -0.13 41.33
CA GLY I 217 34.22 -1.56 41.20
C GLY I 217 33.32 -2.17 40.13
N ILE I 218 32.80 -3.35 40.42
CA ILE I 218 31.92 -4.06 39.50
C ILE I 218 30.50 -3.49 39.68
N THR I 219 30.08 -2.63 38.79
CA THR I 219 28.75 -2.03 38.88
C THR I 219 27.67 -2.88 38.15
N GLY I 220 28.12 -3.84 37.35
CA GLY I 220 27.26 -4.47 36.35
C GLY I 220 26.88 -3.52 35.21
N GLU I 221 26.03 -4.02 34.30
CA GLU I 221 25.49 -3.25 33.17
C GLU I 221 24.62 -2.11 33.66
N ARG I 222 24.73 -1.00 32.93
CA ARG I 222 23.97 0.21 33.22
C ARG I 222 22.46 -0.15 33.11
N THR I 223 21.64 0.39 34.00
CA THR I 223 20.18 0.30 33.84
C THR I 223 19.72 1.30 32.72
N LYS I 224 18.51 1.10 32.17
CA LYS I 224 17.95 1.95 31.06
C LYS I 224 17.56 3.33 31.55
N ASP I 225 17.09 3.42 32.79
CA ASP I 225 16.52 4.65 33.31
C ASP I 225 17.46 5.59 34.09
N GLU I 226 18.63 5.10 34.51
CA GLU I 226 19.49 5.84 35.36
C GLU I 226 19.98 7.12 34.70
N ILE I 227 20.19 8.12 35.58
CA ILE I 227 20.89 9.31 35.29
C ILE I 227 22.18 9.26 36.12
N GLY I 228 23.30 9.04 35.46
CA GLY I 228 24.61 9.03 36.08
C GLY I 228 25.19 10.42 36.31
N PHE I 229 25.93 10.60 37.41
CA PHE I 229 26.58 11.86 37.72
C PHE I 229 28.05 11.63 37.92
N ALA I 230 28.87 12.40 37.24
CA ALA I 230 30.28 12.35 37.41
C ALA I 230 30.80 13.74 37.79
N THR I 231 31.77 13.75 38.69
CA THR I 231 32.17 14.94 39.38
C THR I 231 33.70 15.08 39.35
N ILE I 232 34.15 16.23 38.86
CA ILE I 232 35.56 16.58 38.80
C ILE I 232 35.82 17.75 39.73
N ARG I 233 36.84 17.64 40.55
CA ARG I 233 37.17 18.73 41.43
C ARG I 233 38.61 19.06 41.14
N ALA I 234 38.87 20.21 40.56
CA ALA I 234 40.24 20.59 40.28
C ALA I 234 40.50 22.05 39.98
N GLY I 235 41.67 22.50 40.39
CA GLY I 235 42.12 23.85 40.16
C GLY I 235 41.23 24.96 40.64
N ASP I 236 41.03 25.92 39.75
CA ASP I 236 40.23 27.10 40.00
C ASP I 236 39.07 27.18 39.04
N ILE I 237 38.61 26.03 38.56
CA ILE I 237 37.52 26.00 37.60
C ILE I 237 36.27 26.64 38.20
N VAL I 238 35.71 27.58 37.47
CA VAL I 238 34.54 28.29 37.98
C VAL I 238 33.31 27.48 37.84
N GLY I 239 33.22 26.66 36.79
CA GLY I 239 32.09 25.73 36.68
C GLY I 239 31.77 25.31 35.30
N GLU I 240 31.92 24.02 35.02
CA GLU I 240 31.46 23.43 33.75
C GLU I 240 30.44 22.39 34.02
N HIS I 241 29.38 22.41 33.23
CA HIS I 241 28.37 21.33 33.29
C HIS I 241 27.95 20.81 31.93
N THR I 242 27.74 19.51 31.85
CA THR I 242 27.39 18.94 30.59
C THR I 242 26.35 17.89 30.82
N ALA I 243 25.25 17.94 30.05
CA ALA I 243 24.24 16.84 30.04
C ALA I 243 24.35 16.17 28.69
N MET I 244 24.51 14.86 28.72
CA MET I 244 24.76 14.04 27.56
C MET I 244 23.56 13.14 27.38
N PHE I 245 23.07 13.08 26.16
CA PHE I 245 21.95 12.17 25.79
C PHE I 245 22.49 11.22 24.71
N ALA I 246 22.73 9.98 25.06
CA ALA I 246 23.48 9.02 24.19
C ALA I 246 22.63 7.88 23.71
N ASP I 247 22.61 7.72 22.40
CA ASP I 247 21.86 6.70 21.74
C ASP I 247 22.83 5.81 21.02
N ILE I 248 22.31 4.95 20.16
CA ILE I 248 23.17 4.07 19.41
C ILE I 248 23.56 4.81 18.15
N GLY I 249 24.85 5.06 18.01
CA GLY I 249 25.39 5.73 16.86
C GLY I 249 25.48 7.24 16.91
N GLU I 250 24.87 7.86 17.90
CA GLU I 250 24.96 9.30 18.01
C GLU I 250 24.67 9.79 19.39
N ARG I 251 25.19 10.97 19.71
CA ARG I 251 24.91 11.56 21.02
C ARG I 251 24.77 13.07 20.98
N VAL I 252 23.96 13.62 21.89
CA VAL I 252 23.75 15.09 21.97
C VAL I 252 24.24 15.54 23.29
N GLU I 253 25.03 16.57 23.29
CA GLU I 253 25.58 17.17 24.50
C GLU I 253 25.18 18.64 24.61
N ILE I 254 24.68 19.01 25.78
CA ILE I 254 24.39 20.40 26.09
C ILE I 254 25.29 20.83 27.28
N THR I 255 26.04 21.90 27.11
CA THR I 255 27.12 22.26 27.99
C THR I 255 26.99 23.71 28.36
N HIS I 256 27.27 24.00 29.60
CA HIS I 256 27.43 25.37 30.06
C HIS I 256 28.78 25.55 30.73
N LYS I 257 29.47 26.63 30.45
CA LYS I 257 30.72 26.96 31.09
C LYS I 257 30.64 28.36 31.67
N ALA I 258 30.90 28.48 32.97
CA ALA I 258 31.05 29.78 33.59
C ALA I 258 32.51 30.11 33.67
N THR I 259 32.90 31.33 33.33
CA THR I 259 34.31 31.70 33.44
C THR I 259 34.66 32.72 34.47
N ASP I 260 33.68 33.38 35.00
CA ASP I 260 33.90 34.39 35.95
C ASP I 260 32.76 34.32 36.95
N ARG I 261 33.05 34.41 38.24
CA ARG I 261 32.01 34.42 39.25
C ARG I 261 31.07 35.62 39.18
N MET I 262 31.53 36.70 38.57
CA MET I 262 30.76 37.93 38.50
C MET I 262 29.49 37.67 37.78
N THR I 263 29.50 36.68 36.92
CA THR I 263 28.28 36.28 36.23
C THR I 263 27.18 35.90 37.21
N PHE I 264 27.56 35.12 38.25
CA PHE I 264 26.66 34.66 39.23
C PHE I 264 26.26 35.86 40.11
N ALA I 265 27.26 36.63 40.52
CA ALA I 265 27.04 37.75 41.42
C ALA I 265 26.06 38.79 40.78
N ASN I 266 26.31 39.13 39.54
CA ASN I 266 25.46 40.09 38.84
C ASN I 266 24.08 39.54 38.78
N GLY I 267 23.91 38.26 38.51
CA GLY I 267 22.55 37.71 38.38
C GLY I 267 21.82 37.70 39.71
N ALA I 268 22.57 37.57 40.81
CA ALA I 268 21.99 37.49 42.14
C ALA I 268 21.49 38.85 42.52
N VAL I 269 22.31 39.86 42.23
CA VAL I 269 21.98 41.26 42.51
C VAL I 269 20.77 41.71 41.66
N LYS I 270 20.74 41.34 40.38
CA LYS I 270 19.51 41.49 39.54
C LYS I 270 18.31 40.79 40.22
N ALA I 271 18.50 39.60 40.80
CA ALA I 271 17.40 38.90 41.53
C ALA I 271 16.94 39.69 42.71
N ALA I 272 17.91 40.22 43.47
CA ALA I 272 17.61 41.07 44.68
C ALA I 272 16.78 42.30 44.35
N VAL I 273 17.19 42.98 43.29
CA VAL I 273 16.47 44.14 42.74
C VAL I 273 15.02 43.77 42.36
N TRP I 274 14.86 42.69 41.59
CA TRP I 274 13.55 42.14 41.18
C TRP I 274 12.70 41.77 42.37
N LEU I 275 13.34 41.17 43.39
CA LEU I 275 12.60 40.65 44.53
C LEU I 275 12.05 41.75 45.42
N HIS I 276 12.70 42.90 45.41
CA HIS I 276 12.32 43.98 46.34
C HIS I 276 10.86 44.43 46.11
N GLU I 277 10.14 44.56 47.23
CA GLU I 277 8.71 44.81 47.23
C GLU I 277 7.93 43.77 46.33
N LYS I 278 8.34 42.52 46.37
CA LYS I 278 7.54 41.43 45.80
C LYS I 278 6.80 40.82 47.01
N PRO I 279 5.66 40.21 46.77
CA PRO I 279 4.91 39.52 47.81
C PRO I 279 5.64 38.24 48.14
N ALA I 280 5.38 37.67 49.30
CA ALA I 280 6.05 36.45 49.69
C ALA I 280 5.72 35.27 48.79
N GLY I 281 6.74 34.51 48.44
CA GLY I 281 6.58 33.31 47.64
C GLY I 281 7.92 32.69 47.34
N PHE I 282 7.93 31.47 46.83
CA PHE I 282 9.17 30.79 46.41
C PHE I 282 9.41 31.13 44.93
N TYR I 283 10.41 31.92 44.66
CA TYR I 283 10.77 32.26 43.31
C TYR I 283 12.09 31.65 42.85
N THR I 284 12.25 31.43 41.56
CA THR I 284 13.46 30.91 40.97
C THR I 284 13.97 31.90 39.95
N MET I 285 15.10 31.61 39.34
CA MET I 285 15.63 32.55 38.34
C MET I 285 14.80 32.61 37.10
N THR I 286 14.16 31.50 36.81
CA THR I 286 13.11 31.43 35.76
C THR I 286 12.05 32.51 35.94
N ASP I 287 11.62 32.74 37.16
CA ASP I 287 10.73 33.86 37.43
C ASP I 287 11.40 35.22 37.24
N VAL I 288 12.55 35.43 37.87
CA VAL I 288 13.31 36.71 37.81
C VAL I 288 13.51 37.16 36.33
N LEU I 289 13.84 36.19 35.47
CA LEU I 289 14.18 36.43 34.06
C LEU I 289 13.02 36.36 33.05
N GLY I 290 11.93 35.70 33.42
CA GLY I 290 10.80 35.49 32.53
C GLY I 290 10.94 34.34 31.53
N LEU I 291 11.60 33.26 31.93
CA LEU I 291 11.83 32.08 31.06
C LEU I 291 10.80 30.93 30.96
N ASN I 292 9.70 30.93 31.69
CA ASN I 292 8.74 29.81 31.59
C ASN I 292 7.98 29.85 30.26
N GLY J 25 1.23 -0.51 -1.82
CA GLY J 25 2.50 -1.27 -2.06
C GLY J 25 3.69 -0.64 -1.26
N MET J 26 4.66 -1.47 -0.92
CA MET J 26 5.86 -1.00 -0.23
C MET J 26 6.74 -0.25 -1.21
N VAL J 27 7.47 0.74 -0.73
CA VAL J 27 8.32 1.58 -1.56
C VAL J 27 9.51 0.91 -2.25
N ARG J 28 9.75 1.31 -3.49
CA ARG J 28 10.85 0.79 -4.30
C ARG J 28 11.86 1.91 -4.30
N ILE J 29 13.08 1.60 -3.91
CA ILE J 29 14.09 2.58 -3.74
C ILE J 29 15.18 2.41 -4.77
N ALA J 30 15.55 3.52 -5.40
CA ALA J 30 16.78 3.57 -6.16
C ALA J 30 17.83 4.31 -5.36
N VAL J 31 19.00 3.70 -5.24
CA VAL J 31 20.11 4.27 -4.52
C VAL J 31 21.09 4.84 -5.50
N ALA J 32 21.09 6.15 -5.64
CA ALA J 32 22.16 6.83 -6.41
C ALA J 32 23.48 6.71 -5.72
N GLY J 33 24.47 6.47 -6.53
CA GLY J 33 25.87 6.36 -6.08
C GLY J 33 26.11 5.21 -5.13
N ALA J 34 25.77 4.00 -5.57
CA ALA J 34 25.64 2.90 -4.62
C ALA J 34 26.99 2.41 -4.06
N ALA J 35 28.08 2.73 -4.72
CA ALA J 35 29.38 2.27 -4.27
C ALA J 35 30.01 3.22 -3.27
N GLY J 36 29.39 4.39 -3.11
CA GLY J 36 29.85 5.36 -2.13
C GLY J 36 29.75 4.97 -0.67
N ARG J 37 30.36 5.78 0.20
CA ARG J 37 30.27 5.58 1.63
C ARG J 37 28.82 5.51 2.09
N MET J 38 28.02 6.50 1.71
CA MET J 38 26.64 6.49 2.04
C MET J 38 25.87 5.50 1.23
N GLY J 39 26.14 5.44 -0.07
CA GLY J 39 25.45 4.48 -0.94
C GLY J 39 25.45 3.08 -0.38
N ARG J 40 26.63 2.59 0.02
CA ARG J 40 26.74 1.23 0.62
C ARG J 40 25.87 1.06 1.84
N ASN J 41 25.89 2.05 2.73
CA ASN J 41 25.05 2.07 3.91
C ASN J 41 23.57 2.22 3.56
N LEU J 42 23.23 2.98 2.53
CA LEU J 42 21.83 3.10 2.12
C LEU J 42 21.27 1.81 1.58
N VAL J 43 22.05 1.10 0.78
CA VAL J 43 21.64 -0.21 0.27
C VAL J 43 21.34 -1.15 1.46
N LYS J 44 22.31 -1.33 2.33
CA LYS J 44 22.13 -2.09 3.57
C LYS J 44 20.87 -1.67 4.39
N ALA J 45 20.67 -0.38 4.56
CA ALA J 45 19.55 0.10 5.34
C ALA J 45 18.22 -0.17 4.69
N ALA J 46 18.12 0.09 3.40
CA ALA J 46 16.88 -0.13 2.67
C ALA J 46 16.51 -1.61 2.61
N HIS J 47 17.52 -2.43 2.43
CA HIS J 47 17.34 -3.89 2.40
C HIS J 47 16.72 -4.39 3.70
N HIS J 48 17.31 -3.96 4.81
CA HIS J 48 16.93 -4.36 6.16
C HIS J 48 15.59 -3.74 6.63
N ASN J 49 15.14 -2.62 6.05
CA ASN J 49 13.82 -2.07 6.36
C ASN J 49 12.79 -2.94 5.65
N PRO J 50 11.85 -3.53 6.40
CA PRO J 50 10.87 -4.45 5.82
C PRO J 50 9.69 -3.79 5.10
N VAL J 51 9.53 -2.49 5.21
CA VAL J 51 8.59 -1.72 4.35
C VAL J 51 9.24 -1.16 3.06
N ALA J 52 10.47 -1.57 2.78
CA ALA J 52 11.20 -1.07 1.62
C ALA J 52 11.95 -2.17 0.88
N LYS J 53 12.06 -1.97 -0.42
CA LYS J 53 12.84 -2.81 -1.34
C LYS J 53 13.92 -2.01 -2.09
N VAL J 54 15.11 -2.58 -2.16
CA VAL J 54 16.19 -2.05 -2.99
C VAL J 54 15.85 -2.49 -4.42
N ALA J 55 15.44 -1.54 -5.26
CA ALA J 55 14.93 -1.84 -6.64
C ALA J 55 15.95 -1.48 -7.71
N ALA J 56 16.84 -0.55 -7.39
CA ALA J 56 17.83 -0.04 -8.37
C ALA J 56 19.03 0.63 -7.74
N GLY J 57 20.09 0.77 -8.50
CA GLY J 57 21.27 1.46 -7.99
C GLY J 57 22.14 2.01 -9.10
N SER J 58 22.75 3.18 -8.88
CA SER J 58 23.52 3.81 -9.95
C SER J 58 24.95 4.04 -9.55
N GLU J 59 25.83 4.25 -10.53
CA GLU J 59 27.19 4.79 -10.31
C GLU J 59 27.60 5.68 -11.44
N ARG J 60 28.75 6.32 -11.29
CA ARG J 60 29.31 7.13 -12.36
C ARG J 60 29.46 6.25 -13.62
N PRO J 61 29.09 6.76 -14.81
CA PRO J 61 29.27 5.99 -16.02
C PRO J 61 30.67 5.33 -16.20
N GLU J 62 31.72 6.02 -15.80
CA GLU J 62 33.04 5.46 -15.93
C GLU J 62 33.44 4.52 -14.80
N SER J 63 32.54 4.30 -13.86
CA SER J 63 32.84 3.52 -12.67
C SER J 63 33.17 2.05 -12.93
N SER J 64 34.17 1.59 -12.21
CA SER J 64 34.52 0.17 -12.15
C SER J 64 33.35 -0.79 -11.75
N LEU J 65 32.39 -0.33 -10.93
CA LEU J 65 31.37 -1.19 -10.31
C LEU J 65 30.03 -1.22 -11.08
N VAL J 66 29.97 -0.66 -12.28
CA VAL J 66 28.80 -0.78 -13.15
C VAL J 66 28.70 -2.22 -13.65
N GLY J 67 27.47 -2.73 -13.77
CA GLY J 67 27.22 -4.11 -14.19
C GLY J 67 27.20 -5.12 -13.03
N VAL J 68 27.62 -4.71 -11.84
CA VAL J 68 27.81 -5.63 -10.70
C VAL J 68 26.52 -5.68 -9.90
N ASP J 69 26.26 -6.81 -9.26
CA ASP J 69 25.05 -7.00 -8.44
C ASP J 69 25.14 -6.22 -7.10
N LEU J 70 24.07 -5.55 -6.70
CA LEU J 70 24.07 -4.75 -5.46
C LEU J 70 24.40 -5.54 -4.19
N GLY J 71 24.05 -6.81 -4.19
CA GLY J 71 24.45 -7.73 -3.12
C GLY J 71 25.95 -7.96 -3.06
N GLU J 72 26.60 -8.12 -4.21
CA GLU J 72 28.07 -8.27 -4.28
C GLU J 72 28.79 -7.03 -3.69
N LEU J 73 28.14 -5.87 -3.69
CA LEU J 73 28.73 -4.70 -3.07
C LEU J 73 28.84 -5.03 -1.61
N CYS J 74 27.77 -5.61 -1.08
CA CYS J 74 27.71 -5.96 0.34
C CYS J 74 28.00 -7.41 0.72
N GLY J 75 28.11 -8.28 -0.28
CA GLY J 75 28.39 -9.67 0.01
C GLY J 75 27.35 -10.21 0.96
N GLU J 76 26.12 -9.74 0.80
CA GLU J 76 25.01 -10.17 1.65
C GLU J 76 24.17 -11.19 0.90
N GLY J 77 24.64 -11.60 -0.27
CA GLY J 77 23.93 -12.52 -1.11
C GLY J 77 23.63 -11.70 -2.35
N LYS J 78 23.13 -12.32 -3.40
CA LYS J 78 22.87 -11.57 -4.61
C LYS J 78 21.42 -11.24 -4.80
N PHE J 79 21.13 -9.95 -4.87
CA PHE J 79 19.74 -9.50 -5.10
C PHE J 79 19.60 -9.67 -6.59
N ASP J 80 18.44 -9.41 -7.16
CA ASP J 80 18.33 -9.57 -8.61
C ASP J 80 18.59 -8.28 -9.36
N VAL J 81 19.36 -7.37 -8.76
CA VAL J 81 19.56 -6.01 -9.31
C VAL J 81 21.05 -5.66 -9.56
N VAL J 82 21.29 -4.97 -10.68
CA VAL J 82 22.63 -4.51 -11.08
C VAL J 82 22.79 -3.00 -10.97
N VAL J 83 24.03 -2.58 -10.67
CA VAL J 83 24.41 -1.19 -10.70
C VAL J 83 24.35 -0.68 -12.17
N CYS J 84 23.48 0.30 -12.40
CA CYS J 84 23.32 0.93 -13.67
C CYS J 84 24.20 2.16 -13.80
N ASP J 85 24.54 2.52 -15.03
CA ASP J 85 25.30 3.76 -15.30
C ASP J 85 24.36 4.98 -15.45
N ASP J 86 23.06 4.74 -15.45
CA ASP J 86 22.06 5.78 -15.64
C ASP J 86 20.74 5.25 -15.13
N LEU J 87 20.13 5.98 -14.21
CA LEU J 87 18.87 5.56 -13.60
C LEU J 87 17.67 5.65 -14.55
N ALA J 88 17.76 6.47 -15.59
CA ALA J 88 16.72 6.54 -16.63
C ALA J 88 16.40 5.16 -17.27
N LYS J 89 17.42 4.33 -17.43
CA LYS J 89 17.31 2.94 -17.89
C LYS J 89 16.47 2.01 -17.04
N GLN J 90 16.31 2.36 -15.76
CA GLN J 90 15.61 1.52 -14.77
C GLN J 90 14.38 2.21 -14.16
N ILE J 91 13.90 3.30 -14.78
CA ILE J 91 12.80 4.13 -14.20
C ILE J 91 11.52 3.39 -13.85
N ASP J 92 11.24 2.27 -14.52
CA ASP J 92 10.06 1.45 -14.20
C ASP J 92 10.19 0.59 -12.96
N GLN J 93 11.41 0.27 -12.56
CA GLN J 93 11.69 -0.48 -11.30
C GLN J 93 11.58 0.27 -9.96
N PHE J 94 11.50 1.62 -9.96
CA PHE J 94 11.52 2.38 -8.65
C PHE J 94 10.58 3.57 -8.55
N ASP J 95 10.28 3.93 -7.30
CA ASP J 95 9.41 5.06 -6.93
C ASP J 95 10.16 6.29 -6.38
N VAL J 96 11.23 6.04 -5.64
CA VAL J 96 11.96 7.05 -4.90
C VAL J 96 13.44 6.85 -5.08
N ILE J 97 14.13 7.92 -5.44
CA ILE J 97 15.58 7.93 -5.44
C ILE J 97 16.12 8.47 -4.12
N ILE J 98 17.08 7.77 -3.52
CA ILE J 98 17.85 8.30 -2.39
C ILE J 98 19.20 8.71 -2.90
N ASP J 99 19.47 10.02 -2.88
CA ASP J 99 20.66 10.62 -3.54
C ASP J 99 21.65 11.34 -2.63
N PHE J 100 22.79 10.70 -2.41
CA PHE J 100 23.84 11.22 -1.57
C PHE J 100 25.06 11.11 -2.46
N THR J 101 25.15 11.96 -3.46
CA THR J 101 26.28 11.89 -4.37
C THR J 101 27.09 13.16 -4.54
N ALA J 102 26.73 13.96 -5.52
CA ALA J 102 27.42 15.21 -5.82
C ALA J 102 26.35 16.16 -6.30
N PRO J 103 26.60 17.46 -6.25
CA PRO J 103 25.53 18.38 -6.68
C PRO J 103 25.06 18.21 -8.11
N ALA J 104 25.99 18.09 -9.05
CA ALA J 104 25.63 17.94 -10.48
C ALA J 104 24.79 16.69 -10.76
N SER J 105 25.30 15.53 -10.33
CA SER J 105 24.56 14.26 -10.43
C SER J 105 23.11 14.37 -9.82
N THR J 106 22.98 15.08 -8.71
CA THR J 106 21.72 15.20 -7.98
C THR J 106 20.73 16.07 -8.74
N LEU J 107 21.21 17.15 -9.31
CA LEU J 107 20.38 17.94 -10.19
C LEU J 107 19.86 17.12 -11.37
N ASN J 108 20.69 16.24 -11.93
CA ASN J 108 20.23 15.28 -12.96
C ASN J 108 19.12 14.37 -12.52
N ASN J 109 19.30 13.72 -11.37
CA ASN J 109 18.28 12.86 -10.80
C ASN J 109 17.03 13.61 -10.43
N LEU J 110 17.19 14.89 -10.15
CA LEU J 110 16.05 15.75 -9.86
C LEU J 110 15.21 15.99 -11.12
N ALA J 111 15.91 16.23 -12.21
CA ALA J 111 15.29 16.39 -13.55
C ALA J 111 14.55 15.12 -14.00
N LEU J 112 15.23 13.98 -13.83
CA LEU J 112 14.68 12.64 -14.02
C LEU J 112 13.39 12.42 -13.25
N CYS J 113 13.34 12.96 -12.03
CA CYS J 113 12.16 12.84 -11.22
C CYS J 113 11.02 13.64 -11.76
N GLN J 114 11.35 14.84 -12.24
CA GLN J 114 10.36 15.69 -12.86
C GLN J 114 9.77 15.09 -14.16
N GLN J 115 10.66 14.61 -15.03
CA GLN J 115 10.25 13.98 -16.28
C GLN J 115 9.35 12.76 -16.14
N TYR J 116 9.63 11.90 -15.18
CA TYR J 116 8.94 10.58 -15.04
C TYR J 116 8.09 10.41 -13.77
N GLY J 117 7.77 11.51 -13.07
CA GLY J 117 6.90 11.51 -11.88
C GLY J 117 7.44 10.68 -10.75
N LYS J 118 8.73 10.84 -10.44
CA LYS J 118 9.33 10.17 -9.29
C LYS J 118 9.60 11.14 -8.16
N SER J 119 9.91 10.58 -6.99
CA SER J 119 10.32 11.31 -5.84
C SER J 119 11.81 11.16 -5.55
N ILE J 120 12.34 12.09 -4.76
CA ILE J 120 13.72 12.06 -4.36
C ILE J 120 14.01 12.53 -2.92
N VAL J 121 14.85 11.76 -2.26
CA VAL J 121 15.41 12.09 -0.96
C VAL J 121 16.85 12.53 -1.23
N ILE J 122 17.16 13.78 -0.93
CA ILE J 122 18.50 14.29 -1.16
C ILE J 122 19.31 14.44 0.08
N GLY J 123 20.49 13.83 0.10
CA GLY J 123 21.38 13.94 1.23
C GLY J 123 22.65 14.67 0.86
N THR J 124 22.78 14.95 -0.41
CA THR J 124 23.94 15.62 -0.96
C THR J 124 24.09 17.02 -0.39
N THR J 125 25.32 17.41 -0.15
CA THR J 125 25.60 18.74 0.39
C THR J 125 26.63 19.42 -0.52
N GLY J 126 26.85 20.69 -0.27
CA GLY J 126 27.75 21.50 -1.06
C GLY J 126 27.12 22.22 -2.25
N PHE J 127 25.79 22.34 -2.29
CA PHE J 127 25.10 23.09 -3.33
C PHE J 127 25.38 24.57 -3.24
N THR J 128 25.55 25.23 -4.38
CA THR J 128 25.54 26.71 -4.43
C THR J 128 24.15 27.31 -4.15
N GLU J 129 24.14 28.61 -3.91
CA GLU J 129 22.89 29.38 -3.63
C GLU J 129 21.92 29.23 -4.80
N GLU J 130 22.44 29.28 -6.02
CA GLU J 130 21.57 29.18 -7.23
C GLU J 130 21.04 27.77 -7.45
N GLN J 131 21.89 26.76 -7.21
CA GLN J 131 21.49 25.36 -7.27
C GLN J 131 20.39 25.05 -6.24
N ARG J 132 20.47 25.62 -5.04
CA ARG J 132 19.40 25.42 -4.06
C ARG J 132 18.09 26.03 -4.54
N GLU J 133 18.17 27.16 -5.26
CA GLU J 133 16.96 27.84 -5.78
C GLU J 133 16.28 26.99 -6.81
N GLN J 134 17.10 26.35 -7.62
CA GLN J 134 16.56 25.44 -8.59
C GLN J 134 15.85 24.29 -7.90
N ILE J 135 16.42 23.78 -6.81
CA ILE J 135 15.82 22.65 -6.14
C ILE J 135 14.47 23.04 -5.63
N ASP J 136 14.34 24.24 -5.06
CA ASP J 136 13.01 24.77 -4.60
C ASP J 136 11.98 24.82 -5.72
N LEU J 137 12.44 25.23 -6.90
CA LEU J 137 11.61 25.29 -8.08
C LEU J 137 11.06 23.93 -8.49
N VAL J 138 11.96 22.98 -8.73
CA VAL J 138 11.57 21.59 -9.09
C VAL J 138 10.66 20.97 -8.00
N ALA J 139 10.90 21.36 -6.75
CA ALA J 139 10.09 20.90 -5.61
C ALA J 139 8.62 21.39 -5.59
N GLN J 140 8.27 22.38 -6.41
CA GLN J 140 6.85 22.71 -6.66
C GLN J 140 6.08 21.63 -7.42
N GLN J 141 6.80 20.90 -8.28
CA GLN J 141 6.25 19.80 -9.08
C GLN J 141 6.60 18.37 -8.63
N VAL J 142 7.67 18.21 -7.86
CA VAL J 142 8.19 16.90 -7.50
C VAL J 142 8.16 16.78 -5.97
N PRO J 143 7.81 15.60 -5.43
CA PRO J 143 7.95 15.42 -3.98
C PRO J 143 9.42 15.22 -3.59
N VAL J 144 9.95 16.16 -2.81
CA VAL J 144 11.37 16.22 -2.48
C VAL J 144 11.60 16.31 -0.96
N VAL J 145 12.38 15.36 -0.43
CA VAL J 145 12.91 15.52 0.91
C VAL J 145 14.37 15.92 0.80
N MET J 146 14.71 17.00 1.49
CA MET J 146 16.05 17.48 1.55
C MET J 146 16.44 17.98 2.94
N ALA J 147 17.61 17.53 3.38
CA ALA J 147 18.14 17.88 4.66
C ALA J 147 19.63 17.70 4.63
N PRO J 148 20.34 18.53 5.35
CA PRO J 148 21.79 18.26 5.49
C PRO J 148 22.14 17.11 6.45
N ASN J 149 21.17 16.65 7.22
CA ASN J 149 21.47 15.58 8.17
C ASN J 149 20.24 14.76 8.43
N TYR J 150 20.35 13.46 8.22
CA TYR J 150 19.22 12.57 8.37
C TYR J 150 19.09 11.88 9.75
N SER J 151 19.93 12.24 10.69
CA SER J 151 19.87 11.71 12.02
C SER J 151 18.79 12.43 12.85
N VAL J 152 18.25 11.74 13.83
CA VAL J 152 17.30 12.39 14.77
C VAL J 152 17.93 13.49 15.66
N GLY J 153 19.10 13.20 16.15
CA GLY J 153 19.74 14.14 17.03
C GLY J 153 19.90 15.50 16.46
N VAL J 154 20.34 15.54 15.22
CA VAL J 154 20.62 16.82 14.60
C VAL J 154 19.39 17.67 14.47
N ASN J 155 18.31 17.02 14.12
CA ASN J 155 17.08 17.73 13.96
C ASN J 155 16.62 18.32 15.28
N LEU J 156 16.83 17.58 16.36
CA LEU J 156 16.50 18.09 17.68
C LEU J 156 17.40 19.27 17.96
N VAL J 157 18.67 19.14 17.63
CA VAL J 157 19.63 20.22 17.83
C VAL J 157 19.17 21.49 17.12
N PHE J 158 18.65 21.38 15.90
CA PHE J 158 18.16 22.59 15.23
C PHE J 158 17.11 23.32 16.11
N LYS J 159 16.23 22.57 16.71
CA LYS J 159 15.21 23.14 17.56
C LYS J 159 15.78 23.78 18.78
N LEU J 160 16.76 23.13 19.34
CA LEU J 160 17.45 23.68 20.52
C LEU J 160 18.19 24.94 20.20
N LEU J 161 18.80 24.98 19.02
CA LEU J 161 19.51 26.18 18.58
C LEU J 161 18.57 27.40 18.42
N GLU J 162 17.37 27.18 17.92
CA GLU J 162 16.38 28.21 17.86
C GLU J 162 16.06 28.78 19.21
N LYS J 163 15.82 27.92 20.21
CA LYS J 163 15.48 28.40 21.58
C LYS J 163 16.67 29.17 22.14
N ALA J 164 17.89 28.69 21.92
CA ALA J 164 19.08 29.36 22.44
C ALA J 164 19.30 30.72 21.74
N ALA J 165 19.13 30.74 20.45
CA ALA J 165 19.27 31.99 19.73
C ALA J 165 18.22 33.09 20.15
N LYS J 166 16.98 32.71 20.36
CA LYS J 166 15.96 33.63 20.85
C LYS J 166 16.31 34.24 22.18
N VAL J 167 16.92 33.48 23.06
CA VAL J 167 17.25 33.99 24.39
C VAL J 167 18.59 34.69 24.47
N MET J 168 19.61 34.16 23.82
CA MET J 168 20.99 34.65 24.00
C MET J 168 21.61 35.29 22.76
N GLY J 169 21.05 35.03 21.58
CA GLY J 169 21.67 35.45 20.30
C GLY J 169 21.97 36.93 20.14
N ASP J 170 21.08 37.78 20.69
CA ASP J 170 21.23 39.24 20.58
C ASP J 170 22.47 39.78 21.27
N TYR J 171 22.82 39.23 22.41
CA TYR J 171 23.95 39.72 23.14
C TYR J 171 25.17 38.81 23.13
N CYS J 172 25.13 37.70 22.42
CA CYS J 172 26.29 36.82 22.42
C CYS J 172 26.94 36.52 21.09
N ASP J 173 28.23 36.23 21.14
CA ASP J 173 28.97 35.80 19.98
C ASP J 173 28.63 34.35 19.66
N ILE J 174 28.31 34.08 18.39
CA ILE J 174 27.87 32.79 17.93
C ILE J 174 28.89 32.16 16.99
N GLU J 175 29.32 30.96 17.33
CA GLU J 175 30.34 30.27 16.57
C GLU J 175 29.91 28.84 16.36
N ILE J 176 30.18 28.32 15.16
CA ILE J 176 29.95 26.96 14.83
C ILE J 176 31.27 26.26 14.47
N VAL J 177 31.44 25.07 15.01
CA VAL J 177 32.63 24.29 14.82
C VAL J 177 32.17 22.92 14.38
N GLU J 178 32.80 22.39 13.36
CA GLU J 178 32.49 21.03 12.89
C GLU J 178 33.74 20.27 12.53
N ALA J 179 33.68 18.97 12.71
CA ALA J 179 34.78 18.05 12.32
C ALA J 179 34.24 16.87 11.52
N HIS J 180 34.96 16.53 10.47
CA HIS J 180 34.70 15.35 9.67
C HIS J 180 35.98 14.67 9.20
N HIS J 181 35.81 13.43 8.75
CA HIS J 181 36.83 12.64 8.16
C HIS J 181 37.57 13.34 6.99
N ARG J 182 38.77 12.84 6.72
CA ARG J 182 39.62 13.43 5.67
C ARG J 182 39.07 13.50 4.25
N HIS J 183 38.23 12.56 3.87
CA HIS J 183 37.63 12.50 2.53
C HIS J 183 36.53 13.52 2.23
N LYS J 184 36.05 14.25 3.20
CA LYS J 184 34.94 15.12 2.92
C LYS J 184 35.40 16.29 2.06
N VAL J 185 34.71 16.44 0.93
CA VAL J 185 35.14 17.46 -0.06
C VAL J 185 34.62 18.90 0.15
N ASP J 186 33.54 19.07 0.89
CA ASP J 186 32.95 20.40 1.07
C ASP J 186 33.18 20.96 2.50
N ALA J 187 33.28 22.28 2.61
CA ALA J 187 33.48 22.93 3.91
C ALA J 187 32.78 24.30 3.91
N PRO J 188 32.07 24.65 4.96
CA PRO J 188 31.87 23.78 6.10
C PRO J 188 30.84 22.77 5.67
N SER J 189 30.53 21.87 6.58
CA SER J 189 29.50 20.88 6.34
C SER J 189 28.15 21.50 6.06
N GLY J 190 27.32 20.74 5.40
CA GLY J 190 25.91 21.15 5.16
C GLY J 190 25.14 21.33 6.46
N THR J 191 25.40 20.43 7.40
CA THR J 191 24.82 20.48 8.73
C THR J 191 25.25 21.75 9.48
N ALA J 192 26.50 22.15 9.31
CA ALA J 192 26.96 23.40 9.93
C ALA J 192 26.23 24.61 9.35
N ILE J 193 26.04 24.61 8.04
CA ILE J 193 25.26 25.66 7.40
C ILE J 193 23.85 25.66 7.90
N GLY J 194 23.25 24.49 7.97
CA GLY J 194 21.95 24.38 8.51
C GLY J 194 21.80 24.91 9.91
N MET J 195 22.80 24.65 10.73
CA MET J 195 22.81 25.18 12.11
C MET J 195 22.82 26.70 12.06
N GLY J 196 23.63 27.23 11.16
CA GLY J 196 23.70 28.67 10.99
C GLY J 196 22.34 29.23 10.56
N GLU J 197 21.70 28.53 9.63
CA GLU J 197 20.45 29.00 9.03
C GLU J 197 19.37 29.01 10.09
N ALA J 198 19.34 27.94 10.88
CA ALA J 198 18.39 27.90 11.96
C ALA J 198 18.59 29.06 12.98
N ILE J 199 19.85 29.31 13.34
CA ILE J 199 20.16 30.35 14.29
C ILE J 199 19.73 31.71 13.68
N ALA J 200 20.25 32.00 12.50
CA ALA J 200 20.00 33.26 11.86
C ALA J 200 18.50 33.51 11.69
N GLY J 201 17.83 32.50 11.16
CA GLY J 201 16.39 32.54 10.98
C GLY J 201 15.63 32.86 12.25
N ALA J 202 15.98 32.22 13.35
CA ALA J 202 15.26 32.52 14.58
C ALA J 202 15.48 33.95 15.13
N MET J 203 16.57 34.57 14.70
CA MET J 203 16.89 35.96 15.06
C MET J 203 16.41 36.96 14.00
N GLY J 204 15.67 36.49 13.00
CA GLY J 204 15.22 37.32 11.88
C GLY J 204 16.27 37.78 10.89
N ASN J 205 17.37 37.06 10.76
CA ASN J 205 18.46 37.42 9.80
C ASN J 205 18.64 36.39 8.70
N LYS J 206 19.45 36.73 7.69
CA LYS J 206 19.84 35.80 6.62
C LYS J 206 21.30 35.42 6.90
N LEU J 207 21.59 34.12 6.87
CA LEU J 207 22.92 33.64 7.22
C LEU J 207 24.03 34.30 6.43
N SER J 208 23.80 34.48 5.13
CA SER J 208 24.84 35.05 4.22
C SER J 208 25.19 36.48 4.59
N ASP J 209 24.30 37.19 5.29
CA ASP J 209 24.60 38.54 5.85
C ASP J 209 25.60 38.55 7.01
N VAL J 210 25.60 37.50 7.80
CA VAL J 210 26.41 37.43 9.00
C VAL J 210 27.59 36.41 8.96
N ALA J 211 27.60 35.46 8.03
CA ALA J 211 28.55 34.34 8.13
C ALA J 211 29.97 34.76 7.83
N VAL J 212 30.92 34.23 8.59
CA VAL J 212 32.33 34.41 8.35
C VAL J 212 32.91 33.01 8.26
N TYR J 213 33.43 32.66 7.09
CA TYR J 213 33.89 31.27 6.84
C TYR J 213 35.39 31.07 6.96
N ALA J 214 36.16 32.14 7.12
CA ALA J 214 37.59 31.96 7.21
C ALA J 214 38.15 33.10 8.00
N ARG J 215 39.14 32.78 8.81
CA ARG J 215 39.83 33.78 9.56
C ARG J 215 41.31 33.57 9.41
N GLU J 216 41.96 34.53 8.78
CA GLU J 216 43.32 34.37 8.41
C GLU J 216 44.01 35.72 8.52
N GLY J 217 45.21 35.72 9.08
CA GLY J 217 45.99 36.93 9.24
C GLY J 217 45.31 37.91 10.17
N ILE J 218 45.43 39.20 9.86
CA ILE J 218 44.92 40.28 10.69
C ILE J 218 43.46 40.47 10.30
N THR J 219 42.57 39.94 11.10
CA THR J 219 41.14 40.04 10.82
C THR J 219 40.53 41.30 11.46
N GLY J 220 41.27 41.94 12.37
CA GLY J 220 40.70 42.93 13.27
C GLY J 220 39.79 42.29 14.30
N GLU J 221 39.19 43.13 15.14
CA GLU J 221 38.23 42.69 16.15
C GLU J 221 37.00 42.07 15.50
N ARG J 222 36.45 41.08 16.17
CA ARG J 222 35.24 40.38 15.74
C ARG J 222 34.07 41.42 15.67
N THR J 223 33.21 41.30 14.67
CA THR J 223 31.98 42.06 14.67
C THR J 223 30.99 41.44 15.63
N LYS J 224 29.98 42.20 16.01
CA LYS J 224 28.99 41.74 16.98
C LYS J 224 28.08 40.65 16.42
N ASP J 225 27.75 40.77 15.13
CA ASP J 225 26.66 39.99 14.50
C ASP J 225 27.12 38.71 13.81
N GLU J 226 28.45 38.59 13.56
CA GLU J 226 28.96 37.53 12.78
C GLU J 226 28.74 36.16 13.43
N ILE J 227 28.54 35.19 12.55
CA ILE J 227 28.50 33.81 12.91
C ILE J 227 29.74 33.16 12.27
N GLY J 228 30.72 32.87 13.09
CA GLY J 228 32.01 32.27 12.63
C GLY J 228 31.94 30.75 12.43
N PHE J 229 32.58 30.26 11.39
CA PHE J 229 32.59 28.84 11.13
C PHE J 229 34.03 28.39 11.17
N ALA J 230 34.27 27.34 11.94
CA ALA J 230 35.56 26.64 11.94
C ALA J 230 35.42 25.14 11.54
N THR J 231 36.37 24.62 10.77
CA THR J 231 36.25 23.40 10.14
C THR J 231 37.48 22.58 10.41
N ILE J 232 37.27 21.35 10.87
CA ILE J 232 38.34 20.34 11.06
C ILE J 232 38.14 19.17 10.11
N ARG J 233 39.22 18.74 9.46
CA ARG J 233 39.17 17.59 8.60
C ARG J 233 40.25 16.63 9.01
N ALA J 234 39.85 15.46 9.45
CA ALA J 234 40.84 14.51 9.99
C ALA J 234 40.29 13.13 10.14
N GLY J 235 41.14 12.15 9.88
CA GLY J 235 40.84 10.76 10.07
C GLY J 235 39.60 10.17 9.47
N ASP J 236 38.93 9.39 10.30
CA ASP J 236 37.71 8.70 9.93
C ASP J 236 36.50 9.22 10.67
N ILE J 237 36.59 10.44 11.19
CA ILE J 237 35.50 11.01 11.97
C ILE J 237 34.23 11.06 11.18
N VAL J 238 33.18 10.51 11.75
CA VAL J 238 31.88 10.48 11.09
C VAL J 238 31.19 11.85 11.08
N GLY J 239 31.39 12.63 12.13
CA GLY J 239 30.76 13.94 12.20
C GLY J 239 30.50 14.47 13.59
N GLU J 240 31.17 15.57 13.97
CA GLU J 240 30.89 16.34 15.19
C GLU J 240 30.50 17.73 14.79
N HIS J 241 29.46 18.27 15.42
CA HIS J 241 29.10 19.67 15.33
C HIS J 241 28.85 20.31 16.66
N THR J 242 29.26 21.56 16.79
CA THR J 242 29.05 22.33 18.02
C THR J 242 28.65 23.72 17.69
N ALA J 243 27.58 24.20 18.28
CA ALA J 243 27.26 25.62 18.20
C ALA J 243 27.54 26.17 19.56
N MET J 244 28.25 27.29 19.61
CA MET J 244 28.62 27.96 20.86
C MET J 244 27.91 29.33 20.89
N PHE J 245 27.36 29.67 22.04
CA PHE J 245 26.85 31.02 22.32
C PHE J 245 27.61 31.61 23.50
N ALA J 246 28.42 32.61 23.26
CA ALA J 246 29.38 33.10 24.25
C ALA J 246 29.09 34.50 24.65
N ASP J 247 28.96 34.68 25.93
CA ASP J 247 28.88 35.99 26.54
C ASP J 247 30.21 36.30 27.28
N ILE J 248 30.23 37.42 28.02
CA ILE J 248 31.30 37.73 28.95
C ILE J 248 31.01 37.00 30.25
N GLY J 249 31.83 36.00 30.58
CA GLY J 249 31.70 35.27 31.83
C GLY J 249 31.03 33.90 31.75
N GLU J 250 30.36 33.61 30.64
CA GLU J 250 29.69 32.32 30.51
C GLU J 250 29.44 32.00 29.06
N ARG J 251 29.32 30.71 28.79
CA ARG J 251 29.06 30.29 27.47
C ARG J 251 28.25 29.04 27.45
N VAL J 252 27.42 28.90 26.43
CA VAL J 252 26.59 27.69 26.24
C VAL J 252 26.99 27.01 24.94
N GLU J 253 27.20 25.70 25.01
CA GLU J 253 27.56 24.90 23.86
C GLU J 253 26.58 23.78 23.62
N ILE J 254 26.13 23.61 22.40
CA ILE J 254 25.18 22.51 22.01
C ILE J 254 25.86 21.69 20.91
N THR J 255 26.05 20.44 21.16
CA THR J 255 26.97 19.58 20.41
C THR J 255 26.28 18.29 19.96
N HIS J 256 26.53 17.87 18.74
CA HIS J 256 26.02 16.59 18.21
C HIS J 256 27.21 15.79 17.75
N LYS J 257 27.24 14.51 18.06
CA LYS J 257 28.27 13.57 17.52
C LYS J 257 27.62 12.35 16.87
N ALA J 258 27.90 12.10 15.60
CA ALA J 258 27.47 10.90 14.94
C ALA J 258 28.62 9.92 15.01
N THR J 259 28.35 8.66 15.31
CA THR J 259 29.41 7.66 15.32
C THR J 259 29.34 6.58 14.29
N ASP J 260 28.21 6.49 13.60
CA ASP J 260 28.00 5.48 12.59
C ASP J 260 27.20 6.08 11.46
N ARG J 261 27.59 5.86 10.22
CA ARG J 261 26.82 6.38 9.10
C ARG J 261 25.43 5.77 8.98
N MET J 262 25.23 4.60 9.58
CA MET J 262 23.96 3.89 9.44
C MET J 262 22.87 4.76 10.04
N THR J 263 23.26 5.60 10.98
CA THR J 263 22.34 6.58 11.58
C THR J 263 21.65 7.44 10.48
N PHE J 264 22.47 7.87 9.51
CA PHE J 264 22.06 8.73 8.44
C PHE J 264 21.27 7.91 7.41
N ALA J 265 21.79 6.74 7.11
CA ALA J 265 21.17 5.90 6.13
C ALA J 265 19.77 5.50 6.58
N ASN J 266 19.65 5.03 7.82
CA ASN J 266 18.34 4.60 8.35
C ASN J 266 17.40 5.76 8.25
N GLY J 267 17.86 6.97 8.55
CA GLY J 267 16.95 8.09 8.55
C GLY J 267 16.49 8.46 7.16
N ALA J 268 17.36 8.22 6.18
CA ALA J 268 17.08 8.56 4.82
C ALA J 268 16.06 7.63 4.23
N VAL J 269 16.22 6.36 4.54
CA VAL J 269 15.25 5.32 4.15
C VAL J 269 13.89 5.55 4.81
N LYS J 270 13.89 5.91 6.09
CA LYS J 270 12.67 6.37 6.74
C LYS J 270 12.02 7.53 5.95
N ALA J 271 12.84 8.48 5.51
CA ALA J 271 12.34 9.63 4.76
C ALA J 271 11.73 9.19 3.47
N ALA J 272 12.38 8.22 2.82
CA ALA J 272 11.87 7.63 1.56
C ALA J 272 10.50 6.97 1.70
N VAL J 273 10.36 6.18 2.76
CA VAL J 273 9.09 5.51 3.11
C VAL J 273 7.99 6.52 3.35
N TRP J 274 8.28 7.54 4.13
CA TRP J 274 7.34 8.64 4.41
C TRP J 274 6.95 9.38 3.15
N LEU J 275 7.93 9.60 2.30
CA LEU J 275 7.74 10.42 1.11
C LEU J 275 6.87 9.75 0.07
N HIS J 276 6.86 8.42 0.07
CA HIS J 276 6.11 7.68 -0.93
C HIS J 276 4.61 8.06 -0.91
N GLU J 277 4.10 8.34 -2.10
CA GLU J 277 2.73 8.83 -2.30
C GLU J 277 2.40 10.07 -1.45
N LYS J 278 3.36 10.97 -1.35
CA LYS J 278 3.12 12.28 -0.81
C LYS J 278 2.95 13.16 -2.02
N PRO J 279 2.20 14.23 -1.89
CA PRO J 279 2.05 15.20 -2.96
C PRO J 279 3.35 15.99 -3.07
N ALA J 280 3.59 16.63 -4.21
CA ALA J 280 4.82 17.39 -4.43
C ALA J 280 5.03 18.56 -3.49
N GLY J 281 6.28 18.76 -3.08
CA GLY J 281 6.65 19.86 -2.21
C GLY J 281 8.08 19.74 -1.68
N PHE J 282 8.54 20.76 -0.97
CA PHE J 282 9.87 20.74 -0.37
C PHE J 282 9.71 20.32 1.06
N TYR J 283 10.09 19.09 1.36
CA TYR J 283 10.01 18.58 2.73
C TYR J 283 11.42 18.39 3.37
N THR J 284 11.47 18.51 4.69
CA THR J 284 12.71 18.42 5.48
C THR J 284 12.54 17.28 6.47
N MET J 285 13.56 16.96 7.22
CA MET J 285 13.40 15.90 8.20
C MET J 285 12.44 16.26 9.28
N THR J 286 12.34 17.56 9.56
CA THR J 286 11.37 18.09 10.53
C THR J 286 9.98 17.60 10.16
N ASP J 287 9.67 17.62 8.88
CA ASP J 287 8.39 17.15 8.41
C ASP J 287 8.24 15.63 8.56
N VAL J 288 9.24 14.90 8.06
CA VAL J 288 9.29 13.42 8.13
C VAL J 288 9.08 12.91 9.58
N LEU J 289 9.75 13.58 10.52
CA LEU J 289 9.71 13.27 11.95
C LEU J 289 8.62 13.99 12.72
N GLY J 290 8.16 15.13 12.22
CA GLY J 290 7.13 15.90 12.88
C GLY J 290 7.60 16.85 13.96
N LEU J 291 8.90 17.05 14.07
CA LEU J 291 9.47 17.95 15.07
C LEU J 291 8.69 19.27 15.14
N MET K 26 54.25 -19.60 11.76
CA MET K 26 53.04 -18.72 11.76
C MET K 26 52.23 -19.01 13.05
N VAL K 27 51.87 -17.99 13.81
CA VAL K 27 51.19 -18.19 15.09
C VAL K 27 49.75 -18.67 15.06
N ARG K 28 49.48 -19.68 15.87
CA ARG K 28 48.15 -20.26 16.00
C ARG K 28 47.56 -19.57 17.20
N ILE K 29 46.35 -19.04 17.02
CA ILE K 29 45.71 -18.23 18.07
C ILE K 29 44.44 -18.91 18.53
N ALA K 30 44.28 -19.04 19.83
CA ALA K 30 42.98 -19.32 20.41
C ALA K 30 42.34 -18.04 20.94
N VAL K 31 41.09 -17.77 20.52
CA VAL K 31 40.35 -16.58 20.95
C VAL K 31 39.39 -17.02 22.04
N ALA K 32 39.72 -16.72 23.30
CA ALA K 32 38.78 -16.90 24.39
C ALA K 32 37.58 -15.91 24.25
N GLY K 33 36.40 -16.41 24.53
CA GLY K 33 35.15 -15.64 24.51
C GLY K 33 34.84 -15.10 23.13
N ALA K 34 34.79 -15.99 22.14
CA ALA K 34 34.78 -15.57 20.75
C ALA K 34 33.48 -14.85 20.30
N ALA K 35 32.39 -15.05 21.02
CA ALA K 35 31.12 -14.39 20.71
C ALA K 35 30.99 -12.98 21.29
N GLY K 36 31.91 -12.62 22.17
CA GLY K 36 31.94 -11.30 22.76
C GLY K 36 32.21 -10.16 21.77
N ARG K 37 32.05 -8.95 22.28
CA ARG K 37 32.38 -7.73 21.54
C ARG K 37 33.80 -7.69 21.03
N MET K 38 34.73 -7.94 21.94
CA MET K 38 36.14 -8.10 21.55
C MET K 38 36.41 -9.41 20.82
N GLY K 39 35.87 -10.52 21.33
CA GLY K 39 36.05 -11.82 20.70
C GLY K 39 35.77 -11.81 19.21
N ARG K 40 34.62 -11.28 18.81
CA ARG K 40 34.26 -11.14 17.37
C ARG K 40 35.28 -10.34 16.57
N ASN K 41 35.71 -9.21 17.11
CA ASN K 41 36.79 -8.41 16.49
C ASN K 41 38.17 -9.05 16.49
N LEU K 42 38.48 -9.77 17.55
CA LEU K 42 39.72 -10.56 17.61
C LEU K 42 39.81 -11.70 16.56
N VAL K 43 38.72 -12.43 16.37
CA VAL K 43 38.64 -13.41 15.33
C VAL K 43 38.89 -12.72 13.96
N LYS K 44 38.09 -11.70 13.62
CA LYS K 44 38.31 -10.89 12.38
C LYS K 44 39.77 -10.38 12.23
N ALA K 45 40.36 -9.86 13.29
CA ALA K 45 41.72 -9.33 13.22
C ALA K 45 42.76 -10.37 13.00
N ALA K 46 42.68 -11.47 13.74
CA ALA K 46 43.63 -12.59 13.62
C ALA K 46 43.56 -13.25 12.24
N HIS K 47 42.35 -13.39 11.74
CA HIS K 47 42.12 -13.92 10.40
C HIS K 47 42.83 -13.10 9.32
N HIS K 48 42.58 -11.79 9.35
CA HIS K 48 43.06 -10.79 8.38
C HIS K 48 44.60 -10.53 8.54
N ASN K 49 45.20 -10.83 9.69
CA ASN K 49 46.66 -10.79 9.81
C ASN K 49 47.24 -12.03 9.11
N PRO K 50 48.11 -11.82 8.09
CA PRO K 50 48.66 -12.95 7.35
C PRO K 50 49.77 -13.74 8.07
N VAL K 51 50.31 -13.22 9.18
CA VAL K 51 51.27 -13.98 10.04
C VAL K 51 50.55 -14.73 11.21
N ALA K 52 49.22 -14.76 11.19
CA ALA K 52 48.41 -15.41 12.23
C ALA K 52 47.21 -16.20 11.70
N LYS K 53 46.92 -17.31 12.41
CA LYS K 53 45.83 -18.25 12.06
C LYS K 53 44.90 -18.35 13.23
N VAL K 54 43.61 -18.28 12.94
CA VAL K 54 42.58 -18.54 13.92
C VAL K 54 42.50 -20.05 14.04
N ALA K 55 42.98 -20.57 15.15
CA ALA K 55 43.10 -22.02 15.38
C ALA K 55 41.98 -22.56 16.27
N ALA K 56 41.43 -21.73 17.14
CA ALA K 56 40.49 -22.17 18.16
C ALA K 56 39.70 -21.02 18.75
N GLY K 57 38.57 -21.34 19.38
CA GLY K 57 37.77 -20.33 20.02
C GLY K 57 36.88 -20.89 21.10
N SER K 58 36.66 -20.14 22.18
CA SER K 58 35.89 -20.64 23.29
C SER K 58 34.68 -19.76 23.60
N GLU K 59 33.73 -20.31 24.34
CA GLU K 59 32.68 -19.53 24.96
C GLU K 59 32.31 -20.14 26.32
N ARG K 60 31.46 -19.42 27.05
CA ARG K 60 30.90 -19.94 28.29
C ARG K 60 30.22 -21.32 28.04
N PRO K 61 30.43 -22.30 28.95
CA PRO K 61 29.81 -23.63 28.73
C PRO K 61 28.29 -23.60 28.45
N GLU K 62 27.59 -22.74 29.16
CA GLU K 62 26.15 -22.52 28.97
C GLU K 62 25.78 -21.86 27.61
N SER K 63 26.76 -21.32 26.89
CA SER K 63 26.52 -20.42 25.76
C SER K 63 25.76 -21.06 24.59
N SER K 64 24.83 -20.26 24.07
CA SER K 64 24.10 -20.55 22.82
C SER K 64 24.99 -20.85 21.59
N LEU K 65 26.19 -20.25 21.54
CA LEU K 65 27.07 -20.33 20.35
C LEU K 65 28.17 -21.43 20.37
N VAL K 66 28.11 -22.34 21.33
CA VAL K 66 29.02 -23.51 21.36
C VAL K 66 28.62 -24.44 20.23
N GLY K 67 29.60 -25.07 19.61
CA GLY K 67 29.38 -25.98 18.49
C GLY K 67 29.34 -25.30 17.12
N VAL K 68 29.32 -23.98 17.10
CA VAL K 68 29.12 -23.22 15.86
C VAL K 68 30.49 -22.87 15.26
N ASP K 69 30.55 -22.75 13.95
CA ASP K 69 31.81 -22.45 13.24
C ASP K 69 32.19 -20.98 13.43
N LEU K 70 33.47 -20.71 13.69
CA LEU K 70 33.96 -19.32 13.92
C LEU K 70 33.72 -18.34 12.76
N GLY K 71 33.70 -18.86 11.54
CA GLY K 71 33.27 -18.10 10.36
C GLY K 71 31.81 -17.69 10.37
N GLU K 72 30.91 -18.60 10.80
CA GLU K 72 29.48 -18.28 10.97
C GLU K 72 29.25 -17.12 11.97
N LEU K 73 30.15 -16.96 12.94
CA LEU K 73 30.09 -15.86 13.91
C LEU K 73 30.32 -14.51 13.26
N CYS K 74 31.31 -14.49 12.40
CA CYS K 74 31.71 -13.30 11.66
C CYS K 74 30.95 -13.11 10.35
N GLY K 75 30.36 -14.20 9.84
CA GLY K 75 29.73 -14.25 8.50
C GLY K 75 30.71 -14.60 7.38
N GLU K 76 32.02 -14.50 7.66
CA GLU K 76 33.10 -14.61 6.65
C GLU K 76 33.44 -16.04 6.15
N GLY K 77 32.55 -16.61 5.33
CA GLY K 77 32.68 -17.99 4.89
C GLY K 77 32.61 -18.96 6.05
N LYS K 78 33.29 -20.09 5.95
CA LYS K 78 33.43 -21.05 7.06
C LYS K 78 34.90 -21.48 7.24
N PHE K 79 35.44 -21.30 8.44
CA PHE K 79 36.77 -21.76 8.84
C PHE K 79 36.59 -23.23 9.24
N ASP K 80 37.64 -24.05 9.32
CA ASP K 80 37.40 -25.45 9.76
C ASP K 80 37.36 -25.60 11.28
N VAL K 81 37.00 -24.53 12.01
CA VAL K 81 37.07 -24.50 13.50
C VAL K 81 35.73 -24.18 14.19
N VAL K 82 35.47 -24.89 15.28
CA VAL K 82 34.25 -24.69 16.10
C VAL K 82 34.54 -24.02 17.44
N VAL K 83 33.55 -23.25 17.90
CA VAL K 83 33.57 -22.71 19.24
C VAL K 83 33.46 -23.89 20.26
N CYS K 84 34.51 -24.04 21.07
CA CYS K 84 34.56 -25.01 22.16
C CYS K 84 34.04 -24.45 23.50
N ASP K 85 33.56 -25.32 24.37
CA ASP K 85 33.10 -24.93 25.71
C ASP K 85 34.28 -24.92 26.69
N ASP K 86 35.44 -25.39 26.22
CA ASP K 86 36.64 -25.48 27.06
C ASP K 86 37.84 -25.54 26.12
N LEU K 87 38.81 -24.63 26.30
CA LEU K 87 40.02 -24.63 25.48
C LEU K 87 40.98 -25.82 25.74
N ALA K 88 40.92 -26.45 26.92
CA ALA K 88 41.69 -27.70 27.21
C ALA K 88 41.48 -28.83 26.17
N LYS K 89 40.25 -28.96 25.68
CA LYS K 89 39.87 -29.85 24.57
C LYS K 89 40.59 -29.62 23.23
N GLN K 90 41.12 -28.41 23.00
CA GLN K 90 41.75 -28.01 21.73
C GLN K 90 43.21 -27.58 21.89
N ILE K 91 43.83 -27.91 23.04
CA ILE K 91 45.20 -27.46 23.42
C ILE K 91 46.25 -27.71 22.34
N ASP K 92 46.07 -28.76 21.53
CA ASP K 92 47.06 -29.13 20.48
C ASP K 92 46.97 -28.26 19.21
N GLN K 93 45.82 -27.62 19.00
CA GLN K 93 45.62 -26.72 17.87
C GLN K 93 46.21 -25.31 17.99
N PHE K 94 46.63 -24.87 19.18
CA PHE K 94 47.08 -23.46 19.36
C PHE K 94 48.32 -23.27 20.21
N ASP K 95 48.96 -22.11 20.01
CA ASP K 95 50.16 -21.65 20.75
C ASP K 95 49.88 -20.55 21.78
N VAL K 96 48.97 -19.64 21.42
CA VAL K 96 48.72 -18.39 22.17
C VAL K 96 47.23 -18.18 22.32
N ILE K 97 46.82 -17.94 23.57
CA ILE K 97 45.44 -17.51 23.86
C ILE K 97 45.34 -15.99 23.91
N ILE K 98 44.38 -15.44 23.19
CA ILE K 98 44.04 -14.04 23.37
C ILE K 98 42.78 -14.00 24.19
N ASP K 99 42.89 -13.43 25.40
CA ASP K 99 41.78 -13.44 26.39
C ASP K 99 41.27 -12.08 26.80
N PHE K 100 40.07 -11.79 26.33
CA PHE K 100 39.32 -10.59 26.67
C PHE K 100 37.98 -11.13 27.13
N THR K 101 37.98 -11.71 28.32
CA THR K 101 36.78 -12.30 28.89
C THR K 101 36.36 -11.67 30.22
N ALA K 102 36.59 -12.39 31.31
CA ALA K 102 36.26 -11.96 32.66
C ALA K 102 37.41 -12.44 33.52
N PRO K 103 37.62 -11.81 34.66
CA PRO K 103 38.74 -12.25 35.51
C PRO K 103 38.83 -13.76 35.88
N ALA K 104 37.73 -14.38 36.32
CA ALA K 104 37.73 -15.82 36.66
C ALA K 104 38.13 -16.73 35.48
N SER K 105 37.45 -16.56 34.35
CA SER K 105 37.77 -17.25 33.09
C SER K 105 39.26 -17.08 32.62
N THR K 106 39.79 -15.87 32.81
CA THR K 106 41.16 -15.57 32.44
C THR K 106 42.18 -16.23 33.38
N LEU K 107 41.90 -16.25 34.67
CA LEU K 107 42.73 -17.06 35.58
C LEU K 107 42.77 -18.57 35.19
N ASN K 108 41.64 -19.13 34.76
CA ASN K 108 41.56 -20.50 34.24
C ASN K 108 42.43 -20.73 33.05
N ASN K 109 42.31 -19.86 32.06
CA ASN K 109 43.17 -19.90 30.88
C ASN K 109 44.66 -19.67 31.18
N LEU K 110 44.93 -18.88 32.21
CA LEU K 110 46.29 -18.69 32.69
C LEU K 110 46.89 -20.01 33.30
N ALA K 111 46.07 -20.72 34.10
CA ALA K 111 46.40 -22.07 34.64
C ALA K 111 46.66 -23.10 33.52
N LEU K 112 45.73 -23.14 32.55
CA LEU K 112 45.84 -23.91 31.31
C LEU K 112 47.16 -23.66 30.55
N CYS K 113 47.59 -22.41 30.53
CA CYS K 113 48.85 -22.05 29.90
C CYS K 113 50.04 -22.63 30.64
N GLN K 114 49.97 -22.59 31.96
CA GLN K 114 51.01 -23.15 32.81
C GLN K 114 51.13 -24.69 32.68
N GLN K 115 49.99 -25.36 32.73
CA GLN K 115 49.94 -26.78 32.62
C GLN K 115 50.43 -27.32 31.28
N TYR K 116 50.12 -26.64 30.19
CA TYR K 116 50.46 -27.16 28.84
C TYR K 116 51.48 -26.33 28.03
N GLY K 117 52.23 -25.47 28.71
CA GLY K 117 53.28 -24.66 28.08
C GLY K 117 52.77 -23.74 26.99
N LYS K 118 51.69 -23.02 27.24
CA LYS K 118 51.16 -22.03 26.27
C LYS K 118 51.40 -20.63 26.72
N SER K 119 51.19 -19.70 25.80
CA SER K 119 51.26 -18.26 26.06
C SER K 119 49.88 -17.62 26.05
N ILE K 120 49.81 -16.44 26.64
CA ILE K 120 48.54 -15.70 26.75
C ILE K 120 48.71 -14.18 26.64
N VAL K 121 47.81 -13.58 25.88
CA VAL K 121 47.72 -12.14 25.75
C VAL K 121 46.47 -11.78 26.54
N ILE K 122 46.62 -10.95 27.55
CA ILE K 122 45.48 -10.58 28.38
C ILE K 122 44.98 -9.17 28.19
N GLY K 123 43.71 -9.05 27.87
CA GLY K 123 43.06 -7.77 27.70
C GLY K 123 41.96 -7.52 28.70
N THR K 124 41.59 -8.56 29.44
CA THR K 124 40.54 -8.48 30.44
C THR K 124 40.93 -7.50 31.53
N THR K 125 39.96 -6.75 32.02
CA THR K 125 40.19 -5.78 33.10
C THR K 125 39.30 -6.11 34.26
N GLY K 126 39.51 -5.43 35.37
CA GLY K 126 38.68 -5.56 36.57
C GLY K 126 39.19 -6.61 37.56
N PHE K 127 40.47 -6.99 37.43
CA PHE K 127 41.12 -7.87 38.39
C PHE K 127 41.33 -7.20 39.72
N THR K 128 41.12 -7.97 40.78
CA THR K 128 41.50 -7.50 42.15
C THR K 128 43.01 -7.46 42.33
N GLU K 129 43.42 -6.77 43.39
CA GLU K 129 44.85 -6.65 43.73
C GLU K 129 45.51 -8.03 43.93
N GLU K 130 44.80 -8.98 44.58
CA GLU K 130 45.30 -10.36 44.79
C GLU K 130 45.38 -11.16 43.49
N GLN K 131 44.34 -11.04 42.65
CA GLN K 131 44.35 -11.66 41.31
C GLN K 131 45.52 -11.15 40.45
N ARG K 132 45.86 -9.87 40.54
CA ARG K 132 46.98 -9.31 39.80
C ARG K 132 48.27 -9.94 40.25
N GLU K 133 48.41 -10.13 41.55
CA GLU K 133 49.61 -10.79 42.16
C GLU K 133 49.79 -12.25 41.69
N GLN K 134 48.67 -12.98 41.68
CA GLN K 134 48.58 -14.33 41.04
C GLN K 134 49.07 -14.32 39.61
N ILE K 135 48.71 -13.29 38.83
CA ILE K 135 49.14 -13.19 37.45
C ILE K 135 50.65 -13.00 37.36
N ASP K 136 51.23 -12.11 38.19
CA ASP K 136 52.70 -11.88 38.22
C ASP K 136 53.48 -13.16 38.53
N LEU K 137 52.93 -13.95 39.46
CA LEU K 137 53.47 -15.28 39.80
C LEU K 137 53.52 -16.28 38.63
N VAL K 138 52.36 -16.56 38.05
CA VAL K 138 52.29 -17.42 36.87
C VAL K 138 53.19 -16.89 35.72
N ALA K 139 53.31 -15.56 35.61
CA ALA K 139 54.16 -14.92 34.57
C ALA K 139 55.67 -15.14 34.73
N GLN K 140 56.10 -15.64 35.89
CA GLN K 140 57.48 -16.17 36.03
C GLN K 140 57.77 -17.43 35.18
N GLN K 141 56.73 -18.25 35.01
CA GLN K 141 56.77 -19.54 34.28
C GLN K 141 56.14 -19.52 32.88
N VAL K 142 55.23 -18.57 32.64
CA VAL K 142 54.44 -18.51 31.39
C VAL K 142 54.79 -17.21 30.67
N PRO K 143 54.92 -17.25 29.33
CA PRO K 143 54.99 -15.95 28.60
C PRO K 143 53.63 -15.25 28.54
N VAL K 144 53.56 -14.07 29.16
CA VAL K 144 52.30 -13.31 29.34
C VAL K 144 52.46 -11.90 28.81
N VAL K 145 51.60 -11.52 27.87
CA VAL K 145 51.36 -10.10 27.62
C VAL K 145 50.07 -9.67 28.36
N MET K 146 50.19 -8.57 29.12
CA MET K 146 49.04 -7.92 29.81
C MET K 146 49.07 -6.41 29.82
N ALA K 147 47.93 -5.86 29.45
CA ALA K 147 47.77 -4.43 29.31
C ALA K 147 46.29 -4.07 29.43
N PRO K 148 46.01 -2.96 30.09
CA PRO K 148 44.62 -2.47 29.97
C PRO K 148 44.15 -1.90 28.60
N ASN K 149 45.08 -1.61 27.69
CA ASN K 149 44.67 -1.08 26.43
C ASN K 149 45.66 -1.54 25.40
N TYR K 150 45.14 -2.11 24.31
CA TYR K 150 46.01 -2.59 23.19
C TYR K 150 46.15 -1.62 21.98
N SER K 151 45.64 -0.42 22.10
CA SER K 151 45.83 0.60 21.08
C SER K 151 47.21 1.34 21.21
N VAL K 152 47.71 1.83 20.09
CA VAL K 152 48.97 2.55 20.11
C VAL K 152 48.85 3.92 20.82
N GLY K 153 47.79 4.63 20.53
CA GLY K 153 47.57 5.94 21.15
C GLY K 153 47.62 5.97 22.65
N VAL K 154 46.96 5.02 23.26
CA VAL K 154 46.95 4.94 24.70
C VAL K 154 48.36 4.70 25.22
N ASN K 155 49.11 3.84 24.56
CA ASN K 155 50.45 3.56 25.02
C ASN K 155 51.32 4.80 24.96
N LEU K 156 51.18 5.57 23.90
CA LEU K 156 51.85 6.88 23.83
C LEU K 156 51.39 7.78 24.97
N VAL K 157 50.07 7.85 25.18
CA VAL K 157 49.53 8.67 26.25
C VAL K 157 50.18 8.33 27.60
N PHE K 158 50.34 7.06 27.96
CA PHE K 158 51.03 6.72 29.24
C PHE K 158 52.40 7.42 29.33
N LYS K 159 53.18 7.41 28.25
CA LYS K 159 54.45 8.15 28.20
C LYS K 159 54.29 9.67 28.37
N LEU K 160 53.30 10.25 27.68
CA LEU K 160 53.02 11.67 27.81
C LEU K 160 52.61 12.05 29.24
N LEU K 161 51.84 11.18 29.88
CA LEU K 161 51.41 11.43 31.26
C LEU K 161 52.55 11.44 32.24
N GLU K 162 53.53 10.56 32.03
CA GLU K 162 54.75 10.56 32.85
C GLU K 162 55.49 11.91 32.74
N LYS K 163 55.69 12.42 31.51
CA LYS K 163 56.37 13.70 31.30
C LYS K 163 55.54 14.87 31.92
N ALA K 164 54.19 14.86 31.78
CA ALA K 164 53.38 15.90 32.41
C ALA K 164 53.44 15.80 33.94
N ALA K 165 53.41 14.59 34.47
CA ALA K 165 53.47 14.41 35.95
C ALA K 165 54.80 14.85 36.62
N LYS K 166 55.92 14.55 35.96
CA LYS K 166 57.23 15.05 36.36
C LYS K 166 57.31 16.58 36.40
N VAL K 167 56.69 17.29 35.45
CA VAL K 167 56.77 18.76 35.38
C VAL K 167 55.70 19.44 36.22
N MET K 168 54.48 18.94 36.20
CA MET K 168 53.31 19.64 36.84
C MET K 168 52.65 18.93 38.05
N GLY K 169 52.88 17.63 38.22
CA GLY K 169 52.21 16.80 39.21
C GLY K 169 52.30 17.29 40.63
N ASP K 170 53.45 17.86 41.00
CA ASP K 170 53.72 18.31 42.36
C ASP K 170 52.86 19.47 42.80
N TYR K 171 52.57 20.39 41.89
CA TYR K 171 51.78 21.55 42.26
C TYR K 171 50.36 21.57 41.69
N CYS K 172 49.96 20.53 40.96
CA CYS K 172 48.63 20.53 40.26
C CYS K 172 47.67 19.52 40.79
N ASP K 173 46.38 19.77 40.62
CA ASP K 173 45.38 18.78 40.89
C ASP K 173 45.29 17.88 39.68
N ILE K 174 45.27 16.56 39.93
CA ILE K 174 45.23 15.56 38.87
C ILE K 174 43.93 14.79 38.86
N GLU K 175 43.25 14.81 37.73
CA GLU K 175 41.92 14.19 37.62
C GLU K 175 41.88 13.38 36.35
N ILE K 176 41.24 12.22 36.44
CA ILE K 176 41.06 11.32 35.31
C ILE K 176 39.56 11.05 35.07
N VAL K 177 39.17 11.13 33.82
CA VAL K 177 37.77 11.07 33.42
C VAL K 177 37.70 10.12 32.27
N GLU K 178 36.77 9.20 32.32
CA GLU K 178 36.64 8.17 31.29
C GLU K 178 35.19 7.85 31.02
N ALA K 179 34.91 7.56 29.76
CA ALA K 179 33.54 7.27 29.30
C ALA K 179 33.57 6.04 28.42
N HIS K 180 32.59 5.19 28.67
CA HIS K 180 32.41 3.95 27.93
C HIS K 180 30.94 3.60 27.77
N HIS K 181 30.70 2.70 26.86
CA HIS K 181 29.40 2.17 26.55
C HIS K 181 28.64 1.54 27.74
N ARG K 182 27.33 1.47 27.61
CA ARG K 182 26.46 1.07 28.68
C ARG K 182 26.80 -0.34 29.27
N HIS K 183 27.37 -1.22 28.47
CA HIS K 183 27.58 -2.61 28.87
C HIS K 183 28.81 -2.84 29.71
N LYS K 184 29.68 -1.86 29.86
CA LYS K 184 30.90 -2.11 30.57
C LYS K 184 30.66 -2.34 32.04
N VAL K 185 31.12 -3.50 32.53
CA VAL K 185 30.81 -3.92 33.90
C VAL K 185 31.73 -3.42 35.03
N ASP K 186 32.94 -2.98 34.67
CA ASP K 186 33.91 -2.48 35.65
C ASP K 186 34.14 -0.93 35.63
N ALA K 187 34.42 -0.34 36.78
CA ALA K 187 34.64 1.08 36.88
C ALA K 187 35.60 1.42 38.00
N PRO K 188 36.48 2.41 37.80
CA PRO K 188 36.77 2.96 36.48
C PRO K 188 37.47 1.93 35.57
N SER K 189 37.69 2.33 34.32
CA SER K 189 38.25 1.43 33.34
C SER K 189 39.61 0.96 33.80
N GLY K 190 40.06 -0.14 33.21
CA GLY K 190 41.43 -0.59 33.41
C GLY K 190 42.45 0.41 32.90
N THR K 191 42.14 1.02 31.75
CA THR K 191 42.95 2.08 31.18
C THR K 191 43.06 3.31 32.13
N ALA K 192 41.95 3.69 32.72
CA ALA K 192 42.00 4.82 33.63
C ALA K 192 42.94 4.49 34.80
N ILE K 193 42.82 3.27 35.35
CA ILE K 193 43.69 2.87 36.46
C ILE K 193 45.14 2.85 36.00
N GLY K 194 45.41 2.31 34.82
CA GLY K 194 46.73 2.44 34.22
C GLY K 194 47.26 3.87 34.06
N MET K 195 46.38 4.83 33.68
CA MET K 195 46.77 6.24 33.61
C MET K 195 47.17 6.75 34.98
N GLY K 196 46.39 6.37 35.99
CA GLY K 196 46.70 6.72 37.39
C GLY K 196 47.99 6.12 37.92
N GLU K 197 48.24 4.85 37.54
CA GLU K 197 49.47 4.14 37.92
C GLU K 197 50.71 4.77 37.29
N ALA K 198 50.61 5.11 35.99
CA ALA K 198 51.67 5.82 35.31
C ALA K 198 51.97 7.19 35.95
N ILE K 199 50.92 7.95 36.22
CA ILE K 199 51.07 9.28 36.87
C ILE K 199 51.72 9.12 38.29
N ALA K 200 51.07 8.33 39.12
CA ALA K 200 51.55 8.09 40.52
C ALA K 200 53.03 7.57 40.59
N GLY K 201 53.30 6.53 39.78
CA GLY K 201 54.63 6.02 39.57
C GLY K 201 55.69 7.08 39.19
N ALA K 202 55.40 7.97 38.23
CA ALA K 202 56.37 8.97 37.82
C ALA K 202 56.63 10.02 38.90
N MET K 203 55.69 10.16 39.84
CA MET K 203 55.84 11.03 41.01
C MET K 203 56.35 10.29 42.27
N GLY K 204 56.77 9.03 42.13
CA GLY K 204 57.20 8.20 43.26
C GLY K 204 56.12 7.78 44.26
N ASN K 205 54.85 7.76 43.86
CA ASN K 205 53.76 7.34 44.75
C ASN K 205 53.10 6.04 44.29
N LYS K 206 52.25 5.48 45.18
CA LYS K 206 51.43 4.29 44.87
C LYS K 206 49.97 4.84 44.66
N LEU K 207 49.33 4.44 43.56
CA LEU K 207 47.99 4.94 43.22
C LEU K 207 46.96 4.75 44.31
N SER K 208 46.98 3.61 44.97
CA SER K 208 46.03 3.33 46.05
C SER K 208 46.14 4.29 47.25
N ASP K 209 47.32 4.88 47.45
CA ASP K 209 47.49 5.94 48.48
C ASP K 209 46.75 7.26 48.17
N VAL K 210 46.62 7.60 46.89
CA VAL K 210 46.09 8.89 46.44
C VAL K 210 44.72 8.84 45.71
N ALA K 211 44.29 7.69 45.24
CA ALA K 211 43.10 7.62 44.39
C ALA K 211 41.83 7.92 45.15
N VAL K 212 40.95 8.71 44.54
CA VAL K 212 39.58 8.95 45.06
C VAL K 212 38.61 8.54 43.98
N TYR K 213 37.77 7.56 44.25
CA TYR K 213 36.94 6.94 43.17
C TYR K 213 35.55 7.40 43.16
N ALA K 214 35.17 8.14 44.16
CA ALA K 214 33.79 8.57 44.23
C ALA K 214 33.75 9.84 44.99
N ARG K 215 32.88 10.75 44.56
CA ARG K 215 32.62 11.95 45.30
C ARG K 215 31.14 12.13 45.44
N GLU K 216 30.67 12.10 46.66
CA GLU K 216 29.24 12.11 46.90
C GLU K 216 28.98 12.90 48.18
N GLY K 217 27.96 13.76 48.15
CA GLY K 217 27.62 14.58 49.27
C GLY K 217 28.72 15.59 49.64
N ILE K 218 28.88 15.86 50.94
CA ILE K 218 29.85 16.84 51.45
C ILE K 218 31.18 16.15 51.56
N THR K 219 32.03 16.39 50.60
CA THR K 219 33.34 15.73 50.58
C THR K 219 34.39 16.57 51.33
N GLY K 220 34.07 17.82 51.62
CA GLY K 220 35.05 18.81 52.03
C GLY K 220 35.91 19.24 50.87
N GLU K 221 36.86 20.11 51.16
CA GLU K 221 37.88 20.54 50.21
C GLU K 221 38.74 19.39 49.75
N ARG K 222 39.12 19.47 48.48
CA ARG K 222 39.95 18.48 47.82
C ARG K 222 41.36 18.45 48.52
N THR K 223 41.93 17.27 48.70
CA THR K 223 43.29 17.18 49.20
C THR K 223 44.24 17.55 48.07
N LYS K 224 45.47 17.89 48.42
CA LYS K 224 46.45 18.26 47.43
C LYS K 224 46.90 17.08 46.55
N ASP K 225 47.01 15.89 47.15
CA ASP K 225 47.68 14.76 46.55
C ASP K 225 46.77 13.81 45.80
N GLU K 226 45.45 13.91 46.04
CA GLU K 226 44.51 12.97 45.45
C GLU K 226 44.50 13.01 43.92
N ILE K 227 44.20 11.84 43.38
CA ILE K 227 43.91 11.65 41.99
C ILE K 227 42.46 11.21 41.93
N GLY K 228 41.60 12.09 41.45
CA GLY K 228 40.17 11.82 41.35
C GLY K 228 39.83 11.10 40.08
N PHE K 229 38.82 10.22 40.17
CA PHE K 229 38.37 9.46 39.01
C PHE K 229 36.90 9.74 38.84
N ALA K 230 36.51 10.11 37.64
CA ALA K 230 35.15 10.18 37.27
C ALA K 230 34.81 9.25 36.09
N THR K 231 33.62 8.67 36.11
CA THR K 231 33.26 7.63 35.23
C THR K 231 31.89 7.90 34.62
N ILE K 232 31.83 7.82 33.31
CA ILE K 232 30.63 7.93 32.55
C ILE K 232 30.32 6.60 31.85
N ARG K 233 29.06 6.18 31.94
CA ARG K 233 28.64 4.99 31.24
C ARG K 233 27.43 5.35 30.41
N ALA K 234 27.56 5.34 29.09
CA ALA K 234 26.43 5.66 28.24
C ALA K 234 26.56 5.17 26.81
N GLY K 235 25.45 4.82 26.20
CA GLY K 235 25.40 4.41 24.82
C GLY K 235 26.31 3.32 24.29
N ASP K 236 26.90 3.62 23.14
CA ASP K 236 27.80 2.71 22.45
C ASP K 236 29.22 3.24 22.39
N ILE K 237 29.58 4.13 23.29
CA ILE K 237 30.88 4.72 23.26
C ILE K 237 31.96 3.67 23.39
N VAL K 238 32.92 3.70 22.47
CA VAL K 238 34.04 2.72 22.48
C VAL K 238 35.08 3.02 23.52
N GLY K 239 35.24 4.29 23.86
CA GLY K 239 36.20 4.64 24.95
C GLY K 239 36.85 5.99 24.77
N GLU K 240 36.62 6.85 25.73
CA GLU K 240 37.35 8.12 25.89
C GLU K 240 38.02 8.15 27.23
N HIS K 241 39.25 8.62 27.25
CA HIS K 241 39.96 8.91 28.48
C HIS K 241 40.59 10.31 28.43
N THR K 242 40.53 11.02 29.55
CA THR K 242 41.22 12.27 29.69
C THR K 242 41.93 12.36 31.01
N ALA K 243 43.19 12.77 31.00
CA ALA K 243 43.87 13.12 32.25
C ALA K 243 44.02 14.62 32.21
N MET K 244 43.63 15.26 33.29
CA MET K 244 43.67 16.71 33.46
C MET K 244 44.73 17.06 34.57
N PHE K 245 45.58 18.06 34.32
CA PHE K 245 46.51 18.57 35.30
C PHE K 245 46.18 20.03 35.47
N ALA K 246 45.61 20.38 36.62
CA ALA K 246 45.03 21.71 36.83
C ALA K 246 45.78 22.51 37.88
N ASP K 247 46.20 23.70 37.47
CA ASP K 247 46.78 24.67 38.34
C ASP K 247 45.78 25.82 38.53
N ILE K 248 46.20 26.86 39.25
CA ILE K 248 45.46 28.09 39.34
C ILE K 248 45.82 28.92 38.11
N GLY K 249 44.84 29.12 37.24
CA GLY K 249 45.00 29.95 36.06
C GLY K 249 45.27 29.22 34.77
N GLU K 250 45.61 27.93 34.85
CA GLU K 250 45.74 27.13 33.64
C GLU K 250 45.51 25.67 33.89
N ARG K 251 45.27 24.92 32.83
CA ARG K 251 45.17 23.48 32.97
C ARG K 251 45.58 22.77 31.68
N VAL K 252 46.14 21.57 31.83
CA VAL K 252 46.56 20.78 30.69
C VAL K 252 45.78 19.52 30.67
N GLU K 253 45.24 19.19 29.51
CA GLU K 253 44.47 17.94 29.32
C GLU K 253 45.03 17.04 28.20
N ILE K 254 45.17 15.78 28.48
CA ILE K 254 45.67 14.83 27.55
C ILE K 254 44.58 13.80 27.41
N THR K 255 44.11 13.60 26.18
CA THR K 255 42.86 12.84 25.87
C THR K 255 43.09 11.81 24.75
N HIS K 256 42.54 10.62 24.95
CA HIS K 256 42.60 9.56 23.95
C HIS K 256 41.16 9.19 23.66
N LYS K 257 40.83 8.99 22.40
CA LYS K 257 39.49 8.51 21.98
C LYS K 257 39.62 7.36 21.03
N ALA K 258 39.02 6.24 21.38
CA ALA K 258 38.99 5.10 20.51
C ALA K 258 37.67 5.14 19.82
N THR K 259 37.64 4.89 18.51
CA THR K 259 36.37 4.88 17.78
C THR K 259 35.97 3.57 17.18
N ASP K 260 36.90 2.64 17.12
CA ASP K 260 36.66 1.31 16.60
C ASP K 260 37.35 0.29 17.47
N ARG K 261 36.70 -0.84 17.68
CA ARG K 261 37.26 -1.94 18.48
C ARG K 261 38.45 -2.68 17.85
N MET K 262 38.53 -2.62 16.53
CA MET K 262 39.57 -3.27 15.78
C MET K 262 40.91 -2.70 16.21
N THR K 263 40.89 -1.47 16.66
CA THR K 263 42.13 -0.85 17.07
C THR K 263 42.73 -1.65 18.19
N PHE K 264 41.89 -2.14 19.07
CA PHE K 264 42.32 -2.96 20.22
C PHE K 264 42.63 -4.42 19.78
N ALA K 265 41.74 -4.97 18.95
CA ALA K 265 41.89 -6.29 18.43
C ALA K 265 43.20 -6.39 17.62
N ASN K 266 43.44 -5.45 16.69
CA ASN K 266 44.67 -5.50 15.89
C ASN K 266 45.89 -5.44 16.76
N GLY K 267 45.87 -4.59 17.76
CA GLY K 267 47.02 -4.51 18.65
C GLY K 267 47.27 -5.78 19.46
N ALA K 268 46.20 -6.49 19.81
CA ALA K 268 46.26 -7.68 20.64
C ALA K 268 46.90 -8.81 19.81
N VAL K 269 46.47 -8.91 18.55
CA VAL K 269 46.99 -9.90 17.60
C VAL K 269 48.46 -9.61 17.31
N LYS K 270 48.83 -8.33 17.08
CA LYS K 270 50.26 -7.90 17.01
C LYS K 270 50.99 -8.38 18.29
N ALA K 271 50.37 -8.24 19.46
CA ALA K 271 51.00 -8.74 20.72
C ALA K 271 51.21 -10.26 20.76
N ALA K 272 50.19 -11.01 20.29
CA ALA K 272 50.24 -12.47 20.17
C ALA K 272 51.37 -12.92 19.23
N VAL K 273 51.50 -12.28 18.06
CA VAL K 273 52.58 -12.52 17.10
C VAL K 273 53.95 -12.28 17.73
N TRP K 274 54.10 -11.15 18.39
CA TRP K 274 55.33 -10.80 19.09
C TRP K 274 55.67 -11.78 20.22
N LEU K 275 54.64 -12.20 20.94
CA LEU K 275 54.82 -13.07 22.12
C LEU K 275 55.26 -14.48 21.76
N HIS K 276 54.91 -14.93 20.54
CA HIS K 276 55.20 -16.32 20.13
C HIS K 276 56.73 -16.60 20.16
N GLU K 277 57.07 -17.75 20.75
CA GLU K 277 58.48 -18.15 21.02
C GLU K 277 59.26 -17.00 21.76
N LYS K 278 58.60 -16.37 22.72
CA LYS K 278 59.24 -15.35 23.52
C LYS K 278 59.51 -16.00 24.86
N PRO K 279 60.54 -15.57 25.56
CA PRO K 279 60.87 -16.16 26.87
C PRO K 279 59.80 -15.84 27.90
N ALA K 280 59.55 -16.77 28.82
CA ALA K 280 58.54 -16.57 29.84
C ALA K 280 58.81 -15.33 30.65
N GLY K 281 57.74 -14.62 30.98
CA GLY K 281 57.87 -13.39 31.76
C GLY K 281 56.63 -12.53 31.64
N PHE K 282 56.65 -11.38 32.29
CA PHE K 282 55.52 -10.48 32.26
C PHE K 282 55.81 -9.35 31.30
N TYR K 283 55.07 -9.28 30.21
CA TYR K 283 55.25 -8.22 29.22
C TYR K 283 54.02 -7.31 29.10
N THR K 284 54.24 -6.08 28.64
CA THR K 284 53.21 -5.07 28.46
C THR K 284 53.21 -4.64 27.01
N MET K 285 52.30 -3.75 26.61
CA MET K 285 52.36 -3.23 25.25
C MET K 285 53.55 -2.38 24.97
N THR K 286 54.04 -1.69 25.99
CA THR K 286 55.32 -0.96 25.92
C THR K 286 56.45 -1.87 25.40
N ASP K 287 56.50 -3.09 25.89
CA ASP K 287 57.48 -4.07 25.42
C ASP K 287 57.20 -4.47 23.96
N VAL K 288 55.98 -4.88 23.67
CA VAL K 288 55.56 -5.29 22.29
C VAL K 288 55.92 -4.22 21.22
N LEU K 289 55.70 -2.94 21.56
CA LEU K 289 55.87 -1.83 20.63
C LEU K 289 57.26 -1.23 20.64
N GLY K 290 58.04 -1.49 21.69
CA GLY K 290 59.46 -1.04 21.81
C GLY K 290 59.64 0.36 22.38
N LEU K 291 58.67 0.83 23.15
CA LEU K 291 58.58 2.28 23.39
C LEU K 291 59.60 2.79 24.42
N MET L 26 66.69 34.14 49.12
CA MET L 26 65.42 34.39 48.39
C MET L 26 65.64 35.45 47.32
N VAL L 27 65.09 35.26 46.12
CA VAL L 27 65.38 36.14 44.98
C VAL L 27 64.64 37.48 45.01
N ARG L 28 65.40 38.54 44.76
CA ARG L 28 64.88 39.89 44.74
C ARG L 28 64.67 40.31 43.30
N ILE L 29 63.44 40.63 42.98
CA ILE L 29 63.00 40.85 41.61
C ILE L 29 62.69 42.31 41.32
N ALA L 30 63.23 42.79 40.23
CA ALA L 30 62.81 44.09 39.68
C ALA L 30 61.88 43.87 38.53
N VAL L 31 60.75 44.53 38.59
CA VAL L 31 59.78 44.39 37.54
C VAL L 31 59.93 45.63 36.68
N ALA L 32 60.57 45.49 35.53
CA ALA L 32 60.72 46.59 34.61
C ALA L 32 59.39 46.99 34.00
N GLY L 33 59.10 48.28 34.03
CA GLY L 33 57.89 48.81 33.43
C GLY L 33 56.59 48.19 33.82
N ALA L 34 56.29 48.08 35.10
CA ALA L 34 55.04 47.47 35.48
C ALA L 34 53.93 48.51 35.42
N ALA L 35 53.64 48.99 34.22
CA ALA L 35 52.61 50.00 34.04
C ALA L 35 51.23 49.48 34.43
N GLY L 36 50.98 48.22 34.08
CA GLY L 36 49.73 47.54 34.33
C GLY L 36 49.83 46.33 33.45
N ARG L 37 48.74 45.59 33.26
CA ARG L 37 48.82 44.44 32.37
C ARG L 37 49.85 43.46 32.93
N MET L 38 50.88 43.16 32.16
CA MET L 38 51.92 42.20 32.55
C MET L 38 52.59 42.65 33.84
N GLY L 39 52.82 43.94 33.98
CA GLY L 39 53.43 44.43 35.19
C GLY L 39 52.63 44.20 36.44
N ARG L 40 51.32 44.49 36.41
CA ARG L 40 50.56 44.29 37.64
C ARG L 40 50.63 42.83 37.96
N ASN L 41 50.45 42.02 36.94
CA ASN L 41 50.47 40.60 37.18
C ASN L 41 51.83 40.12 37.64
N LEU L 42 52.90 40.61 37.03
CA LEU L 42 54.22 40.15 37.51
C LEU L 42 54.43 40.53 38.96
N VAL L 43 54.03 41.74 39.31
CA VAL L 43 54.16 42.23 40.67
C VAL L 43 53.34 41.29 41.55
N LYS L 44 52.06 41.14 41.22
CA LYS L 44 51.16 40.20 41.96
C LYS L 44 51.78 38.79 42.07
N ALA L 45 52.33 38.29 40.98
CA ALA L 45 52.91 36.94 40.99
C ALA L 45 54.14 36.80 41.88
N ALA L 46 55.05 37.75 41.76
CA ALA L 46 56.29 37.69 42.51
C ALA L 46 56.00 37.83 43.98
N HIS L 47 55.04 38.70 44.27
CA HIS L 47 54.63 38.96 45.64
C HIS L 47 54.19 37.64 46.28
N HIS L 48 53.31 36.98 45.54
CA HIS L 48 52.66 35.74 45.90
C HIS L 48 53.62 34.59 46.09
N ASN L 49 54.65 34.55 45.28
CA ASN L 49 55.64 33.46 45.34
C ASN L 49 56.48 33.69 46.62
N ALA L 52 60.22 34.41 46.45
CA ALA L 52 60.49 35.66 45.73
C ALA L 52 60.08 36.97 46.42
N LYS L 53 60.91 37.97 46.18
CA LYS L 53 60.77 39.33 46.68
C LYS L 53 60.68 40.11 45.36
N VAL L 54 59.93 41.20 45.42
CA VAL L 54 59.67 42.12 44.33
C VAL L 54 60.29 43.48 44.63
N ALA L 55 60.51 44.29 43.60
CA ALA L 55 61.10 45.62 43.75
C ALA L 55 60.20 46.80 43.30
N ALA L 56 60.65 47.61 42.36
CA ALA L 56 59.86 48.76 41.94
C ALA L 56 59.59 48.82 40.45
N GLY L 57 58.51 49.51 40.10
CA GLY L 57 58.11 49.61 38.71
C GLY L 57 57.67 50.98 38.23
N SER L 58 57.69 51.14 36.91
CA SER L 58 57.30 52.42 36.25
C SER L 58 56.15 52.46 35.21
N GLU L 59 55.67 53.67 34.93
CA GLU L 59 54.59 53.86 33.97
C GLU L 59 54.81 55.04 33.02
N ARG L 60 53.77 55.38 32.27
CA ARG L 60 53.85 56.49 31.32
C ARG L 60 53.74 57.85 31.96
N PRO L 61 54.33 58.86 31.30
CA PRO L 61 54.29 60.24 31.79
C PRO L 61 53.28 61.06 31.00
N ASP L 85 61.43 56.12 35.71
CA ASP L 85 62.27 55.73 34.58
C ASP L 85 63.69 55.52 35.05
N ASP L 86 63.85 55.20 36.33
CA ASP L 86 65.17 54.99 36.89
C ASP L 86 65.22 53.66 37.62
N LEU L 87 65.16 52.58 36.87
CA LEU L 87 65.21 51.27 37.48
C LEU L 87 66.53 51.15 38.17
N ALA L 88 67.54 51.73 37.51
CA ALA L 88 68.92 51.72 37.94
C ALA L 88 69.09 52.39 39.27
N LYS L 89 68.19 53.30 39.58
CA LYS L 89 68.28 54.02 40.84
C LYS L 89 68.23 52.97 41.93
N GLN L 90 67.57 51.86 41.66
CA GLN L 90 67.41 50.77 42.60
C GLN L 90 68.35 49.57 42.42
N ILE L 91 69.44 49.70 41.67
CA ILE L 91 70.28 48.49 41.45
C ILE L 91 70.72 47.60 42.64
N ASP L 92 70.91 48.23 43.80
CA ASP L 92 71.31 47.50 44.97
C ASP L 92 70.21 46.63 45.54
N GLN L 93 68.97 47.04 45.29
CA GLN L 93 67.79 46.38 45.84
C GLN L 93 67.39 45.08 45.16
N PHE L 94 67.95 44.77 43.99
CA PHE L 94 67.52 43.55 43.22
C PHE L 94 68.62 42.70 42.58
N ASP L 95 68.28 41.43 42.32
CA ASP L 95 69.16 40.42 41.66
C ASP L 95 68.80 40.12 40.21
N VAL L 96 67.50 40.13 39.94
CA VAL L 96 66.93 39.71 38.63
C VAL L 96 65.85 40.70 38.15
N ILE L 97 65.90 41.06 36.88
CA ILE L 97 64.90 41.90 36.29
C ILE L 97 64.08 40.99 35.40
N ILE L 98 62.79 41.26 35.28
CA ILE L 98 61.91 40.49 34.42
C ILE L 98 61.51 41.51 33.36
N ASP L 99 61.77 41.20 32.10
CA ASP L 99 61.49 42.18 31.07
C ASP L 99 60.40 41.92 30.05
N PHE L 100 59.36 42.75 30.18
CA PHE L 100 58.25 42.79 29.25
C PHE L 100 58.12 44.27 28.91
N THR L 101 58.38 44.63 27.65
CA THR L 101 58.31 46.02 27.24
C THR L 101 58.97 46.23 25.87
N ALA L 102 59.21 47.49 25.51
CA ALA L 102 59.81 47.85 24.23
C ALA L 102 61.26 47.40 24.13
N PRO L 103 61.70 47.09 22.92
CA PRO L 103 63.08 46.65 22.70
C PRO L 103 64.18 47.61 23.12
N ALA L 104 63.98 48.91 22.93
CA ALA L 104 65.02 49.87 23.30
C ALA L 104 65.28 49.89 24.79
N SER L 105 64.24 49.95 25.60
CA SER L 105 64.44 49.92 27.03
C SER L 105 65.01 48.60 27.51
N THR L 106 64.54 47.50 26.97
CA THR L 106 65.04 46.20 27.42
C THR L 106 66.53 46.00 27.13
N LEU L 107 66.95 46.34 25.92
CA LEU L 107 68.33 46.14 25.54
C LEU L 107 69.15 46.93 26.57
N ASN L 108 68.61 48.06 26.95
CA ASN L 108 69.19 48.96 27.93
C ASN L 108 69.30 48.28 29.29
N ASN L 109 68.24 47.55 29.67
CA ASN L 109 68.16 46.80 30.92
C ASN L 109 69.19 45.71 30.85
N LEU L 110 69.32 45.17 29.66
CA LEU L 110 70.31 44.12 29.35
C LEU L 110 71.74 44.65 29.57
N ALA L 111 71.98 45.89 29.12
CA ALA L 111 73.25 46.62 29.37
C ALA L 111 73.52 46.84 30.88
N LEU L 112 72.49 47.30 31.60
CA LEU L 112 72.50 47.43 33.10
C LEU L 112 72.84 46.17 33.79
N CYS L 113 72.36 45.05 33.25
CA CYS L 113 72.72 43.73 33.80
C CYS L 113 74.17 43.36 33.61
N GLN L 114 74.69 43.67 32.44
CA GLN L 114 76.12 43.49 32.15
C GLN L 114 77.05 44.36 33.02
N GLN L 115 76.75 45.66 33.10
CA GLN L 115 77.51 46.60 33.93
C GLN L 115 77.56 46.27 35.41
N TYR L 116 76.45 45.81 35.97
CA TYR L 116 76.35 45.61 37.43
C TYR L 116 76.17 44.13 37.89
N GLY L 117 76.46 43.17 37.01
CA GLY L 117 76.35 41.74 37.32
C GLY L 117 74.96 41.29 37.75
N LYS L 118 73.93 41.69 37.00
CA LYS L 118 72.56 41.21 37.29
C LYS L 118 72.13 40.21 36.24
N SER L 119 71.03 39.55 36.56
CA SER L 119 70.33 38.67 35.63
C SER L 119 69.00 39.27 35.10
N ILE L 120 68.56 38.71 33.98
CA ILE L 120 67.33 39.17 33.37
C ILE L 120 66.53 38.04 32.71
N VAL L 121 65.21 38.18 32.75
CA VAL L 121 64.29 37.25 32.13
C VAL L 121 63.65 38.08 31.03
N ILE L 122 63.77 37.66 29.77
CA ILE L 122 63.21 38.47 28.69
C ILE L 122 61.90 37.97 28.11
N GLY L 123 60.87 38.78 28.30
CA GLY L 123 59.54 38.49 27.79
C GLY L 123 59.22 39.38 26.61
N THR L 124 60.22 40.13 26.18
CA THR L 124 60.09 41.05 25.08
C THR L 124 60.58 40.46 23.76
N THR L 128 64.81 43.72 14.99
CA THR L 128 64.82 42.65 15.96
C THR L 128 65.89 41.63 15.68
N GLU L 129 66.25 41.44 14.41
CA GLU L 129 67.29 40.49 14.10
C GLU L 129 68.58 40.97 14.76
N GLU L 130 68.80 42.27 14.66
CA GLU L 130 69.96 42.90 15.24
C GLU L 130 69.93 42.79 16.75
N GLN L 131 68.76 42.97 17.33
CA GLN L 131 68.63 42.89 18.76
C GLN L 131 68.96 41.49 19.22
N ARG L 132 68.55 40.50 18.44
CA ARG L 132 68.80 39.14 18.83
C ARG L 132 70.29 38.96 18.91
N GLU L 133 71.02 39.53 17.96
CA GLU L 133 72.46 39.40 17.94
C GLU L 133 73.08 40.02 19.17
N GLN L 134 72.58 41.20 19.55
CA GLN L 134 73.10 41.89 20.70
C GLN L 134 72.85 41.06 21.94
N ILE L 135 71.67 40.46 22.02
CA ILE L 135 71.30 39.64 23.16
C ILE L 135 72.21 38.43 23.26
N ASP L 136 72.51 37.83 22.12
CA ASP L 136 73.37 36.67 22.08
C ASP L 136 74.74 37.06 22.59
N LEU L 137 75.20 38.24 22.18
CA LEU L 137 76.49 38.73 22.63
C LEU L 137 76.51 38.97 24.13
N VAL L 138 75.45 39.54 24.67
CA VAL L 138 75.42 39.82 26.10
C VAL L 138 75.34 38.54 26.93
N VAL L 142 75.45 37.92 30.33
CA VAL L 142 74.79 37.77 31.61
C VAL L 142 73.98 36.52 31.58
N PRO L 143 73.58 36.03 32.82
CA PRO L 143 72.73 34.84 32.74
C PRO L 143 71.44 35.37 32.17
N VAL L 144 70.86 34.72 31.16
CA VAL L 144 69.67 35.27 30.56
C VAL L 144 68.56 34.32 30.19
N VAL L 145 67.39 34.48 30.81
CA VAL L 145 66.29 33.67 30.30
C VAL L 145 65.53 34.50 29.22
N MET L 146 65.33 33.89 28.04
CA MET L 146 64.44 34.43 27.02
C MET L 146 63.51 33.39 26.32
N ALA L 147 62.22 33.74 26.22
CA ALA L 147 61.19 32.85 25.66
C ALA L 147 59.99 33.66 25.15
N PRO L 148 59.34 33.19 24.06
CA PRO L 148 58.10 33.85 23.60
C PRO L 148 56.83 33.50 24.38
N ASN L 149 56.89 32.46 25.22
CA ASN L 149 55.76 32.13 26.07
C ASN L 149 56.25 31.52 27.35
N TYR L 150 55.74 32.04 28.46
CA TYR L 150 56.12 31.55 29.78
C TYR L 150 55.12 30.68 30.53
N SER L 151 53.98 30.38 29.93
CA SER L 151 53.01 29.56 30.60
C SER L 151 53.68 28.21 30.78
N VAL L 152 53.68 27.68 31.99
CA VAL L 152 54.30 26.39 32.22
C VAL L 152 53.57 25.32 31.44
N GLY L 153 52.25 25.37 31.42
CA GLY L 153 51.51 24.37 30.68
C GLY L 153 51.78 24.33 29.18
N VAL L 154 51.82 25.51 28.56
CA VAL L 154 52.06 25.61 27.14
C VAL L 154 53.42 25.06 26.76
N ASN L 155 54.44 25.37 27.55
CA ASN L 155 55.76 24.87 27.26
C ASN L 155 55.79 23.37 27.37
N LEU L 156 55.10 22.84 28.36
CA LEU L 156 55.09 21.41 28.55
C LEU L 156 54.41 20.81 27.34
N VAL L 157 53.30 21.43 26.93
CA VAL L 157 52.59 20.98 25.73
C VAL L 157 53.44 20.94 24.46
N PHE L 158 54.27 21.92 24.19
CA PHE L 158 55.08 21.80 22.97
C PHE L 158 55.93 20.54 23.01
N LYS L 159 56.52 20.26 24.15
CA LYS L 159 57.37 19.09 24.31
C LYS L 159 56.55 17.83 24.13
N LEU L 160 55.34 17.82 24.68
CA LEU L 160 54.46 16.69 24.55
C LEU L 160 54.12 16.51 23.09
N LEU L 161 53.97 17.62 22.39
CA LEU L 161 53.66 17.59 20.98
C LEU L 161 54.78 16.96 20.17
N GLU L 162 56.01 17.27 20.53
CA GLU L 162 57.13 16.69 19.80
C GLU L 162 57.15 15.17 19.95
N LYS L 163 56.94 14.67 21.16
CA LYS L 163 56.91 13.27 21.37
C LYS L 163 55.76 12.63 20.59
N ALA L 164 54.58 13.25 20.58
CA ALA L 164 53.43 12.69 19.82
C ALA L 164 53.68 12.72 18.31
N ALA L 165 54.27 13.78 17.80
CA ALA L 165 54.58 13.86 16.40
C ALA L 165 55.63 12.81 15.93
N LYS L 166 56.67 12.58 16.73
CA LYS L 166 57.64 11.50 16.46
C LYS L 166 57.00 10.11 16.38
N VAL L 167 56.05 9.79 17.25
CA VAL L 167 55.43 8.47 17.26
C VAL L 167 54.25 8.34 16.27
N MET L 168 53.42 9.38 16.12
CA MET L 168 52.18 9.27 15.33
C MET L 168 52.12 10.12 14.09
N GLY L 169 52.96 11.14 14.02
CA GLY L 169 52.83 12.17 12.99
C GLY L 169 52.81 11.65 11.55
N ASP L 170 53.61 10.62 11.32
CA ASP L 170 53.83 10.08 9.98
C ASP L 170 52.59 9.45 9.41
N TYR L 171 51.80 8.79 10.23
CA TYR L 171 50.59 8.11 9.76
C TYR L 171 49.27 8.77 10.22
N CYS L 172 49.31 9.91 10.89
CA CYS L 172 48.10 10.61 11.36
C CYS L 172 47.83 11.94 10.72
N ASP L 173 46.58 12.32 10.69
CA ASP L 173 46.22 13.68 10.29
C ASP L 173 46.38 14.56 11.51
N ILE L 174 47.00 15.72 11.33
CA ILE L 174 47.28 16.65 12.42
C ILE L 174 46.48 17.94 12.28
N GLU L 175 45.70 18.29 13.31
CA GLU L 175 44.87 19.48 13.27
C GLU L 175 45.05 20.23 14.54
N ILE L 176 45.08 21.54 14.42
CA ILE L 176 45.17 22.45 15.56
C ILE L 176 43.90 23.36 15.62
N VAL L 177 43.35 23.50 16.82
CA VAL L 177 42.18 24.26 17.08
C VAL L 177 42.42 25.15 18.23
N GLU L 178 42.07 26.40 18.06
CA GLU L 178 42.29 27.33 19.12
C GLU L 178 41.07 28.23 19.24
N ALA L 179 40.82 28.67 20.48
CA ALA L 179 39.79 29.67 20.75
C ALA L 179 40.28 30.81 21.61
N HIS L 180 39.86 32.03 21.25
CA HIS L 180 40.16 33.23 22.01
C HIS L 180 39.04 34.20 21.99
N HIS L 181 39.12 35.12 22.93
CA HIS L 181 38.15 36.25 23.13
C HIS L 181 37.91 37.12 21.84
N ARG L 182 36.80 37.83 21.83
CA ARG L 182 36.33 38.59 20.67
C ARG L 182 37.24 39.71 20.21
N HIS L 183 38.08 40.22 21.09
CA HIS L 183 39.06 41.26 20.76
C HIS L 183 40.37 40.85 20.10
N LYS L 184 40.70 39.56 20.01
CA LYS L 184 41.98 39.16 19.47
C LYS L 184 42.08 39.39 17.98
N VAL L 185 43.09 40.19 17.59
CA VAL L 185 43.15 40.71 16.19
C VAL L 185 43.82 39.77 15.20
N ASP L 186 44.63 38.85 15.70
CA ASP L 186 45.45 37.93 14.86
C ASP L 186 44.95 36.43 14.87
N ALA L 187 45.05 35.73 13.73
CA ALA L 187 44.52 34.40 13.57
C ALA L 187 45.32 33.63 12.56
N PRO L 188 45.68 32.40 12.87
CA PRO L 188 45.54 31.84 14.23
C PRO L 188 46.47 32.52 15.26
N SER L 189 46.30 32.14 16.50
CA SER L 189 47.14 32.60 17.60
C SER L 189 48.58 32.28 17.38
N GLY L 190 49.42 33.08 18.01
CA GLY L 190 50.86 32.83 18.02
C GLY L 190 51.24 31.47 18.63
N THR L 191 50.56 31.11 19.71
CA THR L 191 50.73 29.81 20.32
C THR L 191 50.33 28.65 19.35
N ALA L 192 49.29 28.85 18.58
CA ALA L 192 48.87 27.84 17.65
C ALA L 192 49.99 27.64 16.65
N ILE L 193 50.57 28.75 16.23
CA ILE L 193 51.68 28.70 15.30
C ILE L 193 52.84 27.97 15.94
N GLY L 194 53.06 28.25 17.22
CA GLY L 194 54.15 27.62 17.96
C GLY L 194 53.93 26.13 17.99
N MET L 195 52.69 25.72 18.21
CA MET L 195 52.32 24.28 18.22
C MET L 195 52.54 23.58 16.87
N GLY L 196 52.18 24.27 15.78
CA GLY L 196 52.52 23.79 14.45
C GLY L 196 54.01 23.68 14.16
N GLU L 197 54.76 24.68 14.60
CA GLU L 197 56.23 24.70 14.41
C GLU L 197 56.91 23.56 15.14
N ALA L 198 56.51 23.35 16.38
CA ALA L 198 57.04 22.25 17.19
C ALA L 198 56.73 20.88 16.58
N ILE L 199 55.50 20.71 16.13
CA ILE L 199 55.08 19.47 15.43
C ILE L 199 55.90 19.27 14.10
N ALA L 200 55.89 20.29 13.22
CA ALA L 200 56.58 20.22 11.93
C ALA L 200 58.06 19.95 12.11
N GLY L 201 58.65 20.74 13.01
CA GLY L 201 60.07 20.58 13.38
C GLY L 201 60.49 19.21 13.87
N ALA L 202 59.69 18.60 14.73
CA ALA L 202 59.99 17.24 15.18
C ALA L 202 59.87 16.14 14.09
N MET L 203 59.09 16.42 13.04
CA MET L 203 58.96 15.56 11.87
C MET L 203 59.94 15.93 10.70
N GLY L 204 60.87 16.86 10.94
CA GLY L 204 61.75 17.36 9.93
C GLY L 204 61.15 18.23 8.83
N ASN L 205 60.03 18.90 9.06
CA ASN L 205 59.39 19.73 8.03
C ASN L 205 59.36 21.16 8.46
N LYS L 206 58.99 22.03 7.51
CA LYS L 206 58.82 23.47 7.77
C LYS L 206 57.28 23.72 7.76
N LEU L 207 56.77 24.41 8.78
CA LEU L 207 55.32 24.63 8.94
C LEU L 207 54.64 25.29 7.74
N SER L 208 55.30 26.29 7.13
CA SER L 208 54.74 26.95 5.94
C SER L 208 54.60 26.04 4.71
N ASP L 209 55.35 24.95 4.63
CA ASP L 209 55.12 23.88 3.60
C ASP L 209 53.81 23.09 3.75
N VAL L 210 53.35 22.89 4.97
CA VAL L 210 52.21 21.99 5.28
C VAL L 210 50.96 22.69 5.80
N ALA L 211 51.08 23.94 6.27
CA ALA L 211 49.96 24.57 6.99
C ALA L 211 48.81 24.89 6.06
N VAL L 212 47.58 24.63 6.53
CA VAL L 212 46.36 25.02 5.81
C VAL L 212 45.54 25.86 6.79
N TYR L 213 45.34 27.13 6.46
CA TYR L 213 44.76 28.13 7.42
C TYR L 213 43.31 28.41 7.17
N ALA L 214 42.79 27.96 6.05
CA ALA L 214 41.40 28.18 5.80
C ALA L 214 40.85 27.07 4.95
N ARG L 215 39.60 26.70 5.21
CA ARG L 215 38.92 25.68 4.40
C ARG L 215 37.57 26.21 4.05
N GLU L 216 37.37 26.47 2.79
CA GLU L 216 36.15 27.12 2.34
C GLU L 216 35.76 26.57 0.96
N GLY L 217 34.49 26.29 0.78
CA GLY L 217 33.99 25.64 -0.44
C GLY L 217 34.52 24.22 -0.68
N ILE L 218 34.76 23.89 -1.94
CA ILE L 218 35.20 22.58 -2.34
C ILE L 218 36.69 22.52 -2.19
N THR L 219 37.15 21.92 -1.13
CA THR L 219 38.58 21.85 -0.86
C THR L 219 39.19 20.57 -1.46
N GLY L 220 38.34 19.63 -1.87
CA GLY L 220 38.80 18.30 -2.22
C GLY L 220 39.28 17.54 -0.98
N GLU L 221 39.80 16.35 -1.22
CA GLU L 221 40.33 15.48 -0.17
C GLU L 221 41.55 16.06 0.50
N ARG L 222 41.64 15.80 1.81
CA ARG L 222 42.70 16.31 2.66
C ARG L 222 44.02 15.69 2.18
N THR L 223 45.10 16.45 2.18
CA THR L 223 46.39 15.85 1.89
C THR L 223 46.90 15.15 3.12
N LYS L 224 47.88 14.26 2.96
CA LYS L 224 48.42 13.45 4.09
C LYS L 224 49.24 14.29 5.05
N ASP L 225 49.94 15.28 4.50
CA ASP L 225 50.96 16.00 5.24
C ASP L 225 50.49 17.34 5.85
N GLU L 226 49.32 17.86 5.41
CA GLU L 226 48.83 19.13 5.92
C GLU L 226 48.54 19.13 7.43
N ILE L 227 48.75 20.32 7.98
CA ILE L 227 48.39 20.65 9.34
C ILE L 227 47.32 21.75 9.25
N GLY L 228 46.09 21.36 9.48
CA GLY L 228 44.97 22.26 9.42
C GLY L 228 44.81 23.13 10.67
N PHE L 229 44.38 24.38 10.50
CA PHE L 229 44.20 25.30 11.63
C PHE L 229 42.78 25.77 11.64
N ALA L 230 42.12 25.66 12.78
CA ALA L 230 40.79 26.20 12.95
C ALA L 230 40.74 27.17 14.11
N THR L 231 39.98 28.24 13.93
CA THR L 231 40.07 29.40 14.79
C THR L 231 38.72 29.86 15.24
N ILE L 232 38.56 29.94 16.56
CA ILE L 232 37.30 30.37 17.19
C ILE L 232 37.49 31.68 17.93
N ARG L 233 36.58 32.62 17.71
CA ARG L 233 36.68 33.90 18.37
C ARG L 233 35.40 34.23 19.07
N ALA L 234 35.39 34.18 20.40
CA ALA L 234 34.17 34.48 21.11
C ALA L 234 34.33 34.87 22.57
N GLY L 235 33.44 35.74 23.01
CA GLY L 235 33.42 36.18 24.37
C GLY L 235 34.72 36.72 24.93
N ASP L 236 35.02 36.27 26.13
CA ASP L 236 36.20 36.69 26.82
C ASP L 236 37.14 35.52 27.07
N ILE L 237 37.12 34.53 26.19
CA ILE L 237 37.95 33.37 26.39
C ILE L 237 39.41 33.76 26.45
N VAL L 238 40.08 33.37 27.53
CA VAL L 238 41.49 33.71 27.71
C VAL L 238 42.41 32.91 26.76
N GLY L 239 42.08 31.66 26.47
CA GLY L 239 42.89 30.92 25.46
C GLY L 239 42.89 29.42 25.60
N GLU L 240 42.33 28.74 24.60
CA GLU L 240 42.33 27.32 24.55
C GLU L 240 43.06 26.94 23.31
N HIS L 241 43.90 25.93 23.43
CA HIS L 241 44.50 25.28 22.28
C HIS L 241 44.48 23.75 22.33
N THR L 242 44.27 23.13 21.18
CA THR L 242 44.22 21.71 21.11
C THR L 242 44.93 21.29 19.90
N ALA L 243 45.82 20.33 20.05
CA ALA L 243 46.40 19.64 18.88
C ALA L 243 45.82 18.25 18.85
N MET L 244 45.34 17.83 17.69
CA MET L 244 44.69 16.55 17.48
C MET L 244 45.54 15.72 16.51
N PHE L 245 45.75 14.45 16.87
CA PHE L 245 46.52 13.49 16.03
C PHE L 245 45.56 12.37 15.75
N ALA L 246 45.06 12.30 14.53
CA ALA L 246 43.91 11.38 14.19
C ALA L 246 44.31 10.27 13.23
N ASP L 247 44.11 9.03 13.67
CA ASP L 247 44.27 7.87 12.85
C ASP L 247 42.90 7.33 12.50
N ILE L 248 42.88 6.18 11.81
CA ILE L 248 41.67 5.41 11.59
C ILE L 248 41.42 4.57 12.82
N GLY L 249 40.35 4.88 13.54
CA GLY L 249 39.96 4.12 14.69
C GLY L 249 40.34 4.72 16.04
N GLU L 250 41.22 5.69 16.06
CA GLU L 250 41.59 6.31 17.31
C GLU L 250 42.19 7.67 17.07
N ARG L 251 42.19 8.50 18.10
CA ARG L 251 42.82 9.80 17.99
C ARG L 251 43.29 10.26 19.35
N VAL L 252 44.32 11.08 19.34
CA VAL L 252 44.91 11.62 20.55
C VAL L 252 44.84 13.12 20.49
N GLU L 253 44.38 13.71 21.56
CA GLU L 253 44.24 15.17 21.66
C GLU L 253 45.02 15.72 22.85
N ILE L 254 45.81 16.76 22.62
CA ILE L 254 46.56 17.40 23.67
C ILE L 254 46.10 18.85 23.73
N THR L 255 45.65 19.25 24.90
CA THR L 255 44.92 20.48 25.07
C THR L 255 45.59 21.33 26.20
N HIS L 256 45.67 22.65 25.98
CA HIS L 256 46.01 23.62 27.04
C HIS L 256 44.90 24.68 27.18
N LYS L 257 44.57 25.03 28.42
CA LYS L 257 43.56 26.03 28.69
C LYS L 257 44.13 27.01 29.65
N ALA L 258 44.19 28.27 29.25
CA ALA L 258 44.55 29.33 30.15
C ALA L 258 43.27 29.93 30.69
N THR L 259 43.22 30.17 31.99
CA THR L 259 42.03 30.81 32.57
C THR L 259 42.24 32.22 33.09
N ASP L 260 43.51 32.60 33.20
CA ASP L 260 43.94 33.89 33.66
C ASP L 260 45.28 34.21 33.03
N ARG L 261 45.58 35.49 32.90
CA ARG L 261 46.85 35.92 32.33
C ARG L 261 48.02 35.64 33.26
N MET L 262 47.70 35.43 34.52
CA MET L 262 48.65 35.16 35.56
C MET L 262 49.45 33.90 35.28
N THR L 263 48.84 32.92 34.65
CA THR L 263 49.52 31.69 34.38
C THR L 263 50.81 32.16 33.74
N PHE L 264 50.73 33.16 32.88
CA PHE L 264 51.92 33.71 32.25
C PHE L 264 52.91 34.42 33.18
N ALA L 265 52.41 35.24 34.08
CA ALA L 265 53.27 35.93 35.02
C ALA L 265 53.97 34.94 35.94
N ASN L 266 53.23 33.95 36.38
CA ASN L 266 53.73 32.90 37.30
C ASN L 266 54.92 32.16 36.68
N GLY L 267 54.85 31.83 35.40
CA GLY L 267 55.97 31.16 34.77
C GLY L 267 57.25 32.03 34.63
N ALA L 268 57.10 33.35 34.46
CA ALA L 268 58.25 34.28 34.40
C ALA L 268 58.98 34.38 35.73
N VAL L 269 58.18 34.47 36.79
CA VAL L 269 58.68 34.48 38.17
C VAL L 269 59.40 33.14 38.49
N LYS L 270 58.82 32.01 38.09
CA LYS L 270 59.47 30.68 38.22
C LYS L 270 60.83 30.69 37.49
N ALA L 271 60.87 31.33 36.31
CA ALA L 271 62.14 31.49 35.57
C ALA L 271 63.19 32.34 36.32
N ALA L 272 62.74 33.47 36.89
CA ALA L 272 63.57 34.33 37.72
C ALA L 272 64.19 33.57 38.90
N VAL L 273 63.37 32.80 39.62
CA VAL L 273 63.80 31.96 40.77
C VAL L 273 64.85 30.96 40.36
N TRP L 274 64.60 30.26 39.27
CA TRP L 274 65.56 29.31 38.67
C TRP L 274 66.88 29.96 38.21
N LEU L 275 66.75 31.16 37.62
CA LEU L 275 67.88 31.87 37.04
C LEU L 275 68.85 32.39 38.12
N HIS L 276 68.34 32.64 39.33
CA HIS L 276 69.15 33.22 40.40
C HIS L 276 70.37 32.32 40.74
N GLU L 277 71.54 32.96 40.81
CA GLU L 277 72.85 32.29 41.01
C GLU L 277 73.04 31.16 39.95
N LYS L 278 72.61 31.41 38.71
CA LYS L 278 73.00 30.56 37.58
C LYS L 278 74.17 31.27 36.88
N PRO L 279 75.00 30.52 36.19
CA PRO L 279 76.12 31.08 35.43
C PRO L 279 75.60 31.78 34.18
N ALA L 280 76.38 32.69 33.61
CA ALA L 280 75.95 33.39 32.43
C ALA L 280 75.71 32.45 31.27
N GLY L 281 74.67 32.72 30.49
CA GLY L 281 74.32 31.93 29.32
C GLY L 281 72.97 32.34 28.74
N PHE L 282 72.57 31.71 27.65
CA PHE L 282 71.28 32.02 27.04
C PHE L 282 70.35 30.86 27.34
N TYR L 283 69.33 31.12 28.15
CA TYR L 283 68.41 30.07 28.54
C TYR L 283 66.97 30.34 28.08
N THR L 284 66.22 29.27 27.93
CA THR L 284 64.83 29.33 27.52
C THR L 284 64.05 28.54 28.54
N MET L 285 62.72 28.57 28.43
CA MET L 285 61.88 27.88 29.39
C MET L 285 62.23 26.42 29.40
N THR L 286 62.43 25.85 28.22
CA THR L 286 62.87 24.42 28.15
C THR L 286 63.94 24.08 29.20
N ASP L 287 64.92 24.96 29.38
CA ASP L 287 65.97 24.82 30.41
C ASP L 287 65.41 25.00 31.84
N VAL L 288 64.67 26.08 32.07
CA VAL L 288 63.96 26.33 33.36
C VAL L 288 63.14 25.11 33.85
N LEU L 289 62.38 24.50 32.95
CA LEU L 289 61.42 23.42 33.27
C LEU L 289 62.05 22.02 33.23
N GLY L 290 63.22 21.90 32.59
CA GLY L 290 63.95 20.65 32.50
C GLY L 290 63.42 19.72 31.42
N LEU L 291 62.83 20.27 30.34
CA LEU L 291 62.07 19.44 29.40
C LEU L 291 62.84 18.50 28.45
N ASN L 292 64.09 18.83 28.13
CA ASN L 292 64.98 17.94 27.36
C ASN L 292 65.34 16.68 28.23
N ASP L 293 65.64 16.93 29.52
CA ASP L 293 65.98 15.87 30.49
C ASP L 293 64.66 15.30 31.05
PA NAD M . 2.49 34.63 -30.53
O1A NAD M . 1.94 35.62 -31.59
O2A NAD M . 1.73 34.33 -29.26
O5B NAD M . 3.86 35.11 -29.94
C5B NAD M . 4.96 35.63 -30.69
C4B NAD M . 5.74 36.59 -29.75
O4B NAD M . 6.95 37.10 -30.27
C3B NAD M . 4.85 37.78 -29.40
O3B NAD M . 4.82 37.96 -28.00
C2B NAD M . 5.49 38.96 -30.08
O2B NAD M . 5.20 40.13 -29.31
C1B NAD M . 6.94 38.49 -30.04
N9A NAD M . 7.72 39.22 -31.03
C8A NAD M . 7.38 39.51 -32.31
N7A NAD M . 8.36 40.24 -32.91
C5A NAD M . 9.32 40.43 -31.99
C6A NAD M . 10.63 41.13 -31.92
N6A NAD M . 11.13 41.75 -32.99
N1A NAD M . 11.34 41.11 -30.76
C2A NAD M . 10.88 40.48 -29.69
N3A NAD M . 9.70 39.81 -29.67
C4A NAD M . 8.89 39.76 -30.76
O3 NAD M . 3.02 33.32 -31.33
PN NAD M . 3.10 31.79 -30.76
O1N NAD M . 1.69 31.25 -30.80
O2N NAD M . 3.81 31.71 -29.43
O5D NAD M . 4.00 31.15 -31.90
C5D NAD M . 5.20 31.78 -32.32
C4D NAD M . 5.83 31.11 -33.55
O4D NAD M . 6.35 29.83 -33.20
C3D NAD M . 4.82 30.85 -34.64
O3D NAD M . 5.48 31.01 -35.90
C2D NAD M . 4.35 29.42 -34.44
O2D NAD M . 3.99 28.81 -35.68
C1D NAD M . 5.64 28.79 -33.91
N1N NAD M . 5.57 27.58 -33.04
C2N NAD M . 6.43 26.59 -33.29
C3N NAD M . 6.42 25.43 -32.53
C7N NAD M . 7.44 24.34 -32.78
O7N NAD M . 7.55 23.44 -31.96
N7N NAD M . 8.31 24.39 -33.79
C4N NAD M . 5.57 25.33 -31.44
C5N NAD M . 4.73 26.38 -31.19
C6N NAD M . 4.72 27.49 -32.02
N1 PDC N . 2.59 25.90 -35.04
C2 PDC N . 2.15 26.07 -33.78
C3 PDC N . 2.47 25.17 -32.79
C4 PDC N . 3.27 24.11 -33.13
C5 PDC N . 3.73 23.99 -34.44
C6 PDC N . 3.37 24.90 -35.39
C7 PDC N . 1.28 27.25 -33.49
O1 PDC N . 1.21 28.22 -34.32
O2 PDC N . 0.64 27.18 -32.41
C8 PDC N . 3.74 24.77 -36.81
O3 PDC N . 3.44 25.71 -37.64
O4 PDC N . 4.24 23.66 -37.15
S SO4 O . -1.43 28.64 -23.40
O1 SO4 O . 0.04 28.73 -23.43
O2 SO4 O . -2.08 29.82 -24.07
O3 SO4 O . -1.83 27.40 -24.10
O4 SO4 O . -1.92 28.52 -22.00
S SO4 P . 11.90 -0.92 -41.62
O1 SO4 P . 12.40 -0.14 -42.78
O2 SO4 P . 13.07 -1.54 -40.95
O3 SO4 P . 11.17 -0.02 -40.69
O4 SO4 P . 10.98 -2.03 -42.01
PA NAD Q . -20.03 -14.97 -42.96
O1A NAD Q . -20.84 -15.40 -41.75
O2A NAD Q . -20.63 -13.98 -43.94
O5B NAD Q . -19.61 -16.26 -43.83
C5B NAD Q . -18.87 -17.41 -43.35
C4B NAD Q . -19.41 -18.63 -44.11
O4B NAD Q . -18.80 -19.81 -43.61
C3B NAD Q . -20.96 -18.80 -43.99
O3B NAD Q . -21.66 -18.72 -45.23
C2B NAD Q . -21.13 -20.15 -43.35
O2B NAD Q . -22.29 -20.83 -43.78
C1B NAD Q . -19.86 -20.82 -43.78
N9A NAD Q . -19.58 -22.01 -43.00
C8A NAD Q . -19.55 -22.10 -41.66
N7A NAD Q . -19.20 -23.33 -41.24
C5A NAD Q . -18.99 -24.07 -42.35
C6A NAD Q . -18.62 -25.46 -42.67
N6A NAD Q . -18.40 -26.32 -41.65
N1A NAD Q . -18.49 -25.85 -43.95
C2A NAD Q . -18.73 -24.99 -44.95
N3A NAD Q . -19.09 -23.69 -44.77
C4A NAD Q . -19.23 -23.18 -43.52
O3 NAD Q . -18.59 -14.59 -42.36
PN NAD Q . -17.54 -13.56 -43.02
O1N NAD Q . -18.36 -12.33 -43.09
O2N NAD Q . -17.04 -14.14 -44.31
O5D NAD Q . -16.25 -13.57 -42.05
C5D NAD Q . -15.74 -14.89 -41.86
C4D NAD Q . -14.56 -15.06 -40.97
O4D NAD Q . -13.34 -14.56 -41.57
C3D NAD Q . -14.78 -14.33 -39.68
O3D NAD Q . -14.08 -15.05 -38.68
C2D NAD Q . -14.07 -13.02 -39.90
O2D NAD Q . -13.65 -12.37 -38.67
C1D NAD Q . -12.90 -13.46 -40.81
N1N NAD Q . -12.47 -12.50 -41.82
C2N NAD Q . -11.14 -12.29 -41.92
C3N NAD Q . -10.59 -11.39 -42.83
C7N NAD Q . -9.10 -11.27 -43.00
O7N NAD Q . -8.66 -10.56 -43.90
N7N NAD Q . -8.24 -12.00 -42.26
C4N NAD Q . -11.47 -10.73 -43.68
C5N NAD Q . -12.85 -10.95 -43.56
C6N NAD Q . -13.34 -11.83 -42.62
N1 PDC R . -12.65 -9.23 -39.34
C2 PDC R . -13.40 -8.96 -40.46
C3 PDC R . -12.75 -8.45 -41.57
C4 PDC R . -11.37 -8.23 -41.54
C5 PDC R . -10.59 -8.52 -40.41
C6 PDC R . -11.27 -9.04 -39.32
C7 PDC R . -14.88 -9.18 -40.57
O1 PDC R . -15.49 -8.72 -41.54
O2 PDC R . -15.51 -9.90 -39.76
C8 PDC R . -10.45 -9.33 -38.12
O3 PDC R . -9.27 -8.94 -38.08
O4 PDC R . -10.94 -9.94 -37.15
S SO4 S . -19.38 -6.97 -49.98
O1 SO4 S . -20.04 -6.67 -51.28
O2 SO4 S . -18.06 -6.25 -49.88
O3 SO4 S . -20.31 -6.52 -48.90
O4 SO4 S . -19.11 -8.41 -49.82
PA NAD T . -18.79 10.97 -63.43
O1A NAD T . -17.85 11.76 -64.30
O2A NAD T . -18.37 9.58 -62.97
O5B NAD T . -20.09 10.74 -64.33
C5B NAD T . -20.69 11.83 -65.02
C4B NAD T . -21.25 11.25 -66.32
O4B NAD T . -22.05 12.22 -67.01
C3B NAD T . -20.12 10.79 -67.25
O3B NAD T . -20.23 9.40 -67.54
C2B NAD T . -20.34 11.65 -68.47
O2B NAD T . -19.90 10.98 -69.65
C1B NAD T . -21.82 12.01 -68.42
N9A NAD T . -22.15 13.18 -69.28
C8A NAD T . -21.49 14.34 -69.37
N7A NAD T . -22.05 15.17 -70.28
C5A NAD T . -23.10 14.54 -70.81
C6A NAD T . -24.13 14.84 -71.84
N6A NAD T . -24.12 16.03 -72.49
N1A NAD T . -25.08 13.89 -72.08
C2A NAD T . -25.11 12.70 -71.43
N3A NAD T . -24.19 12.35 -70.49
C4A NAD T . -23.18 13.22 -70.14
O3 NAD T . -19.44 11.89 -62.27
PN NAD T . -20.11 11.35 -60.86
O1N NAD T . -19.19 11.18 -59.69
O2N NAD T . -20.99 10.16 -61.11
O5D NAD T . -21.05 12.63 -60.52
C5D NAD T . -21.31 13.68 -61.46
C4D NAD T . -21.91 14.80 -60.66
O4D NAD T . -22.83 14.31 -59.68
C3D NAD T . -20.87 15.60 -59.89
O3D NAD T . -21.15 17.00 -60.09
C2D NAD T . -21.05 15.14 -58.45
O2D NAD T . -20.66 16.04 -57.38
C1D NAD T . -22.56 14.88 -58.40
N1N NAD T . -23.01 13.99 -57.32
C2N NAD T . -24.04 14.36 -56.56
C3N NAD T . -24.49 13.57 -55.50
C7N NAD T . -25.68 13.96 -54.68
O7N NAD T . -26.08 13.18 -53.82
N7N NAD T . -26.37 15.07 -54.92
C4N NAD T . -23.91 12.32 -55.25
C5N NAD T . -22.83 11.95 -56.06
C6N NAD T . -22.40 12.81 -57.07
N1 PDC U . -20.33 14.90 -54.48
C2 PDC U . -21.20 15.43 -53.59
C3 PDC U . -22.00 14.61 -52.81
C4 PDC U . -21.87 13.24 -52.94
C5 PDC U . -20.94 12.73 -53.84
C6 PDC U . -20.19 13.58 -54.62
C7 PDC U . -21.25 16.90 -53.44
O1 PDC U . -20.72 17.59 -54.34
O2 PDC U . -21.73 17.39 -52.38
C8 PDC U . -19.20 13.03 -55.59
O3 PDC U . -18.66 13.79 -56.47
O4 PDC U . -18.91 11.79 -55.43
S SO4 V . -19.43 2.34 -57.41
O1 SO4 V . -18.00 1.93 -57.42
O2 SO4 V . -19.60 3.62 -58.14
O3 SO4 V . -19.94 2.53 -56.03
O4 SO4 V . -20.22 1.29 -58.11
S SO4 W . -18.32 12.35 -16.11
O1 SO4 W . -19.20 12.49 -17.30
O2 SO4 W . -16.97 12.81 -16.52
O3 SO4 W . -18.82 13.14 -14.96
O4 SO4 W . -18.31 10.91 -15.68
S SO4 X . -13.08 13.14 -14.84
O1 SO4 X . -12.14 13.68 -15.87
O2 SO4 X . -12.34 12.29 -13.86
O3 SO4 X . -13.72 14.26 -14.11
O4 SO4 X . -14.13 12.36 -15.55
S SO4 Y . -37.05 19.22 -33.12
O1 SO4 Y . -37.14 19.49 -34.58
O2 SO4 Y . -35.69 18.72 -32.78
O3 SO4 Y . -37.34 20.46 -32.35
O4 SO4 Y . -38.07 18.21 -32.75
S SO4 Z . -26.06 44.66 -3.47
O1 SO4 Z . -24.61 44.38 -3.41
O2 SO4 Z . -26.26 46.11 -3.60
O3 SO4 Z . -26.70 44.18 -2.22
O4 SO4 Z . -26.67 43.96 -4.61
PA NAD AA . -7.90 -6.38 18.14
O1A NAD AA . -8.35 -5.42 17.07
O2A NAD AA . -8.81 -6.74 19.28
O5B NAD AA . -6.57 -5.84 18.78
C5B NAD AA . -5.45 -5.50 17.98
C4B NAD AA . -4.62 -4.54 18.85
O4B NAD AA . -3.38 -4.15 18.20
C3B NAD AA . -5.43 -3.26 19.13
O3B NAD AA . -5.41 -2.89 20.50
C2B NAD AA . -4.69 -2.24 18.34
O2B NAD AA . -4.85 -0.94 18.89
C1B NAD AA . -3.28 -2.77 18.51
N9A NAD AA . -2.41 -2.05 17.60
C8A NAD AA . -2.62 -1.79 16.32
N7A NAD AA . -1.59 -1.10 15.78
C5A NAD AA . -0.70 -0.92 16.77
C6A NAD AA . 0.59 -0.24 16.94
N6A NAD AA . 1.12 0.35 15.89
N1A NAD AA . 1.24 -0.24 18.12
C2A NAD AA . 0.70 -0.83 19.19
N3A NAD AA . -0.50 -1.46 19.12
C4A NAD AA . -1.24 -1.53 17.98
O3 NAD AA . -7.31 -7.63 17.33
PN NAD AA . -7.40 -9.20 17.72
O1N NAD AA . -8.81 -9.67 17.65
O2N NAD AA . -6.76 -9.29 19.07
O5D NAD AA . -6.51 -9.84 16.59
C5D NAD AA . -5.29 -9.23 16.25
C4D NAD AA . -4.63 -9.97 15.06
O4D NAD AA . -4.21 -11.27 15.51
C3D NAD AA . -5.51 -10.24 13.85
O3D NAD AA . -4.69 -10.34 12.67
C2D NAD AA . -6.08 -11.61 14.10
O2D NAD AA . -6.43 -12.23 12.86
C1D NAD AA . -4.86 -12.29 14.75
N1N NAD AA . -5.04 -13.47 15.61
C2N NAD AA . -4.15 -14.46 15.42
C3N NAD AA . -4.22 -15.60 16.19
C7N NAD AA . -3.25 -16.68 15.99
O7N NAD AA . -3.35 -17.69 16.68
N7N NAD AA . -2.25 -16.58 15.12
C4N NAD AA . -5.16 -15.70 17.18
C5N NAD AA . -6.02 -14.65 17.42
C6N NAD AA . -5.97 -13.55 16.56
N1 PDC BA . -7.95 -15.07 13.63
C2 PDC BA . -8.43 -14.91 14.87
C3 PDC BA . -8.25 -15.86 15.86
C4 PDC BA . -7.50 -16.97 15.51
C5 PDC BA . -7.01 -17.13 14.23
C6 PDC BA . -7.27 -16.16 13.26
C7 PDC BA . -9.20 -13.70 15.09
O1 PDC BA . -9.06 -12.81 14.19
O2 PDC BA . -9.96 -13.67 16.10
C8 PDC BA . -6.82 -16.30 11.83
O3 PDC BA . -6.79 -15.25 11.15
O4 PDC BA . -6.57 -17.42 11.28
S SO4 CA . -12.11 -11.99 25.41
O1 SO4 CA . -11.99 -11.10 24.22
O2 SO4 CA . -11.18 -13.14 25.28
O3 SO4 CA . -13.52 -12.43 25.58
O4 SO4 CA . -11.70 -11.25 26.64
S SO4 DA . 1.11 -42.28 7.04
O1 SO4 DA . 0.98 -41.47 5.81
O2 SO4 DA . 2.22 -43.24 6.83
O3 SO4 DA . 1.39 -41.41 8.20
O4 SO4 DA . -0.15 -43.03 7.30
PA NAD EA . -31.71 -55.35 5.64
O1A NAD EA . -32.69 -55.83 6.69
O2A NAD EA . -32.17 -54.48 4.48
O5B NAD EA . -31.10 -56.61 4.88
C5B NAD EA . -30.60 -57.81 5.46
C4B NAD EA . -31.11 -58.94 4.56
O4B NAD EA . -30.54 -60.20 4.94
C3B NAD EA . -32.64 -59.08 4.59
O3B NAD EA . -33.20 -59.10 3.30
C2B NAD EA . -32.86 -60.44 5.21
O2B NAD EA . -34.07 -61.12 4.80
C1B NAD EA . -31.59 -61.14 4.77
N9A NAD EA . -31.36 -62.33 5.60
C8A NAD EA . -31.46 -62.42 6.92
N7A NAD EA . -31.18 -63.65 7.33
C5A NAD EA . -30.90 -64.37 6.25
C6A NAD EA . -30.55 -65.77 5.95
N6A NAD EA . -30.41 -66.64 6.94
N1A NAD EA . -30.32 -66.15 4.68
C2A NAD EA . -30.44 -65.29 3.68
N3A NAD EA . -30.78 -63.99 3.87
C4A NAD EA . -31.01 -63.49 5.11
O3 NAD EA . -30.38 -54.78 6.31
PN NAD EA . -29.22 -53.99 5.54
O1N NAD EA . -29.61 -52.57 5.67
O2N NAD EA . -28.99 -54.55 4.16
O5D NAD EA . -27.85 -54.29 6.30
C5D NAD EA . -27.77 -55.48 7.04
C4D NAD EA . -26.43 -55.56 7.72
O4D NAD EA . -25.36 -55.06 6.91
C3D NAD EA . -26.43 -54.77 8.98
O3D NAD EA . -25.72 -55.51 9.98
C2D NAD EA . -25.67 -53.52 8.59
O2D NAD EA . -25.08 -52.79 9.68
C1D NAD EA . -24.62 -54.09 7.65
N1N NAD EA . -24.00 -53.13 6.74
C2N NAD EA . -22.68 -53.02 6.68
C3N NAD EA . -22.03 -52.13 5.84
C7N NAD EA . -20.55 -52.08 5.70
O7N NAD EA . -20.01 -51.38 4.81
N7N NAD EA . -19.80 -52.89 6.41
C4N NAD EA . -22.80 -51.39 4.98
C5N NAD EA . -24.18 -51.50 5.04
C6N NAD EA . -24.77 -52.37 5.93
N1 PDC FA . -24.18 -49.91 9.12
C2 PDC FA . -22.86 -49.72 9.28
C3 PDC FA . -22.10 -49.23 8.24
C4 PDC FA . -22.74 -48.92 7.07
C5 PDC FA . -24.12 -49.10 6.94
C6 PDC FA . -24.85 -49.62 7.98
C7 PDC FA . -22.18 -50.06 10.58
O1 PDC FA . -20.95 -49.72 10.78
O2 PDC FA . -22.89 -50.65 11.44
C8 PDC FA . -26.32 -49.76 7.84
O3 PDC FA . -26.95 -49.40 6.83
O4 PDC FA . -26.96 -50.21 8.78
S SO4 GA . -30.61 -47.64 -1.63
O1 SO4 GA . -30.86 -47.84 -3.07
O2 SO4 GA . -29.25 -47.06 -1.44
O3 SO4 GA . -31.65 -46.69 -1.17
O4 SO4 GA . -30.77 -48.89 -0.84
PA NAD HA . -29.56 -29.58 -15.04
O1A NAD HA . -28.58 -28.80 -15.85
O2A NAD HA . -29.25 -30.98 -14.55
O5B NAD HA . -30.79 -29.82 -16.03
C5B NAD HA . -31.47 -28.79 -16.72
C4B NAD HA . -32.03 -29.40 -18.01
O4B NAD HA . -32.82 -28.36 -18.62
C3B NAD HA . -30.93 -29.82 -18.96
O3B NAD HA . -31.14 -31.14 -19.47
C2B NAD HA . -31.03 -28.77 -20.06
O2B NAD HA . -30.66 -29.23 -21.34
C1B NAD HA . -32.50 -28.42 -19.99
N9A NAD HA . -32.75 -27.21 -20.82
C8A NAD HA . -32.05 -26.09 -20.86
N7A NAD HA . -32.54 -25.22 -21.75
C5A NAD HA . -33.59 -25.81 -22.32
C6A NAD HA . -34.55 -25.46 -23.39
N6A NAD HA . -34.46 -24.26 -23.99
N1A NAD HA . -35.50 -26.34 -23.70
C2A NAD HA . -35.59 -27.53 -23.07
N3A NAD HA . -34.73 -27.93 -22.12
C4A NAD HA . -33.73 -27.12 -21.70
O3 NAD HA . -30.15 -28.63 -13.90
PN NAD HA . -30.78 -29.14 -12.52
O1N NAD HA . -29.69 -29.35 -11.51
O2N NAD HA . -31.80 -30.19 -12.77
O5D NAD HA . -31.57 -27.85 -12.08
C5D NAD HA . -32.13 -27.00 -13.07
C4D NAD HA . -32.71 -25.79 -12.41
O4D NAD HA . -33.64 -26.13 -11.38
C3D NAD HA . -31.62 -25.00 -11.75
O3D NAD HA . -32.00 -23.62 -11.95
C2D NAD HA . -31.68 -25.35 -10.28
O2D NAD HA . -31.25 -24.26 -9.43
C1D NAD HA . -33.19 -25.58 -10.13
N1N NAD HA . -33.68 -26.47 -9.06
C2N NAD HA . -34.69 -26.00 -8.29
C3N NAD HA . -35.26 -26.74 -7.25
C7N NAD HA . -36.44 -26.20 -6.50
O7N NAD HA . -36.94 -26.86 -5.56
N7N NAD HA . -37.06 -25.08 -6.92
C4N NAD HA . -34.79 -28.06 -7.02
C5N NAD HA . -33.76 -28.54 -7.84
C6N NAD HA . -33.20 -27.72 -8.83
N1 PDC IA . -31.00 -25.56 -6.24
C2 PDC IA . -31.88 -24.96 -5.36
C3 PDC IA . -32.77 -25.73 -4.63
C4 PDC IA . -32.74 -27.11 -4.81
C5 PDC IA . -31.81 -27.69 -5.70
C6 PDC IA . -30.97 -26.88 -6.40
C7 PDC IA . -31.89 -23.47 -5.25
O1 PDC IA . -31.28 -22.82 -6.13
O2 PDC IA . -32.48 -22.90 -4.30
C8 PDC IA . -29.97 -27.45 -7.30
O3 PDC IA . -29.27 -26.65 -7.97
O4 PDC IA . -29.83 -28.69 -7.36
S SO4 JA . -30.36 -37.93 -8.94
O1 SO4 JA . -30.20 -37.02 -10.11
O2 SO4 JA . -29.39 -37.55 -7.89
O3 SO4 JA . -31.75 -37.83 -8.42
O4 SO4 JA . -30.09 -39.35 -9.32
S SO4 KA . -40.26 -34.61 44.51
O1 SO4 KA . -39.31 -33.75 45.25
O2 SO4 KA . -40.49 -34.06 43.15
O3 SO4 KA . -41.55 -34.70 45.24
O4 SO4 KA . -39.67 -35.96 44.40
S SO4 LA . -29.69 -28.02 32.28
O1 SO4 LA . -30.16 -28.14 30.88
O2 SO4 LA . -28.33 -27.44 32.20
O3 SO4 LA . -30.65 -27.16 33.05
O4 SO4 LA . -29.70 -29.34 32.99
S SO4 MA . -24.51 -27.28 33.72
O1 SO4 MA . -23.46 -26.67 32.88
O2 SO4 MA . -23.97 -28.40 34.55
O3 SO4 MA . -25.01 -26.22 34.62
O4 SO4 MA . -25.62 -27.75 32.84
S SO4 NA . -45.36 -3.49 51.24
O1 SO4 NA . -44.17 -2.62 50.97
O2 SO4 NA . -45.70 -4.30 50.04
O3 SO4 NA . -46.52 -2.64 51.59
O4 SO4 NA . -45.09 -4.40 52.38
S SO4 OA . -47.76 -21.42 15.71
O1 SO4 OA . -46.28 -21.39 15.85
O2 SO4 OA . -48.12 -21.54 14.28
O3 SO4 OA . -48.29 -22.59 16.47
O4 SO4 OA . -48.36 -20.16 16.20
N1 PDC PA . 28.50 26.02 42.86
C2 PDC PA . 27.36 25.97 42.15
C3 PDC PA . 27.08 26.98 41.24
C4 PDC PA . 28.01 28.02 41.06
C5 PDC PA . 29.21 28.04 41.76
C6 PDC PA . 29.42 27.00 42.69
C7 PDC PA . 26.44 24.81 42.40
O1 PDC PA . 25.68 24.27 41.52
O2 PDC PA . 26.57 24.34 43.55
C8 PDC PA . 30.65 26.93 43.51
O3 PDC PA . 31.67 27.61 43.21
O4 PDC PA . 30.60 26.12 44.47
PA NAD QA . 33.26 30.23 50.37
O1A NAD QA . 33.46 29.17 51.43
O2A NAD QA . 34.39 30.90 49.64
O5B NAD QA . 32.43 31.43 51.01
C5B NAD QA . 31.45 31.15 52.01
C4B NAD QA . 31.49 32.34 52.97
O4B NAD QA . 30.35 32.29 53.84
C3B NAD QA . 32.74 32.31 53.85
O3B NAD QA . 33.25 33.63 54.06
C2B NAD QA . 32.23 31.78 55.16
O2B NAD QA . 33.05 32.16 56.28
C1B NAD QA . 30.86 32.45 55.14
N9A NAD QA . 30.01 31.88 56.20
C8A NAD QA . 29.82 30.60 56.57
N7A NAD QA . 28.97 30.53 57.65
C5A NAD QA . 28.63 31.79 57.95
C6A NAD QA . 27.81 32.49 58.96
N6A NAD QA . 27.15 31.77 59.87
N1A NAD QA . 27.71 33.83 58.98
C2A NAD QA . 28.35 34.57 58.06
N3A NAD QA . 29.14 34.02 57.10
C4A NAD QA . 29.33 32.68 57.00
O3 NAD QA . 32.16 29.55 49.38
PN NAD QA . 31.71 30.09 47.95
O1N NAD QA . 32.46 29.46 46.77
O2N NAD QA . 31.61 31.62 48.11
O5D NAD QA . 30.34 29.30 47.94
C5D NAD QA . 29.24 29.64 48.78
C4D NAD QA . 28.03 28.70 48.51
O4D NAD QA . 27.37 29.17 47.34
C3D NAD QA . 28.34 27.22 48.24
O3D NAD QA . 27.29 26.38 48.74
C2D NAD QA . 28.38 27.16 46.73
O2D NAD QA . 28.07 25.83 46.28
C1D NAD QA . 27.30 28.16 46.35
N1N NAD QA . 27.36 28.91 45.10
C2N NAD QA . 26.22 29.09 44.47
C3N NAD QA . 26.11 29.81 43.30
C7N NAD QA . 24.79 29.96 42.66
O7N NAD QA . 24.77 30.56 41.60
N7N NAD QA . 23.67 29.53 43.26
C4N NAD QA . 27.19 30.40 42.75
C5N NAD QA . 28.39 30.24 43.43
C6N NAD QA . 28.44 29.49 44.60
S SO4 RA . 37.24 35.26 42.54
O1 SO4 RA . 37.42 36.67 42.08
O2 SO4 RA . 38.51 34.51 42.47
O3 SO4 RA . 36.74 35.20 43.96
O4 SO4 RA . 36.24 34.73 41.57
S SO4 SA . 8.51 23.08 21.71
O1 SO4 SA . 8.34 22.53 20.34
O2 SO4 SA . 9.92 23.51 21.94
O3 SO4 SA . 8.16 22.04 22.72
O4 SO4 SA . 7.61 24.24 21.88
PA NAD TA . 31.54 9.34 -1.56
O1A NAD TA . 31.80 7.99 -0.89
O2A NAD TA . 32.49 10.00 -2.53
O5B NAD TA . 30.08 9.19 -2.24
C5B NAD TA . 29.68 9.79 -3.45
C4B NAD TA . 29.28 8.67 -4.40
O4B NAD TA . 28.39 9.17 -5.44
C3B NAD TA . 30.49 8.08 -5.08
O3B NAD TA . 30.45 6.65 -5.05
C2B NAD TA . 30.38 8.57 -6.52
O2B NAD TA . 31.00 7.61 -7.38
C1B NAD TA . 28.86 8.70 -6.70
N9A NAD TA . 28.49 9.55 -7.88
C8A NAD TA . 28.99 10.74 -8.18
N7A NAD TA . 28.46 11.20 -9.32
C5A NAD TA . 27.62 10.28 -9.76
C6A NAD TA . 26.75 10.13 -10.93
N6A NAD TA . 26.72 11.14 -11.82
N1A NAD TA . 25.98 9.03 -11.06
C2A NAD TA . 26.02 8.06 -10.14
N3A NAD TA . 26.80 8.13 -9.06
C4A NAD TA . 27.61 9.19 -8.81
O3 NAD TA . 31.12 10.38 -0.39
PN NAD TA . 29.92 10.24 0.71
O1N NAD TA . 30.64 10.22 2.01
O2N NAD TA . 28.95 9.09 0.60
O5D NAD TA . 29.17 11.61 0.39
C5D NAD TA . 28.16 11.78 -0.60
C4D NAD TA . 27.48 13.13 -0.36
O4D NAD TA . 26.60 12.94 0.72
C3D NAD TA . 28.38 14.27 0.12
O3D NAD TA . 27.96 15.50 -0.50
C2D NAD TA . 28.19 14.28 1.65
O2D NAD TA . 28.56 15.47 2.38
C1D NAD TA . 26.70 13.95 1.74
N1N NAD TA . 26.16 13.38 2.98
C2N NAD TA . 25.01 13.82 3.52
C3N NAD TA . 24.50 13.27 4.70
C7N NAD TA . 23.18 13.67 5.32
O7N NAD TA . 22.64 12.95 6.21
N7N NAD TA . 22.51 14.68 4.83
C4N NAD TA . 25.16 12.18 5.27
C5N NAD TA . 26.32 11.71 4.71
C6N NAD TA . 26.80 12.32 3.54
N1 PDC UA . 28.42 15.31 5.58
C2 PDC UA . 27.39 15.92 6.21
C3 PDC UA . 26.63 15.25 7.14
C4 PDC UA . 26.93 13.92 7.40
C5 PDC UA . 27.99 13.31 6.75
C6 PDC UA . 28.74 14.01 5.83
C7 PDC UA . 27.09 17.35 5.96
O1 PDC UA . 27.65 17.94 5.01
O2 PDC UA . 26.30 17.93 6.76
C8 PDC UA . 29.89 13.31 5.19
O3 PDC UA . 30.63 14.01 4.46
O4 PDC UA . 30.11 12.08 5.45
S SO4 VA . 31.06 3.16 7.09
O1 SO4 VA . 30.41 3.66 5.86
O2 SO4 VA . 32.52 3.34 6.90
O3 SO4 VA . 30.53 3.89 8.28
O4 SO4 VA . 30.78 1.71 7.34
PA NAD WA . 31.71 -8.96 26.29
O1A NAD WA . 30.86 -9.29 27.50
O2A NAD WA . 31.09 -8.42 24.99
O5B NAD WA . 32.40 -10.35 25.83
C5B NAD WA . 33.14 -11.23 26.66
C4B NAD WA . 32.89 -12.66 26.22
O4B NAD WA . 33.67 -13.51 27.07
C3B NAD WA . 31.42 -13.04 26.36
O3B NAD WA . 30.82 -13.55 25.17
C2B NAD WA . 31.46 -14.07 27.46
O2B NAD WA . 30.46 -15.07 27.34
C1B NAD WA . 32.87 -14.64 27.32
N9A NAD WA . 33.24 -15.48 28.48
C8A NAD WA . 33.00 -15.26 29.78
N7A NAD WA . 33.46 -16.27 30.56
C5A NAD WA . 33.98 -17.18 29.72
C6A NAD WA . 34.61 -18.51 29.87
N6A NAD WA . 34.78 -19.02 31.08
N1A NAD WA . 35.05 -19.15 28.77
C2A NAD WA . 34.89 -18.62 27.53
N3A NAD WA . 34.31 -17.42 27.33
C4A NAD WA . 33.84 -16.66 28.36
O3 NAD WA . 32.86 -8.00 26.91
PN NAD WA . 33.85 -7.04 26.07
O1N NAD WA . 33.40 -5.60 25.96
O2N NAD WA . 34.12 -7.83 24.85
O5D NAD WA . 35.13 -7.06 27.00
C5D NAD WA . 35.54 -8.20 27.72
C4D NAD WA . 36.68 -7.80 28.64
O4D NAD WA . 37.72 -7.17 27.88
C3D NAD WA . 36.24 -6.77 29.65
O3D NAD WA . 36.95 -7.12 30.85
C2D NAD WA . 36.68 -5.42 29.05
O2D NAD WA . 37.12 -4.50 30.05
C1D NAD WA . 37.92 -5.82 28.31
N1N NAD WA . 38.36 -5.03 27.14
C2N NAD WA . 39.66 -4.70 27.11
C3N NAD WA . 40.20 -3.98 26.06
C7N NAD WA . 41.68 -3.70 26.04
O7N NAD WA . 42.15 -3.00 25.13
N7N NAD WA . 42.53 -4.28 26.91
C4N NAD WA . 39.39 -3.59 25.01
C5N NAD WA . 38.05 -3.93 25.06
C6N NAD WA . 37.54 -4.67 26.14
N1 PDC XA . 37.47 -1.45 28.42
C2 PDC XA . 38.75 -1.00 28.57
C3 PDC XA . 39.47 -0.62 27.44
C4 PDC XA . 38.87 -0.68 26.17
C5 PDC XA . 37.55 -1.13 26.04
C6 PDC XA . 36.89 -1.52 27.21
C7 PDC XA . 39.36 -0.94 29.94
O1 PDC XA . 40.43 -0.29 30.05
O2 PDC XA . 38.74 -1.47 30.93
C8 PDC XA . 35.49 -1.96 27.18
O3 PDC XA . 34.88 -1.81 26.10
O4 PDC XA . 35.00 -2.42 28.25
S SO4 YA . 31.85 -3.60 17.38
O1 SO4 YA . 33.03 -4.11 16.63
O2 SO4 YA . 32.20 -2.25 17.89
O3 SO4 YA . 31.53 -4.51 18.51
O4 SO4 YA . 30.70 -3.51 16.45
S SO4 ZA . 27.35 -9.28 16.48
O1 SO4 ZA . 27.95 -10.18 15.46
O2 SO4 ZA . 28.43 -8.50 17.13
O3 SO4 ZA . 26.62 -10.07 17.49
O4 SO4 ZA . 26.40 -8.34 15.84
S SO4 AB . 49.20 34.86 21.20
O1 SO4 AB . 48.71 34.86 19.78
O2 SO4 AB . 50.47 35.65 21.24
O3 SO4 AB . 48.15 35.46 22.08
O4 SO4 AB . 49.46 33.48 21.65
#